data_2VLE
#
_entry.id   2VLE
#
_cell.length_a   142.770
_cell.length_b   150.990
_cell.length_c   176.990
_cell.angle_alpha   90.00
_cell.angle_beta   90.00
_cell.angle_gamma   90.00
#
_symmetry.space_group_name_H-M   'P 21 21 21'
#
loop_
_entity.id
_entity.type
_entity.pdbx_description
1 polymer 'ALDEHYDE DEHYDROGENASE, MITOCHONDRIAL'
2 non-polymer DAIDZIN
3 water water
#
_entity_poly.entity_id   1
_entity_poly.type   'polypeptide(L)'
_entity_poly.pdbx_seq_one_letter_code
;AVPAPNQQPEVFCNQIFINNEWHDAVSRKTFPTVNPSTGEVICQVAEGDKEDVDKAVKAARAAFQLGSPWRRMDASHRGR
LLNRLADLIERDRTYLAALETLDNGKPYVISYLVDLDMVLKCLRYYAGWADKYHGKTIPIDGDFFSYTRHEPVGVCGQII
PWNFPLLMQAWKLGPALATGNVVVMKVAEQTPLTALYVANLIKEAGFPPGVVNIVPGFGPTAGAAIASHEDVDKVAFTGS
TEIGRVIQVAAGSSNLKRVTLELGGKSPNIIMSDADMDWAVEQAHFALFFNQGQCCCAGSRTFVQEDIYDEFVERSVARA
KSRVVGNPFDSKTEQGPQVDETQFKKILGYINTGKQEGAKLLCGGGIAADRGYFIQPTVFGDVQDGMTIAKEEIFGPVMQ
ILKFKTIEEVVGRANNSTYGLAAAVFTKDLDKANYLSQALQAGTVWVNCYDVFGAQSPFGGYKMSGSGRELGEYGLQAYT
EVKTVTVKVPQKNS
;
_entity_poly.pdbx_strand_id   A,B,C,D,E,F,G,H
#
# COMPACT_ATOMS: atom_id res chain seq x y z
N ALA A 1 -26.38 18.77 -55.82
CA ALA A 1 -25.17 17.96 -55.70
C ALA A 1 -25.49 16.50 -55.40
N VAL A 2 -26.12 15.82 -56.36
CA VAL A 2 -26.71 14.50 -56.12
C VAL A 2 -26.02 13.32 -56.81
N PRO A 3 -25.62 12.31 -56.03
CA PRO A 3 -24.93 11.13 -56.56
C PRO A 3 -25.81 10.38 -57.54
N ALA A 4 -25.22 9.84 -58.60
CA ALA A 4 -26.02 9.06 -59.55
C ALA A 4 -26.60 7.84 -58.87
N PRO A 5 -27.89 7.57 -59.13
CA PRO A 5 -28.60 6.47 -58.47
C PRO A 5 -28.42 5.14 -59.17
N ASN A 6 -28.47 4.07 -58.41
CA ASN A 6 -28.65 2.73 -58.97
C ASN A 6 -30.14 2.60 -59.24
N GLN A 7 -30.53 2.55 -60.51
CA GLN A 7 -31.95 2.57 -60.86
C GLN A 7 -32.64 1.24 -60.64
N GLN A 8 -31.87 0.24 -60.22
CA GLN A 8 -32.41 -1.06 -59.84
C GLN A 8 -31.66 -1.56 -58.62
N PRO A 9 -31.87 -0.92 -57.48
CA PRO A 9 -31.18 -1.31 -56.25
C PRO A 9 -31.56 -2.74 -55.87
N GLU A 10 -30.61 -3.49 -55.34
CA GLU A 10 -30.89 -4.82 -54.85
C GLU A 10 -31.70 -4.75 -53.55
N VAL A 11 -32.57 -5.72 -53.32
CA VAL A 11 -33.34 -5.78 -52.10
C VAL A 11 -32.73 -6.81 -51.17
N PHE A 12 -32.43 -6.39 -49.94
CA PHE A 12 -31.76 -7.26 -48.98
C PHE A 12 -32.69 -7.69 -47.84
N CYS A 13 -33.76 -6.95 -47.63
CA CYS A 13 -34.64 -7.22 -46.51
C CYS A 13 -36.08 -7.24 -46.95
N ASN A 14 -36.76 -8.35 -46.70
CA ASN A 14 -38.15 -8.50 -47.13
C ASN A 14 -38.91 -9.44 -46.22
N GLN A 15 -38.45 -9.55 -44.99
CA GLN A 15 -39.11 -10.40 -44.02
C GLN A 15 -39.62 -9.62 -42.80
N ILE A 16 -40.14 -10.34 -41.83
CA ILE A 16 -40.61 -9.78 -40.58
C ILE A 16 -39.43 -9.64 -39.63
N PHE A 17 -39.31 -8.47 -39.00
CA PHE A 17 -38.17 -8.18 -38.15
C PHE A 17 -38.51 -8.24 -36.66
N ILE A 18 -38.03 -9.28 -35.99
CA ILE A 18 -38.33 -9.49 -34.57
C ILE A 18 -37.07 -9.95 -33.81
N ASN A 19 -36.79 -9.27 -32.71
CA ASN A 19 -35.60 -9.57 -31.92
C ASN A 19 -34.32 -9.49 -32.75
N ASN A 20 -34.27 -8.50 -33.63
CA ASN A 20 -33.11 -8.29 -34.50
C ASN A 20 -32.82 -9.47 -35.41
N GLU A 21 -33.84 -10.25 -35.71
CA GLU A 21 -33.71 -11.36 -36.65
C GLU A 21 -34.81 -11.28 -37.69
N TRP A 22 -34.57 -11.90 -38.83
CA TRP A 22 -35.54 -11.93 -39.92
C TRP A 22 -36.33 -13.24 -39.90
N HIS A 23 -37.64 -13.13 -40.11
CA HIS A 23 -38.53 -14.27 -40.04
C HIS A 23 -39.55 -14.24 -41.18
N ASP A 24 -39.94 -15.43 -41.64
CA ASP A 24 -41.07 -15.54 -42.53
C ASP A 24 -42.31 -15.41 -41.67
N ALA A 25 -43.44 -15.06 -42.29
CA ALA A 25 -44.73 -15.14 -41.62
C ALA A 25 -44.95 -16.56 -41.15
N VAL A 26 -45.65 -16.72 -40.04
CA VAL A 26 -46.00 -18.04 -39.55
C VAL A 26 -46.67 -18.83 -40.68
N SER A 27 -47.47 -18.12 -41.47
CA SER A 27 -48.25 -18.72 -42.55
C SER A 27 -47.39 -18.96 -43.77
N ARG A 28 -46.19 -18.39 -43.77
CA ARG A 28 -45.29 -18.45 -44.91
C ARG A 28 -45.82 -17.69 -46.12
N LYS A 29 -46.97 -17.04 -45.98
CA LYS A 29 -47.52 -16.23 -47.05
C LYS A 29 -46.62 -15.04 -47.37
N THR A 30 -46.65 -14.60 -48.62
CA THR A 30 -45.93 -13.40 -49.01
C THR A 30 -46.82 -12.59 -49.94
N PHE A 31 -46.46 -11.33 -50.14
CA PHE A 31 -47.20 -10.43 -51.02
C PHE A 31 -46.23 -9.64 -51.88
N PRO A 32 -46.63 -9.35 -53.12
CA PRO A 32 -45.77 -8.56 -54.01
C PRO A 32 -45.86 -7.09 -53.70
N THR A 33 -44.74 -6.39 -53.77
CA THR A 33 -44.76 -4.94 -53.77
C THR A 33 -44.34 -4.48 -55.16
N VAL A 34 -45.06 -3.50 -55.68
CA VAL A 34 -44.93 -3.08 -57.07
C VAL A 34 -44.14 -1.78 -57.23
N ASN A 35 -43.43 -1.66 -58.35
CA ASN A 35 -42.83 -0.42 -58.80
C ASN A 35 -43.89 0.39 -59.55
N PRO A 36 -44.37 1.49 -58.94
CA PRO A 36 -45.48 2.26 -59.51
C PRO A 36 -45.11 2.93 -60.84
N SER A 37 -43.82 3.04 -61.12
CA SER A 37 -43.38 3.60 -62.39
C SER A 37 -43.58 2.63 -63.54
N THR A 38 -43.48 1.32 -63.28
CA THR A 38 -43.58 0.32 -64.35
C THR A 38 -44.78 -0.59 -64.22
N GLY A 39 -45.27 -0.75 -63.00
CA GLY A 39 -46.35 -1.71 -62.78
C GLY A 39 -45.81 -3.10 -62.55
N GLU A 40 -44.49 -3.24 -62.59
CA GLU A 40 -43.84 -4.53 -62.38
C GLU A 40 -43.63 -4.83 -60.89
N VAL A 41 -43.72 -6.11 -60.54
CA VAL A 41 -43.41 -6.57 -59.21
C VAL A 41 -41.92 -6.42 -58.93
N ILE A 42 -41.58 -5.68 -57.88
CA ILE A 42 -40.20 -5.53 -57.46
C ILE A 42 -39.75 -6.82 -56.78
N CYS A 43 -40.50 -7.24 -55.77
CA CYS A 43 -40.21 -8.49 -55.09
C CYS A 43 -41.35 -8.90 -54.17
N GLN A 44 -41.16 -10.04 -53.53
CA GLN A 44 -42.14 -10.61 -52.64
C GLN A 44 -41.77 -10.24 -51.19
N VAL A 45 -42.76 -10.06 -50.34
CA VAL A 45 -42.52 -9.64 -48.95
C VAL A 45 -43.35 -10.50 -47.99
N ALA A 46 -42.77 -10.87 -46.85
CA ALA A 46 -43.48 -11.64 -45.83
C ALA A 46 -44.78 -10.94 -45.44
N GLU A 47 -45.88 -11.68 -45.46
CA GLU A 47 -47.18 -11.12 -45.11
C GLU A 47 -47.53 -11.43 -43.66
N GLY A 48 -47.18 -10.51 -42.77
CA GLY A 48 -47.47 -10.67 -41.36
C GLY A 48 -48.95 -10.60 -41.06
N ASP A 49 -49.38 -11.34 -40.04
CA ASP A 49 -50.77 -11.36 -39.59
C ASP A 49 -50.76 -11.38 -38.06
N LYS A 50 -51.92 -11.66 -37.47
CA LYS A 50 -52.10 -11.62 -36.02
C LYS A 50 -51.02 -12.40 -35.29
N GLU A 51 -50.75 -13.61 -35.74
CA GLU A 51 -49.79 -14.46 -35.04
C GLU A 51 -48.39 -13.86 -35.04
N ASP A 52 -48.06 -13.16 -36.12
CA ASP A 52 -46.76 -12.53 -36.23
C ASP A 52 -46.69 -11.31 -35.35
N VAL A 53 -47.76 -10.51 -35.38
CA VAL A 53 -47.88 -9.38 -34.48
C VAL A 53 -47.72 -9.84 -33.03
N ASP A 54 -48.39 -10.94 -32.67
CA ASP A 54 -48.32 -11.48 -31.31
C ASP A 54 -46.88 -11.79 -30.87
N LYS A 55 -46.11 -12.39 -31.77
CA LYS A 55 -44.70 -12.65 -31.51
C LYS A 55 -43.94 -11.34 -31.31
N ALA A 56 -44.22 -10.36 -32.16
CA ALA A 56 -43.55 -9.08 -32.08
C ALA A 56 -43.85 -8.39 -30.76
N VAL A 57 -45.10 -8.41 -30.36
CA VAL A 57 -45.49 -7.79 -29.11
C VAL A 57 -44.81 -8.45 -27.93
N LYS A 58 -44.71 -9.78 -27.94
CA LYS A 58 -44.07 -10.47 -26.84
C LYS A 58 -42.58 -10.13 -26.75
N ALA A 59 -41.93 -10.02 -27.90
CA ALA A 59 -40.52 -9.66 -27.95
C ALA A 59 -40.33 -8.26 -27.37
N ALA A 60 -41.21 -7.32 -27.76
CA ALA A 60 -41.16 -5.95 -27.24
C ALA A 60 -41.39 -5.91 -25.74
N ARG A 61 -42.41 -6.61 -25.28
CA ARG A 61 -42.71 -6.67 -23.85
C ARG A 61 -41.49 -7.17 -23.09
N ALA A 62 -40.84 -8.21 -23.60
CA ALA A 62 -39.65 -8.78 -22.95
C ALA A 62 -38.52 -7.76 -22.90
N ALA A 63 -38.33 -7.05 -24.00
CA ALA A 63 -37.26 -6.06 -24.07
C ALA A 63 -37.53 -4.88 -23.15
N PHE A 64 -38.78 -4.72 -22.73
CA PHE A 64 -39.19 -3.59 -21.89
C PHE A 64 -39.27 -3.98 -20.41
N GLN A 65 -38.88 -5.22 -20.10
CA GLN A 65 -38.91 -5.68 -18.71
C GLN A 65 -37.96 -4.91 -17.83
N LEU A 66 -38.43 -4.56 -16.64
CA LEU A 66 -37.59 -3.91 -15.65
C LEU A 66 -36.29 -4.69 -15.50
N GLY A 67 -35.17 -3.99 -15.58
CA GLY A 67 -33.87 -4.62 -15.44
C GLY A 67 -33.24 -5.03 -16.77
N SER A 68 -33.99 -4.89 -17.85
CA SER A 68 -33.49 -5.28 -19.16
C SER A 68 -32.44 -4.28 -19.61
N PRO A 69 -31.62 -4.66 -20.59
CA PRO A 69 -30.60 -3.74 -21.10
C PRO A 69 -31.21 -2.41 -21.54
N TRP A 70 -32.34 -2.47 -22.23
CA TRP A 70 -32.98 -1.27 -22.73
C TRP A 70 -33.55 -0.38 -21.62
N ARG A 71 -34.09 -1.00 -20.56
CA ARG A 71 -34.60 -0.23 -19.42
C ARG A 71 -33.47 0.37 -18.54
N ARG A 72 -32.34 -0.32 -18.45
CA ARG A 72 -31.26 0.10 -17.55
C ARG A 72 -30.32 1.07 -18.23
N MET A 73 -30.30 1.02 -19.55
CA MET A 73 -29.42 1.85 -20.35
C MET A 73 -29.56 3.35 -19.99
N ASP A 74 -28.44 4.06 -19.90
CA ASP A 74 -28.46 5.50 -19.63
C ASP A 74 -29.26 6.22 -20.72
N ALA A 75 -30.06 7.20 -20.33
CA ALA A 75 -30.86 7.96 -21.29
C ALA A 75 -29.95 8.54 -22.38
N SER A 76 -28.80 9.06 -21.96
CA SER A 76 -27.83 9.64 -22.89
C SER A 76 -27.33 8.64 -23.91
N HIS A 77 -27.28 7.37 -23.49
CA HIS A 77 -26.82 6.31 -24.40
C HIS A 77 -27.86 6.01 -25.46
N ARG A 78 -29.13 6.08 -25.06
CA ARG A 78 -30.22 6.05 -26.04
C ARG A 78 -29.95 7.08 -27.14
N GLY A 79 -29.55 8.27 -26.72
CA GLY A 79 -29.20 9.32 -27.67
C GLY A 79 -28.03 8.93 -28.56
N ARG A 80 -26.96 8.40 -27.98
CA ARG A 80 -25.83 7.91 -28.79
C ARG A 80 -26.34 6.93 -29.85
N LEU A 81 -27.21 6.02 -29.46
CA LEU A 81 -27.71 5.00 -30.37
C LEU A 81 -28.52 5.60 -31.52
N LEU A 82 -29.34 6.60 -31.22
CA LEU A 82 -30.10 7.29 -32.26
C LEU A 82 -29.16 7.98 -33.23
N ASN A 83 -28.07 8.57 -32.72
CA ASN A 83 -27.09 9.23 -33.58
C ASN A 83 -26.34 8.26 -34.45
N ARG A 84 -26.02 7.09 -33.89
CA ARG A 84 -25.41 6.02 -34.67
C ARG A 84 -26.34 5.61 -35.82
N LEU A 85 -27.60 5.33 -35.49
CA LEU A 85 -28.58 5.01 -36.54
C LEU A 85 -28.57 6.05 -37.64
N ALA A 86 -28.68 7.32 -37.26
CA ALA A 86 -28.64 8.39 -38.22
C ALA A 86 -27.38 8.31 -39.11
N ASP A 87 -26.23 8.09 -38.48
CA ASP A 87 -24.97 7.93 -39.20
C ASP A 87 -25.01 6.80 -40.22
N LEU A 88 -25.53 5.65 -39.80
CA LEU A 88 -25.65 4.50 -40.70
C LEU A 88 -26.58 4.81 -41.86
N ILE A 89 -27.68 5.50 -41.57
CA ILE A 89 -28.61 5.89 -42.62
C ILE A 89 -27.93 6.83 -43.60
N GLU A 90 -27.13 7.76 -43.09
CA GLU A 90 -26.41 8.67 -43.96
C GLU A 90 -25.41 7.91 -44.82
N ARG A 91 -24.68 6.98 -44.19
CA ARG A 91 -23.77 6.11 -44.94
C ARG A 91 -24.45 5.47 -46.16
N ASP A 92 -25.68 5.00 -45.96
CA ASP A 92 -26.42 4.28 -47.01
C ASP A 92 -27.46 5.15 -47.67
N ARG A 93 -27.23 6.45 -47.62
CA ARG A 93 -28.17 7.45 -48.14
C ARG A 93 -28.53 7.27 -49.62
N THR A 94 -27.52 7.10 -50.46
CA THR A 94 -27.71 6.94 -51.91
C THR A 94 -28.55 5.72 -52.22
N TYR A 95 -28.22 4.62 -51.56
CA TYR A 95 -28.97 3.38 -51.71
C TYR A 95 -30.42 3.56 -51.29
N LEU A 96 -30.63 4.12 -50.10
CA LEU A 96 -31.98 4.28 -49.54
C LEU A 96 -32.86 5.18 -50.40
N ALA A 97 -32.27 6.26 -50.91
CA ALA A 97 -33.02 7.18 -51.74
C ALA A 97 -33.49 6.49 -53.02
N ALA A 98 -32.64 5.66 -53.59
CA ALA A 98 -32.99 4.93 -54.80
C ALA A 98 -34.10 3.93 -54.51
N LEU A 99 -33.92 3.16 -53.43
CA LEU A 99 -34.92 2.16 -53.05
C LEU A 99 -36.26 2.83 -52.76
N GLU A 100 -36.23 3.98 -52.10
CA GLU A 100 -37.44 4.74 -51.79
C GLU A 100 -38.18 5.11 -53.08
N THR A 101 -37.45 5.68 -54.03
CA THR A 101 -38.01 6.01 -55.34
C THR A 101 -38.54 4.77 -56.07
N LEU A 102 -37.80 3.67 -56.00
CA LEU A 102 -38.21 2.44 -56.67
C LEU A 102 -39.58 1.96 -56.19
N ASP A 103 -39.78 1.97 -54.87
CA ASP A 103 -40.98 1.39 -54.32
C ASP A 103 -42.14 2.39 -54.23
N ASN A 104 -41.80 3.65 -54.02
CA ASN A 104 -42.82 4.70 -53.82
C ASN A 104 -43.18 5.48 -55.08
N GLY A 105 -42.18 5.81 -55.90
CA GLY A 105 -42.41 6.53 -57.14
C GLY A 105 -41.93 7.98 -57.16
N LYS A 106 -41.63 8.54 -56.00
CA LYS A 106 -41.21 9.93 -55.95
C LYS A 106 -39.84 10.10 -56.62
N PRO A 107 -39.60 11.29 -57.20
CA PRO A 107 -38.34 11.56 -57.90
C PRO A 107 -37.13 11.31 -57.00
N TYR A 108 -36.14 10.62 -57.54
CA TYR A 108 -34.93 10.27 -56.81
C TYR A 108 -34.19 11.48 -56.27
N VAL A 109 -34.27 12.59 -56.97
CA VAL A 109 -33.60 13.80 -56.51
C VAL A 109 -34.24 14.27 -55.21
N ILE A 110 -35.56 14.16 -55.13
CA ILE A 110 -36.30 14.52 -53.93
C ILE A 110 -36.05 13.54 -52.79
N SER A 111 -36.07 12.25 -53.08
CA SER A 111 -35.80 11.22 -52.08
C SER A 111 -34.48 11.48 -51.40
N TYR A 112 -33.49 11.85 -52.22
CA TYR A 112 -32.13 12.04 -51.76
C TYR A 112 -31.94 13.34 -50.99
N LEU A 113 -32.38 14.45 -51.58
CA LEU A 113 -32.17 15.78 -50.99
C LEU A 113 -33.19 16.14 -49.92
N VAL A 114 -34.39 15.61 -50.03
CA VAL A 114 -35.47 15.99 -49.10
C VAL A 114 -35.74 14.90 -48.07
N ASP A 115 -36.33 13.79 -48.51
CA ASP A 115 -36.71 12.72 -47.60
C ASP A 115 -35.61 12.26 -46.68
N LEU A 116 -34.45 11.99 -47.24
CA LEU A 116 -33.37 11.44 -46.44
C LEU A 116 -32.76 12.47 -45.53
N ASP A 117 -32.70 13.72 -45.99
CA ASP A 117 -32.19 14.79 -45.16
C ASP A 117 -33.10 14.95 -43.94
N MET A 118 -34.40 14.96 -44.20
CA MET A 118 -35.39 15.13 -43.16
C MET A 118 -35.35 13.97 -42.18
N VAL A 119 -35.14 12.76 -42.70
CA VAL A 119 -34.98 11.60 -41.83
C VAL A 119 -33.82 11.81 -40.86
N LEU A 120 -32.67 12.23 -41.41
CA LEU A 120 -31.48 12.44 -40.61
C LEU A 120 -31.68 13.52 -39.56
N LYS A 121 -32.37 14.60 -39.93
CA LYS A 121 -32.57 15.70 -39.01
C LYS A 121 -33.50 15.28 -37.88
N CYS A 122 -34.52 14.50 -38.22
CA CYS A 122 -35.47 14.03 -37.24
C CYS A 122 -34.79 13.17 -36.20
N LEU A 123 -34.03 12.18 -36.64
CA LEU A 123 -33.37 11.27 -35.72
C LEU A 123 -32.32 12.00 -34.88
N ARG A 124 -31.58 12.89 -35.52
CA ARG A 124 -30.55 13.61 -34.79
C ARG A 124 -31.16 14.57 -33.77
N TYR A 125 -32.30 15.15 -34.14
CA TYR A 125 -33.02 16.01 -33.23
C TYR A 125 -33.43 15.23 -32.00
N TYR A 126 -34.11 14.11 -32.22
CA TYR A 126 -34.62 13.35 -31.09
C TYR A 126 -33.52 12.71 -30.26
N ALA A 127 -32.38 12.39 -30.87
CA ALA A 127 -31.22 11.90 -30.13
C ALA A 127 -30.94 12.89 -28.99
N GLY A 128 -31.01 14.17 -29.32
CA GLY A 128 -30.74 15.20 -28.33
C GLY A 128 -31.72 15.27 -27.18
N TRP A 129 -32.96 14.82 -27.39
CA TRP A 129 -33.99 14.85 -26.35
C TRP A 129 -33.86 13.74 -25.31
N ALA A 130 -33.15 12.67 -25.67
CA ALA A 130 -33.19 11.44 -24.90
C ALA A 130 -32.99 11.63 -23.40
N ASP A 131 -32.08 12.52 -23.03
CA ASP A 131 -31.76 12.73 -21.63
C ASP A 131 -32.12 14.17 -21.18
N LYS A 132 -33.11 14.77 -21.80
CA LYS A 132 -33.48 16.15 -21.46
C LYS A 132 -34.97 16.37 -21.11
N TYR A 133 -35.77 15.31 -21.13
CA TYR A 133 -37.20 15.46 -20.89
C TYR A 133 -37.54 15.28 -19.40
N HIS A 134 -37.31 16.33 -18.61
CA HIS A 134 -37.37 16.21 -17.16
C HIS A 134 -38.78 16.02 -16.60
N GLY A 135 -38.86 15.34 -15.46
CA GLY A 135 -40.08 15.38 -14.66
C GLY A 135 -39.99 16.59 -13.75
N LYS A 136 -40.83 16.64 -12.74
CA LYS A 136 -40.85 17.83 -11.91
C LYS A 136 -40.71 17.50 -10.44
N THR A 137 -40.13 18.44 -9.68
CA THR A 137 -40.27 18.41 -8.23
C THR A 137 -41.32 19.46 -7.92
N ILE A 138 -42.20 19.16 -6.98
CA ILE A 138 -43.45 19.89 -6.86
C ILE A 138 -43.73 20.32 -5.42
N PRO A 139 -43.98 21.62 -5.21
CA PRO A 139 -44.16 22.22 -3.87
C PRO A 139 -45.57 21.98 -3.33
N ILE A 140 -45.86 20.74 -3.00
CA ILE A 140 -47.19 20.32 -2.61
C ILE A 140 -47.49 20.76 -1.16
N ASP A 141 -48.76 20.93 -0.83
CA ASP A 141 -49.14 21.30 0.53
C ASP A 141 -48.74 20.18 1.48
N GLY A 142 -48.43 20.55 2.73
CA GLY A 142 -48.13 19.57 3.76
C GLY A 142 -46.68 19.14 3.82
N ASP A 143 -46.40 18.28 4.79
CA ASP A 143 -45.04 17.78 4.98
C ASP A 143 -44.75 16.60 4.04
N PHE A 144 -44.61 16.91 2.76
CA PHE A 144 -44.27 15.91 1.76
C PHE A 144 -43.26 16.41 0.73
N PHE A 145 -42.56 15.46 0.13
CA PHE A 145 -41.72 15.70 -1.01
C PHE A 145 -42.44 15.00 -2.16
N SER A 146 -42.85 15.76 -3.16
CA SER A 146 -43.60 15.21 -4.27
C SER A 146 -42.90 15.51 -5.58
N TYR A 147 -42.83 14.50 -6.44
CA TYR A 147 -42.18 14.65 -7.74
C TYR A 147 -42.77 13.70 -8.76
N THR A 148 -42.46 13.94 -10.03
CA THR A 148 -42.96 13.07 -11.07
C THR A 148 -41.82 12.43 -11.82
N ARG A 149 -42.02 11.18 -12.18
CA ARG A 149 -41.12 10.50 -13.11
C ARG A 149 -41.80 10.52 -14.47
N HIS A 150 -41.03 10.83 -15.49
CA HIS A 150 -41.52 10.68 -16.85
C HIS A 150 -41.03 9.33 -17.36
N GLU A 151 -41.90 8.33 -17.29
CA GLU A 151 -41.54 6.97 -17.68
C GLU A 151 -41.98 6.69 -19.10
N PRO A 152 -41.39 5.67 -19.73
CA PRO A 152 -41.87 5.35 -21.07
C PRO A 152 -43.28 4.78 -20.94
N VAL A 153 -44.13 5.08 -21.92
CA VAL A 153 -45.48 4.56 -21.93
C VAL A 153 -45.48 3.02 -22.15
N GLY A 154 -44.44 2.52 -22.80
CA GLY A 154 -44.22 1.08 -22.90
C GLY A 154 -44.14 0.52 -24.32
N VAL A 155 -44.95 -0.51 -24.58
CA VAL A 155 -45.03 -1.12 -25.89
C VAL A 155 -45.88 -0.27 -26.84
N CYS A 156 -45.24 0.27 -27.87
CA CYS A 156 -45.91 1.18 -28.78
C CYS A 156 -46.14 0.59 -30.16
N GLY A 157 -47.41 0.47 -30.55
CA GLY A 157 -47.75 0.07 -31.89
C GLY A 157 -47.70 1.30 -32.76
N GLN A 158 -47.00 1.21 -33.88
CA GLN A 158 -46.85 2.34 -34.80
C GLN A 158 -47.20 1.91 -36.20
N ILE A 159 -48.17 2.59 -36.81
CA ILE A 159 -48.70 2.22 -38.11
C ILE A 159 -48.50 3.40 -39.04
N ILE A 160 -47.74 3.20 -40.11
CA ILE A 160 -47.40 4.29 -41.00
C ILE A 160 -47.85 4.02 -42.45
N PRO A 161 -48.11 5.08 -43.19
CA PRO A 161 -48.62 5.01 -44.56
C PRO A 161 -47.48 4.98 -45.55
N TRP A 162 -47.80 5.16 -46.83
CA TRP A 162 -46.86 4.90 -47.92
C TRP A 162 -46.32 6.15 -48.60
N ASN A 163 -46.86 7.32 -48.25
CA ASN A 163 -46.49 8.53 -48.98
C ASN A 163 -45.10 9.10 -48.64
N PHE A 164 -44.64 8.84 -47.43
CA PHE A 164 -43.28 9.21 -47.02
C PHE A 164 -42.69 8.09 -46.19
N PRO A 165 -42.40 6.95 -46.82
CA PRO A 165 -42.08 5.73 -46.06
C PRO A 165 -40.97 5.92 -45.03
N LEU A 166 -39.81 6.38 -45.46
CA LEU A 166 -38.68 6.54 -44.56
C LEU A 166 -38.93 7.64 -43.55
N LEU A 167 -39.47 8.76 -44.01
CA LEU A 167 -39.69 9.88 -43.13
C LEU A 167 -40.67 9.54 -41.99
N MET A 168 -41.77 8.86 -42.34
CA MET A 168 -42.79 8.49 -41.34
C MET A 168 -42.20 7.54 -40.31
N GLN A 169 -41.33 6.65 -40.76
CA GLN A 169 -40.67 5.73 -39.85
C GLN A 169 -39.85 6.54 -38.84
N ALA A 170 -39.13 7.52 -39.35
CA ALA A 170 -38.31 8.39 -38.52
C ALA A 170 -39.12 9.22 -37.51
N TRP A 171 -40.19 9.85 -37.99
CA TRP A 171 -41.08 10.61 -37.10
C TRP A 171 -41.64 9.76 -35.98
N LYS A 172 -41.72 8.46 -36.19
CA LYS A 172 -42.28 7.55 -35.20
C LYS A 172 -41.22 7.01 -34.26
N LEU A 173 -40.11 6.55 -34.83
CA LEU A 173 -39.04 5.93 -34.05
C LEU A 173 -38.31 6.91 -33.14
N GLY A 174 -38.07 8.11 -33.66
CA GLY A 174 -37.30 9.12 -32.94
C GLY A 174 -37.80 9.42 -31.53
N PRO A 175 -39.03 9.91 -31.42
CA PRO A 175 -39.60 10.24 -30.10
C PRO A 175 -39.78 9.00 -29.21
N ALA A 176 -40.17 7.89 -29.82
CA ALA A 176 -40.44 6.66 -29.06
C ALA A 176 -39.15 6.12 -28.44
N LEU A 177 -38.07 6.08 -29.23
CA LEU A 177 -36.81 5.51 -28.76
C LEU A 177 -36.11 6.49 -27.83
N ALA A 178 -36.15 7.78 -28.18
CA ALA A 178 -35.56 8.79 -27.33
C ALA A 178 -36.11 8.70 -25.91
N THR A 179 -37.38 8.33 -25.76
CA THR A 179 -38.00 8.27 -24.43
C THR A 179 -38.01 6.85 -23.82
N GLY A 180 -37.34 5.91 -24.48
CA GLY A 180 -37.09 4.60 -23.91
C GLY A 180 -38.22 3.58 -24.08
N ASN A 181 -39.09 3.82 -25.04
CA ASN A 181 -40.15 2.87 -25.34
C ASN A 181 -39.64 1.74 -26.21
N VAL A 182 -40.48 0.76 -26.47
CA VAL A 182 -40.21 -0.27 -27.47
C VAL A 182 -41.33 -0.21 -28.47
N VAL A 183 -41.08 -0.61 -29.72
CA VAL A 183 -42.12 -0.53 -30.73
C VAL A 183 -42.36 -1.78 -31.57
N VAL A 184 -43.62 -1.94 -31.96
CA VAL A 184 -44.02 -2.86 -33.00
C VAL A 184 -44.61 -1.98 -34.11
N MET A 185 -43.95 -1.99 -35.25
CA MET A 185 -44.29 -1.08 -36.33
C MET A 185 -44.89 -1.85 -37.52
N LYS A 186 -46.00 -1.34 -38.04
CA LYS A 186 -46.61 -1.87 -39.25
C LYS A 186 -46.38 -0.87 -40.38
N VAL A 187 -45.64 -1.29 -41.40
CA VAL A 187 -45.39 -0.41 -42.53
C VAL A 187 -46.35 -0.73 -43.65
N ALA A 188 -46.48 0.18 -44.59
CA ALA A 188 -47.49 0.08 -45.65
C ALA A 188 -47.09 -0.98 -46.69
N GLU A 189 -48.08 -1.74 -47.14
CA GLU A 189 -47.86 -2.81 -48.09
C GLU A 189 -47.34 -2.26 -49.42
N GLN A 190 -47.72 -1.03 -49.74
CA GLN A 190 -47.21 -0.38 -50.93
C GLN A 190 -45.70 -0.08 -50.87
N THR A 191 -45.18 0.15 -49.67
CA THR A 191 -43.82 0.64 -49.51
C THR A 191 -43.13 0.08 -48.28
N PRO A 192 -42.91 -1.24 -48.26
CA PRO A 192 -42.33 -1.84 -47.05
C PRO A 192 -40.81 -1.83 -47.06
N LEU A 193 -40.22 -1.75 -48.25
CA LEU A 193 -38.80 -2.11 -48.42
C LEU A 193 -37.79 -1.25 -47.66
N THR A 194 -37.85 0.07 -47.84
CA THR A 194 -36.92 0.93 -47.12
C THR A 194 -36.98 0.79 -45.59
N ALA A 195 -38.17 0.61 -45.04
CA ALA A 195 -38.31 0.53 -43.58
C ALA A 195 -37.67 -0.76 -43.06
N LEU A 196 -37.80 -1.81 -43.86
CA LEU A 196 -37.16 -3.09 -43.53
C LEU A 196 -35.64 -3.01 -43.58
N TYR A 197 -35.10 -2.29 -44.55
CA TYR A 197 -33.65 -2.11 -44.59
C TYR A 197 -33.16 -1.34 -43.36
N VAL A 198 -33.92 -0.33 -42.95
CA VAL A 198 -33.55 0.48 -41.79
C VAL A 198 -33.50 -0.37 -40.53
N ALA A 199 -34.34 -1.39 -40.47
CA ALA A 199 -34.32 -2.35 -39.36
C ALA A 199 -32.96 -3.01 -39.26
N ASN A 200 -32.39 -3.33 -40.42
CA ASN A 200 -31.04 -3.86 -40.48
C ASN A 200 -30.04 -2.90 -39.85
N LEU A 201 -30.21 -1.62 -40.13
CA LEU A 201 -29.34 -0.59 -39.57
C LEU A 201 -29.58 -0.43 -38.06
N ILE A 202 -30.83 -0.63 -37.64
CA ILE A 202 -31.18 -0.54 -36.24
C ILE A 202 -30.41 -1.62 -35.47
N LYS A 203 -30.35 -2.81 -36.06
CA LYS A 203 -29.56 -3.87 -35.49
C LYS A 203 -28.08 -3.48 -35.49
N GLU A 204 -27.61 -3.00 -36.62
CA GLU A 204 -26.20 -2.66 -36.77
C GLU A 204 -25.78 -1.59 -35.78
N ALA A 205 -26.70 -0.69 -35.46
CA ALA A 205 -26.38 0.43 -34.59
C ALA A 205 -26.20 -0.02 -33.15
N GLY A 206 -26.80 -1.15 -32.79
CA GLY A 206 -26.63 -1.69 -31.45
C GLY A 206 -27.85 -1.69 -30.55
N PHE A 207 -29.03 -1.43 -31.12
CA PHE A 207 -30.25 -1.45 -30.33
C PHE A 207 -30.54 -2.86 -29.84
N PRO A 208 -30.81 -3.02 -28.53
CA PRO A 208 -31.10 -4.36 -28.02
C PRO A 208 -32.25 -5.03 -28.79
N PRO A 209 -32.21 -6.36 -28.88
CA PRO A 209 -33.23 -7.11 -29.61
C PRO A 209 -34.59 -6.88 -28.97
N GLY A 210 -35.63 -6.74 -29.78
CA GLY A 210 -36.98 -6.53 -29.28
C GLY A 210 -37.38 -5.08 -29.11
N VAL A 211 -36.39 -4.18 -29.18
CA VAL A 211 -36.65 -2.76 -28.98
C VAL A 211 -37.43 -2.18 -30.15
N VAL A 212 -37.02 -2.52 -31.36
CA VAL A 212 -37.80 -2.21 -32.54
C VAL A 212 -38.14 -3.49 -33.29
N ASN A 213 -39.42 -3.70 -33.57
CA ASN A 213 -39.88 -4.84 -34.34
C ASN A 213 -40.75 -4.37 -35.51
N ILE A 214 -40.49 -4.87 -36.71
CA ILE A 214 -41.30 -4.48 -37.86
C ILE A 214 -42.08 -5.64 -38.49
N VAL A 215 -43.37 -5.42 -38.73
CA VAL A 215 -44.24 -6.44 -39.30
C VAL A 215 -44.92 -5.87 -40.53
N PRO A 216 -44.40 -6.25 -41.71
CA PRO A 216 -45.02 -5.91 -43.01
C PRO A 216 -46.28 -6.73 -43.18
N GLY A 217 -47.27 -6.20 -43.91
CA GLY A 217 -48.50 -6.93 -44.12
C GLY A 217 -49.63 -5.99 -44.45
N PHE A 218 -50.85 -6.49 -44.39
CA PHE A 218 -52.03 -5.69 -44.72
C PHE A 218 -52.67 -5.05 -43.50
N GLY A 219 -53.49 -4.03 -43.72
CA GLY A 219 -54.06 -3.24 -42.65
C GLY A 219 -55.09 -3.97 -41.82
N PRO A 220 -56.09 -4.57 -42.48
CA PRO A 220 -57.18 -5.22 -41.75
C PRO A 220 -56.68 -6.45 -40.99
N THR A 221 -55.45 -6.84 -41.23
CA THR A 221 -54.88 -7.98 -40.52
C THR A 221 -53.86 -7.53 -39.50
N ALA A 222 -52.65 -7.23 -39.95
CA ALA A 222 -51.56 -6.85 -39.07
C ALA A 222 -51.85 -5.58 -38.31
N GLY A 223 -52.34 -4.57 -39.03
CA GLY A 223 -52.70 -3.28 -38.43
C GLY A 223 -53.76 -3.42 -37.36
N ALA A 224 -54.82 -4.15 -37.67
CA ALA A 224 -55.90 -4.36 -36.73
C ALA A 224 -55.44 -5.12 -35.50
N ALA A 225 -54.51 -6.05 -35.70
CA ALA A 225 -53.97 -6.85 -34.61
C ALA A 225 -53.21 -5.97 -33.63
N ILE A 226 -52.46 -5.02 -34.15
CA ILE A 226 -51.76 -4.06 -33.30
C ILE A 226 -52.76 -3.18 -32.52
N ALA A 227 -53.74 -2.63 -33.22
CA ALA A 227 -54.69 -1.73 -32.61
C ALA A 227 -55.53 -2.39 -31.52
N SER A 228 -55.73 -3.70 -31.67
CA SER A 228 -56.62 -4.42 -30.75
C SER A 228 -55.87 -5.23 -29.71
N HIS A 229 -54.53 -5.23 -29.80
CA HIS A 229 -53.75 -6.08 -28.92
C HIS A 229 -53.90 -5.72 -27.45
N GLU A 230 -53.99 -6.75 -26.60
CA GLU A 230 -54.23 -6.56 -25.19
C GLU A 230 -52.98 -6.13 -24.42
N ASP A 231 -51.81 -6.26 -25.05
CA ASP A 231 -50.56 -5.91 -24.37
C ASP A 231 -49.81 -4.80 -25.07
N VAL A 232 -50.48 -4.10 -25.97
CA VAL A 232 -49.94 -2.88 -26.55
C VAL A 232 -50.42 -1.69 -25.74
N ASP A 233 -49.48 -0.89 -25.23
CA ASP A 233 -49.79 0.23 -24.34
C ASP A 233 -50.26 1.51 -25.05
N LYS A 234 -49.81 1.69 -26.29
CA LYS A 234 -50.01 2.94 -26.98
C LYS A 234 -49.91 2.67 -28.47
N VAL A 235 -50.78 3.31 -29.25
CA VAL A 235 -50.76 3.17 -30.68
C VAL A 235 -50.74 4.54 -31.33
N ALA A 236 -49.91 4.66 -32.37
CA ALA A 236 -49.84 5.88 -33.17
C ALA A 236 -50.07 5.50 -34.60
N PHE A 237 -50.99 6.20 -35.23
CA PHE A 237 -51.41 5.84 -36.57
C PHE A 237 -51.41 7.08 -37.42
N THR A 238 -50.82 6.95 -38.61
CA THR A 238 -50.90 7.99 -39.63
C THR A 238 -51.56 7.34 -40.84
N GLY A 239 -52.56 8.01 -41.39
CA GLY A 239 -53.36 7.48 -42.48
C GLY A 239 -54.63 8.26 -42.69
N SER A 240 -55.65 7.59 -43.21
CA SER A 240 -56.92 8.24 -43.53
C SER A 240 -57.76 8.45 -42.29
N THR A 241 -58.56 9.51 -42.31
CA THR A 241 -59.48 9.81 -41.22
C THR A 241 -60.40 8.61 -40.97
N GLU A 242 -60.84 7.98 -42.05
CA GLU A 242 -61.71 6.81 -41.96
C GLU A 242 -61.10 5.67 -41.13
N ILE A 243 -59.84 5.33 -41.41
CA ILE A 243 -59.15 4.29 -40.64
C ILE A 243 -58.80 4.76 -39.24
N GLY A 244 -58.51 6.05 -39.10
CA GLY A 244 -58.28 6.65 -37.80
C GLY A 244 -59.36 6.29 -36.80
N ARG A 245 -60.61 6.37 -37.23
CA ARG A 245 -61.75 6.03 -36.39
C ARG A 245 -61.73 4.55 -35.98
N VAL A 246 -61.42 3.67 -36.93
CA VAL A 246 -61.28 2.24 -36.62
C VAL A 246 -60.25 2.03 -35.51
N ILE A 247 -59.15 2.75 -35.59
CA ILE A 247 -58.07 2.64 -34.62
C ILE A 247 -58.54 3.04 -33.22
N GLN A 248 -59.20 4.20 -33.11
CA GLN A 248 -59.63 4.65 -31.79
C GLN A 248 -60.73 3.75 -31.22
N VAL A 249 -61.58 3.23 -32.09
CA VAL A 249 -62.60 2.29 -31.65
C VAL A 249 -61.96 1.00 -31.14
N ALA A 250 -60.95 0.53 -31.86
CA ALA A 250 -60.24 -0.68 -31.48
C ALA A 250 -59.56 -0.51 -30.13
N ALA A 251 -59.02 0.69 -29.87
CA ALA A 251 -58.35 0.99 -28.61
C ALA A 251 -59.33 0.98 -27.44
N GLY A 252 -60.51 1.56 -27.66
CA GLY A 252 -61.57 1.55 -26.68
C GLY A 252 -62.15 0.16 -26.44
N SER A 253 -62.20 -0.66 -27.48
CA SER A 253 -62.77 -2.00 -27.40
C SER A 253 -61.82 -2.99 -26.77
N SER A 254 -60.54 -2.67 -26.75
CA SER A 254 -59.56 -3.60 -26.21
C SER A 254 -59.10 -3.19 -24.82
N ASN A 255 -57.91 -2.61 -24.71
CA ASN A 255 -57.34 -2.35 -23.39
C ASN A 255 -57.15 -0.87 -23.04
N LEU A 256 -57.86 0.01 -23.73
CA LEU A 256 -57.77 1.44 -23.45
C LEU A 256 -56.35 1.94 -23.65
N LYS A 257 -55.64 1.36 -24.62
CA LYS A 257 -54.32 1.84 -24.96
C LYS A 257 -54.41 3.32 -25.38
N ARG A 258 -53.35 4.07 -25.15
CA ARG A 258 -53.34 5.48 -25.54
C ARG A 258 -53.18 5.62 -27.06
N VAL A 259 -53.80 6.64 -27.61
CA VAL A 259 -53.91 6.79 -29.06
C VAL A 259 -53.51 8.17 -29.51
N THR A 260 -52.69 8.27 -30.55
CA THR A 260 -52.49 9.52 -31.28
C THR A 260 -52.71 9.26 -32.76
N LEU A 261 -53.25 10.26 -33.45
CA LEU A 261 -53.62 10.11 -34.85
C LEU A 261 -53.13 11.27 -35.70
N GLU A 262 -52.53 10.93 -36.84
CA GLU A 262 -52.18 11.93 -37.85
C GLU A 262 -52.96 11.55 -39.11
N LEU A 263 -53.99 12.34 -39.42
CA LEU A 263 -54.92 11.96 -40.46
C LEU A 263 -54.82 12.88 -41.71
N GLY A 264 -55.89 12.90 -42.51
CA GLY A 264 -55.87 13.69 -43.73
C GLY A 264 -56.25 15.14 -43.52
N GLY A 265 -56.34 15.88 -44.62
CA GLY A 265 -56.78 17.27 -44.57
C GLY A 265 -57.36 17.75 -45.88
N LYS A 266 -57.77 19.00 -45.89
CA LYS A 266 -58.13 19.70 -47.11
C LYS A 266 -57.67 21.13 -46.89
N SER A 267 -56.36 21.29 -46.71
CA SER A 267 -55.80 22.54 -46.21
C SER A 267 -55.97 23.72 -47.15
N PRO A 268 -56.41 24.86 -46.59
CA PRO A 268 -56.62 26.11 -47.32
C PRO A 268 -55.33 26.91 -47.42
N ASN A 269 -55.04 27.36 -48.64
CA ASN A 269 -53.89 28.21 -48.90
C ASN A 269 -54.42 29.56 -49.41
N ILE A 270 -54.31 30.58 -48.58
CA ILE A 270 -55.01 31.85 -48.79
C ILE A 270 -54.10 32.94 -49.34
N ILE A 271 -54.35 33.37 -50.56
CA ILE A 271 -53.55 34.40 -51.22
C ILE A 271 -54.25 35.76 -51.21
N MET A 272 -53.75 36.70 -50.41
CA MET A 272 -54.34 38.03 -50.33
C MET A 272 -53.86 38.89 -51.48
N SER A 273 -54.59 39.95 -51.80
CA SER A 273 -54.28 40.77 -52.97
C SER A 273 -52.90 41.41 -52.92
N ASP A 274 -52.35 41.56 -51.72
CA ASP A 274 -51.05 42.21 -51.56
C ASP A 274 -49.88 41.23 -51.51
N ALA A 275 -50.15 39.97 -51.78
CA ALA A 275 -49.11 38.95 -51.76
C ALA A 275 -48.11 39.19 -52.87
N ASP A 276 -46.91 38.65 -52.73
CA ASP A 276 -45.96 38.68 -53.82
C ASP A 276 -46.39 37.65 -54.86
N MET A 277 -46.88 38.13 -55.99
CA MET A 277 -47.48 37.27 -57.01
C MET A 277 -46.62 36.06 -57.39
N ASP A 278 -45.37 36.29 -57.76
CA ASP A 278 -44.55 35.20 -58.29
C ASP A 278 -44.31 34.16 -57.22
N TRP A 279 -44.01 34.63 -56.02
CA TRP A 279 -43.71 33.77 -54.89
C TRP A 279 -44.96 32.93 -54.55
N ALA A 280 -46.10 33.58 -54.49
CA ALA A 280 -47.35 32.91 -54.14
C ALA A 280 -47.70 31.84 -55.16
N VAL A 281 -47.45 32.15 -56.43
CA VAL A 281 -47.79 31.22 -57.48
C VAL A 281 -46.92 29.97 -57.41
N GLU A 282 -45.63 30.15 -57.22
CA GLU A 282 -44.71 29.02 -57.17
C GLU A 282 -44.98 28.20 -55.91
N GLN A 283 -45.18 28.88 -54.78
CA GLN A 283 -45.47 28.21 -53.51
C GLN A 283 -46.80 27.47 -53.56
N ALA A 284 -47.82 28.06 -54.18
CA ALA A 284 -49.12 27.40 -54.29
C ALA A 284 -49.00 26.14 -55.12
N HIS A 285 -48.19 26.21 -56.18
CA HIS A 285 -47.92 25.05 -57.03
C HIS A 285 -47.27 23.93 -56.21
N PHE A 286 -46.17 24.26 -55.55
CA PHE A 286 -45.49 23.36 -54.63
C PHE A 286 -46.45 22.80 -53.56
N ALA A 287 -47.23 23.68 -52.96
CA ALA A 287 -48.12 23.32 -51.85
C ALA A 287 -49.05 22.18 -52.25
N LEU A 288 -49.49 22.20 -53.51
CA LEU A 288 -50.40 21.18 -53.97
C LEU A 288 -49.70 20.00 -54.62
N PHE A 289 -48.76 20.29 -55.53
CA PHE A 289 -48.23 19.23 -56.40
C PHE A 289 -47.11 18.40 -55.78
N PHE A 290 -46.54 18.86 -54.67
CA PHE A 290 -45.42 18.14 -54.09
C PHE A 290 -45.74 16.66 -53.81
N ASN A 291 -44.77 15.80 -54.07
CA ASN A 291 -44.91 14.36 -53.84
C ASN A 291 -46.13 13.80 -54.54
N GLN A 292 -46.32 14.21 -55.79
CA GLN A 292 -47.43 13.72 -56.60
C GLN A 292 -48.78 14.08 -55.97
N GLY A 293 -48.81 15.16 -55.20
CA GLY A 293 -50.01 15.55 -54.51
C GLY A 293 -50.34 14.67 -53.32
N GLN A 294 -49.43 13.78 -52.96
CA GLN A 294 -49.69 12.81 -51.89
C GLN A 294 -49.17 13.27 -50.53
N CYS A 295 -49.65 14.42 -50.07
CA CYS A 295 -49.34 14.96 -48.75
C CYS A 295 -50.62 15.22 -48.02
N CYS A 296 -50.69 14.82 -46.76
CA CYS A 296 -51.90 15.00 -45.96
C CYS A 296 -52.22 16.48 -45.82
N CYS A 297 -51.17 17.31 -45.83
CA CYS A 297 -51.32 18.75 -45.64
C CYS A 297 -51.22 19.52 -46.96
N ALA A 298 -51.43 18.84 -48.08
CA ALA A 298 -51.46 19.50 -49.38
C ALA A 298 -52.39 20.72 -49.40
N GLY A 299 -51.94 21.81 -50.02
CA GLY A 299 -52.76 23.00 -50.17
C GLY A 299 -53.81 22.80 -51.24
N SER A 300 -54.85 22.05 -50.90
CA SER A 300 -55.83 21.57 -51.88
C SER A 300 -57.05 22.49 -52.04
N ARG A 301 -57.04 23.59 -51.28
CA ARG A 301 -58.00 24.65 -51.49
C ARG A 301 -57.27 25.98 -51.59
N THR A 302 -56.97 26.41 -52.81
CA THR A 302 -56.25 27.64 -53.03
C THR A 302 -57.22 28.81 -53.15
N PHE A 303 -57.36 29.59 -52.09
CA PHE A 303 -58.24 30.75 -52.08
C PHE A 303 -57.47 31.97 -52.58
N VAL A 304 -57.99 32.59 -53.64
CA VAL A 304 -57.32 33.76 -54.20
C VAL A 304 -58.26 34.96 -54.21
N GLN A 305 -57.78 36.08 -53.67
CA GLN A 305 -58.59 37.31 -53.60
C GLN A 305 -58.94 37.76 -55.03
N GLU A 306 -60.16 38.21 -55.23
CA GLU A 306 -60.68 38.45 -56.57
C GLU A 306 -59.82 39.37 -57.44
N ASP A 307 -59.26 40.42 -56.84
CA ASP A 307 -58.48 41.39 -57.59
C ASP A 307 -57.26 40.80 -58.31
N ILE A 308 -56.78 39.65 -57.85
CA ILE A 308 -55.61 39.04 -58.47
C ILE A 308 -55.89 37.66 -59.05
N TYR A 309 -57.15 37.23 -58.93
CA TYR A 309 -57.57 35.89 -59.32
C TYR A 309 -57.18 35.52 -60.76
N ASP A 310 -57.57 36.36 -61.72
CA ASP A 310 -57.32 36.06 -63.13
C ASP A 310 -55.83 35.83 -63.42
N GLU A 311 -55.00 36.76 -62.98
CA GLU A 311 -53.56 36.64 -63.21
C GLU A 311 -53.01 35.41 -62.50
N PHE A 312 -53.40 35.23 -61.24
CA PHE A 312 -52.92 34.09 -60.46
C PHE A 312 -53.26 32.77 -61.15
N VAL A 313 -54.50 32.65 -61.61
CA VAL A 313 -54.93 31.44 -62.32
C VAL A 313 -54.10 31.22 -63.60
N GLU A 314 -53.93 32.27 -64.39
CA GLU A 314 -53.13 32.18 -65.63
C GLU A 314 -51.75 31.62 -65.34
N ARG A 315 -51.05 32.23 -64.39
CA ARG A 315 -49.70 31.83 -64.04
C ARG A 315 -49.66 30.41 -63.48
N SER A 316 -50.69 30.05 -62.72
CA SER A 316 -50.75 28.72 -62.12
C SER A 316 -50.91 27.67 -63.20
N VAL A 317 -51.85 27.91 -64.11
CA VAL A 317 -52.08 27.00 -65.23
C VAL A 317 -50.81 26.80 -66.05
N ALA A 318 -50.09 27.89 -66.30
CA ALA A 318 -48.85 27.80 -67.05
C ALA A 318 -47.82 26.95 -66.32
N ARG A 319 -47.67 27.19 -65.02
CA ARG A 319 -46.72 26.45 -64.19
C ARG A 319 -47.08 24.95 -64.16
N ALA A 320 -48.37 24.67 -64.06
CA ALA A 320 -48.82 23.29 -64.06
C ALA A 320 -48.55 22.63 -65.41
N LYS A 321 -48.80 23.35 -66.48
CA LYS A 321 -48.56 22.81 -67.82
C LYS A 321 -47.09 22.47 -68.05
N SER A 322 -46.20 23.24 -67.45
CA SER A 322 -44.77 23.08 -67.67
C SER A 322 -44.15 22.04 -66.74
N ARG A 323 -44.94 21.52 -65.81
CA ARG A 323 -44.44 20.55 -64.84
C ARG A 323 -44.06 19.22 -65.52
N VAL A 324 -42.83 18.77 -65.28
CA VAL A 324 -42.29 17.59 -65.96
C VAL A 324 -42.66 16.27 -65.29
N VAL A 325 -43.53 15.51 -65.94
CA VAL A 325 -43.93 14.20 -65.44
C VAL A 325 -43.13 13.11 -66.13
N GLY A 326 -42.65 12.12 -65.38
CA GLY A 326 -41.92 11.02 -65.99
C GLY A 326 -41.12 10.12 -65.06
N ASN A 327 -40.10 9.46 -65.60
CA ASN A 327 -39.30 8.51 -64.85
C ASN A 327 -38.62 9.19 -63.66
N PRO A 328 -38.97 8.76 -62.44
CA PRO A 328 -38.50 9.38 -61.21
C PRO A 328 -36.97 9.32 -61.07
N PHE A 329 -36.31 8.43 -61.81
CA PHE A 329 -34.85 8.39 -61.78
C PHE A 329 -34.18 9.42 -62.71
N ASP A 330 -34.97 10.00 -63.61
CA ASP A 330 -34.45 11.06 -64.48
C ASP A 330 -34.40 12.38 -63.72
N SER A 331 -33.23 13.01 -63.72
CA SER A 331 -33.02 14.24 -62.96
C SER A 331 -33.96 15.38 -63.36
N LYS A 332 -34.53 15.32 -64.55
CA LYS A 332 -35.42 16.37 -65.03
C LYS A 332 -36.86 16.20 -64.56
N THR A 333 -37.18 15.03 -64.03
CA THR A 333 -38.55 14.70 -63.61
C THR A 333 -38.95 15.44 -62.34
N GLU A 334 -40.05 16.19 -62.42
CA GLU A 334 -40.62 16.86 -61.25
C GLU A 334 -41.66 15.99 -60.56
N GLN A 335 -42.34 15.16 -61.34
CA GLN A 335 -43.45 14.38 -60.83
C GLN A 335 -43.44 12.95 -61.33
N GLY A 336 -43.39 12.01 -60.40
CA GLY A 336 -43.44 10.59 -60.70
C GLY A 336 -44.86 10.08 -60.85
N PRO A 337 -45.03 8.75 -60.82
CA PRO A 337 -46.37 8.14 -60.82
C PRO A 337 -47.03 8.24 -59.44
N GLN A 338 -48.34 8.04 -59.38
CA GLN A 338 -49.03 7.82 -58.11
C GLN A 338 -48.59 6.47 -57.54
N VAL A 339 -48.86 6.25 -56.26
CA VAL A 339 -48.28 5.10 -55.55
C VAL A 339 -48.76 3.74 -56.02
N ASP A 340 -50.01 3.65 -56.46
CA ASP A 340 -50.57 2.39 -56.91
C ASP A 340 -51.83 2.55 -57.74
N GLU A 341 -52.41 1.45 -58.16
CA GLU A 341 -53.56 1.48 -59.04
C GLU A 341 -54.80 2.00 -58.35
N THR A 342 -55.00 1.63 -57.09
CA THR A 342 -56.15 2.10 -56.33
C THR A 342 -56.19 3.62 -56.27
N GLN A 343 -55.05 4.22 -55.94
CA GLN A 343 -54.93 5.68 -55.90
C GLN A 343 -55.12 6.28 -57.26
N PHE A 344 -54.47 5.69 -58.26
CA PHE A 344 -54.60 6.07 -59.65
C PHE A 344 -56.07 6.24 -60.00
N LYS A 345 -56.86 5.21 -59.73
CA LYS A 345 -58.27 5.24 -60.11
C LYS A 345 -59.09 6.21 -59.27
N LYS A 346 -58.82 6.25 -57.98
CA LYS A 346 -59.46 7.22 -57.10
C LYS A 346 -59.30 8.64 -57.61
N ILE A 347 -58.08 8.97 -58.02
CA ILE A 347 -57.79 10.32 -58.50
C ILE A 347 -58.53 10.61 -59.80
N LEU A 348 -58.50 9.67 -60.73
CA LEU A 348 -59.24 9.83 -61.98
C LEU A 348 -60.73 10.00 -61.70
N GLY A 349 -61.23 9.21 -60.76
CA GLY A 349 -62.61 9.35 -60.32
C GLY A 349 -62.95 10.75 -59.81
N TYR A 350 -62.05 11.34 -59.03
CA TYR A 350 -62.26 12.68 -58.50
C TYR A 350 -62.22 13.72 -59.60
N ILE A 351 -61.28 13.58 -60.52
CA ILE A 351 -61.18 14.49 -61.65
C ILE A 351 -62.52 14.50 -62.39
N ASN A 352 -63.07 13.31 -62.61
CA ASN A 352 -64.34 13.19 -63.31
C ASN A 352 -65.45 13.86 -62.53
N THR A 353 -65.44 13.68 -61.21
CA THR A 353 -66.42 14.33 -60.33
C THR A 353 -66.35 15.85 -60.46
N GLY A 354 -65.14 16.38 -60.55
CA GLY A 354 -64.93 17.81 -60.74
C GLY A 354 -65.54 18.28 -62.04
N LYS A 355 -65.26 17.58 -63.15
CA LYS A 355 -65.83 17.93 -64.44
C LYS A 355 -67.34 17.92 -64.29
N GLN A 356 -67.84 16.83 -63.70
CA GLN A 356 -69.27 16.61 -63.59
C GLN A 356 -69.99 17.69 -62.81
N GLU A 357 -69.30 18.26 -61.82
CA GLU A 357 -69.95 19.22 -60.92
C GLU A 357 -69.81 20.66 -61.39
N GLY A 358 -69.12 20.88 -62.49
CA GLY A 358 -69.10 22.21 -63.08
C GLY A 358 -67.91 23.07 -62.72
N ALA A 359 -66.85 22.46 -62.20
CA ALA A 359 -65.60 23.18 -62.03
C ALA A 359 -64.94 23.32 -63.41
N LYS A 360 -64.21 24.42 -63.63
CA LYS A 360 -63.55 24.66 -64.91
C LYS A 360 -62.23 23.91 -64.98
N LEU A 361 -62.18 22.87 -65.81
CA LEU A 361 -60.93 22.18 -66.04
C LEU A 361 -60.05 23.09 -66.89
N LEU A 362 -58.92 23.53 -66.34
CA LEU A 362 -58.07 24.48 -67.01
C LEU A 362 -56.85 23.84 -67.66
N CYS A 363 -56.52 22.62 -67.23
CA CYS A 363 -55.43 21.87 -67.83
C CYS A 363 -55.36 20.48 -67.23
N GLY A 364 -54.63 19.59 -67.89
CA GLY A 364 -54.50 18.22 -67.46
C GLY A 364 -55.83 17.51 -67.50
N GLY A 365 -56.07 16.63 -66.54
CA GLY A 365 -57.36 16.01 -66.39
C GLY A 365 -57.39 14.56 -66.81
N GLY A 366 -56.24 14.04 -67.21
CA GLY A 366 -56.17 12.66 -67.68
C GLY A 366 -54.86 11.94 -67.41
N ILE A 367 -54.80 10.70 -67.87
CA ILE A 367 -53.63 9.85 -67.72
C ILE A 367 -52.46 10.45 -68.50
N ALA A 368 -51.25 10.29 -67.97
CA ALA A 368 -50.09 10.99 -68.51
C ALA A 368 -49.09 10.08 -69.23
N ALA A 369 -49.29 8.77 -69.10
CA ALA A 369 -48.46 7.79 -69.79
C ALA A 369 -49.21 6.47 -69.79
N ASP A 370 -48.74 5.50 -70.54
CA ASP A 370 -49.48 4.24 -70.67
C ASP A 370 -48.84 3.07 -69.93
N ARG A 371 -47.75 3.34 -69.23
CA ARG A 371 -47.21 2.40 -68.26
C ARG A 371 -47.06 3.11 -66.93
N GLY A 372 -47.28 2.39 -65.84
CA GLY A 372 -47.24 2.98 -64.52
C GLY A 372 -48.48 3.79 -64.21
N TYR A 373 -48.46 4.53 -63.12
CA TYR A 373 -49.65 5.25 -62.68
C TYR A 373 -49.48 6.76 -62.74
N PHE A 374 -49.13 7.27 -63.92
CA PHE A 374 -48.87 8.69 -64.11
C PHE A 374 -50.12 9.49 -64.45
N ILE A 375 -50.28 10.63 -63.81
CA ILE A 375 -51.44 11.48 -64.03
C ILE A 375 -51.01 12.90 -64.37
N GLN A 376 -51.72 13.51 -65.32
CA GLN A 376 -51.40 14.87 -65.72
C GLN A 376 -51.64 15.84 -64.57
N PRO A 377 -50.70 16.74 -64.31
CA PRO A 377 -50.99 17.85 -63.40
C PRO A 377 -52.29 18.53 -63.84
N THR A 378 -53.23 18.65 -62.92
CA THR A 378 -54.59 19.07 -63.26
C THR A 378 -54.98 20.28 -62.43
N VAL A 379 -55.61 21.26 -63.07
CA VAL A 379 -56.07 22.45 -62.37
C VAL A 379 -57.54 22.74 -62.65
N PHE A 380 -58.31 22.90 -61.57
CA PHE A 380 -59.70 23.33 -61.65
C PHE A 380 -59.83 24.77 -61.18
N GLY A 381 -60.54 25.59 -61.95
CA GLY A 381 -60.79 26.97 -61.57
C GLY A 381 -62.25 27.16 -61.17
N ASP A 382 -62.56 28.32 -60.58
CA ASP A 382 -63.94 28.65 -60.22
C ASP A 382 -64.57 27.57 -59.37
N VAL A 383 -63.76 26.96 -58.51
CA VAL A 383 -64.23 25.92 -57.63
C VAL A 383 -65.12 26.51 -56.54
N GLN A 384 -66.21 25.83 -56.22
CA GLN A 384 -67.12 26.29 -55.19
C GLN A 384 -67.04 25.37 -53.97
N ASP A 385 -67.33 25.92 -52.79
CA ASP A 385 -67.17 25.21 -51.52
C ASP A 385 -67.97 23.94 -51.44
N GLY A 386 -69.13 23.92 -52.09
CA GLY A 386 -70.01 22.77 -52.03
C GLY A 386 -69.58 21.63 -52.92
N MET A 387 -68.62 21.88 -53.81
CA MET A 387 -68.20 20.85 -54.72
C MET A 387 -67.47 19.75 -53.97
N THR A 388 -67.59 18.54 -54.47
CA THR A 388 -66.89 17.41 -53.89
C THR A 388 -65.39 17.59 -53.90
N ILE A 389 -64.82 18.08 -55.00
CA ILE A 389 -63.37 18.23 -55.06
C ILE A 389 -62.89 19.34 -54.14
N ALA A 390 -63.84 20.10 -53.59
CA ALA A 390 -63.50 21.16 -52.65
C ALA A 390 -63.59 20.68 -51.21
N LYS A 391 -64.24 19.54 -51.01
CA LYS A 391 -64.49 19.02 -49.67
C LYS A 391 -63.65 17.80 -49.34
N GLU A 392 -63.43 16.91 -50.31
CA GLU A 392 -62.77 15.64 -50.03
C GLU A 392 -61.31 15.63 -50.42
N GLU A 393 -60.50 14.90 -49.65
CA GLU A 393 -59.09 14.79 -49.93
C GLU A 393 -58.83 13.93 -51.18
N ILE A 394 -58.26 14.55 -52.20
CA ILE A 394 -58.02 13.87 -53.47
C ILE A 394 -56.70 13.09 -53.45
N PHE A 395 -55.67 13.67 -52.86
CA PHE A 395 -54.38 13.01 -52.70
C PHE A 395 -53.69 12.76 -54.05
N GLY A 396 -53.92 13.64 -55.00
CA GLY A 396 -53.30 13.52 -56.31
C GLY A 396 -52.97 14.89 -56.85
N PRO A 397 -52.44 14.95 -58.08
CA PRO A 397 -52.03 16.21 -58.71
C PRO A 397 -53.23 16.98 -59.24
N VAL A 398 -54.11 17.39 -58.35
CA VAL A 398 -55.35 18.05 -58.74
C VAL A 398 -55.54 19.29 -57.87
N MET A 399 -55.39 20.46 -58.48
CA MET A 399 -55.45 21.75 -57.78
C MET A 399 -56.83 22.36 -57.86
N GLN A 400 -57.32 22.88 -56.73
CA GLN A 400 -58.59 23.62 -56.70
C GLN A 400 -58.29 25.10 -56.44
N ILE A 401 -58.80 25.97 -57.30
CA ILE A 401 -58.63 27.40 -57.10
C ILE A 401 -59.97 28.05 -56.87
N LEU A 402 -60.11 28.73 -55.74
CA LEU A 402 -61.36 29.38 -55.38
C LEU A 402 -61.14 30.88 -55.26
N LYS A 403 -62.20 31.64 -55.44
CA LYS A 403 -62.09 33.09 -55.44
C LYS A 403 -62.82 33.61 -54.22
N PHE A 404 -62.30 34.66 -53.60
CA PHE A 404 -62.99 35.31 -52.48
C PHE A 404 -62.76 36.81 -52.49
N LYS A 405 -63.55 37.52 -51.70
CA LYS A 405 -63.46 38.97 -51.65
C LYS A 405 -62.83 39.47 -50.35
N THR A 406 -63.45 39.18 -49.21
CA THR A 406 -63.01 39.77 -47.94
C THR A 406 -62.30 38.78 -47.03
N ILE A 407 -61.51 39.33 -46.11
CA ILE A 407 -60.76 38.51 -45.16
C ILE A 407 -61.70 37.79 -44.19
N GLU A 408 -62.80 38.43 -43.79
CA GLU A 408 -63.79 37.78 -42.95
C GLU A 408 -64.40 36.59 -43.68
N GLU A 409 -64.69 36.79 -44.96
CA GLU A 409 -65.26 35.74 -45.79
C GLU A 409 -64.33 34.54 -45.83
N VAL A 410 -63.07 34.77 -46.16
CA VAL A 410 -62.17 33.65 -46.40
C VAL A 410 -61.88 32.86 -45.12
N VAL A 411 -61.89 33.55 -43.98
CA VAL A 411 -61.70 32.87 -42.71
C VAL A 411 -62.80 31.84 -42.49
N GLY A 412 -64.04 32.28 -42.68
CA GLY A 412 -65.19 31.40 -42.49
C GLY A 412 -65.19 30.23 -43.44
N ARG A 413 -64.77 30.47 -44.67
CA ARG A 413 -64.76 29.41 -45.67
C ARG A 413 -63.64 28.43 -45.43
N ALA A 414 -62.45 28.94 -45.15
CA ALA A 414 -61.31 28.10 -44.86
C ALA A 414 -61.61 27.18 -43.67
N ASN A 415 -62.22 27.74 -42.63
CA ASN A 415 -62.55 26.97 -41.43
C ASN A 415 -63.77 26.07 -41.57
N ASN A 416 -64.56 26.28 -42.61
CA ASN A 416 -65.75 25.46 -42.81
C ASN A 416 -65.39 24.11 -43.41
N SER A 417 -64.85 23.25 -42.56
CA SER A 417 -64.35 21.94 -42.95
C SER A 417 -64.16 21.12 -41.69
N THR A 418 -64.27 19.80 -41.83
CA THR A 418 -64.01 18.91 -40.71
C THR A 418 -62.54 18.55 -40.63
N TYR A 419 -61.76 18.99 -41.61
CA TYR A 419 -60.30 18.88 -41.57
C TYR A 419 -59.70 20.14 -40.98
N GLY A 420 -58.42 20.07 -40.60
CA GLY A 420 -57.76 21.18 -39.94
C GLY A 420 -56.30 20.87 -39.67
N LEU A 421 -55.68 20.22 -40.64
CA LEU A 421 -54.28 19.82 -40.51
C LEU A 421 -53.37 21.02 -40.65
N ALA A 422 -53.58 21.80 -41.70
CA ALA A 422 -52.72 22.94 -41.98
C ALA A 422 -53.48 24.03 -42.72
N ALA A 423 -52.80 25.17 -42.88
CA ALA A 423 -53.30 26.29 -43.67
C ALA A 423 -52.13 27.21 -43.95
N ALA A 424 -52.28 28.09 -44.94
CA ALA A 424 -51.25 29.07 -45.23
C ALA A 424 -51.85 30.41 -45.59
N VAL A 425 -51.07 31.46 -45.36
CA VAL A 425 -51.48 32.81 -45.65
C VAL A 425 -50.37 33.56 -46.39
N PHE A 426 -50.71 34.13 -47.54
CA PHE A 426 -49.75 34.95 -48.28
C PHE A 426 -50.18 36.41 -48.30
N THR A 427 -49.36 37.26 -47.67
CA THR A 427 -49.67 38.68 -47.52
C THR A 427 -48.41 39.40 -47.06
N LYS A 428 -48.30 40.67 -47.38
CA LYS A 428 -47.19 41.47 -46.90
C LYS A 428 -47.59 42.22 -45.64
N ASP A 429 -48.87 42.21 -45.34
CA ASP A 429 -49.41 43.03 -44.24
C ASP A 429 -49.28 42.35 -42.88
N LEU A 430 -48.62 43.03 -41.95
CA LEU A 430 -48.47 42.53 -40.58
C LEU A 430 -49.80 42.14 -39.93
N ASP A 431 -50.74 43.07 -39.89
CA ASP A 431 -52.04 42.83 -39.23
C ASP A 431 -52.82 41.67 -39.86
N LYS A 432 -52.86 41.62 -41.19
CA LYS A 432 -53.56 40.53 -41.88
C LYS A 432 -52.94 39.20 -41.50
N ALA A 433 -51.61 39.16 -41.47
CA ALA A 433 -50.91 37.92 -41.15
C ALA A 433 -51.27 37.45 -39.74
N ASN A 434 -51.29 38.38 -38.79
CA ASN A 434 -51.62 38.02 -37.42
C ASN A 434 -53.07 37.64 -37.23
N TYR A 435 -53.97 38.38 -37.87
CA TYR A 435 -55.39 38.08 -37.80
C TYR A 435 -55.65 36.67 -38.32
N LEU A 436 -55.15 36.37 -39.52
CA LEU A 436 -55.39 35.07 -40.13
C LEU A 436 -54.77 33.90 -39.34
N SER A 437 -53.52 34.05 -38.92
CA SER A 437 -52.86 32.96 -38.22
C SER A 437 -53.59 32.61 -36.92
N GLN A 438 -54.11 33.62 -36.23
CA GLN A 438 -54.91 33.38 -35.04
C GLN A 438 -56.23 32.68 -35.36
N ALA A 439 -56.90 33.13 -36.41
CA ALA A 439 -58.28 32.73 -36.70
C ALA A 439 -58.45 31.38 -37.39
N LEU A 440 -57.45 30.95 -38.15
CA LEU A 440 -57.52 29.69 -38.86
C LEU A 440 -57.45 28.52 -37.89
N GLN A 441 -58.36 27.57 -38.04
CA GLN A 441 -58.40 26.40 -37.18
C GLN A 441 -57.56 25.28 -37.76
N ALA A 442 -56.24 25.35 -37.59
CA ALA A 442 -55.37 24.37 -38.19
C ALA A 442 -54.16 24.13 -37.32
N GLY A 443 -53.60 22.92 -37.39
CA GLY A 443 -52.46 22.56 -36.58
C GLY A 443 -51.21 23.38 -36.92
N THR A 444 -51.05 23.72 -38.19
CA THR A 444 -49.93 24.54 -38.63
C THR A 444 -50.42 25.62 -39.58
N VAL A 445 -50.05 26.86 -39.31
CA VAL A 445 -50.35 27.95 -40.21
C VAL A 445 -49.02 28.49 -40.73
N TRP A 446 -48.78 28.30 -42.03
CA TRP A 446 -47.62 28.88 -42.68
C TRP A 446 -47.93 30.29 -43.19
N VAL A 447 -46.99 31.20 -43.01
CA VAL A 447 -47.14 32.57 -43.51
C VAL A 447 -46.06 32.86 -44.55
N ASN A 448 -46.50 33.12 -45.78
CA ASN A 448 -45.61 33.38 -46.92
C ASN A 448 -44.67 32.22 -47.19
N CYS A 449 -45.12 31.03 -46.87
CA CYS A 449 -44.38 29.83 -47.20
C CYS A 449 -45.36 28.66 -47.11
N TYR A 450 -44.92 27.47 -47.46
CA TYR A 450 -45.77 26.30 -47.35
C TYR A 450 -44.89 25.07 -47.15
N ASP A 451 -45.42 24.08 -46.45
CA ASP A 451 -44.70 22.83 -46.24
C ASP A 451 -43.33 23.07 -45.65
N VAL A 452 -43.25 23.99 -44.70
CA VAL A 452 -42.02 24.19 -43.95
C VAL A 452 -42.06 23.36 -42.68
N PHE A 453 -41.28 22.29 -42.65
CA PHE A 453 -41.17 21.39 -41.52
C PHE A 453 -39.83 21.50 -40.87
N GLY A 454 -39.83 21.48 -39.55
CA GLY A 454 -38.61 21.46 -38.79
C GLY A 454 -38.78 20.44 -37.70
N ALA A 455 -37.74 19.64 -37.45
CA ALA A 455 -37.80 18.65 -36.42
C ALA A 455 -38.17 19.29 -35.08
N GLN A 456 -37.95 20.59 -34.97
CA GLN A 456 -38.17 21.23 -33.69
C GLN A 456 -39.58 21.84 -33.51
N SER A 457 -40.35 21.90 -34.59
CA SER A 457 -41.70 22.47 -34.55
C SER A 457 -42.78 21.39 -34.68
N PRO A 458 -43.75 21.38 -33.76
CA PRO A 458 -44.77 20.32 -33.74
C PRO A 458 -45.68 20.36 -34.97
N PHE A 459 -46.27 19.23 -35.30
CA PHE A 459 -47.13 19.11 -36.47
C PHE A 459 -48.27 18.14 -36.12
N GLY A 460 -49.50 18.49 -36.48
CA GLY A 460 -50.65 17.65 -36.23
C GLY A 460 -51.97 18.34 -36.49
N GLY A 461 -53.06 17.59 -36.38
CA GLY A 461 -54.36 18.10 -36.80
C GLY A 461 -55.27 18.68 -35.72
N TYR A 462 -56.05 19.67 -36.14
CA TYR A 462 -57.24 20.07 -35.41
C TYR A 462 -58.35 19.19 -35.94
N LYS A 463 -59.47 19.15 -35.22
CA LYS A 463 -60.67 18.47 -35.68
C LYS A 463 -60.41 17.02 -36.10
N MET A 464 -60.84 16.66 -37.31
CA MET A 464 -60.76 15.27 -37.72
C MET A 464 -59.51 15.00 -38.52
N SER A 465 -58.59 15.97 -38.51
CA SER A 465 -57.29 15.76 -39.15
C SER A 465 -56.36 15.03 -38.18
N GLY A 466 -56.84 14.76 -36.98
CA GLY A 466 -56.08 13.97 -36.03
C GLY A 466 -56.11 14.52 -34.62
N SER A 467 -55.27 13.93 -33.77
CA SER A 467 -55.11 14.40 -32.40
C SER A 467 -53.70 14.06 -31.95
N GLY A 468 -53.13 14.92 -31.15
CA GLY A 468 -51.75 14.80 -30.74
C GLY A 468 -50.83 15.48 -31.74
N ARG A 469 -49.58 15.64 -31.34
CA ARG A 469 -48.59 16.31 -32.19
C ARG A 469 -47.36 15.45 -32.36
N GLU A 470 -46.75 15.57 -33.53
CA GLU A 470 -45.47 14.94 -33.79
C GLU A 470 -44.42 16.02 -34.02
N LEU A 471 -43.15 15.66 -33.86
CA LEU A 471 -42.04 16.60 -33.91
C LEU A 471 -41.96 17.51 -32.68
N GLY A 472 -40.82 18.15 -32.51
CA GLY A 472 -40.58 19.05 -31.39
C GLY A 472 -40.63 18.39 -30.04
N GLU A 473 -40.63 19.19 -28.99
CA GLU A 473 -40.76 18.67 -27.64
C GLU A 473 -42.12 17.99 -27.49
N TYR A 474 -43.15 18.57 -28.09
CA TYR A 474 -44.51 18.02 -28.01
C TYR A 474 -44.58 16.56 -28.44
N GLY A 475 -43.76 16.18 -29.40
CA GLY A 475 -43.76 14.81 -29.89
C GLY A 475 -43.38 13.79 -28.83
N LEU A 476 -42.83 14.25 -27.71
CA LEU A 476 -42.44 13.33 -26.64
C LEU A 476 -43.61 12.98 -25.71
N GLN A 477 -44.61 13.84 -25.67
CA GLN A 477 -45.67 13.74 -24.66
C GLN A 477 -46.42 12.41 -24.72
N ALA A 478 -46.87 12.03 -25.91
CA ALA A 478 -47.62 10.80 -26.10
C ALA A 478 -46.78 9.53 -25.89
N TYR A 479 -45.46 9.69 -25.75
CA TYR A 479 -44.58 8.56 -25.47
C TYR A 479 -44.14 8.51 -24.01
N THR A 480 -44.80 9.30 -23.18
CA THR A 480 -44.44 9.38 -21.78
C THR A 480 -45.65 9.05 -20.91
N GLU A 481 -45.43 8.22 -19.90
CA GLU A 481 -46.43 7.98 -18.85
C GLU A 481 -45.94 8.65 -17.57
N VAL A 482 -46.82 9.44 -16.96
CA VAL A 482 -46.42 10.24 -15.80
C VAL A 482 -46.74 9.55 -14.48
N LYS A 483 -45.72 9.41 -13.63
CA LYS A 483 -45.91 8.86 -12.29
C LYS A 483 -45.61 9.91 -11.25
N THR A 484 -46.53 10.10 -10.33
CA THR A 484 -46.29 10.96 -9.19
C THR A 484 -45.82 10.11 -8.01
N VAL A 485 -44.74 10.56 -7.39
CA VAL A 485 -44.26 9.96 -6.16
C VAL A 485 -44.35 11.01 -5.06
N THR A 486 -45.01 10.66 -3.97
CA THR A 486 -45.25 11.60 -2.89
C THR A 486 -44.87 10.98 -1.56
N VAL A 487 -43.81 11.54 -0.97
CA VAL A 487 -43.15 10.96 0.19
C VAL A 487 -43.40 11.81 1.45
N LYS A 488 -43.82 11.16 2.53
CA LYS A 488 -43.89 11.85 3.83
C LYS A 488 -42.48 12.21 4.31
N VAL A 489 -42.29 13.46 4.70
CA VAL A 489 -41.01 13.89 5.26
C VAL A 489 -41.21 14.44 6.68
N PRO A 490 -40.13 14.47 7.48
CA PRO A 490 -40.24 14.95 8.85
C PRO A 490 -40.78 16.38 8.93
N GLN A 491 -40.28 17.28 8.08
CA GLN A 491 -40.74 18.67 8.11
C GLN A 491 -40.42 19.39 6.81
N LYS A 492 -41.47 19.75 6.07
CA LYS A 492 -41.32 20.43 4.80
C LYS A 492 -40.90 21.88 4.98
N ASN A 493 -39.84 22.27 4.29
CA ASN A 493 -39.39 23.66 4.23
C ASN A 493 -39.22 24.11 2.80
N SER A 494 -39.57 25.36 2.52
CA SER A 494 -39.22 25.97 1.27
C SER A 494 -37.69 25.97 1.11
N ALA B 1 -63.09 22.74 13.92
CA ALA B 1 -63.74 24.04 14.04
C ALA B 1 -64.88 24.16 13.03
N VAL B 2 -65.91 23.34 13.20
CA VAL B 2 -66.94 23.17 12.18
C VAL B 2 -68.31 23.76 12.53
N PRO B 3 -68.83 24.63 11.66
CA PRO B 3 -70.16 25.25 11.88
C PRO B 3 -71.26 24.20 11.90
N ALA B 4 -72.25 24.39 12.76
CA ALA B 4 -73.37 23.46 12.82
C ALA B 4 -74.10 23.46 11.47
N PRO B 5 -74.42 22.27 10.98
CA PRO B 5 -75.10 22.12 9.69
C PRO B 5 -76.61 22.25 9.77
N ASN B 6 -77.21 22.77 8.71
CA ASN B 6 -78.63 22.61 8.45
C ASN B 6 -78.82 21.20 7.92
N GLN B 7 -79.46 20.34 8.71
CA GLN B 7 -79.57 18.93 8.34
C GLN B 7 -80.64 18.67 7.27
N GLN B 8 -81.34 19.72 6.88
CA GLN B 8 -82.28 19.65 5.77
C GLN B 8 -82.20 20.92 4.94
N PRO B 9 -81.06 21.09 4.26
CA PRO B 9 -80.84 22.29 3.44
C PRO B 9 -81.89 22.40 2.34
N GLU B 10 -82.35 23.62 2.08
CA GLU B 10 -83.30 23.82 1.00
C GLU B 10 -82.60 23.64 -0.35
N VAL B 11 -83.32 23.11 -1.33
CA VAL B 11 -82.79 22.96 -2.68
C VAL B 11 -83.27 24.10 -3.57
N PHE B 12 -82.32 24.79 -4.20
CA PHE B 12 -82.64 25.95 -5.03
C PHE B 12 -82.49 25.69 -6.52
N CYS B 13 -81.72 24.66 -6.86
CA CYS B 13 -81.41 24.40 -8.26
C CYS B 13 -81.59 22.93 -8.59
N ASN B 14 -82.47 22.64 -9.53
CA ASN B 14 -82.76 21.26 -9.91
C ASN B 14 -83.10 21.15 -11.39
N GLN B 15 -82.65 22.11 -12.17
CA GLN B 15 -82.94 22.11 -13.60
C GLN B 15 -81.67 22.02 -14.43
N ILE B 16 -81.85 22.06 -15.74
CA ILE B 16 -80.75 22.04 -16.68
C ILE B 16 -80.23 23.46 -16.83
N PHE B 17 -78.90 23.59 -16.78
CA PHE B 17 -78.26 24.90 -16.79
C PHE B 17 -77.60 25.20 -18.14
N ILE B 18 -78.22 26.10 -18.91
CA ILE B 18 -77.73 26.49 -20.23
C ILE B 18 -77.81 27.99 -20.43
N ASN B 19 -76.71 28.59 -20.89
CA ASN B 19 -76.63 30.04 -21.06
C ASN B 19 -76.99 30.81 -19.80
N ASN B 20 -76.54 30.30 -18.65
CA ASN B 20 -76.77 30.94 -17.36
C ASN B 20 -78.25 31.07 -17.05
N GLU B 21 -79.05 30.17 -17.60
CA GLU B 21 -80.47 30.12 -17.30
C GLU B 21 -80.89 28.69 -16.96
N TRP B 22 -81.96 28.57 -16.18
CA TRP B 22 -82.46 27.26 -15.81
C TRP B 22 -83.58 26.81 -16.75
N HIS B 23 -83.55 25.54 -17.12
CA HIS B 23 -84.51 25.01 -18.08
C HIS B 23 -85.01 23.64 -17.65
N ASP B 24 -86.25 23.32 -18.01
CA ASP B 24 -86.74 21.96 -17.88
C ASP B 24 -86.21 21.18 -19.06
N ALA B 25 -86.15 19.86 -18.93
CA ALA B 25 -85.86 19.03 -20.08
C ALA B 25 -86.90 19.31 -21.13
N VAL B 26 -86.51 19.18 -22.39
CA VAL B 26 -87.44 19.33 -23.50
C VAL B 26 -88.65 18.42 -23.27
N SER B 27 -88.38 17.22 -22.75
CA SER B 27 -89.39 16.21 -22.51
C SER B 27 -90.19 16.50 -21.25
N ARG B 28 -89.71 17.42 -20.44
CA ARG B 28 -90.36 17.77 -19.17
C ARG B 28 -90.25 16.66 -18.15
N LYS B 29 -89.62 15.55 -18.51
CA LYS B 29 -89.39 14.48 -17.56
C LYS B 29 -88.48 14.94 -16.42
N THR B 30 -88.62 14.28 -15.28
CA THR B 30 -87.78 14.54 -14.13
C THR B 30 -87.45 13.21 -13.49
N PHE B 31 -86.44 13.19 -12.63
CA PHE B 31 -86.08 11.98 -11.90
C PHE B 31 -85.82 12.35 -10.44
N PRO B 32 -86.10 11.42 -9.52
CA PRO B 32 -85.86 11.67 -8.10
C PRO B 32 -84.39 11.48 -7.76
N THR B 33 -83.86 12.30 -6.86
CA THR B 33 -82.59 11.98 -6.25
C THR B 33 -82.82 11.71 -4.76
N VAL B 34 -82.18 10.67 -4.25
CA VAL B 34 -82.49 10.12 -2.94
C VAL B 34 -81.44 10.48 -1.90
N ASN B 35 -81.88 10.63 -0.66
CA ASN B 35 -81.00 10.72 0.49
C ASN B 35 -80.63 9.29 0.91
N PRO B 36 -79.37 8.90 0.72
CA PRO B 36 -78.93 7.52 0.99
C PRO B 36 -78.99 7.16 2.47
N SER B 37 -79.06 8.16 3.33
CA SER B 37 -79.15 7.90 4.76
C SER B 37 -80.55 7.46 5.17
N THR B 38 -81.57 7.90 4.44
CA THR B 38 -82.96 7.59 4.79
C THR B 38 -83.67 6.77 3.73
N GLY B 39 -83.22 6.90 2.50
CA GLY B 39 -83.89 6.23 1.39
C GLY B 39 -85.05 7.06 0.87
N GLU B 40 -85.25 8.22 1.49
CA GLU B 40 -86.32 9.14 1.08
C GLU B 40 -85.89 9.99 -0.10
N VAL B 41 -86.85 10.31 -0.96
CA VAL B 41 -86.63 11.24 -2.06
C VAL B 41 -86.40 12.67 -1.56
N ILE B 42 -85.24 13.23 -1.89
CA ILE B 42 -84.94 14.63 -1.55
C ILE B 42 -85.75 15.56 -2.42
N CYS B 43 -85.63 15.38 -3.72
CA CYS B 43 -86.41 16.16 -4.67
C CYS B 43 -86.30 15.62 -6.09
N GLN B 44 -87.03 16.27 -6.98
CA GLN B 44 -87.11 15.87 -8.37
C GLN B 44 -86.11 16.72 -9.16
N VAL B 45 -85.53 16.15 -10.21
CA VAL B 45 -84.51 16.87 -11.00
C VAL B 45 -84.79 16.71 -12.49
N ALA B 46 -84.59 17.77 -13.25
CA ALA B 46 -84.78 17.69 -14.70
C ALA B 46 -83.97 16.55 -15.32
N GLU B 47 -84.61 15.76 -16.17
CA GLU B 47 -83.94 14.61 -16.77
C GLU B 47 -83.48 14.91 -18.20
N GLY B 48 -82.25 15.39 -18.33
CA GLY B 48 -81.76 15.80 -19.62
C GLY B 48 -81.52 14.60 -20.52
N ASP B 49 -81.71 14.79 -21.81
CA ASP B 49 -81.47 13.75 -22.79
C ASP B 49 -80.77 14.38 -24.00
N LYS B 50 -80.70 13.64 -25.11
CA LYS B 50 -80.00 14.08 -26.30
C LYS B 50 -80.36 15.50 -26.73
N GLU B 51 -81.64 15.81 -26.80
CA GLU B 51 -82.08 17.12 -27.24
C GLU B 51 -81.59 18.24 -26.34
N ASP B 52 -81.48 17.96 -25.04
CA ASP B 52 -81.02 18.96 -24.10
C ASP B 52 -79.51 19.13 -24.24
N VAL B 53 -78.81 18.01 -24.36
CA VAL B 53 -77.39 18.05 -24.62
C VAL B 53 -77.11 18.86 -25.87
N ASP B 54 -77.90 18.64 -26.92
CA ASP B 54 -77.75 19.36 -28.16
C ASP B 54 -77.86 20.88 -28.00
N LYS B 55 -78.82 21.33 -27.20
CA LYS B 55 -78.94 22.76 -26.89
C LYS B 55 -77.71 23.25 -26.14
N ALA B 56 -77.22 22.45 -25.19
CA ALA B 56 -76.10 22.84 -24.37
C ALA B 56 -74.85 22.99 -25.25
N VAL B 57 -74.66 22.04 -26.15
CA VAL B 57 -73.51 22.06 -27.02
C VAL B 57 -73.54 23.32 -27.91
N LYS B 58 -74.72 23.66 -28.41
CA LYS B 58 -74.84 24.82 -29.28
C LYS B 58 -74.54 26.11 -28.51
N ALA B 59 -75.02 26.18 -27.27
CA ALA B 59 -74.72 27.33 -26.42
C ALA B 59 -73.23 27.47 -26.18
N ALA B 60 -72.58 26.35 -25.88
CA ALA B 60 -71.14 26.33 -25.71
C ALA B 60 -70.39 26.75 -26.99
N ARG B 61 -70.74 26.15 -28.12
CA ARG B 61 -70.13 26.50 -29.40
C ARG B 61 -70.22 28.00 -29.64
N ALA B 62 -71.40 28.57 -29.39
CA ALA B 62 -71.62 30.00 -29.58
C ALA B 62 -70.72 30.82 -28.65
N ALA B 63 -70.66 30.44 -27.38
CA ALA B 63 -69.80 31.12 -26.42
C ALA B 63 -68.32 31.01 -26.80
N PHE B 64 -67.97 30.02 -27.61
CA PHE B 64 -66.58 29.79 -28.00
C PHE B 64 -66.22 30.44 -29.34
N GLN B 65 -67.15 31.16 -29.93
CA GLN B 65 -66.90 31.81 -31.22
C GLN B 65 -65.83 32.88 -31.14
N LEU B 66 -64.95 32.87 -32.13
CA LEU B 66 -63.93 33.90 -32.25
C LEU B 66 -64.59 35.26 -32.08
N GLY B 67 -63.99 36.11 -31.24
CA GLY B 67 -64.53 37.43 -31.01
C GLY B 67 -65.55 37.52 -29.88
N SER B 68 -65.93 36.38 -29.32
CA SER B 68 -66.89 36.37 -28.22
C SER B 68 -66.23 36.92 -26.96
N PRO B 69 -67.05 37.33 -25.99
CA PRO B 69 -66.52 37.83 -24.71
C PRO B 69 -65.55 36.83 -24.06
N TRP B 70 -65.89 35.54 -24.08
CA TRP B 70 -65.03 34.53 -23.49
C TRP B 70 -63.71 34.36 -24.24
N ARG B 71 -63.74 34.44 -25.57
CA ARG B 71 -62.54 34.29 -26.36
C ARG B 71 -61.61 35.51 -26.26
N ARG B 72 -62.20 36.70 -26.13
CA ARG B 72 -61.42 37.94 -26.14
C ARG B 72 -60.90 38.31 -24.77
N MET B 73 -61.59 37.83 -23.75
CA MET B 73 -61.22 38.08 -22.37
C MET B 73 -59.73 37.81 -22.10
N ASP B 74 -59.07 38.70 -21.36
CA ASP B 74 -57.69 38.48 -20.96
C ASP B 74 -57.56 37.19 -20.14
N ALA B 75 -56.51 36.42 -20.41
CA ALA B 75 -56.27 35.18 -19.68
C ALA B 75 -56.27 35.42 -18.16
N SER B 76 -55.65 36.52 -17.73
CA SER B 76 -55.58 36.87 -16.33
C SER B 76 -56.96 37.12 -15.74
N HIS B 77 -57.88 37.60 -16.58
CA HIS B 77 -59.25 37.83 -16.12
C HIS B 77 -60.01 36.52 -15.91
N ARG B 78 -59.72 35.52 -16.74
CA ARG B 78 -60.18 34.16 -16.52
C ARG B 78 -59.79 33.73 -15.11
N GLY B 79 -58.57 34.07 -14.72
CA GLY B 79 -58.09 33.77 -13.39
C GLY B 79 -58.90 34.49 -12.31
N ARG B 80 -59.12 35.79 -12.51
CA ARG B 80 -59.94 36.54 -11.56
C ARG B 80 -61.28 35.83 -11.37
N LEU B 81 -61.89 35.41 -12.48
CA LEU B 81 -63.21 34.80 -12.44
C LEU B 81 -63.19 33.49 -11.66
N LEU B 82 -62.17 32.68 -11.87
CA LEU B 82 -62.03 31.45 -11.10
C LEU B 82 -61.89 31.74 -9.59
N ASN B 83 -61.13 32.79 -9.25
CA ASN B 83 -60.98 33.19 -7.85
C ASN B 83 -62.29 33.70 -7.24
N ARG B 84 -63.07 34.40 -8.04
CA ARG B 84 -64.38 34.86 -7.61
C ARG B 84 -65.25 33.66 -7.30
N LEU B 85 -65.28 32.70 -8.23
CA LEU B 85 -66.07 31.49 -8.02
C LEU B 85 -65.66 30.82 -6.73
N ALA B 86 -64.35 30.70 -6.51
CA ALA B 86 -63.86 30.10 -5.28
C ALA B 86 -64.39 30.85 -4.07
N ASP B 87 -64.31 32.18 -4.12
CA ASP B 87 -64.82 33.02 -3.05
C ASP B 87 -66.31 32.78 -2.78
N LEU B 88 -67.11 32.70 -3.83
CA LEU B 88 -68.54 32.44 -3.67
C LEU B 88 -68.80 31.08 -3.05
N ILE B 89 -68.05 30.08 -3.48
CA ILE B 89 -68.15 28.75 -2.91
C ILE B 89 -67.77 28.77 -1.43
N GLU B 90 -66.69 29.48 -1.09
CA GLU B 90 -66.34 29.61 0.31
C GLU B 90 -67.48 30.28 1.11
N ARG B 91 -68.06 31.34 0.55
CA ARG B 91 -69.16 32.05 1.21
C ARG B 91 -70.28 31.09 1.57
N ASP B 92 -70.58 30.16 0.65
CA ASP B 92 -71.68 29.22 0.83
C ASP B 92 -71.20 27.82 1.23
N ARG B 93 -70.06 27.78 1.91
CA ARG B 93 -69.40 26.55 2.28
C ARG B 93 -70.25 25.66 3.19
N THR B 94 -70.80 26.26 4.23
CA THR B 94 -71.61 25.53 5.20
C THR B 94 -72.83 24.89 4.51
N TYR B 95 -73.52 25.68 3.72
CA TYR B 95 -74.64 25.18 2.93
C TYR B 95 -74.24 24.03 2.01
N LEU B 96 -73.19 24.25 1.22
CA LEU B 96 -72.76 23.24 0.23
C LEU B 96 -72.34 21.92 0.87
N ALA B 97 -71.60 22.00 1.97
CA ALA B 97 -71.17 20.81 2.67
C ALA B 97 -72.37 20.00 3.17
N ALA B 98 -73.41 20.70 3.64
CA ALA B 98 -74.59 20.04 4.14
C ALA B 98 -75.35 19.38 2.98
N LEU B 99 -75.48 20.12 1.90
CA LEU B 99 -76.19 19.61 0.74
C LEU B 99 -75.46 18.39 0.18
N GLU B 100 -74.13 18.45 0.22
CA GLU B 100 -73.30 17.36 -0.28
C GLU B 100 -73.58 16.09 0.52
N THR B 101 -73.54 16.24 1.84
CA THR B 101 -73.84 15.14 2.75
C THR B 101 -75.25 14.62 2.52
N LEU B 102 -76.21 15.51 2.34
CA LEU B 102 -77.60 15.12 2.17
C LEU B 102 -77.78 14.22 0.96
N ASP B 103 -77.15 14.57 -0.15
CA ASP B 103 -77.36 13.85 -1.39
C ASP B 103 -76.41 12.66 -1.58
N ASN B 104 -75.20 12.77 -1.03
CA ASN B 104 -74.18 11.75 -1.21
C ASN B 104 -74.08 10.76 -0.04
N GLY B 105 -74.20 11.27 1.19
CA GLY B 105 -74.14 10.43 2.37
C GLY B 105 -72.87 10.53 3.20
N LYS B 106 -71.82 11.15 2.67
CA LYS B 106 -70.57 11.27 3.42
C LYS B 106 -70.76 12.16 4.66
N PRO B 107 -69.98 11.90 5.73
CA PRO B 107 -70.12 12.68 6.96
C PRO B 107 -69.94 14.17 6.70
N TYR B 108 -70.83 14.98 7.27
CA TYR B 108 -70.82 16.42 7.08
C TYR B 108 -69.51 17.07 7.51
N VAL B 109 -68.87 16.51 8.53
CA VAL B 109 -67.61 17.06 8.99
C VAL B 109 -66.56 16.93 7.89
N ILE B 110 -66.59 15.80 7.19
CA ILE B 110 -65.69 15.57 6.06
C ILE B 110 -66.01 16.46 4.87
N SER B 111 -67.29 16.55 4.52
CA SER B 111 -67.73 17.41 3.43
C SER B 111 -67.19 18.82 3.63
N TYR B 112 -67.29 19.28 4.88
CA TYR B 112 -66.93 20.65 5.20
C TYR B 112 -65.44 20.85 5.23
N LEU B 113 -64.72 20.01 5.98
CA LEU B 113 -63.29 20.19 6.19
C LEU B 113 -62.43 19.65 5.05
N VAL B 114 -62.92 18.62 4.36
CA VAL B 114 -62.14 17.98 3.30
C VAL B 114 -62.58 18.35 1.89
N ASP B 115 -63.77 17.92 1.49
CA ASP B 115 -64.28 18.15 0.14
C ASP B 115 -64.29 19.61 -0.26
N LEU B 116 -64.84 20.46 0.61
CA LEU B 116 -64.96 21.86 0.27
C LEU B 116 -63.63 22.58 0.26
N ASP B 117 -62.76 22.23 1.20
CA ASP B 117 -61.43 22.81 1.22
C ASP B 117 -60.71 22.45 -0.07
N MET B 118 -60.79 21.18 -0.45
CA MET B 118 -60.11 20.69 -1.64
C MET B 118 -60.67 21.36 -2.90
N VAL B 119 -61.99 21.57 -2.92
CA VAL B 119 -62.62 22.30 -4.02
C VAL B 119 -62.01 23.69 -4.14
N LEU B 120 -61.92 24.38 -3.00
CA LEU B 120 -61.38 25.73 -2.98
C LEU B 120 -59.93 25.78 -3.44
N LYS B 121 -59.15 24.79 -3.02
CA LYS B 121 -57.73 24.78 -3.36
C LYS B 121 -57.51 24.47 -4.83
N CYS B 122 -58.36 23.62 -5.39
CA CYS B 122 -58.29 23.27 -6.78
C CYS B 122 -58.56 24.47 -7.67
N LEU B 123 -59.68 25.15 -7.41
CA LEU B 123 -60.06 26.33 -8.20
C LEU B 123 -59.05 27.46 -8.05
N ARG B 124 -58.59 27.69 -6.82
CA ARG B 124 -57.62 28.77 -6.63
C ARG B 124 -56.29 28.44 -7.28
N TYR B 125 -55.94 27.16 -7.29
CA TYR B 125 -54.70 26.71 -7.94
C TYR B 125 -54.78 27.01 -9.42
N TYR B 126 -55.85 26.56 -10.06
CA TYR B 126 -56.01 26.72 -11.49
C TYR B 126 -56.20 28.18 -11.91
N ALA B 127 -56.82 28.97 -11.04
CA ALA B 127 -56.93 30.40 -11.30
C ALA B 127 -55.54 30.93 -11.60
N GLY B 128 -54.56 30.50 -10.81
CA GLY B 128 -53.19 30.92 -11.01
C GLY B 128 -52.56 30.52 -12.34
N TRP B 129 -53.02 29.41 -12.95
CA TRP B 129 -52.47 28.95 -14.24
C TRP B 129 -52.94 29.73 -15.46
N ALA B 130 -54.08 30.41 -15.31
CA ALA B 130 -54.82 30.93 -16.47
C ALA B 130 -53.95 31.71 -17.46
N ASP B 131 -53.00 32.49 -16.95
CA ASP B 131 -52.16 33.31 -17.80
C ASP B 131 -50.69 32.89 -17.74
N LYS B 132 -50.44 31.61 -17.45
CA LYS B 132 -49.06 31.15 -17.26
C LYS B 132 -48.67 29.90 -18.08
N TYR B 133 -49.58 29.42 -18.93
CA TYR B 133 -49.30 28.22 -19.72
C TYR B 133 -48.76 28.58 -21.11
N HIS B 134 -47.48 28.94 -21.18
CA HIS B 134 -46.89 29.49 -22.40
C HIS B 134 -46.77 28.49 -23.56
N GLY B 135 -46.86 29.01 -24.77
CA GLY B 135 -46.39 28.27 -25.93
C GLY B 135 -44.89 28.52 -26.08
N LYS B 136 -44.33 28.13 -27.22
CA LYS B 136 -42.90 28.22 -27.39
C LYS B 136 -42.51 29.05 -28.60
N THR B 137 -41.36 29.69 -28.54
CA THR B 137 -40.70 30.19 -29.75
C THR B 137 -39.57 29.20 -30.01
N ILE B 138 -39.42 28.81 -31.26
CA ILE B 138 -38.68 27.60 -31.62
C ILE B 138 -37.61 27.89 -32.68
N PRO B 139 -36.36 27.52 -32.40
CA PRO B 139 -35.22 27.79 -33.28
C PRO B 139 -35.16 26.77 -34.43
N ILE B 140 -36.10 26.88 -35.35
CA ILE B 140 -36.25 25.95 -36.46
C ILE B 140 -35.17 26.21 -37.52
N ASP B 141 -34.82 25.19 -38.29
CA ASP B 141 -33.85 25.34 -39.39
C ASP B 141 -34.36 26.33 -40.40
N GLY B 142 -33.48 27.03 -41.09
CA GLY B 142 -33.88 27.89 -42.19
C GLY B 142 -34.28 29.30 -41.76
N ASP B 143 -34.63 30.12 -42.74
CA ASP B 143 -34.97 31.52 -42.49
C ASP B 143 -36.44 31.65 -42.11
N PHE B 144 -36.78 31.18 -40.92
CA PHE B 144 -38.14 31.26 -40.44
C PHE B 144 -38.20 31.62 -38.98
N PHE B 145 -39.35 32.18 -38.61
CA PHE B 145 -39.69 32.40 -37.22
C PHE B 145 -40.83 31.43 -36.92
N SER B 146 -40.62 30.51 -36.01
CA SER B 146 -41.60 29.49 -35.73
C SER B 146 -41.97 29.55 -34.26
N TYR B 147 -43.26 29.44 -33.97
CA TYR B 147 -43.74 29.42 -32.60
C TYR B 147 -45.05 28.66 -32.47
N THR B 148 -45.44 28.37 -31.26
CA THR B 148 -46.68 27.67 -31.04
C THR B 148 -47.60 28.52 -30.20
N ARG B 149 -48.89 28.42 -30.51
CA ARG B 149 -49.95 28.94 -29.67
C ARG B 149 -50.55 27.78 -28.93
N HIS B 150 -50.79 27.96 -27.64
CA HIS B 150 -51.54 27.00 -26.88
C HIS B 150 -52.98 27.48 -26.84
N GLU B 151 -53.82 26.93 -27.71
CA GLU B 151 -55.20 27.37 -27.81
C GLU B 151 -56.11 26.46 -27.01
N PRO B 152 -57.31 26.93 -26.68
CA PRO B 152 -58.26 26.03 -26.03
C PRO B 152 -58.68 24.94 -27.01
N VAL B 153 -58.80 23.71 -26.52
CA VAL B 153 -59.24 22.61 -27.37
C VAL B 153 -60.67 22.86 -27.87
N GLY B 154 -61.48 23.59 -27.10
CA GLY B 154 -62.80 24.02 -27.53
C GLY B 154 -63.97 23.62 -26.63
N VAL B 155 -64.98 23.01 -27.23
CA VAL B 155 -66.13 22.50 -26.48
C VAL B 155 -65.81 21.19 -25.79
N CYS B 156 -65.83 21.20 -24.46
CA CYS B 156 -65.42 20.04 -23.67
C CYS B 156 -66.60 19.40 -22.93
N GLY B 157 -66.86 18.14 -23.26
CA GLY B 157 -67.84 17.38 -22.54
C GLY B 157 -67.16 16.77 -21.33
N GLN B 158 -67.77 16.95 -20.15
CA GLN B 158 -67.20 16.47 -18.91
C GLN B 158 -68.24 15.67 -18.14
N ILE B 159 -67.91 14.43 -17.84
CA ILE B 159 -68.83 13.50 -17.22
C ILE B 159 -68.22 13.05 -15.90
N ILE B 160 -68.92 13.34 -14.80
CA ILE B 160 -68.39 13.06 -13.47
C ILE B 160 -69.30 12.14 -12.67
N PRO B 161 -68.71 11.37 -11.77
CA PRO B 161 -69.40 10.36 -10.95
C PRO B 161 -69.92 10.98 -9.66
N TRP B 162 -70.36 10.12 -8.74
CA TRP B 162 -71.13 10.54 -7.56
C TRP B 162 -70.34 10.51 -6.26
N ASN B 163 -69.15 9.94 -6.28
CA ASN B 163 -68.43 9.72 -5.03
C ASN B 163 -67.82 10.98 -4.43
N PHE B 164 -67.45 11.94 -5.27
CA PHE B 164 -66.98 13.24 -4.79
C PHE B 164 -67.59 14.31 -5.68
N PRO B 165 -68.90 14.54 -5.53
CA PRO B 165 -69.62 15.39 -6.48
C PRO B 165 -68.98 16.77 -6.67
N LEU B 166 -68.83 17.54 -5.59
CA LEU B 166 -68.28 18.89 -5.72
C LEU B 166 -66.84 18.86 -6.19
N LEU B 167 -66.04 17.98 -5.61
CA LEU B 167 -64.62 17.93 -5.92
C LEU B 167 -64.38 17.59 -7.39
N MET B 168 -65.08 16.59 -7.91
CA MET B 168 -64.92 16.18 -9.30
C MET B 168 -65.30 17.31 -10.24
N GLN B 169 -66.34 18.06 -9.88
CA GLN B 169 -66.72 19.21 -10.69
C GLN B 169 -65.57 20.21 -10.72
N ALA B 170 -64.94 20.43 -9.57
CA ALA B 170 -63.80 21.36 -9.49
C ALA B 170 -62.61 20.90 -10.33
N TRP B 171 -62.25 19.62 -10.18
CA TRP B 171 -61.13 19.04 -10.92
C TRP B 171 -61.31 19.18 -12.43
N LYS B 172 -62.56 19.20 -12.89
CA LYS B 172 -62.88 19.36 -14.29
C LYS B 172 -62.95 20.82 -14.73
N LEU B 173 -63.63 21.64 -13.95
CA LEU B 173 -63.86 23.03 -14.33
C LEU B 173 -62.61 23.88 -14.25
N GLY B 174 -61.77 23.62 -13.26
CA GLY B 174 -60.57 24.41 -13.07
C GLY B 174 -59.65 24.48 -14.27
N PRO B 175 -59.16 23.33 -14.75
CA PRO B 175 -58.22 23.33 -15.87
C PRO B 175 -58.87 23.76 -17.18
N ALA B 176 -60.14 23.38 -17.34
CA ALA B 176 -60.87 23.70 -18.56
C ALA B 176 -61.06 25.20 -18.70
N LEU B 177 -61.49 25.85 -17.62
CA LEU B 177 -61.79 27.28 -17.65
C LEU B 177 -60.52 28.09 -17.63
N ALA B 178 -59.54 27.63 -16.85
CA ALA B 178 -58.26 28.30 -16.79
C ALA B 178 -57.65 28.44 -18.20
N THR B 179 -57.86 27.44 -19.07
CA THR B 179 -57.30 27.49 -20.43
C THR B 179 -58.28 28.04 -21.48
N GLY B 180 -59.43 28.53 -21.04
CA GLY B 180 -60.35 29.24 -21.91
C GLY B 180 -61.28 28.38 -22.75
N ASN B 181 -61.50 27.15 -22.30
CA ASN B 181 -62.45 26.25 -22.97
C ASN B 181 -63.86 26.57 -22.52
N VAL B 182 -64.84 25.89 -23.13
CA VAL B 182 -66.23 25.93 -22.68
C VAL B 182 -66.63 24.50 -22.41
N VAL B 183 -67.58 24.30 -21.50
CA VAL B 183 -67.94 22.94 -21.11
C VAL B 183 -69.44 22.61 -21.11
N VAL B 184 -69.73 21.37 -21.43
CA VAL B 184 -71.02 20.79 -21.23
C VAL B 184 -70.77 19.64 -20.28
N MET B 185 -71.31 19.75 -19.07
CA MET B 185 -71.02 18.82 -18.00
C MET B 185 -72.23 17.95 -17.68
N LYS B 186 -72.00 16.65 -17.54
CA LYS B 186 -73.03 15.71 -17.11
C LYS B 186 -72.68 15.23 -15.71
N VAL B 187 -73.54 15.55 -14.75
CA VAL B 187 -73.31 15.13 -13.37
C VAL B 187 -74.08 13.85 -13.08
N ALA B 188 -73.73 13.18 -11.99
CA ALA B 188 -74.30 11.88 -11.65
C ALA B 188 -75.73 11.98 -11.10
N GLU B 189 -76.58 11.07 -11.53
CA GLU B 189 -77.98 11.10 -11.16
C GLU B 189 -78.16 10.92 -9.66
N GLN B 190 -77.23 10.20 -9.04
CA GLN B 190 -77.24 10.04 -7.59
C GLN B 190 -76.94 11.34 -6.85
N THR B 191 -76.20 12.25 -7.46
CA THR B 191 -75.67 13.43 -6.78
C THR B 191 -75.62 14.68 -7.66
N PRO B 192 -76.78 15.14 -8.13
CA PRO B 192 -76.77 16.26 -9.07
C PRO B 192 -76.77 17.61 -8.36
N LEU B 193 -77.28 17.65 -7.12
CA LEU B 193 -77.69 18.91 -6.50
C LEU B 193 -76.56 19.94 -6.31
N THR B 194 -75.49 19.56 -5.61
CA THR B 194 -74.44 20.51 -5.33
C THR B 194 -73.81 21.13 -6.60
N ALA B 195 -73.66 20.32 -7.65
CA ALA B 195 -73.09 20.83 -8.90
C ALA B 195 -74.01 21.87 -9.53
N LEU B 196 -75.31 21.63 -9.44
CA LEU B 196 -76.30 22.57 -9.97
C LEU B 196 -76.27 23.88 -9.21
N TYR B 197 -76.11 23.81 -7.89
CA TYR B 197 -76.02 25.04 -7.12
C TYR B 197 -74.78 25.84 -7.51
N VAL B 198 -73.67 25.14 -7.74
CA VAL B 198 -72.43 25.80 -8.11
C VAL B 198 -72.60 26.54 -9.46
N ALA B 199 -73.46 26.01 -10.32
CA ALA B 199 -73.77 26.67 -11.60
C ALA B 199 -74.35 28.05 -11.34
N ASN B 200 -75.18 28.14 -10.31
CA ASN B 200 -75.71 29.42 -9.87
C ASN B 200 -74.57 30.37 -9.50
N LEU B 201 -73.55 29.84 -8.81
CA LEU B 201 -72.42 30.65 -8.40
C LEU B 201 -71.55 31.04 -9.59
N ILE B 202 -71.45 30.15 -10.57
CA ILE B 202 -70.74 30.41 -11.83
C ILE B 202 -71.35 31.63 -12.52
N LYS B 203 -72.68 31.65 -12.57
CA LYS B 203 -73.40 32.80 -13.11
C LYS B 203 -73.08 34.03 -12.27
N GLU B 204 -73.19 33.89 -10.96
CA GLU B 204 -73.00 35.02 -10.04
C GLU B 204 -71.58 35.59 -10.16
N ALA B 205 -70.63 34.72 -10.47
CA ALA B 205 -69.25 35.12 -10.50
C ALA B 205 -68.97 35.99 -11.72
N GLY B 206 -69.78 35.84 -12.76
CA GLY B 206 -69.63 36.65 -13.95
C GLY B 206 -69.17 35.93 -15.21
N PHE B 207 -69.15 34.60 -15.19
CA PHE B 207 -68.78 33.87 -16.39
C PHE B 207 -69.82 34.11 -17.49
N PRO B 208 -69.35 34.44 -18.70
CA PRO B 208 -70.29 34.63 -19.80
C PRO B 208 -71.21 33.43 -20.00
N PRO B 209 -72.44 33.68 -20.46
CA PRO B 209 -73.41 32.61 -20.71
C PRO B 209 -72.89 31.63 -21.74
N GLY B 210 -73.11 30.34 -21.51
CA GLY B 210 -72.65 29.32 -22.45
C GLY B 210 -71.29 28.74 -22.14
N VAL B 211 -70.52 29.44 -21.31
CA VAL B 211 -69.19 28.97 -20.96
C VAL B 211 -69.25 27.67 -20.15
N VAL B 212 -70.13 27.63 -19.14
CA VAL B 212 -70.39 26.39 -18.43
C VAL B 212 -71.87 26.01 -18.55
N ASN B 213 -72.14 24.81 -19.02
CA ASN B 213 -73.48 24.29 -19.12
C ASN B 213 -73.58 22.95 -18.42
N ILE B 214 -74.61 22.78 -17.60
CA ILE B 214 -74.78 21.51 -16.91
C ILE B 214 -76.07 20.80 -17.28
N VAL B 215 -75.96 19.51 -17.60
CA VAL B 215 -77.11 18.68 -17.95
C VAL B 215 -77.22 17.45 -17.06
N PRO B 216 -78.10 17.52 -16.05
CA PRO B 216 -78.39 16.36 -15.20
C PRO B 216 -79.15 15.33 -16.03
N GLY B 217 -79.04 14.06 -15.65
CA GLY B 217 -79.75 13.02 -16.37
C GLY B 217 -79.04 11.69 -16.21
N PHE B 218 -79.41 10.73 -17.04
CA PHE B 218 -78.85 9.39 -16.95
C PHE B 218 -77.70 9.18 -17.94
N GLY B 219 -76.88 8.17 -17.69
CA GLY B 219 -75.67 7.93 -18.45
C GLY B 219 -75.90 7.52 -19.89
N PRO B 220 -76.71 6.47 -20.09
CA PRO B 220 -76.93 5.94 -21.44
C PRO B 220 -77.67 6.94 -22.33
N THR B 221 -78.18 8.01 -21.74
CA THR B 221 -78.86 9.04 -22.51
C THR B 221 -78.00 10.29 -22.65
N ALA B 222 -77.98 11.13 -21.61
CA ALA B 222 -77.23 12.38 -21.62
C ALA B 222 -75.72 12.16 -21.83
N GLY B 223 -75.16 11.22 -21.06
CA GLY B 223 -73.75 10.91 -21.15
C GLY B 223 -73.35 10.46 -22.53
N ALA B 224 -74.11 9.50 -23.06
CA ALA B 224 -73.81 8.96 -24.38
C ALA B 224 -73.95 10.04 -25.47
N ALA B 225 -74.88 10.96 -25.26
CA ALA B 225 -75.10 12.05 -26.22
C ALA B 225 -73.86 12.97 -26.28
N ILE B 226 -73.27 13.22 -25.11
CA ILE B 226 -72.05 14.01 -25.05
C ILE B 226 -70.90 13.28 -25.72
N ALA B 227 -70.72 12.01 -25.40
CA ALA B 227 -69.61 11.23 -25.93
C ALA B 227 -69.66 11.08 -27.46
N SER B 228 -70.87 11.10 -28.00
CA SER B 228 -71.05 10.82 -29.41
C SER B 228 -71.30 12.08 -30.21
N HIS B 229 -71.37 13.22 -29.54
CA HIS B 229 -71.74 14.48 -30.22
C HIS B 229 -70.73 14.92 -31.27
N GLU B 230 -71.25 15.38 -32.40
CA GLU B 230 -70.42 15.71 -33.55
C GLU B 230 -69.72 17.06 -33.41
N ASP B 231 -70.15 17.85 -32.43
CA ASP B 231 -69.54 19.16 -32.24
C ASP B 231 -68.89 19.33 -30.88
N VAL B 232 -68.69 18.22 -30.18
CA VAL B 232 -67.89 18.22 -28.96
C VAL B 232 -66.44 17.89 -29.31
N ASP B 233 -65.52 18.74 -28.90
CA ASP B 233 -64.11 18.63 -29.29
C ASP B 233 -63.31 17.68 -28.42
N LYS B 234 -63.73 17.55 -27.17
CA LYS B 234 -62.97 16.82 -26.18
C LYS B 234 -63.90 16.33 -25.09
N VAL B 235 -63.66 15.12 -24.62
CA VAL B 235 -64.45 14.56 -23.54
C VAL B 235 -63.55 14.03 -22.44
N ALA B 236 -63.91 14.35 -21.20
CA ALA B 236 -63.23 13.83 -20.03
C ALA B 236 -64.25 13.09 -19.19
N PHE B 237 -63.91 11.86 -18.83
CA PHE B 237 -64.84 11.01 -18.11
C PHE B 237 -64.18 10.40 -16.90
N THR B 238 -64.85 10.49 -15.77
CA THR B 238 -64.42 9.79 -14.58
C THR B 238 -65.53 8.83 -14.20
N GLY B 239 -65.15 7.57 -13.99
CA GLY B 239 -66.12 6.53 -13.72
C GLY B 239 -65.50 5.14 -13.83
N SER B 240 -66.34 4.16 -14.13
CA SER B 240 -65.90 2.76 -14.17
C SER B 240 -65.11 2.48 -15.45
N THR B 241 -64.17 1.56 -15.34
CA THR B 241 -63.38 1.12 -16.49
C THR B 241 -64.30 0.66 -17.62
N GLU B 242 -65.34 -0.08 -17.25
CA GLU B 242 -66.33 -0.56 -18.23
C GLU B 242 -66.93 0.58 -19.08
N ILE B 243 -67.39 1.64 -18.42
CA ILE B 243 -67.97 2.76 -19.15
C ILE B 243 -66.91 3.57 -19.89
N GLY B 244 -65.70 3.61 -19.32
CA GLY B 244 -64.59 4.26 -19.99
C GLY B 244 -64.42 3.78 -21.42
N ARG B 245 -64.53 2.47 -21.60
CA ARG B 245 -64.41 1.87 -22.92
C ARG B 245 -65.51 2.33 -23.86
N VAL B 246 -66.74 2.42 -23.34
CA VAL B 246 -67.85 2.95 -24.12
C VAL B 246 -67.52 4.35 -24.60
N ILE B 247 -66.96 5.17 -23.70
CA ILE B 247 -66.63 6.54 -24.02
C ILE B 247 -65.63 6.63 -25.16
N GLN B 248 -64.53 5.88 -25.06
CA GLN B 248 -63.50 5.94 -26.09
C GLN B 248 -64.01 5.39 -27.41
N VAL B 249 -64.86 4.37 -27.36
CA VAL B 249 -65.44 3.82 -28.57
C VAL B 249 -66.35 4.85 -29.23
N ALA B 250 -67.13 5.55 -28.41
CA ALA B 250 -68.02 6.60 -28.91
C ALA B 250 -67.24 7.72 -29.60
N ALA B 251 -66.10 8.08 -29.02
CA ALA B 251 -65.26 9.13 -29.58
C ALA B 251 -64.71 8.73 -30.94
N GLY B 252 -64.26 7.48 -31.05
CA GLY B 252 -63.78 6.94 -32.30
C GLY B 252 -64.89 6.79 -33.35
N SER B 253 -66.10 6.48 -32.89
CA SER B 253 -67.23 6.27 -33.80
C SER B 253 -67.83 7.57 -34.29
N SER B 254 -67.59 8.64 -33.55
CA SER B 254 -68.17 9.94 -33.91
C SER B 254 -67.16 10.83 -34.62
N ASN B 255 -66.63 11.83 -33.92
CA ASN B 255 -65.79 12.83 -34.57
C ASN B 255 -64.33 12.84 -34.17
N LEU B 256 -63.83 11.74 -33.61
CA LEU B 256 -62.44 11.67 -33.15
C LEU B 256 -62.12 12.74 -32.10
N LYS B 257 -63.10 13.13 -31.30
CA LYS B 257 -62.87 14.05 -30.21
C LYS B 257 -61.77 13.50 -29.30
N ARG B 258 -61.00 14.39 -28.69
CA ARG B 258 -59.95 13.95 -27.77
C ARG B 258 -60.56 13.44 -26.46
N VAL B 259 -59.90 12.44 -25.88
CA VAL B 259 -60.41 11.70 -24.73
C VAL B 259 -59.39 11.62 -23.59
N THR B 260 -59.85 11.87 -22.36
CA THR B 260 -59.11 11.49 -21.15
C THR B 260 -60.02 10.75 -20.21
N LEU B 261 -59.46 9.80 -19.48
CA LEU B 261 -60.25 8.92 -18.63
C LEU B 261 -59.62 8.78 -17.25
N GLU B 262 -60.46 8.92 -16.23
CA GLU B 262 -60.07 8.59 -14.86
C GLU B 262 -60.98 7.46 -14.44
N LEU B 263 -60.41 6.26 -14.32
CA LEU B 263 -61.20 5.06 -14.08
C LEU B 263 -60.95 4.45 -12.70
N GLY B 264 -61.31 3.18 -12.54
CA GLY B 264 -61.20 2.54 -11.24
C GLY B 264 -59.81 2.01 -10.95
N GLY B 265 -59.68 1.30 -9.83
CA GLY B 265 -58.42 0.69 -9.46
C GLY B 265 -58.62 -0.45 -8.48
N LYS B 266 -57.51 -1.07 -8.11
CA LYS B 266 -57.44 -2.05 -7.04
C LYS B 266 -56.07 -1.84 -6.41
N SER B 267 -55.86 -0.64 -5.89
CA SER B 267 -54.56 -0.17 -5.48
C SER B 267 -53.96 -0.93 -4.33
N PRO B 268 -52.69 -1.34 -4.48
CA PRO B 268 -51.93 -2.08 -3.47
C PRO B 268 -51.32 -1.14 -2.45
N ASN B 269 -51.51 -1.46 -1.18
CA ASN B 269 -50.90 -0.74 -0.07
C ASN B 269 -49.91 -1.67 0.66
N ILE B 270 -48.61 -1.43 0.47
CA ILE B 270 -47.59 -2.39 0.87
C ILE B 270 -46.89 -2.00 2.19
N ILE B 271 -47.11 -2.79 3.23
CA ILE B 271 -46.51 -2.57 4.54
C ILE B 271 -45.29 -3.48 4.77
N MET B 272 -44.08 -2.90 4.69
CA MET B 272 -42.85 -3.66 4.98
C MET B 272 -42.68 -3.89 6.49
N SER B 273 -41.84 -4.86 6.85
CA SER B 273 -41.67 -5.24 8.25
C SER B 273 -41.10 -4.14 9.13
N ASP B 274 -40.42 -3.18 8.51
CA ASP B 274 -39.79 -2.09 9.25
C ASP B 274 -40.66 -0.82 9.30
N ALA B 275 -41.91 -0.92 8.86
CA ALA B 275 -42.83 0.21 8.91
C ALA B 275 -43.16 0.59 10.35
N ASP B 276 -43.58 1.83 10.55
CA ASP B 276 -44.10 2.21 11.85
C ASP B 276 -45.48 1.59 12.01
N MET B 277 -45.58 0.58 12.88
CA MET B 277 -46.81 -0.19 13.02
C MET B 277 -48.09 0.65 13.23
N ASP B 278 -48.07 1.57 14.20
CA ASP B 278 -49.29 2.33 14.52
C ASP B 278 -49.72 3.21 13.37
N TRP B 279 -48.73 3.87 12.76
CA TRP B 279 -48.98 4.75 11.62
C TRP B 279 -49.55 3.96 10.45
N ALA B 280 -48.90 2.84 10.14
CA ALA B 280 -49.31 2.01 9.00
C ALA B 280 -50.72 1.48 9.17
N VAL B 281 -51.05 1.10 10.41
CA VAL B 281 -52.37 0.57 10.69
C VAL B 281 -53.46 1.62 10.51
N GLU B 282 -53.21 2.82 11.03
CA GLU B 282 -54.20 3.87 10.91
C GLU B 282 -54.34 4.32 9.46
N GLN B 283 -53.21 4.48 8.76
CA GLN B 283 -53.22 4.87 7.35
C GLN B 283 -53.87 3.81 6.47
N ALA B 284 -53.64 2.53 6.77
CA ALA B 284 -54.23 1.47 5.97
C ALA B 284 -55.74 1.50 6.13
N HIS B 285 -56.17 1.80 7.34
CA HIS B 285 -57.59 1.87 7.66
C HIS B 285 -58.21 2.99 6.84
N PHE B 286 -57.60 4.16 6.96
CA PHE B 286 -58.00 5.35 6.19
C PHE B 286 -57.96 5.06 4.69
N ALA B 287 -56.88 4.42 4.24
CA ALA B 287 -56.68 4.16 2.81
C ALA B 287 -57.83 3.38 2.20
N LEU B 288 -58.42 2.50 2.98
CA LEU B 288 -59.52 1.70 2.48
C LEU B 288 -60.88 2.28 2.81
N PHE B 289 -61.07 2.67 4.07
CA PHE B 289 -62.42 3.00 4.54
C PHE B 289 -62.90 4.40 4.19
N PHE B 290 -61.99 5.29 3.79
CA PHE B 290 -62.38 6.68 3.54
C PHE B 290 -63.54 6.80 2.55
N ASN B 291 -64.46 7.71 2.85
CA ASN B 291 -65.60 7.97 1.99
C ASN B 291 -66.41 6.72 1.72
N GLN B 292 -66.64 5.95 2.78
CA GLN B 292 -67.42 4.71 2.72
C GLN B 292 -66.78 3.71 1.77
N GLY B 293 -65.46 3.80 1.60
CA GLY B 293 -64.73 2.93 0.69
C GLY B 293 -64.96 3.32 -0.76
N GLN B 294 -65.60 4.45 -0.99
CA GLN B 294 -65.96 4.86 -2.35
C GLN B 294 -64.92 5.79 -3.00
N CYS B 295 -63.68 5.31 -3.07
CA CYS B 295 -62.58 6.01 -3.76
C CYS B 295 -61.99 5.10 -4.81
N CYS B 296 -61.73 5.65 -5.98
CA CYS B 296 -61.17 4.91 -7.10
C CYS B 296 -59.78 4.41 -6.73
N CYS B 297 -59.10 5.12 -5.84
CA CYS B 297 -57.74 4.78 -5.47
C CYS B 297 -57.65 4.16 -4.08
N ALA B 298 -58.78 3.67 -3.58
CA ALA B 298 -58.81 2.98 -2.29
C ALA B 298 -57.72 1.90 -2.18
N GLY B 299 -57.07 1.83 -1.04
CA GLY B 299 -56.07 0.79 -0.81
C GLY B 299 -56.72 -0.55 -0.53
N SER B 300 -57.22 -1.19 -1.57
CA SER B 300 -58.09 -2.37 -1.45
C SER B 300 -57.32 -3.69 -1.47
N ARG B 301 -56.00 -3.60 -1.59
CA ARG B 301 -55.14 -4.76 -1.44
C ARG B 301 -54.04 -4.40 -0.48
N THR B 302 -54.25 -4.73 0.80
CA THR B 302 -53.27 -4.41 1.83
C THR B 302 -52.26 -5.55 1.98
N PHE B 303 -51.08 -5.38 1.37
CA PHE B 303 -50.01 -6.39 1.47
C PHE B 303 -49.20 -6.16 2.74
N VAL B 304 -49.13 -7.16 3.60
CA VAL B 304 -48.38 -7.06 4.85
C VAL B 304 -47.30 -8.13 4.96
N GLN B 305 -46.07 -7.72 5.24
CA GLN B 305 -44.95 -8.65 5.34
C GLN B 305 -45.22 -9.64 6.48
N GLU B 306 -44.89 -10.91 6.25
CA GLU B 306 -45.28 -11.97 7.17
C GLU B 306 -44.90 -11.75 8.64
N ASP B 307 -43.71 -11.21 8.87
CA ASP B 307 -43.22 -11.01 10.23
C ASP B 307 -44.11 -10.11 11.10
N ILE B 308 -44.94 -9.26 10.48
CA ILE B 308 -45.78 -8.35 11.26
C ILE B 308 -47.26 -8.59 10.99
N TYR B 309 -47.54 -9.55 10.11
CA TYR B 309 -48.89 -9.82 9.66
C TYR B 309 -49.90 -9.98 10.81
N ASP B 310 -49.61 -10.88 11.73
CA ASP B 310 -50.55 -11.20 12.80
C ASP B 310 -50.93 -9.97 13.62
N GLU B 311 -49.92 -9.20 14.03
CA GLU B 311 -50.16 -8.00 14.83
C GLU B 311 -50.92 -6.97 14.02
N PHE B 312 -50.49 -6.74 12.78
CA PHE B 312 -51.13 -5.77 11.92
C PHE B 312 -52.61 -6.11 11.74
N VAL B 313 -52.90 -7.38 11.47
CA VAL B 313 -54.28 -7.82 11.31
C VAL B 313 -55.10 -7.57 12.57
N GLU B 314 -54.55 -7.96 13.73
CA GLU B 314 -55.22 -7.74 15.00
C GLU B 314 -55.62 -6.27 15.16
N ARG B 315 -54.64 -5.39 14.98
CA ARG B 315 -54.87 -3.96 15.19
C ARG B 315 -55.87 -3.42 14.18
N SER B 316 -55.78 -3.93 12.97
CA SER B 316 -56.68 -3.51 11.90
C SER B 316 -58.13 -3.88 12.22
N VAL B 317 -58.33 -5.13 12.63
CA VAL B 317 -59.65 -5.60 12.99
C VAL B 317 -60.24 -4.77 14.14
N ALA B 318 -59.41 -4.44 15.11
CA ALA B 318 -59.88 -3.63 16.24
C ALA B 318 -60.29 -2.25 15.76
N ARG B 319 -59.46 -1.63 14.92
CA ARG B 319 -59.74 -0.31 14.41
C ARG B 319 -61.05 -0.33 13.60
N ALA B 320 -61.24 -1.36 12.78
CA ALA B 320 -62.44 -1.48 11.98
C ALA B 320 -63.66 -1.67 12.86
N LYS B 321 -63.53 -2.47 13.92
CA LYS B 321 -64.63 -2.72 14.83
C LYS B 321 -65.07 -1.45 15.56
N SER B 322 -64.12 -0.57 15.83
CA SER B 322 -64.40 0.67 16.55
C SER B 322 -64.90 1.81 15.66
N ARG B 323 -64.86 1.60 14.35
CA ARG B 323 -65.29 2.64 13.41
C ARG B 323 -66.79 2.95 13.53
N VAL B 324 -67.12 4.22 13.72
CA VAL B 324 -68.49 4.64 13.99
C VAL B 324 -69.34 4.87 12.74
N VAL B 325 -70.30 3.97 12.52
CA VAL B 325 -71.22 4.08 11.40
C VAL B 325 -72.54 4.72 11.85
N GLY B 326 -73.07 5.65 11.07
CA GLY B 326 -74.32 6.27 11.43
C GLY B 326 -74.70 7.53 10.66
N ASN B 327 -75.57 8.34 11.26
CA ASN B 327 -76.06 9.56 10.64
C ASN B 327 -74.91 10.51 10.30
N PRO B 328 -74.72 10.79 9.00
CA PRO B 328 -73.61 11.62 8.50
C PRO B 328 -73.61 13.03 9.10
N PHE B 329 -74.75 13.50 9.58
CA PHE B 329 -74.80 14.81 10.21
C PHE B 329 -74.36 14.82 11.67
N ASP B 330 -74.23 13.63 12.27
CA ASP B 330 -73.73 13.52 13.64
C ASP B 330 -72.20 13.62 13.63
N SER B 331 -71.66 14.51 14.45
CA SER B 331 -70.24 14.79 14.48
C SER B 331 -69.39 13.58 14.87
N LYS B 332 -70.02 12.58 15.50
CA LYS B 332 -69.31 11.37 15.90
C LYS B 332 -69.22 10.32 14.80
N THR B 333 -70.00 10.50 13.75
CA THR B 333 -70.05 9.53 12.65
C THR B 333 -68.79 9.54 11.77
N GLU B 334 -68.13 8.39 11.63
CA GLU B 334 -66.96 8.25 10.78
C GLU B 334 -67.37 7.77 9.39
N GLN B 335 -68.45 7.01 9.33
CA GLN B 335 -68.88 6.38 8.10
C GLN B 335 -70.39 6.49 7.87
N GLY B 336 -70.76 7.07 6.74
CA GLY B 336 -72.17 7.19 6.39
C GLY B 336 -72.63 5.98 5.61
N PRO B 337 -73.79 6.11 4.93
CA PRO B 337 -74.32 5.03 4.07
C PRO B 337 -73.59 5.01 2.72
N GLN B 338 -73.70 3.90 2.01
CA GLN B 338 -73.28 3.84 0.61
C GLN B 338 -74.22 4.72 -0.19
N VAL B 339 -73.82 5.07 -1.42
CA VAL B 339 -74.51 6.11 -2.20
C VAL B 339 -75.93 5.73 -2.63
N ASP B 340 -76.17 4.46 -2.89
CA ASP B 340 -77.49 4.04 -3.34
C ASP B 340 -77.69 2.55 -3.19
N GLU B 341 -78.87 2.08 -3.57
CA GLU B 341 -79.23 0.68 -3.41
C GLU B 341 -78.41 -0.25 -4.32
N THR B 342 -78.12 0.19 -5.53
CA THR B 342 -77.34 -0.62 -6.45
C THR B 342 -75.98 -0.94 -5.87
N GLN B 343 -75.34 0.08 -5.29
CA GLN B 343 -74.02 -0.07 -4.71
C GLN B 343 -74.11 -0.92 -3.46
N PHE B 344 -75.12 -0.61 -2.65
CA PHE B 344 -75.43 -1.38 -1.45
C PHE B 344 -75.42 -2.88 -1.74
N LYS B 345 -76.19 -3.29 -2.74
CA LYS B 345 -76.30 -4.70 -3.08
C LYS B 345 -75.03 -5.26 -3.69
N LYS B 346 -74.40 -4.51 -4.60
CA LYS B 346 -73.12 -4.92 -5.19
C LYS B 346 -72.12 -5.27 -4.09
N ILE B 347 -72.03 -4.41 -3.08
CA ILE B 347 -71.07 -4.61 -1.99
C ILE B 347 -71.39 -5.85 -1.18
N LEU B 348 -72.65 -6.03 -0.84
CA LEU B 348 -73.07 -7.22 -0.10
C LEU B 348 -72.76 -8.46 -0.92
N GLY B 349 -72.99 -8.37 -2.22
CA GLY B 349 -72.67 -9.44 -3.14
C GLY B 349 -71.20 -9.82 -3.08
N TYR B 350 -70.34 -8.81 -3.03
CA TYR B 350 -68.90 -9.04 -2.99
C TYR B 350 -68.50 -9.68 -1.68
N ILE B 351 -69.05 -9.16 -0.59
CA ILE B 351 -68.80 -9.74 0.73
C ILE B 351 -69.14 -11.22 0.72
N ASN B 352 -70.27 -11.58 0.12
CA ASN B 352 -70.68 -12.96 0.01
C ASN B 352 -69.68 -13.78 -0.82
N THR B 353 -69.20 -13.20 -1.92
CA THR B 353 -68.20 -13.84 -2.76
C THR B 353 -66.93 -14.13 -1.95
N GLY B 354 -66.60 -13.20 -1.06
CA GLY B 354 -65.40 -13.32 -0.24
C GLY B 354 -65.52 -14.50 0.70
N LYS B 355 -66.68 -14.60 1.37
CA LYS B 355 -66.96 -15.71 2.24
C LYS B 355 -66.87 -17.01 1.43
N GLN B 356 -67.58 -17.04 0.30
CA GLN B 356 -67.67 -18.21 -0.55
C GLN B 356 -66.31 -18.72 -1.00
N GLU B 357 -65.37 -17.80 -1.27
CA GLU B 357 -64.09 -18.16 -1.87
C GLU B 357 -63.03 -18.53 -0.83
N GLY B 358 -63.37 -18.44 0.44
CA GLY B 358 -62.48 -18.91 1.48
C GLY B 358 -61.60 -17.87 2.13
N ALA B 359 -61.93 -16.60 1.96
CA ALA B 359 -61.23 -15.56 2.69
C ALA B 359 -61.73 -15.59 4.12
N LYS B 360 -60.87 -15.24 5.08
CA LYS B 360 -61.29 -15.20 6.48
C LYS B 360 -62.01 -13.91 6.85
N LEU B 361 -63.32 -14.01 7.07
CA LEU B 361 -64.08 -12.87 7.55
C LEU B 361 -63.71 -12.61 9.00
N LEU B 362 -63.08 -11.48 9.25
CA LEU B 362 -62.56 -11.18 10.58
C LEU B 362 -63.46 -10.24 11.37
N CYS B 363 -64.31 -9.50 10.66
CA CYS B 363 -65.31 -8.64 11.29
C CYS B 363 -66.26 -8.03 10.26
N GLY B 364 -67.38 -7.49 10.75
CA GLY B 364 -68.41 -6.93 9.88
C GLY B 364 -69.01 -8.01 9.00
N GLY B 365 -69.29 -7.67 7.76
CA GLY B 365 -69.76 -8.64 6.80
C GLY B 365 -71.24 -8.54 6.51
N GLY B 366 -71.91 -7.55 7.11
CA GLY B 366 -73.34 -7.40 6.92
C GLY B 366 -73.87 -5.99 6.98
N ILE B 367 -75.19 -5.88 6.82
CA ILE B 367 -75.91 -4.61 6.89
C ILE B 367 -75.80 -4.01 8.29
N ALA B 368 -75.69 -2.69 8.37
CA ALA B 368 -75.35 -2.00 9.62
C ALA B 368 -76.51 -1.23 10.25
N ALA B 369 -77.60 -1.07 9.49
CA ALA B 369 -78.82 -0.46 10.01
C ALA B 369 -79.96 -0.87 9.09
N ASP B 370 -81.20 -0.55 9.48
CA ASP B 370 -82.34 -1.03 8.70
C ASP B 370 -83.05 0.07 7.94
N ARG B 371 -82.50 1.28 7.99
CA ARG B 371 -82.89 2.34 7.07
C ARG B 371 -81.63 2.88 6.41
N GLY B 372 -81.75 3.23 5.12
CA GLY B 372 -80.61 3.73 4.38
C GLY B 372 -79.71 2.61 3.95
N TYR B 373 -78.55 2.94 3.39
CA TYR B 373 -77.67 1.93 2.82
C TYR B 373 -76.36 1.79 3.58
N PHE B 374 -76.47 1.49 4.87
CA PHE B 374 -75.31 1.36 5.75
C PHE B 374 -74.76 -0.06 5.78
N ILE B 375 -73.44 -0.17 5.73
CA ILE B 375 -72.80 -1.47 5.73
C ILE B 375 -71.70 -1.50 6.80
N GLN B 376 -71.63 -2.61 7.52
CA GLN B 376 -70.59 -2.80 8.53
C GLN B 376 -69.20 -2.74 7.91
N PRO B 377 -68.28 -1.99 8.54
CA PRO B 377 -66.87 -2.08 8.17
C PRO B 377 -66.44 -3.56 8.20
N THR B 378 -65.88 -4.03 7.09
CA THR B 378 -65.65 -5.45 6.91
C THR B 378 -64.18 -5.69 6.62
N VAL B 379 -63.60 -6.70 7.27
CA VAL B 379 -62.21 -7.07 7.02
C VAL B 379 -62.05 -8.55 6.67
N PHE B 380 -61.39 -8.81 5.55
CA PHE B 380 -61.03 -10.19 5.18
C PHE B 380 -59.53 -10.37 5.36
N GLY B 381 -59.15 -11.46 6.03
CA GLY B 381 -57.76 -11.84 6.16
C GLY B 381 -57.39 -13.01 5.25
N ASP B 382 -56.09 -13.26 5.10
CA ASP B 382 -55.61 -14.41 4.34
C ASP B 382 -56.16 -14.41 2.92
N VAL B 383 -56.30 -13.21 2.37
CA VAL B 383 -56.81 -13.06 1.02
C VAL B 383 -55.73 -13.53 0.03
N GLN B 384 -56.16 -14.22 -1.02
CA GLN B 384 -55.25 -14.70 -2.06
C GLN B 384 -55.49 -13.96 -3.37
N ASP B 385 -54.44 -13.82 -4.16
CA ASP B 385 -54.47 -13.02 -5.37
C ASP B 385 -55.56 -13.44 -6.32
N GLY B 386 -55.86 -14.74 -6.32
CA GLY B 386 -56.80 -15.27 -7.29
C GLY B 386 -58.24 -15.05 -6.90
N MET B 387 -58.46 -14.63 -5.66
CA MET B 387 -59.82 -14.39 -5.19
C MET B 387 -60.46 -13.20 -5.87
N THR B 388 -61.77 -13.29 -6.07
CA THR B 388 -62.55 -12.22 -6.68
C THR B 388 -62.39 -10.90 -5.94
N ILE B 389 -62.52 -10.91 -4.61
CA ILE B 389 -62.38 -9.69 -3.83
C ILE B 389 -60.95 -9.13 -3.82
N ALA B 390 -60.02 -9.90 -4.37
CA ALA B 390 -58.66 -9.43 -4.51
C ALA B 390 -58.42 -8.82 -5.89
N LYS B 391 -59.34 -9.07 -6.81
CA LYS B 391 -59.16 -8.68 -8.21
C LYS B 391 -60.08 -7.55 -8.63
N GLU B 392 -61.31 -7.56 -8.12
CA GLU B 392 -62.32 -6.61 -8.57
C GLU B 392 -62.56 -5.45 -7.62
N GLU B 393 -62.82 -4.28 -8.18
CA GLU B 393 -63.10 -3.09 -7.37
C GLU B 393 -64.44 -3.23 -6.64
N ILE B 394 -64.39 -3.24 -5.31
CA ILE B 394 -65.60 -3.44 -4.51
C ILE B 394 -66.30 -2.10 -4.26
N PHE B 395 -65.52 -1.05 -4.02
CA PHE B 395 -66.06 0.29 -3.81
C PHE B 395 -66.92 0.42 -2.55
N GLY B 396 -66.57 -0.35 -1.53
CA GLY B 396 -67.30 -0.33 -0.27
C GLY B 396 -66.35 -0.52 0.89
N PRO B 397 -66.90 -0.58 2.11
CA PRO B 397 -66.09 -0.70 3.33
C PRO B 397 -65.62 -2.14 3.52
N VAL B 398 -64.82 -2.65 2.60
CA VAL B 398 -64.42 -4.05 2.64
C VAL B 398 -62.93 -4.12 2.39
N MET B 399 -62.17 -4.44 3.44
CA MET B 399 -60.71 -4.45 3.38
C MET B 399 -60.15 -5.85 3.10
N GLN B 400 -59.18 -5.93 2.20
CA GLN B 400 -58.48 -7.19 1.92
C GLN B 400 -57.05 -7.12 2.45
N ILE B 401 -56.70 -8.08 3.32
CA ILE B 401 -55.34 -8.16 3.83
C ILE B 401 -54.60 -9.39 3.32
N LEU B 402 -53.47 -9.18 2.65
CA LEU B 402 -52.71 -10.27 2.06
C LEU B 402 -51.34 -10.31 2.71
N LYS B 403 -50.73 -11.49 2.70
CA LYS B 403 -49.45 -11.69 3.36
C LYS B 403 -48.39 -11.97 2.32
N PHE B 404 -47.20 -11.44 2.53
CA PHE B 404 -46.10 -11.69 1.60
C PHE B 404 -44.79 -11.81 2.36
N LYS B 405 -43.76 -12.30 1.67
CA LYS B 405 -42.46 -12.49 2.29
C LYS B 405 -41.42 -11.51 1.78
N THR B 406 -41.15 -11.54 0.48
CA THR B 406 -40.06 -10.74 -0.08
C THR B 406 -40.51 -9.52 -0.86
N ILE B 407 -39.59 -8.56 -1.02
CA ILE B 407 -39.88 -7.35 -1.74
C ILE B 407 -40.05 -7.65 -3.23
N GLU B 408 -39.30 -8.60 -3.76
CA GLU B 408 -39.42 -8.97 -5.16
C GLU B 408 -40.81 -9.57 -5.37
N GLU B 409 -41.23 -10.39 -4.42
CA GLU B 409 -42.53 -11.02 -4.49
C GLU B 409 -43.67 -9.98 -4.53
N VAL B 410 -43.63 -9.03 -3.62
CA VAL B 410 -44.74 -8.11 -3.48
C VAL B 410 -44.84 -7.17 -4.68
N VAL B 411 -43.70 -6.80 -5.26
CA VAL B 411 -43.70 -6.01 -6.47
C VAL B 411 -44.48 -6.69 -7.58
N GLY B 412 -44.16 -7.97 -7.83
CA GLY B 412 -44.78 -8.73 -8.89
C GLY B 412 -46.27 -8.91 -8.67
N ARG B 413 -46.66 -9.10 -7.42
CA ARG B 413 -48.06 -9.29 -7.06
C ARG B 413 -48.85 -8.00 -7.16
N ALA B 414 -48.29 -6.92 -6.61
CA ALA B 414 -48.93 -5.62 -6.67
C ALA B 414 -49.16 -5.22 -8.14
N ASN B 415 -48.15 -5.43 -8.98
CA ASN B 415 -48.25 -5.09 -10.41
C ASN B 415 -49.07 -6.05 -11.24
N ASN B 416 -49.38 -7.22 -10.68
CA ASN B 416 -50.15 -8.19 -11.43
C ASN B 416 -51.63 -7.86 -11.37
N SER B 417 -52.01 -6.87 -12.17
CA SER B 417 -53.37 -6.33 -12.18
C SER B 417 -53.53 -5.50 -13.44
N THR B 418 -54.75 -5.36 -13.93
CA THR B 418 -55.01 -4.50 -15.07
C THR B 418 -55.33 -3.08 -14.62
N TYR B 419 -55.38 -2.86 -13.32
CA TYR B 419 -55.51 -1.53 -12.74
C TYR B 419 -54.12 -1.01 -12.41
N GLY B 420 -54.03 0.29 -12.16
CA GLY B 420 -52.76 0.95 -11.89
C GLY B 420 -52.94 2.41 -11.53
N LEU B 421 -54.00 2.68 -10.79
CA LEU B 421 -54.32 4.04 -10.41
C LEU B 421 -53.34 4.55 -9.37
N ALA B 422 -53.17 3.79 -8.29
CA ALA B 422 -52.29 4.22 -7.22
C ALA B 422 -51.67 3.04 -6.50
N ALA B 423 -50.73 3.35 -5.60
CA ALA B 423 -50.07 2.37 -4.76
C ALA B 423 -49.42 3.09 -3.58
N ALA B 424 -49.11 2.35 -2.53
CA ALA B 424 -48.45 2.94 -1.37
C ALA B 424 -47.41 2.00 -0.78
N VAL B 425 -46.38 2.59 -0.18
CA VAL B 425 -45.32 1.83 0.43
C VAL B 425 -45.05 2.36 1.82
N PHE B 426 -45.07 1.49 2.82
CA PHE B 426 -44.72 1.88 4.19
C PHE B 426 -43.42 1.19 4.64
N THR B 427 -42.39 2.01 4.85
CA THR B 427 -41.07 1.51 5.23
C THR B 427 -40.24 2.68 5.74
N LYS B 428 -39.26 2.39 6.60
CA LYS B 428 -38.34 3.41 7.08
C LYS B 428 -37.09 3.42 6.22
N ASP B 429 -36.93 2.40 5.41
CA ASP B 429 -35.71 2.22 4.64
C ASP B 429 -35.64 3.01 3.33
N LEU B 430 -34.63 3.86 3.19
CA LEU B 430 -34.44 4.67 1.99
C LEU B 430 -34.45 3.82 0.70
N ASP B 431 -33.58 2.83 0.64
CA ASP B 431 -33.46 2.00 -0.55
C ASP B 431 -34.75 1.26 -0.92
N LYS B 432 -35.42 0.69 0.08
CA LYS B 432 -36.69 0.00 -0.16
C LYS B 432 -37.72 0.96 -0.75
N ALA B 433 -37.84 2.15 -0.14
CA ALA B 433 -38.76 3.17 -0.63
C ALA B 433 -38.47 3.51 -2.08
N ASN B 434 -37.21 3.70 -2.43
CA ASN B 434 -36.87 4.07 -3.80
C ASN B 434 -37.08 2.95 -4.79
N TYR B 435 -36.73 1.74 -4.39
CA TYR B 435 -36.90 0.56 -5.23
C TYR B 435 -38.39 0.39 -5.57
N LEU B 436 -39.23 0.41 -4.55
CA LEU B 436 -40.65 0.18 -4.73
C LEU B 436 -41.33 1.26 -5.55
N SER B 437 -41.03 2.54 -5.25
CA SER B 437 -41.68 3.66 -5.94
C SER B 437 -41.34 3.65 -7.43
N GLN B 438 -40.13 3.21 -7.76
CA GLN B 438 -39.76 3.08 -9.17
C GLN B 438 -40.46 1.89 -9.83
N ALA B 439 -40.60 0.79 -9.10
CA ALA B 439 -41.03 -0.47 -9.71
C ALA B 439 -42.54 -0.61 -9.83
N LEU B 440 -43.29 0.04 -8.93
CA LEU B 440 -44.73 -0.09 -8.96
C LEU B 440 -45.31 0.60 -10.18
N GLN B 441 -46.18 -0.10 -10.91
CA GLN B 441 -46.84 0.48 -12.07
C GLN B 441 -48.15 1.19 -11.68
N ALA B 442 -48.04 2.42 -11.22
CA ALA B 442 -49.23 3.15 -10.77
C ALA B 442 -49.04 4.63 -11.02
N GLY B 443 -50.14 5.34 -11.26
CA GLY B 443 -50.05 6.78 -11.47
C GLY B 443 -49.54 7.57 -10.28
N THR B 444 -49.85 7.10 -9.08
CA THR B 444 -49.34 7.74 -7.87
C THR B 444 -48.81 6.69 -6.93
N VAL B 445 -47.59 6.88 -6.46
CA VAL B 445 -47.04 6.06 -5.39
C VAL B 445 -46.86 6.92 -4.15
N TRP B 446 -47.61 6.61 -3.10
CA TRP B 446 -47.45 7.29 -1.81
C TRP B 446 -46.45 6.52 -0.95
N VAL B 447 -45.57 7.25 -0.25
CA VAL B 447 -44.61 6.64 0.65
C VAL B 447 -44.88 7.10 2.09
N ASN B 448 -45.22 6.15 2.96
CA ASN B 448 -45.55 6.42 4.36
C ASN B 448 -46.72 7.37 4.53
N CYS B 449 -47.63 7.33 3.58
CA CYS B 449 -48.86 8.10 3.65
C CYS B 449 -49.82 7.49 2.64
N TYR B 450 -51.04 8.00 2.59
CA TYR B 450 -51.98 7.53 1.60
C TYR B 450 -53.00 8.62 1.32
N ASP B 451 -53.52 8.65 0.10
CA ASP B 451 -54.56 9.60 -0.26
C ASP B 451 -54.10 11.03 -0.03
N VAL B 452 -52.84 11.31 -0.35
CA VAL B 452 -52.32 12.65 -0.24
C VAL B 452 -52.47 13.34 -1.59
N PHE B 453 -53.41 14.27 -1.67
CA PHE B 453 -53.65 14.98 -2.91
C PHE B 453 -53.29 16.44 -2.77
N GLY B 454 -52.68 16.97 -3.81
CA GLY B 454 -52.40 18.38 -3.86
C GLY B 454 -52.78 18.86 -5.23
N ALA B 455 -53.38 20.05 -5.29
CA ALA B 455 -53.77 20.64 -6.57
C ALA B 455 -52.56 20.71 -7.49
N GLN B 456 -51.36 20.72 -6.91
CA GLN B 456 -50.19 20.92 -7.73
C GLN B 456 -49.54 19.62 -8.26
N SER B 457 -49.97 18.47 -7.74
CA SER B 457 -49.43 17.18 -8.18
C SER B 457 -50.43 16.36 -9.00
N PRO B 458 -49.99 15.90 -10.18
CA PRO B 458 -50.89 15.22 -11.12
C PRO B 458 -51.40 13.88 -10.56
N PHE B 459 -52.55 13.44 -11.07
CA PHE B 459 -53.18 12.22 -10.61
C PHE B 459 -53.88 11.57 -11.79
N GLY B 460 -53.73 10.25 -11.94
CA GLY B 460 -54.30 9.53 -13.06
C GLY B 460 -53.75 8.11 -13.20
N GLY B 461 -54.36 7.31 -14.06
CA GLY B 461 -54.06 5.89 -14.08
C GLY B 461 -53.02 5.40 -15.08
N TYR B 462 -52.35 4.32 -14.69
CA TYR B 462 -51.62 3.48 -15.62
C TYR B 462 -52.60 2.42 -16.07
N LYS B 463 -52.29 1.76 -17.18
CA LYS B 463 -53.09 0.64 -17.68
C LYS B 463 -54.57 0.98 -17.87
N MET B 464 -55.44 0.16 -17.31
CA MET B 464 -56.88 0.37 -17.49
C MET B 464 -57.52 1.17 -16.35
N SER B 465 -56.68 1.81 -15.55
CA SER B 465 -57.18 2.75 -14.55
C SER B 465 -57.41 4.12 -15.18
N GLY B 466 -57.10 4.26 -16.47
CA GLY B 466 -57.35 5.50 -17.16
C GLY B 466 -56.21 5.93 -18.06
N SER B 467 -56.33 7.14 -18.61
CA SER B 467 -55.28 7.74 -19.42
C SER B 467 -55.38 9.25 -19.30
N GLY B 468 -54.25 9.92 -19.29
CA GLY B 468 -54.20 11.34 -19.03
C GLY B 468 -54.07 11.62 -17.54
N ARG B 469 -53.78 12.87 -17.19
CA ARG B 469 -53.62 13.24 -15.80
C ARG B 469 -54.48 14.44 -15.45
N GLU B 470 -54.93 14.48 -14.20
CA GLU B 470 -55.63 15.65 -13.69
C GLU B 470 -54.79 16.28 -12.59
N LEU B 471 -55.08 17.55 -12.27
CA LEU B 471 -54.31 18.29 -11.29
C LEU B 471 -52.91 18.66 -11.80
N GLY B 472 -52.25 19.59 -11.11
CA GLY B 472 -50.95 20.09 -11.53
C GLY B 472 -50.95 20.77 -12.89
N GLU B 473 -49.75 21.10 -13.36
CA GLU B 473 -49.57 21.61 -14.71
C GLU B 473 -50.07 20.60 -15.76
N TYR B 474 -49.86 19.32 -15.48
CA TYR B 474 -50.24 18.27 -16.41
C TYR B 474 -51.73 18.30 -16.76
N GLY B 475 -52.53 18.74 -15.81
CA GLY B 475 -53.97 18.81 -15.99
C GLY B 475 -54.38 19.78 -17.10
N LEU B 476 -53.46 20.63 -17.51
CA LEU B 476 -53.75 21.60 -18.56
C LEU B 476 -53.60 21.02 -19.96
N GLN B 477 -52.77 20.01 -20.09
CA GLN B 477 -52.40 19.47 -21.39
C GLN B 477 -53.61 19.05 -22.23
N ALA B 478 -54.52 18.26 -21.66
CA ALA B 478 -55.67 17.75 -22.41
C ALA B 478 -56.68 18.84 -22.74
N TYR B 479 -56.48 20.04 -22.21
CA TYR B 479 -57.39 21.13 -22.48
C TYR B 479 -56.78 22.15 -23.44
N THR B 480 -55.67 21.75 -24.06
CA THR B 480 -54.94 22.62 -24.95
C THR B 480 -54.81 21.98 -26.32
N GLU B 481 -55.04 22.77 -27.35
CA GLU B 481 -54.76 22.37 -28.71
C GLU B 481 -53.57 23.19 -29.20
N VAL B 482 -52.56 22.51 -29.74
CA VAL B 482 -51.33 23.19 -30.13
C VAL B 482 -51.33 23.60 -31.60
N LYS B 483 -51.09 24.88 -31.87
CA LYS B 483 -50.94 25.36 -33.23
C LYS B 483 -49.51 25.85 -33.46
N THR B 484 -48.90 25.35 -34.53
CA THR B 484 -47.61 25.88 -34.95
C THR B 484 -47.82 26.99 -35.95
N VAL B 485 -47.17 28.14 -35.74
CA VAL B 485 -47.11 29.18 -36.75
C VAL B 485 -45.67 29.35 -37.23
N THR B 486 -45.46 29.23 -38.54
CA THR B 486 -44.12 29.29 -39.10
C THR B 486 -44.06 30.33 -40.22
N VAL B 487 -43.28 31.37 -39.95
CA VAL B 487 -43.25 32.58 -40.80
C VAL B 487 -41.92 32.75 -41.51
N LYS B 488 -41.98 32.94 -42.83
CA LYS B 488 -40.79 33.27 -43.59
C LYS B 488 -40.25 34.61 -43.14
N VAL B 489 -38.96 34.68 -42.82
CA VAL B 489 -38.35 35.97 -42.51
C VAL B 489 -37.18 36.25 -43.46
N PRO B 490 -36.82 37.52 -43.59
CA PRO B 490 -35.72 37.94 -44.49
C PRO B 490 -34.40 37.24 -44.19
N GLN B 491 -34.00 37.18 -42.92
CA GLN B 491 -32.77 36.47 -42.59
C GLN B 491 -32.74 36.05 -41.13
N LYS B 492 -32.72 34.75 -40.88
CA LYS B 492 -32.75 34.22 -39.52
C LYS B 492 -31.40 34.39 -38.85
N ASN B 493 -31.41 34.94 -37.64
CA ASN B 493 -30.22 35.05 -36.81
C ASN B 493 -30.49 34.52 -35.43
N SER B 494 -29.46 33.92 -34.83
CA SER B 494 -29.56 33.54 -33.43
C SER B 494 -29.69 34.81 -32.60
N ALA C 1 -10.02 -1.11 -19.21
CA ALA C 1 -9.66 -1.38 -20.60
C ALA C 1 -8.93 -0.20 -21.22
N VAL C 2 -7.72 0.07 -20.74
CA VAL C 2 -7.03 1.32 -21.05
C VAL C 2 -5.80 1.18 -21.94
N PRO C 3 -5.78 1.92 -23.07
CA PRO C 3 -4.65 1.87 -24.01
C PRO C 3 -3.37 2.36 -23.36
N ALA C 4 -2.23 1.76 -23.71
CA ALA C 4 -0.97 2.18 -23.14
C ALA C 4 -0.67 3.60 -23.57
N PRO C 5 -0.23 4.43 -22.62
CA PRO C 5 0.02 5.86 -22.88
C PRO C 5 1.41 6.10 -23.45
N ASN C 6 1.53 7.14 -24.27
CA ASN C 6 2.82 7.74 -24.59
C ASN C 6 3.19 8.63 -23.40
N GLN C 7 4.25 8.25 -22.68
CA GLN C 7 4.57 8.93 -21.42
C GLN C 7 5.29 10.24 -21.64
N GLN C 8 5.56 10.53 -22.91
CA GLN C 8 6.14 11.82 -23.32
C GLN C 8 5.48 12.27 -24.61
N PRO C 9 4.20 12.64 -24.54
CA PRO C 9 3.47 13.08 -25.73
C PRO C 9 4.10 14.32 -26.32
N GLU C 10 4.13 14.42 -27.64
CA GLU C 10 4.65 15.60 -28.29
C GLU C 10 3.65 16.75 -28.10
N VAL C 11 4.16 17.97 -28.00
CA VAL C 11 3.30 19.14 -27.92
C VAL C 11 3.21 19.83 -29.27
N PHE C 12 1.97 20.07 -29.73
CA PHE C 12 1.74 20.65 -31.04
C PHE C 12 1.20 22.07 -30.97
N CYS C 13 0.65 22.44 -29.83
CA CYS C 13 0.03 23.75 -29.70
C CYS C 13 0.46 24.43 -28.41
N ASN C 14 1.04 25.62 -28.55
CA ASN C 14 1.55 26.37 -27.41
C ASN C 14 1.48 27.87 -27.63
N GLN C 15 0.59 28.29 -28.52
CA GLN C 15 0.43 29.71 -28.84
C GLN C 15 -0.97 30.21 -28.48
N ILE C 16 -1.21 31.47 -28.81
CA ILE C 16 -2.50 32.11 -28.60
C ILE C 16 -3.39 31.79 -29.80
N PHE C 17 -4.63 31.41 -29.53
CA PHE C 17 -5.54 30.94 -30.57
C PHE C 17 -6.60 31.98 -30.89
N ILE C 18 -6.47 32.61 -32.06
CA ILE C 18 -7.40 33.66 -32.47
C ILE C 18 -7.76 33.53 -33.94
N ASN C 19 -9.05 33.57 -34.25
CA ASN C 19 -9.54 33.40 -35.59
C ASN C 19 -9.05 32.11 -36.24
N ASN C 20 -9.00 31.05 -35.44
CA ASN C 20 -8.56 29.74 -35.91
C ASN C 20 -7.13 29.74 -36.42
N GLU C 21 -6.34 30.70 -35.94
CA GLU C 21 -4.91 30.74 -36.25
C GLU C 21 -4.09 30.85 -34.97
N TRP C 22 -2.83 30.42 -35.05
CA TRP C 22 -1.93 30.48 -33.92
C TRP C 22 -1.05 31.73 -33.96
N HIS C 23 -0.90 32.38 -32.81
CA HIS C 23 -0.17 33.64 -32.73
C HIS C 23 0.75 33.66 -31.52
N ASP C 24 1.88 34.35 -31.66
CA ASP C 24 2.72 34.66 -30.51
C ASP C 24 2.06 35.82 -29.80
N ALA C 25 2.35 35.99 -28.52
CA ALA C 25 1.96 37.20 -27.82
C ALA C 25 2.55 38.41 -28.55
N VAL C 26 1.85 39.53 -28.50
CA VAL C 26 2.35 40.76 -29.11
C VAL C 26 3.75 41.03 -28.58
N SER C 27 3.94 40.77 -27.29
CA SER C 27 5.20 41.01 -26.61
C SER C 27 6.24 39.95 -26.93
N ARG C 28 5.80 38.86 -27.55
CA ARG C 28 6.69 37.73 -27.85
C ARG C 28 7.15 36.99 -26.61
N LYS C 29 6.71 37.43 -25.44
CA LYS C 29 7.07 36.74 -24.20
C LYS C 29 6.44 35.34 -24.16
N THR C 30 7.10 34.43 -23.44
CA THR C 30 6.57 33.10 -23.26
C THR C 30 6.78 32.72 -21.79
N PHE C 31 6.09 31.68 -21.36
CA PHE C 31 6.27 31.17 -20.00
C PHE C 31 6.38 29.65 -20.03
N PRO C 32 7.13 29.08 -19.07
CA PRO C 32 7.28 27.63 -19.01
C PRO C 32 6.08 26.99 -18.34
N THR C 33 5.67 25.83 -18.83
CA THR C 33 4.74 25.01 -18.07
C THR C 33 5.47 23.75 -17.63
N VAL C 34 5.26 23.37 -16.37
CA VAL C 34 6.04 22.33 -15.73
C VAL C 34 5.29 21.00 -15.62
N ASN C 35 6.03 19.90 -15.68
CA ASN C 35 5.55 18.58 -15.34
C ASN C 35 5.68 18.40 -13.83
N PRO C 36 4.55 18.42 -13.10
CA PRO C 36 4.56 18.39 -11.63
C PRO C 36 5.17 17.10 -11.07
N SER C 37 5.22 16.05 -11.89
CA SER C 37 5.79 14.77 -11.45
C SER C 37 7.32 14.82 -11.39
N THR C 38 7.94 15.66 -12.24
CA THR C 38 9.40 15.73 -12.32
C THR C 38 9.95 17.09 -11.89
N GLY C 39 9.14 18.12 -12.04
CA GLY C 39 9.61 19.48 -11.81
C GLY C 39 10.31 20.03 -13.03
N GLU C 40 10.37 19.24 -14.10
CA GLU C 40 11.00 19.66 -15.34
C GLU C 40 10.07 20.49 -16.21
N VAL C 41 10.64 21.43 -16.96
CA VAL C 41 9.87 22.22 -17.89
C VAL C 41 9.46 21.36 -19.08
N ILE C 42 8.15 21.29 -19.35
CA ILE C 42 7.65 20.55 -20.50
C ILE C 42 7.92 21.36 -21.77
N CYS C 43 7.47 22.60 -21.77
CA CYS C 43 7.72 23.49 -22.89
C CYS C 43 7.33 24.92 -22.56
N GLN C 44 7.58 25.78 -23.53
CA GLN C 44 7.34 27.20 -23.41
C GLN C 44 5.98 27.51 -24.03
N VAL C 45 5.27 28.50 -23.49
CA VAL C 45 3.93 28.84 -23.97
C VAL C 45 3.78 30.35 -24.12
N ALA C 46 3.08 30.79 -25.16
CA ALA C 46 2.87 32.21 -25.38
C ALA C 46 2.21 32.86 -24.17
N GLU C 47 2.77 33.98 -23.73
CA GLU C 47 2.23 34.67 -22.56
C GLU C 47 1.33 35.83 -22.97
N GLY C 48 0.05 35.55 -23.11
CA GLY C 48 -0.90 36.57 -23.49
C GLY C 48 -1.11 37.61 -22.41
N ASP C 49 -1.37 38.84 -22.84
CA ASP C 49 -1.62 39.95 -21.93
C ASP C 49 -2.78 40.76 -22.51
N LYS C 50 -2.98 41.95 -21.97
CA LYS C 50 -4.09 42.82 -22.39
C LYS C 50 -4.21 42.98 -23.90
N GLU C 51 -3.10 43.25 -24.59
CA GLU C 51 -3.18 43.51 -26.01
C GLU C 51 -3.66 42.29 -26.77
N ASP C 52 -3.29 41.11 -26.28
CA ASP C 52 -3.68 39.86 -26.92
C ASP C 52 -5.17 39.60 -26.69
N VAL C 53 -5.59 39.77 -25.45
CA VAL C 53 -7.00 39.69 -25.08
C VAL C 53 -7.83 40.62 -25.95
N ASP C 54 -7.33 41.85 -26.13
CA ASP C 54 -8.01 42.83 -26.99
C ASP C 54 -8.23 42.32 -28.42
N LYS C 55 -7.21 41.67 -28.98
CA LYS C 55 -7.35 41.10 -30.32
C LYS C 55 -8.38 39.97 -30.33
N ALA C 56 -8.34 39.17 -29.28
CA ALA C 56 -9.24 38.03 -29.17
C ALA C 56 -10.70 38.52 -29.09
N VAL C 57 -10.92 39.57 -28.31
CA VAL C 57 -12.26 40.10 -28.12
C VAL C 57 -12.79 40.68 -29.42
N LYS C 58 -11.93 41.36 -30.17
CA LYS C 58 -12.35 41.93 -31.44
C LYS C 58 -12.71 40.85 -32.43
N ALA C 59 -11.92 39.76 -32.45
CA ALA C 59 -12.23 38.63 -33.32
C ALA C 59 -13.59 38.04 -32.98
N ALA C 60 -13.85 37.84 -31.68
CA ALA C 60 -15.13 37.32 -31.20
C ALA C 60 -16.30 38.24 -31.59
N ARG C 61 -16.15 39.53 -31.28
CA ARG C 61 -17.17 40.51 -31.63
C ARG C 61 -17.52 40.41 -33.10
N ALA C 62 -16.50 40.34 -33.95
CA ALA C 62 -16.71 40.22 -35.39
C ALA C 62 -17.45 38.95 -35.75
N ALA C 63 -17.05 37.83 -35.17
CA ALA C 63 -17.71 36.56 -35.43
C ALA C 63 -19.16 36.59 -34.92
N PHE C 64 -19.48 37.51 -34.02
CA PHE C 64 -20.82 37.58 -33.44
C PHE C 64 -21.71 38.59 -34.15
N GLN C 65 -21.18 39.22 -35.21
CA GLN C 65 -21.95 40.22 -35.94
C GLN C 65 -23.20 39.66 -36.60
N LEU C 66 -24.29 40.40 -36.51
CA LEU C 66 -25.52 40.00 -37.17
C LEU C 66 -25.21 39.69 -38.63
N GLY C 67 -25.68 38.54 -39.10
CA GLY C 67 -25.46 38.15 -40.49
C GLY C 67 -24.20 37.32 -40.70
N SER C 68 -23.41 37.15 -39.65
CA SER C 68 -22.21 36.32 -39.73
C SER C 68 -22.58 34.85 -39.88
N PRO C 69 -21.65 34.04 -40.38
CA PRO C 69 -21.90 32.60 -40.49
C PRO C 69 -22.36 32.03 -39.15
N TRP C 70 -21.72 32.41 -38.04
CA TRP C 70 -22.08 31.86 -36.74
C TRP C 70 -23.48 32.29 -36.28
N ARG C 71 -23.86 33.52 -36.59
CA ARG C 71 -25.18 34.04 -36.24
C ARG C 71 -26.31 33.47 -37.11
N ARG C 72 -26.01 33.20 -38.37
CA ARG C 72 -27.03 32.72 -39.31
C ARG C 72 -27.17 31.21 -39.32
N MET C 73 -26.12 30.52 -38.87
CA MET C 73 -26.11 29.06 -38.80
C MET C 73 -27.34 28.50 -38.03
N ASP C 74 -27.95 27.44 -38.57
CA ASP C 74 -29.05 26.78 -37.89
C ASP C 74 -28.62 26.29 -36.50
N ALA C 75 -29.50 26.43 -35.52
CA ALA C 75 -29.20 26.01 -34.17
C ALA C 75 -28.81 24.53 -34.16
N SER C 76 -29.52 23.74 -34.95
CA SER C 76 -29.26 22.30 -35.03
C SER C 76 -27.88 22.00 -35.59
N HIS C 77 -27.38 22.89 -36.45
CA HIS C 77 -26.03 22.75 -36.97
C HIS C 77 -24.96 23.05 -35.92
N ARG C 78 -25.22 24.02 -35.05
CA ARG C 78 -24.37 24.20 -33.88
C ARG C 78 -24.23 22.87 -33.15
N GLY C 79 -25.33 22.12 -33.08
CA GLY C 79 -25.34 20.84 -32.43
C GLY C 79 -24.44 19.87 -33.16
N ARG C 80 -24.60 19.79 -34.47
CA ARG C 80 -23.75 18.93 -35.29
C ARG C 80 -22.29 19.23 -35.00
N LEU C 81 -21.95 20.51 -34.95
CA LEU C 81 -20.57 20.93 -34.74
C LEU C 81 -20.02 20.48 -33.39
N LEU C 82 -20.84 20.62 -32.34
CA LEU C 82 -20.43 20.16 -31.03
C LEU C 82 -20.18 18.65 -31.03
N ASN C 83 -21.03 17.90 -31.74
CA ASN C 83 -20.87 16.45 -31.83
C ASN C 83 -19.62 16.08 -32.60
N ARG C 84 -19.32 16.84 -33.65
CA ARG C 84 -18.08 16.64 -34.39
C ARG C 84 -16.87 16.85 -33.48
N LEU C 85 -16.86 17.94 -32.74
CA LEU C 85 -15.79 18.21 -31.79
C LEU C 85 -15.62 17.04 -30.84
N ALA C 86 -16.73 16.54 -30.29
CA ALA C 86 -16.68 15.42 -29.37
C ALA C 86 -16.04 14.21 -30.06
N ASP C 87 -16.46 13.95 -31.29
CA ASP C 87 -15.87 12.87 -32.08
C ASP C 87 -14.35 13.02 -32.23
N LEU C 88 -13.90 14.22 -32.58
CA LEU C 88 -12.48 14.48 -32.76
C LEU C 88 -11.72 14.27 -31.45
N ILE C 89 -12.30 14.74 -30.35
CA ILE C 89 -11.69 14.54 -29.04
C ILE C 89 -11.60 13.04 -28.72
N GLU C 90 -12.65 12.29 -29.03
CA GLU C 90 -12.61 10.85 -28.80
C GLU C 90 -11.51 10.20 -29.66
N ARG C 91 -11.42 10.62 -30.92
CA ARG C 91 -10.37 10.13 -31.80
C ARG C 91 -8.98 10.29 -31.16
N ASP C 92 -8.76 11.43 -30.51
CA ASP C 92 -7.46 11.76 -29.93
C ASP C 92 -7.44 11.57 -28.43
N ARG C 93 -8.32 10.69 -27.95
CA ARG C 93 -8.51 10.46 -26.52
C ARG C 93 -7.24 10.01 -25.79
N THR C 94 -6.55 9.01 -26.36
CA THR C 94 -5.36 8.46 -25.75
C THR C 94 -4.27 9.53 -25.61
N TYR C 95 -4.03 10.27 -26.70
CA TYR C 95 -3.11 11.39 -26.67
C TYR C 95 -3.48 12.43 -25.60
N LEU C 96 -4.74 12.84 -25.57
CA LEU C 96 -5.16 13.94 -24.71
C LEU C 96 -5.05 13.54 -23.23
N ALA C 97 -5.43 12.30 -22.94
CA ALA C 97 -5.33 11.81 -21.56
C ALA C 97 -3.88 11.83 -21.08
N ALA C 98 -2.95 11.48 -21.98
CA ALA C 98 -1.52 11.46 -21.65
C ALA C 98 -1.00 12.87 -21.42
N LEU C 99 -1.34 13.77 -22.34
CA LEU C 99 -0.96 15.16 -22.24
C LEU C 99 -1.52 15.80 -20.98
N GLU C 100 -2.76 15.45 -20.64
CA GLU C 100 -3.41 15.94 -19.42
C GLU C 100 -2.62 15.54 -18.18
N THR C 101 -2.28 14.24 -18.10
CA THR C 101 -1.48 13.71 -17.01
C THR C 101 -0.11 14.37 -16.95
N LEU C 102 0.51 14.55 -18.13
CA LEU C 102 1.83 15.15 -18.20
C LEU C 102 1.87 16.55 -17.59
N ASP C 103 0.87 17.37 -17.90
CA ASP C 103 0.89 18.76 -17.48
C ASP C 103 0.23 18.96 -16.11
N ASN C 104 -0.76 18.12 -15.79
CA ASN C 104 -1.51 18.30 -14.55
C ASN C 104 -1.04 17.43 -13.38
N GLY C 105 -0.70 16.17 -13.68
CA GLY C 105 -0.17 15.26 -12.68
C GLY C 105 -1.10 14.12 -12.27
N LYS C 106 -2.38 14.24 -12.61
CA LYS C 106 -3.34 13.20 -12.27
C LYS C 106 -3.02 11.88 -12.99
N PRO C 107 -3.34 10.74 -12.36
CA PRO C 107 -3.04 9.44 -12.93
C PRO C 107 -3.65 9.29 -14.33
N TYR C 108 -2.86 8.78 -15.26
CA TYR C 108 -3.28 8.61 -16.66
C TYR C 108 -4.53 7.73 -16.80
N VAL C 109 -4.68 6.75 -15.93
CA VAL C 109 -5.86 5.90 -15.96
C VAL C 109 -7.13 6.73 -15.70
N ILE C 110 -7.02 7.70 -14.79
CA ILE C 110 -8.15 8.55 -14.46
C ILE C 110 -8.41 9.55 -15.59
N SER C 111 -7.35 10.15 -16.11
CA SER C 111 -7.46 11.08 -17.23
C SER C 111 -8.23 10.43 -18.35
N TYR C 112 -7.91 9.16 -18.62
CA TYR C 112 -8.48 8.46 -19.75
C TYR C 112 -9.91 8.03 -19.50
N LEU C 113 -10.14 7.36 -18.37
CA LEU C 113 -11.44 6.78 -18.08
C LEU C 113 -12.43 7.78 -17.49
N VAL C 114 -11.93 8.79 -16.80
CA VAL C 114 -12.81 9.73 -16.11
C VAL C 114 -12.90 11.08 -16.84
N ASP C 115 -11.82 11.85 -16.80
CA ASP C 115 -11.81 13.19 -17.39
C ASP C 115 -12.27 13.23 -18.85
N LEU C 116 -11.72 12.35 -19.67
CA LEU C 116 -12.06 12.40 -21.08
C LEU C 116 -13.47 11.91 -21.37
N ASP C 117 -13.90 10.93 -20.60
CA ASP C 117 -15.26 10.42 -20.75
C ASP C 117 -16.22 11.55 -20.39
N MET C 118 -15.94 12.22 -19.29
CA MET C 118 -16.79 13.31 -18.82
C MET C 118 -16.81 14.46 -19.80
N VAL C 119 -15.66 14.75 -20.41
CA VAL C 119 -15.58 15.75 -21.47
C VAL C 119 -16.52 15.41 -22.62
N LEU C 120 -16.44 14.15 -23.08
CA LEU C 120 -17.26 13.69 -24.20
C LEU C 120 -18.76 13.77 -23.88
N LYS C 121 -19.14 13.35 -22.67
CA LYS C 121 -20.53 13.37 -22.27
C LYS C 121 -21.07 14.80 -22.15
N CYS C 122 -20.24 15.69 -21.64
CA CYS C 122 -20.63 17.10 -21.53
C CYS C 122 -20.92 17.72 -22.89
N LEU C 123 -19.97 17.60 -23.81
CA LEU C 123 -20.13 18.14 -25.16
C LEU C 123 -21.30 17.52 -25.91
N ARG C 124 -21.44 16.20 -25.80
CA ARG C 124 -22.54 15.52 -26.48
C ARG C 124 -23.88 15.91 -25.86
N TYR C 125 -23.91 16.11 -24.55
CA TYR C 125 -25.12 16.54 -23.89
C TYR C 125 -25.53 17.89 -24.42
N TYR C 126 -24.62 18.83 -24.39
CA TYR C 126 -24.94 20.19 -24.83
C TYR C 126 -25.24 20.29 -26.33
N ALA C 127 -24.66 19.41 -27.12
CA ALA C 127 -24.94 19.39 -28.55
C ALA C 127 -26.46 19.23 -28.70
N GLY C 128 -27.04 18.37 -27.88
CA GLY C 128 -28.47 18.14 -27.92
C GLY C 128 -29.36 19.33 -27.54
N TRP C 129 -28.83 20.26 -26.76
CA TRP C 129 -29.58 21.44 -26.32
C TRP C 129 -29.67 22.53 -27.37
N ALA C 130 -28.78 22.48 -28.35
CA ALA C 130 -28.56 23.62 -29.24
C ALA C 130 -29.84 24.17 -29.88
N ASP C 131 -30.75 23.28 -30.20
CA ASP C 131 -31.99 23.70 -30.86
C ASP C 131 -33.23 23.38 -30.03
N LYS C 132 -33.08 23.35 -28.71
CA LYS C 132 -34.19 22.96 -27.84
C LYS C 132 -34.49 23.92 -26.68
N TYR C 133 -33.74 25.02 -26.59
CA TYR C 133 -33.95 25.98 -25.51
C TYR C 133 -34.93 27.08 -25.90
N HIS C 134 -36.22 26.76 -25.88
CA HIS C 134 -37.27 27.63 -26.40
C HIS C 134 -37.50 28.93 -25.61
N GLY C 135 -37.91 29.96 -26.31
CA GLY C 135 -38.50 31.13 -25.68
C GLY C 135 -39.99 30.86 -25.51
N LYS C 136 -40.75 31.88 -25.17
CA LYS C 136 -42.14 31.67 -24.82
C LYS C 136 -43.07 32.53 -25.64
N THR C 137 -44.27 32.01 -25.89
CA THR C 137 -45.37 32.86 -26.33
C THR C 137 -46.24 33.12 -25.11
N ILE C 138 -46.64 34.36 -24.91
CA ILE C 138 -47.12 34.81 -23.63
C ILE C 138 -48.47 35.48 -23.76
N PRO C 139 -49.45 35.02 -22.97
CA PRO C 139 -50.84 35.51 -23.01
C PRO C 139 -51.00 36.80 -22.22
N ILE C 140 -50.39 37.86 -22.71
CA ILE C 140 -50.39 39.15 -22.06
C ILE C 140 -51.78 39.80 -22.15
N ASP C 141 -52.11 40.70 -21.21
CA ASP C 141 -53.36 41.45 -21.27
C ASP C 141 -53.41 42.32 -22.52
N GLY C 142 -54.60 42.54 -23.03
CA GLY C 142 -54.79 43.47 -24.12
C GLY C 142 -54.61 42.87 -25.51
N ASP C 143 -54.84 43.68 -26.53
CA ASP C 143 -54.75 43.23 -27.90
C ASP C 143 -53.32 43.20 -28.40
N PHE C 144 -52.54 42.24 -27.90
CA PHE C 144 -51.15 42.13 -28.27
C PHE C 144 -50.74 40.67 -28.40
N PHE C 145 -49.72 40.45 -29.22
CA PHE C 145 -49.03 39.17 -29.29
C PHE C 145 -47.67 39.42 -28.67
N SER C 146 -47.37 38.72 -27.59
CA SER C 146 -46.12 38.93 -26.89
C SER C 146 -45.33 37.63 -26.82
N TYR C 147 -44.03 37.71 -27.09
CA TYR C 147 -43.19 36.54 -27.01
C TYR C 147 -41.75 36.90 -26.67
N THR C 148 -40.97 35.89 -26.31
CA THR C 148 -39.58 36.13 -25.98
C THR C 148 -38.67 35.40 -26.94
N ARG C 149 -37.56 36.03 -27.28
CA ARG C 149 -36.47 35.37 -27.96
C ARG C 149 -35.40 35.09 -26.92
N HIS C 150 -34.86 33.88 -26.94
CA HIS C 150 -33.70 33.54 -26.15
C HIS C 150 -32.47 33.74 -27.05
N GLU C 151 -31.83 34.89 -26.90
CA GLU C 151 -30.70 35.24 -27.74
C GLU C 151 -29.38 34.93 -27.03
N PRO C 152 -28.29 34.82 -27.78
CA PRO C 152 -27.02 34.60 -27.11
C PRO C 152 -26.66 35.85 -26.35
N VAL C 153 -26.07 35.71 -25.17
CA VAL C 153 -25.64 36.86 -24.37
C VAL C 153 -24.53 37.63 -25.09
N GLY C 154 -23.77 36.93 -25.95
CA GLY C 154 -22.79 37.56 -26.82
C GLY C 154 -21.35 37.07 -26.62
N VAL C 155 -20.44 38.02 -26.39
CA VAL C 155 -19.01 37.73 -26.18
C VAL C 155 -18.76 37.30 -24.74
N CYS C 156 -18.38 36.04 -24.57
CA CYS C 156 -18.22 35.47 -23.24
C CYS C 156 -16.76 35.23 -22.88
N GLY C 157 -16.30 35.90 -21.83
CA GLY C 157 -15.01 35.60 -21.28
C GLY C 157 -15.13 34.43 -20.34
N GLN C 158 -14.26 33.45 -20.50
CA GLN C 158 -14.31 32.26 -19.69
C GLN C 158 -12.92 31.98 -19.12
N ILE C 159 -12.85 31.89 -17.79
CA ILE C 159 -11.59 31.72 -17.09
C ILE C 159 -11.63 30.45 -16.26
N ILE C 160 -10.75 29.51 -16.61
CA ILE C 160 -10.77 28.19 -15.98
C ILE C 160 -9.46 27.86 -15.26
N PRO C 161 -9.56 27.05 -14.20
CA PRO C 161 -8.43 26.69 -13.33
C PRO C 161 -7.71 25.45 -13.86
N TRP C 162 -6.81 24.89 -13.05
CA TRP C 162 -5.89 23.85 -13.50
C TRP C 162 -6.24 22.44 -13.03
N ASN C 163 -7.21 22.31 -12.14
CA ASN C 163 -7.45 21.00 -11.52
C ASN C 163 -8.14 19.98 -12.43
N PHE C 164 -8.95 20.47 -13.36
CA PHE C 164 -9.58 19.60 -14.37
C PHE C 164 -9.52 20.32 -15.72
N PRO C 165 -8.33 20.46 -16.29
CA PRO C 165 -8.16 21.35 -17.45
C PRO C 165 -9.14 21.08 -18.57
N LEU C 166 -9.13 19.86 -19.09
CA LEU C 166 -10.02 19.51 -20.21
C LEU C 166 -11.48 19.60 -19.83
N LEU C 167 -11.84 19.05 -18.67
CA LEU C 167 -13.23 19.03 -18.23
C LEU C 167 -13.80 20.42 -18.05
N MET C 168 -13.03 21.33 -17.45
CA MET C 168 -13.49 22.71 -17.23
C MET C 168 -13.71 23.41 -18.56
N GLN C 169 -12.85 23.12 -19.52
CA GLN C 169 -13.01 23.73 -20.84
C GLN C 169 -14.33 23.28 -21.44
N ALA C 170 -14.66 22.00 -21.27
CA ALA C 170 -15.88 21.45 -21.81
C ALA C 170 -17.12 22.02 -21.11
N TRP C 171 -17.09 22.08 -19.78
CA TRP C 171 -18.21 22.66 -19.02
C TRP C 171 -18.49 24.10 -19.44
N LYS C 172 -17.48 24.78 -19.95
CA LYS C 172 -17.65 26.16 -20.38
C LYS C 172 -18.07 26.25 -21.84
N LEU C 173 -17.38 25.53 -22.71
CA LEU C 173 -17.65 25.66 -24.15
C LEU C 173 -19.01 25.10 -24.55
N GLY C 174 -19.42 24.02 -23.91
CA GLY C 174 -20.64 23.34 -24.26
C GLY C 174 -21.86 24.24 -24.25
N PRO C 175 -22.18 24.81 -23.09
CA PRO C 175 -23.39 25.63 -22.96
C PRO C 175 -23.26 26.91 -23.79
N ALA C 176 -22.05 27.44 -23.86
CA ALA C 176 -21.81 28.69 -24.57
C ALA C 176 -22.04 28.55 -26.05
N LEU C 177 -21.47 27.49 -26.63
CA LEU C 177 -21.57 27.26 -28.06
C LEU C 177 -22.95 26.73 -28.46
N ALA C 178 -23.51 25.86 -27.63
CA ALA C 178 -24.86 25.35 -27.88
C ALA C 178 -25.85 26.51 -28.05
N THR C 179 -25.68 27.58 -27.28
CA THR C 179 -26.61 28.70 -27.35
C THR C 179 -26.14 29.84 -28.28
N GLY C 180 -25.11 29.60 -29.06
CA GLY C 180 -24.73 30.53 -30.12
C GLY C 180 -23.86 31.70 -29.72
N ASN C 181 -23.25 31.63 -28.54
CA ASN C 181 -22.32 32.69 -28.13
C ASN C 181 -20.94 32.53 -28.80
N VAL C 182 -20.06 33.50 -28.54
CA VAL C 182 -18.65 33.39 -28.90
C VAL C 182 -17.85 33.53 -27.62
N VAL C 183 -16.65 32.93 -27.57
CA VAL C 183 -15.86 32.98 -26.34
C VAL C 183 -14.42 33.43 -26.49
N VAL C 184 -13.94 34.08 -25.43
CA VAL C 184 -12.53 34.34 -25.22
C VAL C 184 -12.18 33.64 -23.92
N MET C 185 -11.32 32.64 -24.01
CA MET C 185 -11.04 31.76 -22.88
C MET C 185 -9.62 31.95 -22.37
N LYS C 186 -9.51 32.09 -21.06
CA LYS C 186 -8.21 32.12 -20.40
C LYS C 186 -8.03 30.81 -19.64
N VAL C 187 -7.03 30.04 -20.05
CA VAL C 187 -6.72 28.78 -19.37
C VAL C 187 -5.60 28.99 -18.36
N ALA C 188 -5.46 28.04 -17.44
CA ALA C 188 -4.51 28.17 -16.33
C ALA C 188 -3.07 27.98 -16.80
N GLU C 189 -2.17 28.81 -16.27
CA GLU C 189 -0.77 28.76 -16.65
C GLU C 189 -0.13 27.43 -16.29
N GLN C 190 -0.64 26.81 -15.23
CA GLN C 190 -0.15 25.49 -14.84
C GLN C 190 -0.50 24.41 -15.86
N THR C 191 -1.61 24.59 -16.58
CA THR C 191 -2.17 23.54 -17.43
C THR C 191 -2.77 24.05 -18.75
N PRO C 192 -1.94 24.66 -19.60
CA PRO C 192 -2.50 25.28 -20.80
C PRO C 192 -2.60 24.31 -21.97
N LEU C 193 -1.80 23.27 -21.95
CA LEU C 193 -1.52 22.49 -23.16
C LEU C 193 -2.73 21.79 -23.79
N THR C 194 -3.45 20.98 -22.99
CA THR C 194 -4.61 20.24 -23.52
C THR C 194 -5.68 21.15 -24.12
N ALA C 195 -5.93 22.30 -23.48
CA ALA C 195 -6.97 23.21 -23.96
C ALA C 195 -6.58 23.77 -25.33
N LEU C 196 -5.29 24.01 -25.50
CA LEU C 196 -4.75 24.57 -26.74
C LEU C 196 -4.86 23.55 -27.85
N TYR C 197 -4.61 22.28 -27.53
CA TYR C 197 -4.77 21.25 -28.54
C TYR C 197 -6.24 21.14 -29.00
N VAL C 198 -7.15 21.22 -28.03
CA VAL C 198 -8.58 21.13 -28.35
C VAL C 198 -8.99 22.26 -29.31
N ALA C 199 -8.34 23.41 -29.20
CA ALA C 199 -8.60 24.54 -30.10
C ALA C 199 -8.31 24.13 -31.53
N ASN C 200 -7.28 23.31 -31.69
CA ASN C 200 -6.97 22.75 -32.99
C ASN C 200 -8.14 21.92 -33.51
N LEU C 201 -8.75 21.17 -32.60
CA LEU C 201 -9.86 20.31 -32.95
C LEU C 201 -11.10 21.15 -33.25
N ILE C 202 -11.24 22.25 -32.51
CA ILE C 202 -12.35 23.19 -32.75
C ILE C 202 -12.28 23.73 -34.17
N LYS C 203 -11.07 24.05 -34.61
CA LYS C 203 -10.86 24.45 -36.00
C LYS C 203 -11.21 23.30 -36.94
N GLU C 204 -10.69 22.11 -36.63
CA GLU C 204 -10.87 20.97 -37.50
C GLU C 204 -12.34 20.62 -37.63
N ALA C 205 -13.09 20.82 -36.55
CA ALA C 205 -14.50 20.47 -36.54
C ALA C 205 -15.32 21.35 -37.48
N GLY C 206 -14.84 22.58 -37.72
CA GLY C 206 -15.51 23.48 -38.64
C GLY C 206 -16.14 24.72 -38.02
N PHE C 207 -15.81 25.02 -36.77
CA PHE C 207 -16.34 26.22 -36.14
C PHE C 207 -15.78 27.45 -36.84
N PRO C 208 -16.64 28.40 -37.19
CA PRO C 208 -16.16 29.63 -37.84
C PRO C 208 -15.08 30.32 -37.01
N PRO C 209 -14.15 31.00 -37.69
CA PRO C 209 -13.06 31.73 -37.02
C PRO C 209 -13.61 32.78 -36.07
N GLY C 210 -12.99 32.92 -34.91
CA GLY C 210 -13.43 33.90 -33.93
C GLY C 210 -14.49 33.42 -32.95
N VAL C 211 -15.09 32.27 -33.23
CA VAL C 211 -16.14 31.75 -32.35
C VAL C 211 -15.54 31.30 -31.01
N VAL C 212 -14.41 30.60 -31.08
CA VAL C 212 -13.66 30.27 -29.88
C VAL C 212 -12.25 30.81 -29.99
N ASN C 213 -11.82 31.60 -29.00
CA ASN C 213 -10.45 32.14 -28.95
C ASN C 213 -9.84 31.84 -27.60
N ILE C 214 -8.61 31.32 -27.61
CA ILE C 214 -7.95 31.00 -26.35
C ILE C 214 -6.67 31.81 -26.11
N VAL C 215 -6.57 32.38 -24.92
CA VAL C 215 -5.42 33.18 -24.55
C VAL C 215 -4.77 32.64 -23.29
N PRO C 216 -3.65 31.90 -23.47
CA PRO C 216 -2.86 31.43 -22.33
C PRO C 216 -2.12 32.62 -21.71
N GLY C 217 -1.84 32.55 -20.42
CA GLY C 217 -1.14 33.64 -19.75
C GLY C 217 -1.43 33.64 -18.27
N PHE C 218 -1.08 34.74 -17.61
CA PHE C 218 -1.25 34.84 -16.16
C PHE C 218 -2.55 35.54 -15.78
N GLY C 219 -2.98 35.33 -14.54
CA GLY C 219 -4.27 35.81 -14.08
C GLY C 219 -4.39 37.33 -13.97
N PRO C 220 -3.44 37.96 -13.27
CA PRO C 220 -3.50 39.40 -13.05
C PRO C 220 -3.31 40.18 -14.34
N THR C 221 -2.94 39.49 -15.42
CA THR C 221 -2.80 40.14 -16.72
C THR C 221 -3.94 39.77 -17.65
N ALA C 222 -3.83 38.61 -18.28
CA ALA C 222 -4.85 38.17 -19.24
C ALA C 222 -6.23 38.03 -18.60
N GLY C 223 -6.27 37.40 -17.43
CA GLY C 223 -7.53 37.18 -16.72
C GLY C 223 -8.23 38.49 -16.38
N ALA C 224 -7.46 39.41 -15.79
CA ALA C 224 -8.00 40.72 -15.42
C ALA C 224 -8.45 41.53 -16.64
N ALA C 225 -7.74 41.37 -17.76
CA ALA C 225 -8.09 42.05 -19.00
C ALA C 225 -9.48 41.63 -19.48
N ILE C 226 -9.75 40.33 -19.40
CA ILE C 226 -11.05 39.78 -19.77
C ILE C 226 -12.15 40.30 -18.85
N ALA C 227 -11.91 40.23 -17.54
CA ALA C 227 -12.90 40.65 -16.56
C ALA C 227 -13.24 42.14 -16.65
N SER C 228 -12.29 42.93 -17.14
CA SER C 228 -12.45 44.38 -17.14
C SER C 228 -12.78 44.91 -18.52
N HIS C 229 -12.82 44.02 -19.51
CA HIS C 229 -12.97 44.47 -20.89
C HIS C 229 -14.32 45.13 -21.16
N GLU C 230 -14.30 46.20 -21.95
CA GLU C 230 -15.50 47.01 -22.18
C GLU C 230 -16.43 46.38 -23.21
N ASP C 231 -15.93 45.41 -23.95
CA ASP C 231 -16.77 44.77 -24.97
C ASP C 231 -16.99 43.28 -24.72
N VAL C 232 -16.70 42.84 -23.49
CA VAL C 232 -17.07 41.49 -23.08
C VAL C 232 -18.43 41.55 -22.38
N ASP C 233 -19.38 40.75 -22.87
CA ASP C 233 -20.76 40.81 -22.39
C ASP C 233 -21.00 39.99 -21.12
N LYS C 234 -20.21 38.94 -20.96
CA LYS C 234 -20.45 37.98 -19.89
C LYS C 234 -19.14 37.31 -19.54
N VAL C 235 -18.92 37.12 -18.24
CA VAL C 235 -17.75 36.40 -17.77
C VAL C 235 -18.13 35.26 -16.83
N ALA C 236 -17.52 34.09 -17.07
CA ALA C 236 -17.68 32.95 -16.19
C ALA C 236 -16.30 32.57 -15.67
N PHE C 237 -16.19 32.44 -14.35
CA PHE C 237 -14.91 32.18 -13.72
C PHE C 237 -15.05 31.02 -12.76
N THR C 238 -14.12 30.09 -12.87
CA THR C 238 -13.97 29.03 -11.88
C THR C 238 -12.59 29.18 -11.25
N GLY C 239 -12.54 29.15 -9.92
CA GLY C 239 -11.32 29.39 -9.19
C GLY C 239 -11.60 29.65 -7.72
N SER C 240 -10.70 30.39 -7.08
CA SER C 240 -10.78 30.63 -5.64
C SER C 240 -11.81 31.70 -5.35
N THR C 241 -12.42 31.59 -4.16
CA THR C 241 -13.38 32.59 -3.70
C THR C 241 -12.76 34.00 -3.70
N GLU C 242 -11.50 34.08 -3.29
CA GLU C 242 -10.78 35.34 -3.27
C GLU C 242 -10.73 36.04 -4.63
N ILE C 243 -10.38 35.29 -5.68
CA ILE C 243 -10.33 35.85 -7.03
C ILE C 243 -11.74 36.11 -7.56
N GLY C 244 -12.69 35.27 -7.17
CA GLY C 244 -14.08 35.45 -7.56
C GLY C 244 -14.55 36.87 -7.26
N ARG C 245 -14.16 37.38 -6.09
CA ARG C 245 -14.51 38.73 -5.70
C ARG C 245 -13.88 39.77 -6.61
N VAL C 246 -12.61 39.55 -6.99
CA VAL C 246 -11.94 40.43 -7.95
C VAL C 246 -12.73 40.50 -9.26
N ILE C 247 -13.19 39.33 -9.71
CA ILE C 247 -13.94 39.24 -10.95
C ILE C 247 -15.24 40.07 -10.91
N GLN C 248 -16.04 39.86 -9.87
CA GLN C 248 -17.31 40.58 -9.79
C GLN C 248 -17.10 42.08 -9.61
N VAL C 249 -16.05 42.46 -8.88
CA VAL C 249 -15.73 43.88 -8.73
C VAL C 249 -15.33 44.46 -10.08
N ALA C 250 -14.53 43.72 -10.85
CA ALA C 250 -14.10 44.18 -12.16
C ALA C 250 -15.29 44.35 -13.09
N ALA C 251 -16.27 43.46 -12.98
CA ALA C 251 -17.46 43.54 -13.82
C ALA C 251 -18.27 44.78 -13.50
N GLY C 252 -18.40 45.07 -12.21
CA GLY C 252 -19.10 46.26 -11.76
C GLY C 252 -18.37 47.53 -12.13
N SER C 253 -17.04 47.48 -12.12
CA SER C 253 -16.20 48.65 -12.40
C SER C 253 -16.11 48.96 -13.89
N SER C 254 -16.36 47.97 -14.73
CA SER C 254 -16.25 48.15 -16.16
C SER C 254 -17.63 48.36 -16.81
N ASN C 255 -18.15 47.34 -17.48
CA ASN C 255 -19.38 47.51 -18.28
C ASN C 255 -20.62 46.78 -17.78
N LEU C 256 -20.61 46.37 -16.52
CA LEU C 256 -21.74 45.63 -15.96
C LEU C 256 -22.00 44.33 -16.72
N LYS C 257 -20.94 43.70 -17.21
CA LYS C 257 -21.04 42.39 -17.86
C LYS C 257 -21.65 41.39 -16.88
N ARG C 258 -22.34 40.40 -17.40
CA ARG C 258 -22.98 39.44 -16.52
C ARG C 258 -21.91 38.48 -15.98
N VAL C 259 -22.13 38.00 -14.77
CA VAL C 259 -21.12 37.20 -14.06
C VAL C 259 -21.72 35.90 -13.52
N THR C 260 -20.99 34.80 -13.70
CA THR C 260 -21.24 33.58 -12.93
C THR C 260 -19.93 33.10 -12.33
N LEU C 261 -20.02 32.50 -11.15
CA LEU C 261 -18.83 32.07 -10.42
C LEU C 261 -18.96 30.65 -9.88
N GLU C 262 -17.92 29.85 -10.13
CA GLU C 262 -17.78 28.54 -9.50
C GLU C 262 -16.53 28.61 -8.63
N LEU C 263 -16.74 28.65 -7.32
CA LEU C 263 -15.64 28.89 -6.39
C LEU C 263 -15.29 27.67 -5.50
N GLY C 264 -14.58 27.91 -4.40
CA GLY C 264 -14.18 26.83 -3.54
C GLY C 264 -15.25 26.33 -2.57
N GLY C 265 -14.86 25.41 -1.70
CA GLY C 265 -15.77 24.86 -0.71
C GLY C 265 -15.04 24.24 0.46
N LYS C 266 -15.81 23.77 1.42
CA LYS C 266 -15.29 22.99 2.53
C LYS C 266 -16.42 22.03 2.84
N SER C 267 -16.74 21.20 1.86
CA SER C 267 -17.96 20.42 1.86
C SER C 267 -18.01 19.35 2.95
N PRO C 268 -19.12 19.31 3.69
CA PRO C 268 -19.35 18.34 4.77
C PRO C 268 -19.87 17.00 4.24
N ASN C 269 -19.23 15.93 4.67
CA ASN C 269 -19.64 14.57 4.34
C ASN C 269 -20.10 13.89 5.64
N ILE C 270 -21.41 13.73 5.78
CA ILE C 270 -22.02 13.29 7.04
C ILE C 270 -22.36 11.79 7.08
N ILE C 271 -21.65 11.04 7.93
CA ILE C 271 -21.89 9.60 8.11
C ILE C 271 -22.73 9.30 9.35
N MET C 272 -23.99 8.90 9.15
CA MET C 272 -24.86 8.54 10.28
C MET C 272 -24.54 7.12 10.78
N SER C 273 -24.96 6.81 12.00
CA SER C 273 -24.60 5.55 12.65
C SER C 273 -25.16 4.33 11.93
N ASP C 274 -26.17 4.55 11.09
CA ASP C 274 -26.80 3.44 10.36
C ASP C 274 -26.28 3.29 8.93
N ALA C 275 -25.21 4.02 8.61
CA ALA C 275 -24.64 3.94 7.27
C ALA C 275 -24.03 2.58 7.02
N ASP C 276 -23.90 2.19 5.76
CA ASP C 276 -23.13 1.01 5.44
C ASP C 276 -21.64 1.33 5.62
N MET C 277 -21.06 0.77 6.68
CA MET C 277 -19.68 1.11 7.07
C MET C 277 -18.66 1.05 5.94
N ASP C 278 -18.59 -0.09 5.25
CA ASP C 278 -17.56 -0.27 4.23
C ASP C 278 -17.72 0.74 3.10
N TRP C 279 -18.96 0.93 2.68
CA TRP C 279 -19.28 1.82 1.57
C TRP C 279 -18.94 3.25 1.96
N ALA C 280 -19.38 3.64 3.15
CA ALA C 280 -19.12 5.00 3.64
C ALA C 280 -17.62 5.29 3.75
N VAL C 281 -16.87 4.32 4.23
CA VAL C 281 -15.42 4.48 4.38
C VAL C 281 -14.74 4.69 3.02
N GLU C 282 -15.08 3.85 2.05
CA GLU C 282 -14.46 3.95 0.74
C GLU C 282 -14.86 5.25 0.06
N GLN C 283 -16.15 5.59 0.17
CA GLN C 283 -16.65 6.82 -0.45
C GLN C 283 -16.07 8.07 0.19
N ALA C 284 -15.93 8.04 1.51
CA ALA C 284 -15.33 9.17 2.23
C ALA C 284 -13.89 9.37 1.79
N HIS C 285 -13.19 8.26 1.59
CA HIS C 285 -11.81 8.29 1.11
C HIS C 285 -11.77 8.95 -0.27
N PHE C 286 -12.59 8.42 -1.17
CA PHE C 286 -12.73 8.96 -2.52
C PHE C 286 -13.11 10.45 -2.50
N ALA C 287 -14.09 10.77 -1.66
CA ALA C 287 -14.63 12.12 -1.56
C ALA C 287 -13.55 13.13 -1.26
N LEU C 288 -12.58 12.74 -0.44
CA LEU C 288 -11.51 13.65 -0.11
C LEU C 288 -10.29 13.53 -1.03
N PHE C 289 -9.84 12.31 -1.25
CA PHE C 289 -8.55 12.11 -1.89
C PHE C 289 -8.54 12.24 -3.41
N PHE C 290 -9.72 12.20 -4.02
CA PHE C 290 -9.76 12.18 -5.48
C PHE C 290 -9.03 13.37 -6.11
N ASN C 291 -8.33 13.09 -7.21
CA ASN C 291 -7.57 14.12 -7.92
C ASN C 291 -6.59 14.85 -7.02
N GLN C 292 -5.90 14.07 -6.18
CA GLN C 292 -4.89 14.64 -5.29
C GLN C 292 -5.51 15.61 -4.29
N GLY C 293 -6.81 15.43 -4.02
CA GLY C 293 -7.54 16.32 -3.13
C GLY C 293 -7.84 17.67 -3.77
N GLN C 294 -7.56 17.79 -5.08
CA GLN C 294 -7.75 19.04 -5.79
C GLN C 294 -9.14 19.19 -6.45
N CYS C 295 -10.18 19.09 -5.62
CA CYS C 295 -11.57 19.27 -6.06
C CYS C 295 -12.22 20.33 -5.19
N CYS C 296 -12.90 21.27 -5.83
CA CYS C 296 -13.56 22.35 -5.13
C CYS C 296 -14.62 21.77 -4.18
N CYS C 297 -15.16 20.62 -4.55
CA CYS C 297 -16.23 20.02 -3.76
C CYS C 297 -15.74 18.85 -2.91
N ALA C 298 -14.43 18.74 -2.71
CA ALA C 298 -13.86 17.69 -1.86
C ALA C 298 -14.58 17.59 -0.51
N GLY C 299 -14.84 16.37 -0.07
CA GLY C 299 -15.43 16.14 1.24
C GLY C 299 -14.41 16.35 2.34
N SER C 300 -14.11 17.61 2.63
CA SER C 300 -13.00 17.98 3.50
C SER C 300 -13.41 18.17 4.97
N ARG C 301 -14.68 17.93 5.27
CA ARG C 301 -15.14 17.83 6.64
C ARG C 301 -15.96 16.57 6.80
N THR C 302 -15.32 15.49 7.24
CA THR C 302 -15.98 14.21 7.40
C THR C 302 -16.58 14.09 8.80
N PHE C 303 -17.88 14.34 8.92
CA PHE C 303 -18.59 14.22 10.19
C PHE C 303 -19.04 12.79 10.42
N VAL C 304 -18.61 12.19 11.52
CA VAL C 304 -18.96 10.80 11.82
C VAL C 304 -19.67 10.68 13.16
N GLN C 305 -20.84 10.03 13.17
CA GLN C 305 -21.62 9.89 14.40
C GLN C 305 -20.79 9.11 15.43
N GLU C 306 -20.85 9.53 16.68
CA GLU C 306 -19.95 9.02 17.72
C GLU C 306 -19.92 7.49 17.85
N ASP C 307 -21.08 6.86 17.77
CA ASP C 307 -21.18 5.41 17.92
C ASP C 307 -20.33 4.60 16.95
N ILE C 308 -19.96 5.18 15.81
CA ILE C 308 -19.17 4.46 14.80
C ILE C 308 -17.84 5.14 14.53
N TYR C 309 -17.61 6.25 15.22
CA TYR C 309 -16.42 7.05 15.03
C TYR C 309 -15.11 6.24 15.03
N ASP C 310 -14.89 5.49 16.11
CA ASP C 310 -13.61 4.80 16.31
C ASP C 310 -13.32 3.83 15.15
N GLU C 311 -14.32 3.02 14.81
CA GLU C 311 -14.15 2.04 13.73
C GLU C 311 -13.94 2.74 12.40
N PHE C 312 -14.78 3.76 12.15
CA PHE C 312 -14.68 4.52 10.91
C PHE C 312 -13.28 5.10 10.75
N VAL C 313 -12.77 5.74 11.80
CA VAL C 313 -11.43 6.32 11.78
C VAL C 313 -10.36 5.26 11.49
N GLU C 314 -10.43 4.15 12.23
CA GLU C 314 -9.50 3.03 12.01
C GLU C 314 -9.44 2.62 10.54
N ARG C 315 -10.61 2.35 9.96
CA ARG C 315 -10.69 1.87 8.58
C ARG C 315 -10.20 2.93 7.59
N SER C 316 -10.50 4.19 7.91
CA SER C 316 -10.09 5.31 7.08
C SER C 316 -8.58 5.43 7.05
N VAL C 317 -7.97 5.36 8.23
CA VAL C 317 -6.52 5.47 8.35
C VAL C 317 -5.86 4.35 7.58
N ALA C 318 -6.40 3.14 7.72
CA ALA C 318 -5.86 2.01 6.97
C ALA C 318 -5.92 2.26 5.47
N ARG C 319 -7.09 2.71 5.00
CA ARG C 319 -7.31 2.95 3.57
C ARG C 319 -6.36 4.03 3.05
N ALA C 320 -6.19 5.09 3.85
CA ALA C 320 -5.26 6.15 3.52
C ALA C 320 -3.80 5.65 3.44
N LYS C 321 -3.44 4.79 4.39
CA LYS C 321 -2.07 4.25 4.45
C LYS C 321 -1.76 3.39 3.23
N SER C 322 -2.79 2.73 2.71
CA SER C 322 -2.60 1.81 1.60
C SER C 322 -2.69 2.50 0.24
N ARG C 323 -3.04 3.78 0.24
CA ARG C 323 -3.19 4.53 -1.00
C ARG C 323 -1.83 4.70 -1.72
N VAL C 324 -1.80 4.30 -2.99
CA VAL C 324 -0.55 4.27 -3.77
C VAL C 324 -0.21 5.60 -4.42
N VAL C 325 0.84 6.24 -3.90
CA VAL C 325 1.34 7.50 -4.46
C VAL C 325 2.52 7.23 -5.40
N GLY C 326 2.55 7.87 -6.56
CA GLY C 326 3.68 7.70 -7.46
C GLY C 326 3.50 8.23 -8.87
N ASN C 327 4.29 7.69 -9.79
CA ASN C 327 4.25 8.10 -11.19
C ASN C 327 2.86 7.92 -11.79
N PRO C 328 2.24 9.05 -12.19
CA PRO C 328 0.87 9.06 -12.74
C PRO C 328 0.72 8.18 -13.98
N PHE C 329 1.81 7.86 -14.65
CA PHE C 329 1.73 6.97 -15.82
C PHE C 329 1.75 5.47 -15.47
N ASP C 330 2.04 5.17 -14.21
CA ASP C 330 2.03 3.79 -13.75
C ASP C 330 0.60 3.38 -13.37
N SER C 331 0.15 2.28 -13.95
CA SER C 331 -1.24 1.88 -13.79
C SER C 331 -1.62 1.61 -12.34
N LYS C 332 -0.62 1.42 -11.47
CA LYS C 332 -0.89 1.11 -10.06
C LYS C 332 -1.07 2.36 -9.21
N THR C 333 -0.68 3.51 -9.76
CA THR C 333 -0.73 4.79 -9.04
C THR C 333 -2.15 5.31 -8.82
N GLU C 334 -2.52 5.52 -7.56
CA GLU C 334 -3.81 6.10 -7.22
C GLU C 334 -3.71 7.62 -7.09
N GLN C 335 -2.52 8.10 -6.74
CA GLN C 335 -2.34 9.52 -6.47
C GLN C 335 -1.04 10.06 -7.05
N GLY C 336 -1.16 11.07 -7.91
CA GLY C 336 0.01 11.72 -8.47
C GLY C 336 0.48 12.85 -7.58
N PRO C 337 1.31 13.75 -8.15
CA PRO C 337 1.81 14.93 -7.44
C PRO C 337 0.73 16.01 -7.37
N GLN C 338 0.90 16.99 -6.47
CA GLN C 338 0.13 18.21 -6.54
C GLN C 338 0.57 19.00 -7.79
N VAL C 339 -0.25 19.96 -8.19
CA VAL C 339 -0.10 20.61 -9.48
C VAL C 339 1.19 21.43 -9.65
N ASP C 340 1.63 22.08 -8.57
CA ASP C 340 2.82 22.93 -8.61
C ASP C 340 3.41 23.18 -7.22
N GLU C 341 4.50 23.94 -7.19
CA GLU C 341 5.23 24.17 -5.95
C GLU C 341 4.45 25.03 -4.96
N THR C 342 3.71 26.01 -5.49
CA THR C 342 2.91 26.88 -4.64
C THR C 342 1.88 26.07 -3.85
N GLN C 343 1.20 25.17 -4.54
CA GLN C 343 0.19 24.32 -3.91
C GLN C 343 0.88 23.37 -2.95
N PHE C 344 1.99 22.81 -3.41
CA PHE C 344 2.81 21.92 -2.59
C PHE C 344 3.07 22.52 -1.20
N LYS C 345 3.56 23.76 -1.20
CA LYS C 345 3.93 24.42 0.03
C LYS C 345 2.72 24.82 0.85
N LYS C 346 1.67 25.31 0.18
CA LYS C 346 0.43 25.68 0.86
C LYS C 346 -0.10 24.49 1.67
N ILE C 347 -0.09 23.33 1.05
CA ILE C 347 -0.61 22.12 1.69
C ILE C 347 0.23 21.72 2.90
N LEU C 348 1.54 21.70 2.72
CA LEU C 348 2.44 21.41 3.82
C LEU C 348 2.19 22.39 4.97
N GLY C 349 1.97 23.65 4.61
CA GLY C 349 1.72 24.70 5.58
C GLY C 349 0.46 24.40 6.38
N TYR C 350 -0.57 23.93 5.68
CA TYR C 350 -1.83 23.59 6.33
C TYR C 350 -1.67 22.40 7.27
N ILE C 351 -0.93 21.40 6.80
CA ILE C 351 -0.65 20.22 7.62
C ILE C 351 0.02 20.66 8.93
N ASN C 352 0.98 21.57 8.81
CA ASN C 352 1.65 22.10 9.98
C ASN C 352 0.66 22.82 10.91
N THR C 353 -0.21 23.61 10.33
CA THR C 353 -1.23 24.31 11.10
C THR C 353 -2.09 23.33 11.86
N GLY C 354 -2.36 22.18 11.24
CA GLY C 354 -3.19 21.15 11.85
C GLY C 354 -2.52 20.54 13.07
N LYS C 355 -1.24 20.21 12.91
CA LYS C 355 -0.44 19.73 14.01
C LYS C 355 -0.46 20.76 15.12
N GLN C 356 -0.16 22.00 14.75
CA GLN C 356 -0.03 23.11 15.68
C GLN C 356 -1.30 23.33 16.52
N GLU C 357 -2.46 23.14 15.89
CA GLU C 357 -3.72 23.47 16.54
C GLU C 357 -4.29 22.33 17.38
N GLY C 358 -3.61 21.19 17.38
CA GLY C 358 -3.99 20.09 18.24
C GLY C 358 -4.90 19.05 17.63
N ALA C 359 -4.97 19.01 16.31
CA ALA C 359 -5.65 17.90 15.65
C ALA C 359 -4.74 16.67 15.74
N LYS C 360 -5.34 15.48 15.83
CA LYS C 360 -4.56 14.26 15.90
C LYS C 360 -4.10 13.81 14.51
N LEU C 361 -2.81 13.95 14.24
CA LEU C 361 -2.25 13.40 13.00
C LEU C 361 -2.24 11.88 13.12
N LEU C 362 -3.02 11.21 12.28
CA LEU C 362 -3.17 9.75 12.35
C LEU C 362 -2.34 9.02 11.31
N CYS C 363 -1.93 9.72 10.25
CA CYS C 363 -1.03 9.14 9.25
C CYS C 363 -0.61 10.19 8.23
N GLY C 364 0.42 9.87 7.45
CA GLY C 364 0.99 10.81 6.50
C GLY C 364 1.52 12.05 7.20
N GLY C 365 1.34 13.21 6.58
CA GLY C 365 1.73 14.46 7.21
C GLY C 365 2.99 15.07 6.62
N GLY C 366 3.55 14.44 5.59
CA GLY C 366 4.79 14.92 5.01
C GLY C 366 4.95 14.65 3.53
N ILE C 367 6.09 15.09 3.02
CA ILE C 367 6.47 14.89 1.62
C ILE C 367 6.61 13.41 1.29
N ALA C 368 6.20 13.02 0.10
CA ALA C 368 6.10 11.60 -0.24
C ALA C 368 7.19 11.11 -1.22
N ALA C 369 7.91 12.06 -1.83
CA ALA C 369 9.03 11.72 -2.69
C ALA C 369 9.93 12.94 -2.78
N ASP C 370 11.13 12.78 -3.36
CA ASP C 370 12.07 13.89 -3.39
C ASP C 370 12.22 14.55 -4.76
N ARG C 371 11.46 14.06 -5.74
CA ARG C 371 11.27 14.76 -6.99
C ARG C 371 9.78 14.97 -7.22
N GLY C 372 9.42 16.11 -7.79
CA GLY C 372 8.02 16.42 -8.04
C GLY C 372 7.36 16.90 -6.76
N TYR C 373 6.04 17.07 -6.82
CA TYR C 373 5.33 17.65 -5.68
C TYR C 373 4.38 16.64 -5.02
N PHE C 374 4.93 15.50 -4.62
CA PHE C 374 4.14 14.44 -4.01
C PHE C 374 3.98 14.59 -2.50
N ILE C 375 2.77 14.38 -2.02
CA ILE C 375 2.48 14.51 -0.61
C ILE C 375 1.81 13.25 -0.06
N GLN C 376 2.18 12.85 1.14
CA GLN C 376 1.58 11.68 1.76
C GLN C 376 0.12 11.90 2.02
N PRO C 377 -0.72 10.92 1.67
CA PRO C 377 -2.11 10.96 2.13
C PRO C 377 -2.14 11.16 3.65
N THR C 378 -2.85 12.20 4.08
CA THR C 378 -2.78 12.63 5.47
C THR C 378 -4.18 12.62 6.09
N VAL C 379 -4.28 12.10 7.31
CA VAL C 379 -5.55 12.08 8.03
C VAL C 379 -5.45 12.71 9.41
N PHE C 380 -6.32 13.67 9.69
CA PHE C 380 -6.42 14.24 11.03
C PHE C 380 -7.72 13.75 11.68
N GLY C 381 -7.61 13.32 12.94
CA GLY C 381 -8.77 12.92 13.72
C GLY C 381 -9.06 13.94 14.81
N ASP C 382 -10.23 13.82 15.44
CA ASP C 382 -10.64 14.72 16.51
C ASP C 382 -10.54 16.18 16.12
N VAL C 383 -10.89 16.47 14.88
CA VAL C 383 -10.85 17.83 14.36
C VAL C 383 -12.02 18.61 14.97
N GLN C 384 -11.77 19.86 15.33
CA GLN C 384 -12.81 20.72 15.89
C GLN C 384 -13.15 21.82 14.90
N ASP C 385 -14.39 22.31 14.95
CA ASP C 385 -14.91 23.26 13.98
C ASP C 385 -14.07 24.54 13.91
N GLY C 386 -13.53 24.94 15.06
CA GLY C 386 -12.80 26.19 15.14
C GLY C 386 -11.40 26.10 14.56
N MET C 387 -10.94 24.88 14.29
CA MET C 387 -9.61 24.69 13.73
C MET C 387 -9.51 25.23 12.31
N THR C 388 -8.33 25.74 11.96
CA THR C 388 -8.06 26.27 10.64
C THR C 388 -8.30 25.22 9.56
N ILE C 389 -7.80 24.02 9.76
CA ILE C 389 -7.95 22.97 8.75
C ILE C 389 -9.41 22.50 8.65
N ALA C 390 -10.27 22.99 9.55
CA ALA C 390 -11.69 22.66 9.50
C ALA C 390 -12.48 23.75 8.82
N LYS C 391 -11.83 24.90 8.62
CA LYS C 391 -12.50 26.07 8.08
C LYS C 391 -12.03 26.43 6.67
N GLU C 392 -10.75 26.24 6.39
CA GLU C 392 -10.18 26.69 5.13
C GLU C 392 -9.95 25.58 4.14
N GLU C 393 -10.14 25.89 2.86
CA GLU C 393 -9.95 24.91 1.79
C GLU C 393 -8.47 24.59 1.63
N ILE C 394 -8.11 23.34 1.85
CA ILE C 394 -6.72 22.91 1.81
C ILE C 394 -6.29 22.55 0.39
N PHE C 395 -7.20 21.89 -0.34
CA PHE C 395 -6.96 21.52 -1.74
C PHE C 395 -5.81 20.51 -1.92
N GLY C 396 -5.68 19.62 -0.94
CA GLY C 396 -4.65 18.60 -0.97
C GLY C 396 -5.12 17.32 -0.28
N PRO C 397 -4.24 16.31 -0.24
CA PRO C 397 -4.60 15.00 0.31
C PRO C 397 -4.63 15.04 1.84
N VAL C 398 -5.52 15.84 2.39
CA VAL C 398 -5.55 16.05 3.83
C VAL C 398 -6.99 15.93 4.32
N MET C 399 -7.29 14.84 5.02
CA MET C 399 -8.65 14.53 5.47
C MET C 399 -8.92 14.99 6.90
N GLN C 400 -10.06 15.63 7.12
CA GLN C 400 -10.48 16.02 8.46
C GLN C 400 -11.64 15.13 8.91
N ILE C 401 -11.48 14.49 10.06
CA ILE C 401 -12.58 13.69 10.61
C ILE C 401 -13.10 14.29 11.91
N LEU C 402 -14.39 14.61 11.94
CA LEU C 402 -15.00 15.22 13.10
C LEU C 402 -16.05 14.29 13.66
N LYS C 403 -16.37 14.44 14.94
CA LYS C 403 -17.29 13.54 15.61
C LYS C 403 -18.51 14.34 16.01
N PHE C 404 -19.70 13.74 15.89
CA PHE C 404 -20.91 14.41 16.34
C PHE C 404 -21.88 13.41 16.96
N LYS C 405 -22.89 13.92 17.64
CA LYS C 405 -23.87 13.07 18.30
C LYS C 405 -25.24 13.06 17.62
N THR C 406 -25.86 14.23 17.49
CA THR C 406 -27.23 14.30 16.98
C THR C 406 -27.34 14.88 15.58
N ILE C 407 -28.47 14.60 14.95
CA ILE C 407 -28.71 15.06 13.59
C ILE C 407 -28.91 16.57 13.57
N GLU C 408 -29.55 17.10 14.61
CA GLU C 408 -29.74 18.54 14.72
C GLU C 408 -28.38 19.22 14.84
N GLU C 409 -27.51 18.63 15.65
CA GLU C 409 -26.17 19.15 15.85
C GLU C 409 -25.38 19.23 14.54
N VAL C 410 -25.34 18.12 13.80
CA VAL C 410 -24.50 18.04 12.62
C VAL C 410 -24.99 18.99 11.52
N VAL C 411 -26.30 19.17 11.42
CA VAL C 411 -26.88 20.12 10.47
C VAL C 411 -26.33 21.52 10.71
N GLY C 412 -26.40 21.97 11.96
CA GLY C 412 -25.92 23.30 12.32
C GLY C 412 -24.43 23.49 12.09
N ARG C 413 -23.66 22.43 12.33
CA ARG C 413 -22.22 22.49 12.16
C ARG C 413 -21.84 22.46 10.68
N ALA C 414 -22.50 21.58 9.94
CA ALA C 414 -22.25 21.46 8.52
C ALA C 414 -22.52 22.81 7.83
N ASN C 415 -23.64 23.41 8.20
CA ASN C 415 -24.06 24.69 7.61
C ASN C 415 -23.32 25.90 8.14
N ASN C 416 -22.56 25.71 9.22
CA ASN C 416 -21.83 26.83 9.80
C ASN C 416 -20.52 27.07 9.04
N SER C 417 -20.65 27.66 7.87
CA SER C 417 -19.53 27.87 6.97
C SER C 417 -19.97 28.90 5.94
N THR C 418 -19.00 29.60 5.35
CA THR C 418 -19.33 30.56 4.30
C THR C 418 -19.26 29.90 2.94
N TYR C 419 -18.84 28.64 2.91
CA TYR C 419 -18.91 27.83 1.71
C TYR C 419 -20.23 27.04 1.69
N GLY C 420 -20.57 26.49 0.53
CA GLY C 420 -21.82 25.75 0.37
C GLY C 420 -21.90 25.14 -1.02
N LEU C 421 -20.76 24.65 -1.49
CA LEU C 421 -20.68 24.03 -2.81
C LEU C 421 -21.38 22.69 -2.83
N ALA C 422 -21.03 21.81 -1.90
CA ALA C 422 -21.62 20.47 -1.86
C ALA C 422 -21.72 19.91 -0.44
N ALA C 423 -22.38 18.77 -0.31
CA ALA C 423 -22.48 18.04 0.93
C ALA C 423 -22.90 16.61 0.61
N ALA C 424 -22.71 15.71 1.56
CA ALA C 424 -23.17 14.34 1.38
C ALA C 424 -23.73 13.77 2.67
N VAL C 425 -24.62 12.79 2.53
CA VAL C 425 -25.26 12.15 3.66
C VAL C 425 -25.24 10.64 3.46
N PHE C 426 -24.71 9.91 4.43
CA PHE C 426 -24.72 8.46 4.39
C PHE C 426 -25.62 7.88 5.48
N THR C 427 -26.73 7.28 5.05
CA THR C 427 -27.69 6.69 5.96
C THR C 427 -28.58 5.71 5.19
N LYS C 428 -29.15 4.75 5.91
CA LYS C 428 -30.11 3.84 5.29
C LYS C 428 -31.53 4.33 5.51
N ASP C 429 -31.68 5.31 6.40
CA ASP C 429 -32.99 5.79 6.81
C ASP C 429 -33.62 6.83 5.86
N LEU C 430 -34.82 6.53 5.37
CA LEU C 430 -35.55 7.42 4.47
C LEU C 430 -35.71 8.84 5.04
N ASP C 431 -36.28 8.92 6.23
CA ASP C 431 -36.53 10.20 6.88
C ASP C 431 -35.26 11.02 7.11
N LYS C 432 -34.22 10.38 7.62
CA LYS C 432 -32.95 11.08 7.85
C LYS C 432 -32.39 11.64 6.55
N ALA C 433 -32.43 10.83 5.50
CA ALA C 433 -31.96 11.27 4.20
C ALA C 433 -32.73 12.51 3.72
N ASN C 434 -34.05 12.50 3.86
CA ASN C 434 -34.86 13.63 3.39
C ASN C 434 -34.68 14.87 4.25
N TYR C 435 -34.64 14.68 5.56
CA TYR C 435 -34.40 15.78 6.49
C TYR C 435 -33.07 16.46 6.18
N LEU C 436 -32.01 15.68 6.05
CA LEU C 436 -30.70 16.25 5.79
C LEU C 436 -30.58 16.94 4.43
N SER C 437 -31.05 16.28 3.38
CA SER C 437 -30.92 16.86 2.03
C SER C 437 -31.65 18.20 1.93
N GLN C 438 -32.76 18.33 2.65
CA GLN C 438 -33.51 19.59 2.67
C GLN C 438 -32.79 20.67 3.47
N ALA C 439 -32.23 20.27 4.62
CA ALA C 439 -31.65 21.21 5.56
C ALA C 439 -30.23 21.70 5.24
N LEU C 440 -29.46 20.90 4.52
CA LEU C 440 -28.09 21.29 4.18
C LEU C 440 -28.06 22.42 3.16
N GLN C 441 -27.30 23.47 3.46
CA GLN C 441 -27.18 24.61 2.54
C GLN C 441 -26.05 24.40 1.54
N ALA C 442 -26.30 23.62 0.51
CA ALA C 442 -25.27 23.34 -0.47
C ALA C 442 -25.86 23.17 -1.87
N GLY C 443 -25.06 23.45 -2.90
CA GLY C 443 -25.53 23.37 -4.27
C GLY C 443 -25.89 21.94 -4.67
N THR C 444 -25.14 20.98 -4.14
CA THR C 444 -25.39 19.57 -4.40
C THR C 444 -25.34 18.78 -3.10
N VAL C 445 -26.38 18.00 -2.84
CA VAL C 445 -26.38 17.07 -1.74
C VAL C 445 -26.41 15.66 -2.30
N TRP C 446 -25.34 14.92 -2.06
CA TRP C 446 -25.27 13.51 -2.44
C TRP C 446 -25.75 12.63 -1.29
N VAL C 447 -26.53 11.61 -1.61
CA VAL C 447 -27.02 10.67 -0.60
C VAL C 447 -26.44 9.28 -0.90
N ASN C 448 -25.66 8.76 0.04
CA ASN C 448 -24.99 7.45 -0.07
C ASN C 448 -24.10 7.37 -1.30
N CYS C 449 -23.56 8.50 -1.69
CA CYS C 449 -22.56 8.51 -2.76
C CYS C 449 -21.84 9.84 -2.65
N TYR C 450 -20.86 10.05 -3.52
CA TYR C 450 -20.14 11.32 -3.52
C TYR C 450 -19.56 11.58 -4.91
N ASP C 451 -19.45 12.86 -5.26
CA ASP C 451 -18.83 13.24 -6.52
C ASP C 451 -19.52 12.57 -7.69
N VAL C 452 -20.84 12.49 -7.62
CA VAL C 452 -21.64 11.98 -8.73
C VAL C 452 -22.04 13.15 -9.60
N PHE C 453 -21.43 13.21 -10.78
CA PHE C 453 -21.71 14.26 -11.74
C PHE C 453 -22.36 13.72 -12.99
N GLY C 454 -23.38 14.42 -13.47
CA GLY C 454 -24.03 14.08 -14.71
C GLY C 454 -24.19 15.34 -15.51
N ALA C 455 -23.90 15.27 -16.80
CA ALA C 455 -24.06 16.43 -17.66
C ALA C 455 -25.49 16.97 -17.56
N GLN C 456 -26.42 16.15 -17.11
CA GLN C 456 -27.80 16.60 -17.07
C GLN C 456 -28.20 17.25 -15.73
N SER C 457 -27.36 17.13 -14.71
CA SER C 457 -27.68 17.68 -13.38
C SER C 457 -26.82 18.90 -13.05
N PRO C 458 -27.47 20.01 -12.66
CA PRO C 458 -26.76 21.26 -12.43
C PRO C 458 -25.81 21.18 -11.23
N PHE C 459 -24.79 22.03 -11.23
CA PHE C 459 -23.77 22.03 -10.19
C PHE C 459 -23.29 23.47 -9.95
N GLY C 460 -23.15 23.85 -8.69
CA GLY C 460 -22.73 25.21 -8.35
C GLY C 460 -22.97 25.54 -6.89
N GLY C 461 -22.47 26.71 -6.46
CA GLY C 461 -22.42 27.00 -5.04
C GLY C 461 -23.53 27.81 -4.42
N TYR C 462 -23.82 27.51 -3.15
CA TYR C 462 -24.57 28.41 -2.28
C TYR C 462 -23.54 29.36 -1.68
N LYS C 463 -24.01 30.45 -1.10
CA LYS C 463 -23.13 31.36 -0.37
C LYS C 463 -21.89 31.78 -1.18
N MET C 464 -20.72 31.65 -0.58
CA MET C 464 -19.51 32.16 -1.22
C MET C 464 -18.79 31.09 -2.02
N SER C 465 -19.46 29.94 -2.20
CA SER C 465 -18.94 28.92 -3.08
C SER C 465 -19.25 29.26 -4.54
N GLY C 466 -19.96 30.35 -4.77
CA GLY C 466 -20.22 30.81 -6.12
C GLY C 466 -21.64 31.30 -6.34
N SER C 467 -21.98 31.55 -7.60
CA SER C 467 -23.34 31.89 -7.99
C SER C 467 -23.57 31.42 -9.42
N GLY C 468 -24.81 31.00 -9.69
CA GLY C 468 -25.14 30.41 -10.97
C GLY C 468 -24.87 28.91 -10.96
N ARG C 469 -25.31 28.23 -12.01
CA ARG C 469 -25.15 26.79 -12.09
C ARG C 469 -24.54 26.41 -13.43
N GLU C 470 -23.76 25.34 -13.42
CA GLU C 470 -23.27 24.73 -14.64
C GLU C 470 -23.84 23.34 -14.80
N LEU C 471 -23.80 22.84 -16.03
CA LEU C 471 -24.41 21.55 -16.38
C LEU C 471 -25.95 21.63 -16.38
N GLY C 472 -26.57 20.61 -16.98
CA GLY C 472 -28.02 20.56 -17.13
C GLY C 472 -28.60 21.68 -17.99
N GLU C 473 -29.92 21.77 -17.97
CA GLU C 473 -30.59 22.87 -18.64
C GLU C 473 -30.20 24.19 -18.00
N TYR C 474 -29.99 24.18 -16.68
CA TYR C 474 -29.69 25.39 -15.92
C TYR C 474 -28.43 26.06 -16.43
N GLY C 475 -27.51 25.26 -16.95
CA GLY C 475 -26.26 25.78 -17.49
C GLY C 475 -26.44 26.68 -18.69
N LEU C 476 -27.63 26.67 -19.28
CA LEU C 476 -27.88 27.50 -20.46
C LEU C 476 -28.29 28.92 -20.08
N GLN C 477 -28.83 29.09 -18.88
CA GLN C 477 -29.43 30.35 -18.48
C GLN C 477 -28.48 31.53 -18.57
N ALA C 478 -27.29 31.38 -18.00
CA ALA C 478 -26.33 32.47 -17.97
C ALA C 478 -25.76 32.80 -19.36
N TYR C 479 -26.07 31.97 -20.34
CA TYR C 479 -25.56 32.21 -21.69
C TYR C 479 -26.64 32.75 -22.61
N THR C 480 -27.77 33.12 -22.01
CA THR C 480 -28.92 33.58 -22.76
C THR C 480 -29.30 34.99 -22.32
N GLU C 481 -29.59 35.84 -23.30
CA GLU C 481 -30.15 37.16 -23.03
C GLU C 481 -31.58 37.14 -23.52
N VAL C 482 -32.51 37.57 -22.68
CA VAL C 482 -33.94 37.46 -23.01
C VAL C 482 -34.48 38.75 -23.62
N LYS C 483 -35.08 38.63 -24.80
CA LYS C 483 -35.75 39.77 -25.42
C LYS C 483 -37.24 39.53 -25.48
N THR C 484 -38.01 40.50 -25.00
CA THR C 484 -39.45 40.46 -25.18
C THR C 484 -39.83 41.22 -26.45
N VAL C 485 -40.69 40.62 -27.25
CA VAL C 485 -41.28 41.31 -28.40
C VAL C 485 -42.78 41.35 -28.20
N THR C 486 -43.34 42.54 -28.26
CA THR C 486 -44.75 42.75 -27.99
C THR C 486 -45.38 43.54 -29.13
N VAL C 487 -46.28 42.89 -29.86
CA VAL C 487 -46.83 43.41 -31.11
C VAL C 487 -48.32 43.70 -30.97
N LYS C 488 -48.72 44.90 -31.38
CA LYS C 488 -50.13 45.25 -31.42
C LYS C 488 -50.82 44.40 -32.46
N VAL C 489 -51.94 43.79 -32.10
CA VAL C 489 -52.70 43.02 -33.09
C VAL C 489 -54.13 43.53 -33.13
N PRO C 490 -54.84 43.28 -34.26
CA PRO C 490 -56.19 43.80 -34.46
C PRO C 490 -57.15 43.39 -33.36
N GLN C 491 -57.12 42.12 -32.97
CA GLN C 491 -57.99 41.64 -31.89
C GLN C 491 -57.48 40.36 -31.27
N LYS C 492 -57.10 40.44 -30.01
CA LYS C 492 -56.55 39.28 -29.31
C LYS C 492 -57.64 38.28 -28.95
N ASN C 493 -57.42 37.02 -29.33
CA ASN C 493 -58.29 35.92 -28.92
C ASN C 493 -57.50 34.82 -28.26
N SER C 494 -58.11 34.12 -27.32
CA SER C 494 -57.52 32.92 -26.78
C SER C 494 -57.48 31.88 -27.90
N ALA D 1 -63.72 56.35 -15.08
CA ALA D 1 -64.60 56.11 -13.95
C ALA D 1 -63.85 56.24 -12.63
N VAL D 2 -63.41 57.46 -12.31
CA VAL D 2 -62.45 57.67 -11.22
C VAL D 2 -63.03 58.39 -10.00
N PRO D 3 -62.90 57.78 -8.82
CA PRO D 3 -63.41 58.39 -7.58
C PRO D 3 -62.69 59.69 -7.30
N ALA D 4 -63.41 60.67 -6.76
CA ALA D 4 -62.80 61.92 -6.38
C ALA D 4 -61.73 61.71 -5.31
N PRO D 5 -60.56 62.32 -5.49
CA PRO D 5 -59.44 62.16 -4.56
C PRO D 5 -59.53 63.11 -3.35
N ASN D 6 -58.99 62.65 -2.23
CA ASN D 6 -58.64 63.51 -1.13
C ASN D 6 -57.32 64.17 -1.50
N GLN D 7 -57.34 65.48 -1.74
CA GLN D 7 -56.14 66.15 -2.25
C GLN D 7 -55.11 66.43 -1.17
N GLN D 8 -55.45 66.06 0.06
CA GLN D 8 -54.51 66.12 1.16
C GLN D 8 -54.72 64.91 2.05
N PRO D 9 -54.34 63.73 1.55
CA PRO D 9 -54.50 62.49 2.31
C PRO D 9 -53.67 62.55 3.59
N GLU D 10 -54.20 61.99 4.67
CA GLU D 10 -53.47 61.94 5.92
C GLU D 10 -52.35 60.90 5.79
N VAL D 11 -51.23 61.13 6.46
CA VAL D 11 -50.15 60.17 6.49
C VAL D 11 -50.17 59.37 7.77
N PHE D 12 -50.20 58.04 7.65
CA PHE D 12 -50.28 57.16 8.80
C PHE D 12 -48.98 56.43 9.11
N CYS D 13 -48.10 56.36 8.12
CA CYS D 13 -46.88 55.58 8.30
C CYS D 13 -45.67 56.35 7.80
N ASN D 14 -44.69 56.52 8.69
CA ASN D 14 -43.51 57.32 8.35
C ASN D 14 -42.31 56.86 9.13
N GLN D 15 -42.36 55.62 9.58
CA GLN D 15 -41.24 55.05 10.33
C GLN D 15 -40.60 53.85 9.62
N ILE D 16 -39.63 53.25 10.29
CA ILE D 16 -38.95 52.07 9.78
C ILE D 16 -39.77 50.85 10.14
N PHE D 17 -39.97 49.95 9.17
CA PHE D 17 -40.83 48.80 9.36
C PHE D 17 -40.07 47.49 9.54
N ILE D 18 -40.03 47.00 10.77
CA ILE D 18 -39.28 45.77 11.10
C ILE D 18 -40.10 44.86 12.00
N ASN D 19 -40.17 43.59 11.62
CA ASN D 19 -40.95 42.62 12.38
C ASN D 19 -42.40 43.06 12.56
N ASN D 20 -42.97 43.66 11.51
CA ASN D 20 -44.35 44.14 11.54
C ASN D 20 -44.60 45.17 12.62
N GLU D 21 -43.56 45.90 13.01
CA GLU D 21 -43.71 46.99 13.95
C GLU D 21 -43.04 48.25 13.42
N TRP D 22 -43.48 49.39 13.90
CA TRP D 22 -42.90 50.65 13.48
C TRP D 22 -41.84 51.16 14.45
N HIS D 23 -40.72 51.62 13.90
CA HIS D 23 -39.58 52.04 14.72
C HIS D 23 -39.02 53.37 14.23
N ASP D 24 -38.54 54.18 15.17
CA ASP D 24 -37.71 55.32 14.81
C ASP D 24 -36.34 54.82 14.41
N ALA D 25 -35.57 55.62 13.67
CA ALA D 25 -34.18 55.30 13.43
C ALA D 25 -33.49 55.23 14.80
N VAL D 26 -32.46 54.39 14.91
CA VAL D 26 -31.65 54.32 16.11
C VAL D 26 -31.18 55.73 16.47
N SER D 27 -30.84 56.51 15.44
CA SER D 27 -30.31 57.85 15.61
C SER D 27 -31.41 58.87 15.91
N ARG D 28 -32.66 58.44 15.75
CA ARG D 28 -33.81 59.33 15.92
C ARG D 28 -33.90 60.42 14.86
N LYS D 29 -32.93 60.45 13.95
CA LYS D 29 -32.97 61.42 12.85
C LYS D 29 -34.18 61.18 11.96
N THR D 30 -34.66 62.25 11.34
CA THR D 30 -35.74 62.16 10.37
C THR D 30 -35.39 63.05 9.19
N PHE D 31 -36.07 62.84 8.07
CA PHE D 31 -35.89 63.66 6.88
C PHE D 31 -37.25 64.04 6.29
N PRO D 32 -37.32 65.23 5.70
CA PRO D 32 -38.57 65.68 5.10
C PRO D 32 -38.78 65.04 3.74
N THR D 33 -40.03 64.72 3.42
CA THR D 33 -40.38 64.40 2.05
C THR D 33 -41.30 65.49 1.52
N VAL D 34 -41.04 65.92 0.29
CA VAL D 34 -41.68 67.11 -0.26
C VAL D 34 -42.78 66.77 -1.26
N ASN D 35 -43.78 67.65 -1.32
CA ASN D 35 -44.78 67.64 -2.38
C ASN D 35 -44.22 68.43 -3.56
N PRO D 36 -43.88 67.74 -4.65
CA PRO D 36 -43.20 68.40 -5.78
C PRO D 36 -44.10 69.41 -6.47
N SER D 37 -45.40 69.33 -6.26
CA SER D 37 -46.35 70.27 -6.85
C SER D 37 -46.29 71.64 -6.18
N THR D 38 -45.97 71.65 -4.88
CA THR D 38 -45.96 72.90 -4.12
C THR D 38 -44.57 73.26 -3.59
N GLY D 39 -43.70 72.27 -3.44
CA GLY D 39 -42.41 72.50 -2.82
C GLY D 39 -42.51 72.48 -1.29
N GLU D 40 -43.72 72.26 -0.78
CA GLU D 40 -43.94 72.21 0.67
C GLU D 40 -43.62 70.83 1.24
N VAL D 41 -43.13 70.81 2.47
CA VAL D 41 -42.87 69.57 3.18
C VAL D 41 -44.17 68.87 3.54
N ILE D 42 -44.32 67.63 3.08
CA ILE D 42 -45.52 66.85 3.41
C ILE D 42 -45.42 66.39 4.86
N CYS D 43 -44.31 65.74 5.18
CA CYS D 43 -44.06 65.29 6.53
C CYS D 43 -42.63 64.81 6.71
N GLN D 44 -42.35 64.42 7.95
CA GLN D 44 -41.02 63.97 8.34
C GLN D 44 -41.02 62.43 8.32
N VAL D 45 -39.89 61.84 7.99
CA VAL D 45 -39.78 60.37 7.86
C VAL D 45 -38.51 59.87 8.54
N ALA D 46 -38.61 58.71 9.20
CA ALA D 46 -37.46 58.14 9.89
C ALA D 46 -36.30 57.91 8.92
N GLU D 47 -35.10 58.38 9.29
CA GLU D 47 -33.95 58.29 8.42
C GLU D 47 -33.09 57.09 8.81
N GLY D 48 -33.35 55.96 8.17
CA GLY D 48 -32.64 54.74 8.46
C GLY D 48 -31.19 54.81 7.99
N ASP D 49 -30.31 54.12 8.72
CA ASP D 49 -28.90 54.04 8.37
C ASP D 49 -28.44 52.61 8.60
N LYS D 50 -27.13 52.41 8.59
CA LYS D 50 -26.54 51.10 8.74
C LYS D 50 -27.13 50.32 9.91
N GLU D 51 -27.19 50.94 11.08
CA GLU D 51 -27.65 50.23 12.27
C GLU D 51 -29.11 49.73 12.13
N ASP D 52 -29.93 50.52 11.46
CA ASP D 52 -31.32 50.14 11.22
C ASP D 52 -31.40 49.01 10.19
N VAL D 53 -30.60 49.11 9.14
CA VAL D 53 -30.51 48.05 8.16
C VAL D 53 -30.10 46.75 8.87
N ASP D 54 -29.12 46.85 9.75
CA ASP D 54 -28.62 45.67 10.46
C ASP D 54 -29.74 44.99 11.24
N LYS D 55 -30.59 45.78 11.90
CA LYS D 55 -31.73 45.22 12.62
C LYS D 55 -32.69 44.55 11.66
N ALA D 56 -32.95 45.19 10.54
CA ALA D 56 -33.86 44.65 9.53
C ALA D 56 -33.34 43.32 8.98
N VAL D 57 -32.04 43.26 8.71
CA VAL D 57 -31.45 42.05 8.16
C VAL D 57 -31.57 40.90 9.15
N LYS D 58 -31.35 41.18 10.43
CA LYS D 58 -31.42 40.14 11.45
C LYS D 58 -32.85 39.64 11.60
N ALA D 59 -33.81 40.57 11.55
CA ALA D 59 -35.22 40.16 11.58
C ALA D 59 -35.56 39.24 10.41
N ALA D 60 -35.10 39.59 9.22
CA ALA D 60 -35.33 38.79 8.02
C ALA D 60 -34.66 37.40 8.14
N ARG D 61 -33.38 37.39 8.53
CA ARG D 61 -32.67 36.13 8.72
C ARG D 61 -33.44 35.21 9.67
N ALA D 62 -33.95 35.78 10.75
CA ALA D 62 -34.71 35.02 11.74
C ALA D 62 -35.98 34.45 11.14
N ALA D 63 -36.71 35.30 10.42
CA ALA D 63 -37.93 34.87 9.75
C ALA D 63 -37.65 33.79 8.69
N PHE D 64 -36.40 33.70 8.21
CA PHE D 64 -36.04 32.74 7.18
C PHE D 64 -35.45 31.44 7.73
N GLN D 65 -35.39 31.33 9.06
CA GLN D 65 -34.83 30.12 9.69
C GLN D 65 -35.64 28.88 9.38
N LEU D 66 -34.92 27.79 9.11
CA LEU D 66 -35.56 26.51 8.88
C LEU D 66 -36.53 26.22 10.02
N GLY D 67 -37.75 25.81 9.68
CA GLY D 67 -38.75 25.53 10.69
C GLY D 67 -39.60 26.72 11.10
N SER D 68 -39.27 27.92 10.60
CA SER D 68 -40.06 29.12 10.89
C SER D 68 -41.42 29.04 10.20
N PRO D 69 -42.38 29.84 10.65
CA PRO D 69 -43.70 29.87 10.02
C PRO D 69 -43.59 30.13 8.52
N TRP D 70 -42.73 31.07 8.12
CA TRP D 70 -42.60 31.42 6.71
C TRP D 70 -41.99 30.29 5.90
N ARG D 71 -41.03 29.58 6.49
CA ARG D 71 -40.39 28.48 5.76
C ARG D 71 -41.30 27.24 5.64
N ARG D 72 -42.12 27.02 6.65
CA ARG D 72 -42.95 25.81 6.72
C ARG D 72 -44.27 25.99 5.99
N MET D 73 -44.66 27.24 5.82
CA MET D 73 -45.91 27.59 5.16
C MET D 73 -46.04 26.92 3.77
N ASP D 74 -47.22 26.38 3.47
CA ASP D 74 -47.49 25.84 2.15
C ASP D 74 -47.26 26.92 1.07
N ALA D 75 -46.61 26.53 -0.02
CA ALA D 75 -46.38 27.46 -1.11
C ALA D 75 -47.69 28.12 -1.55
N SER D 76 -48.76 27.32 -1.64
CA SER D 76 -50.07 27.81 -2.06
C SER D 76 -50.61 28.86 -1.10
N HIS D 77 -50.22 28.76 0.16
CA HIS D 77 -50.64 29.73 1.15
C HIS D 77 -49.91 31.07 0.97
N ARG D 78 -48.65 31.00 0.58
CA ARG D 78 -47.95 32.19 0.15
C ARG D 78 -48.77 32.92 -0.92
N GLY D 79 -49.36 32.15 -1.82
CA GLY D 79 -50.22 32.68 -2.87
C GLY D 79 -51.45 33.34 -2.29
N ARG D 80 -52.11 32.67 -1.35
CA ARG D 80 -53.28 33.24 -0.67
C ARG D 80 -52.91 34.60 -0.07
N LEU D 81 -51.77 34.64 0.61
CA LEU D 81 -51.32 35.88 1.25
C LEU D 81 -51.11 37.02 0.25
N LEU D 82 -50.48 36.72 -0.87
CA LEU D 82 -50.26 37.72 -1.89
C LEU D 82 -51.60 38.25 -2.42
N ASN D 83 -52.56 37.36 -2.64
CA ASN D 83 -53.90 37.76 -3.05
C ASN D 83 -54.63 38.60 -2.01
N ARG D 84 -54.46 38.24 -0.73
CA ARG D 84 -54.99 39.07 0.34
C ARG D 84 -54.40 40.48 0.28
N LEU D 85 -53.08 40.57 0.17
CA LEU D 85 -52.43 41.87 0.08
C LEU D 85 -53.00 42.69 -1.07
N ALA D 86 -53.15 42.05 -2.23
CA ALA D 86 -53.72 42.71 -3.39
C ALA D 86 -55.13 43.24 -3.07
N ASP D 87 -55.93 42.40 -2.42
CA ASP D 87 -57.27 42.79 -1.99
C ASP D 87 -57.26 44.02 -1.09
N LEU D 88 -56.34 44.04 -0.12
CA LEU D 88 -56.23 45.18 0.80
C LEU D 88 -55.80 46.43 0.06
N ILE D 89 -54.87 46.28 -0.86
CA ILE D 89 -54.45 47.42 -1.69
C ILE D 89 -55.60 47.95 -2.53
N GLU D 90 -56.39 47.04 -3.11
CA GLU D 90 -57.57 47.47 -3.86
C GLU D 90 -58.57 48.21 -2.95
N ARG D 91 -58.78 47.69 -1.74
CA ARG D 91 -59.68 48.35 -0.78
C ARG D 91 -59.26 49.80 -0.54
N ASP D 92 -57.96 50.03 -0.41
CA ASP D 92 -57.42 51.35 -0.14
C ASP D 92 -56.85 52.03 -1.39
N ARG D 93 -57.40 51.68 -2.54
CA ARG D 93 -56.91 52.16 -3.83
C ARG D 93 -57.00 53.67 -3.97
N THR D 94 -58.16 54.23 -3.63
CA THR D 94 -58.38 55.66 -3.77
C THR D 94 -57.40 56.45 -2.92
N TYR D 95 -57.23 56.00 -1.69
CA TYR D 95 -56.28 56.62 -0.77
C TYR D 95 -54.85 56.54 -1.29
N LEU D 96 -54.44 55.36 -1.75
CA LEU D 96 -53.07 55.13 -2.18
C LEU D 96 -52.72 55.93 -3.43
N ALA D 97 -53.67 56.02 -4.36
CA ALA D 97 -53.46 56.77 -5.59
C ALA D 97 -53.27 58.25 -5.27
N ALA D 98 -54.01 58.75 -4.28
CA ALA D 98 -53.90 60.15 -3.89
C ALA D 98 -52.57 60.39 -3.22
N LEU D 99 -52.20 59.50 -2.31
CA LEU D 99 -50.92 59.63 -1.60
C LEU D 99 -49.74 59.57 -2.58
N GLU D 100 -49.86 58.69 -3.58
CA GLU D 100 -48.85 58.53 -4.60
C GLU D 100 -48.65 59.84 -5.36
N THR D 101 -49.76 60.43 -5.79
CA THR D 101 -49.73 61.71 -6.48
C THR D 101 -49.14 62.81 -5.58
N LEU D 102 -49.54 62.82 -4.32
CA LEU D 102 -49.08 63.84 -3.38
C LEU D 102 -47.57 63.84 -3.24
N ASP D 103 -46.98 62.64 -3.12
CA ASP D 103 -45.54 62.55 -2.87
C ASP D 103 -44.70 62.50 -4.16
N ASN D 104 -45.27 61.95 -5.22
CA ASN D 104 -44.53 61.78 -6.48
C ASN D 104 -44.76 62.90 -7.49
N GLY D 105 -46.01 63.31 -7.65
CA GLY D 105 -46.34 64.38 -8.56
C GLY D 105 -47.16 63.96 -9.79
N LYS D 106 -47.20 62.67 -10.08
CA LYS D 106 -47.94 62.20 -11.24
C LYS D 106 -49.43 62.47 -11.08
N PRO D 107 -50.13 62.68 -12.21
CA PRO D 107 -51.56 62.96 -12.18
C PRO D 107 -52.33 61.85 -11.46
N TYR D 108 -53.27 62.26 -10.60
CA TYR D 108 -54.04 61.34 -9.78
C TYR D 108 -54.84 60.35 -10.62
N VAL D 109 -55.28 60.80 -11.80
CA VAL D 109 -56.05 59.93 -12.67
C VAL D 109 -55.18 58.76 -13.13
N ILE D 110 -53.90 59.03 -13.35
CA ILE D 110 -52.95 58.00 -13.77
C ILE D 110 -52.59 57.08 -12.61
N SER D 111 -52.28 57.66 -11.46
CA SER D 111 -52.02 56.89 -10.25
C SER D 111 -53.13 55.86 -10.02
N TYR D 112 -54.36 56.30 -10.20
CA TYR D 112 -55.52 55.46 -9.89
C TYR D 112 -55.76 54.39 -10.95
N LEU D 113 -55.83 54.81 -12.20
CA LEU D 113 -56.15 53.91 -13.30
C LEU D 113 -54.98 53.07 -13.79
N VAL D 114 -53.76 53.60 -13.66
CA VAL D 114 -52.59 52.93 -14.21
C VAL D 114 -51.73 52.26 -13.12
N ASP D 115 -51.07 53.08 -12.30
CA ASP D 115 -50.16 52.56 -11.27
C ASP D 115 -50.80 51.53 -10.36
N LEU D 116 -51.97 51.86 -9.83
CA LEU D 116 -52.61 50.96 -8.89
C LEU D 116 -53.16 49.68 -9.53
N ASP D 117 -53.69 49.82 -10.73
CA ASP D 117 -54.13 48.66 -11.49
C ASP D 117 -52.95 47.74 -11.73
N MET D 118 -51.83 48.31 -12.15
CA MET D 118 -50.64 47.52 -12.48
C MET D 118 -50.08 46.84 -11.24
N VAL D 119 -50.16 47.53 -10.11
CA VAL D 119 -49.74 46.95 -8.84
C VAL D 119 -50.59 45.72 -8.53
N LEU D 120 -51.90 45.84 -8.70
CA LEU D 120 -52.82 44.76 -8.41
C LEU D 120 -52.56 43.56 -9.33
N LYS D 121 -52.32 43.85 -10.60
CA LYS D 121 -52.10 42.79 -11.58
C LYS D 121 -50.80 42.06 -11.32
N CYS D 122 -49.79 42.81 -10.90
CA CYS D 122 -48.50 42.22 -10.62
C CYS D 122 -48.59 41.25 -9.44
N LEU D 123 -49.17 41.71 -8.34
CA LEU D 123 -49.28 40.87 -7.15
C LEU D 123 -50.18 39.67 -7.40
N ARG D 124 -51.28 39.88 -8.09
CA ARG D 124 -52.19 38.77 -8.35
C ARG D 124 -51.56 37.75 -9.30
N TYR D 125 -50.76 38.25 -10.25
CA TYR D 125 -50.03 37.38 -11.14
C TYR D 125 -49.07 36.49 -10.35
N TYR D 126 -48.24 37.11 -9.52
CA TYR D 126 -47.23 36.35 -8.79
C TYR D 126 -47.84 35.43 -7.71
N ALA D 127 -48.98 35.83 -7.17
CA ALA D 127 -49.71 34.97 -6.27
C ALA D 127 -49.86 33.60 -6.94
N GLY D 128 -50.19 33.62 -8.22
CA GLY D 128 -50.40 32.41 -8.99
C GLY D 128 -49.16 31.54 -9.15
N TRP D 129 -47.98 32.15 -9.12
CA TRP D 129 -46.74 31.42 -9.33
C TRP D 129 -46.27 30.65 -8.09
N ALA D 130 -46.76 31.05 -6.92
CA ALA D 130 -46.18 30.61 -5.66
C ALA D 130 -45.99 29.10 -5.55
N ASP D 131 -46.93 28.34 -6.08
CA ASP D 131 -46.83 26.90 -5.97
C ASP D 131 -46.68 26.21 -7.32
N LYS D 132 -46.09 26.91 -8.30
CA LYS D 132 -46.01 26.39 -9.67
C LYS D 132 -44.62 26.44 -10.30
N TYR D 133 -43.63 26.90 -9.55
CA TYR D 133 -42.27 26.97 -10.08
C TYR D 133 -41.46 25.68 -9.77
N HIS D 134 -41.72 24.62 -10.54
CA HIS D 134 -41.16 23.31 -10.26
C HIS D 134 -39.65 23.18 -10.44
N GLY D 135 -39.06 22.28 -9.66
CA GLY D 135 -37.70 21.82 -9.92
C GLY D 135 -37.82 20.67 -10.89
N LYS D 136 -36.72 19.94 -11.10
CA LYS D 136 -36.74 18.87 -12.09
C LYS D 136 -36.35 17.52 -11.53
N THR D 137 -36.92 16.45 -12.09
CA THR D 137 -36.34 15.12 -11.90
C THR D 137 -35.55 14.85 -13.18
N ILE D 138 -34.33 14.35 -13.01
CA ILE D 138 -33.31 14.35 -14.04
C ILE D 138 -32.77 12.95 -14.30
N PRO D 139 -32.80 12.51 -15.57
CA PRO D 139 -32.34 11.17 -15.99
C PRO D 139 -30.82 11.11 -16.11
N ILE D 140 -30.15 11.17 -14.97
CA ILE D 140 -28.69 11.20 -14.92
C ILE D 140 -28.12 9.82 -15.21
N ASP D 141 -26.89 9.75 -15.75
CA ASP D 141 -26.19 8.48 -15.98
C ASP D 141 -26.01 7.73 -14.67
N GLY D 142 -26.04 6.40 -14.75
CA GLY D 142 -25.74 5.57 -13.59
C GLY D 142 -26.93 5.26 -12.69
N ASP D 143 -26.68 4.48 -11.65
CA ASP D 143 -27.73 4.05 -10.74
C ASP D 143 -28.03 5.12 -9.70
N PHE D 144 -28.60 6.24 -10.17
CA PHE D 144 -28.95 7.32 -9.27
C PHE D 144 -30.30 7.93 -9.59
N PHE D 145 -30.91 8.51 -8.56
CA PHE D 145 -32.09 9.33 -8.68
C PHE D 145 -31.62 10.75 -8.41
N SER D 146 -31.73 11.61 -9.40
CA SER D 146 -31.23 12.97 -9.27
C SER D 146 -32.37 13.96 -9.51
N TYR D 147 -32.44 14.99 -8.68
CA TYR D 147 -33.47 16.01 -8.85
C TYR D 147 -32.99 17.33 -8.28
N THR D 148 -33.70 18.40 -8.62
CA THR D 148 -33.37 19.71 -8.08
C THR D 148 -34.50 20.28 -7.24
N ARG D 149 -34.13 20.96 -6.17
CA ARG D 149 -35.05 21.76 -5.40
C ARG D 149 -34.84 23.19 -5.82
N HIS D 150 -35.94 23.91 -6.02
CA HIS D 150 -35.86 25.35 -6.26
C HIS D 150 -36.13 26.01 -4.93
N GLU D 151 -35.08 26.39 -4.23
CA GLU D 151 -35.20 26.97 -2.89
C GLU D 151 -35.15 28.49 -2.96
N PRO D 152 -35.68 29.13 -1.92
CA PRO D 152 -35.57 30.59 -1.92
C PRO D 152 -34.08 30.95 -1.82
N VAL D 153 -33.67 32.03 -2.50
CA VAL D 153 -32.29 32.49 -2.42
C VAL D 153 -31.99 33.03 -1.00
N GLY D 154 -33.02 33.51 -0.30
CA GLY D 154 -32.88 33.87 1.10
C GLY D 154 -33.25 35.32 1.43
N VAL D 155 -32.36 36.00 2.14
CA VAL D 155 -32.56 37.40 2.50
C VAL D 155 -32.24 38.32 1.31
N CYS D 156 -33.27 38.99 0.82
CA CYS D 156 -33.14 39.80 -0.38
C CYS D 156 -33.21 41.29 -0.08
N GLY D 157 -32.12 42.00 -0.38
CA GLY D 157 -32.14 43.45 -0.32
C GLY D 157 -32.75 43.99 -1.61
N GLN D 158 -33.71 44.87 -1.48
CA GLN D 158 -34.39 45.44 -2.64
C GLN D 158 -34.39 46.96 -2.55
N ILE D 159 -33.83 47.60 -3.58
CA ILE D 159 -33.67 49.04 -3.60
C ILE D 159 -34.43 49.63 -4.78
N ILE D 160 -35.43 50.45 -4.50
CA ILE D 160 -36.28 50.98 -5.57
C ILE D 160 -36.26 52.50 -5.65
N PRO D 161 -36.46 53.02 -6.86
CA PRO D 161 -36.40 54.46 -7.15
C PRO D 161 -37.76 55.13 -6.95
N TRP D 162 -37.89 56.38 -7.38
CA TRP D 162 -39.04 57.21 -7.01
C TRP D 162 -40.07 57.42 -8.13
N ASN D 163 -39.74 56.98 -9.34
CA ASN D 163 -40.59 57.29 -10.48
C ASN D 163 -41.91 56.49 -10.53
N PHE D 164 -41.89 55.28 -9.97
CA PHE D 164 -43.11 54.47 -9.86
C PHE D 164 -43.10 53.81 -8.49
N PRO D 165 -43.29 54.59 -7.41
CA PRO D 165 -43.05 54.06 -6.07
C PRO D 165 -43.82 52.76 -5.77
N LEU D 166 -45.14 52.78 -5.89
CA LEU D 166 -45.93 51.59 -5.59
C LEU D 166 -45.64 50.45 -6.57
N LEU D 167 -45.58 50.76 -7.85
CA LEU D 167 -45.36 49.72 -8.86
C LEU D 167 -44.01 49.00 -8.69
N MET D 168 -42.95 49.75 -8.43
CA MET D 168 -41.64 49.16 -8.20
C MET D 168 -41.64 48.26 -6.96
N GLN D 169 -42.32 48.70 -5.92
CA GLN D 169 -42.45 47.87 -4.73
C GLN D 169 -43.10 46.54 -5.09
N ALA D 170 -44.15 46.60 -5.92
CA ALA D 170 -44.88 45.41 -6.32
C ALA D 170 -44.02 44.49 -7.18
N TRP D 171 -43.30 45.07 -8.15
CA TRP D 171 -42.44 44.29 -9.04
C TRP D 171 -41.36 43.55 -8.25
N LYS D 172 -41.03 44.08 -7.08
CA LYS D 172 -40.01 43.46 -6.25
C LYS D 172 -40.61 42.45 -5.28
N LEU D 173 -41.68 42.83 -4.60
CA LEU D 173 -42.25 41.96 -3.56
C LEU D 173 -42.91 40.72 -4.13
N GLY D 174 -43.58 40.87 -5.27
CA GLY D 174 -44.30 39.77 -5.89
C GLY D 174 -43.48 38.49 -6.11
N PRO D 175 -42.40 38.61 -6.89
CA PRO D 175 -41.59 37.41 -7.19
C PRO D 175 -40.86 36.90 -5.94
N ALA D 176 -40.41 37.84 -5.11
CA ALA D 176 -39.65 37.48 -3.92
C ALA D 176 -40.50 36.70 -2.93
N LEU D 177 -41.70 37.17 -2.68
CA LEU D 177 -42.57 36.52 -1.72
C LEU D 177 -43.16 35.24 -2.29
N ALA D 178 -43.54 35.27 -3.57
CA ALA D 178 -44.08 34.09 -4.22
C ALA D 178 -43.11 32.91 -4.09
N THR D 179 -41.81 33.19 -4.12
CA THR D 179 -40.83 32.11 -4.04
C THR D 179 -40.30 31.87 -2.63
N GLY D 180 -40.93 32.49 -1.63
CA GLY D 180 -40.62 32.20 -0.24
C GLY D 180 -39.40 32.88 0.38
N ASN D 181 -38.93 33.94 -0.26
CA ASN D 181 -37.82 34.72 0.28
C ASN D 181 -38.29 35.68 1.38
N VAL D 182 -37.33 36.35 2.01
CA VAL D 182 -37.62 37.45 2.91
C VAL D 182 -36.91 38.67 2.35
N VAL D 183 -37.42 39.87 2.63
CA VAL D 183 -36.82 41.09 2.07
C VAL D 183 -36.54 42.22 3.05
N VAL D 184 -35.46 42.93 2.74
CA VAL D 184 -35.17 44.21 3.36
C VAL D 184 -35.19 45.22 2.23
N MET D 185 -36.15 46.13 2.28
CA MET D 185 -36.39 47.05 1.16
C MET D 185 -36.03 48.47 1.52
N LYS D 186 -35.28 49.12 0.62
CA LYS D 186 -34.96 50.54 0.74
C LYS D 186 -35.74 51.32 -0.32
N VAL D 187 -36.64 52.19 0.14
CA VAL D 187 -37.45 52.99 -0.76
C VAL D 187 -36.81 54.35 -0.90
N ALA D 188 -37.22 55.08 -1.94
CA ALA D 188 -36.60 56.35 -2.31
C ALA D 188 -37.01 57.47 -1.37
N GLU D 189 -36.05 58.30 -1.02
CA GLU D 189 -36.28 59.39 -0.06
C GLU D 189 -37.31 60.38 -0.61
N GLN D 190 -37.36 60.52 -1.93
CA GLN D 190 -38.36 61.36 -2.57
C GLN D 190 -39.79 60.84 -2.39
N THR D 191 -39.93 59.52 -2.28
CA THR D 191 -41.25 58.90 -2.32
C THR D 191 -41.39 57.70 -1.38
N PRO D 192 -41.25 57.93 -0.06
CA PRO D 192 -41.28 56.79 0.87
C PRO D 192 -42.68 56.43 1.32
N LEU D 193 -43.62 57.38 1.25
CA LEU D 193 -44.89 57.23 1.97
C LEU D 193 -45.77 56.04 1.56
N THR D 194 -46.08 55.91 0.27
CA THR D 194 -46.97 54.84 -0.16
C THR D 194 -46.44 53.46 0.18
N ALA D 195 -45.13 53.26 0.06
CA ALA D 195 -44.52 51.96 0.34
C ALA D 195 -44.70 51.62 1.81
N LEU D 196 -44.54 52.63 2.65
CA LEU D 196 -44.66 52.44 4.09
C LEU D 196 -46.10 52.07 4.45
N TYR D 197 -47.07 52.68 3.78
CA TYR D 197 -48.46 52.33 4.06
C TYR D 197 -48.74 50.90 3.66
N VAL D 198 -48.17 50.47 2.55
CA VAL D 198 -48.34 49.09 2.08
C VAL D 198 -47.81 48.08 3.10
N ALA D 199 -46.73 48.45 3.79
CA ALA D 199 -46.19 47.60 4.85
C ALA D 199 -47.26 47.34 5.91
N ASN D 200 -48.05 48.36 6.20
CA ASN D 200 -49.16 48.20 7.11
C ASN D 200 -50.12 47.14 6.59
N LEU D 201 -50.33 47.14 5.28
CA LEU D 201 -51.25 46.18 4.67
C LEU D 201 -50.63 44.80 4.67
N ILE D 202 -49.31 44.74 4.48
CA ILE D 202 -48.58 43.49 4.54
C ILE D 202 -48.78 42.83 5.90
N LYS D 203 -48.70 43.64 6.96
CA LYS D 203 -48.99 43.15 8.30
C LYS D 203 -50.43 42.69 8.38
N GLU D 204 -51.35 43.54 7.92
CA GLU D 204 -52.78 43.23 7.98
C GLU D 204 -53.15 41.94 7.22
N ALA D 205 -52.42 41.69 6.14
CA ALA D 205 -52.71 40.53 5.31
C ALA D 205 -52.35 39.24 6.04
N GLY D 206 -51.42 39.33 6.98
CA GLY D 206 -51.01 38.16 7.73
C GLY D 206 -49.62 37.59 7.46
N PHE D 207 -48.77 38.35 6.78
CA PHE D 207 -47.39 37.91 6.56
C PHE D 207 -46.67 37.83 7.91
N PRO D 208 -45.97 36.73 8.16
CA PRO D 208 -45.20 36.63 9.41
C PRO D 208 -44.22 37.78 9.56
N PRO D 209 -43.96 38.18 10.81
CA PRO D 209 -43.04 39.29 11.11
C PRO D 209 -41.65 38.99 10.57
N GLY D 210 -40.99 39.99 10.01
CA GLY D 210 -39.63 39.79 9.50
C GLY D 210 -39.56 39.38 8.04
N VAL D 211 -40.69 38.94 7.49
CA VAL D 211 -40.75 38.53 6.09
C VAL D 211 -40.52 39.73 5.15
N VAL D 212 -41.20 40.85 5.42
CA VAL D 212 -40.94 42.09 4.69
C VAL D 212 -40.55 43.18 5.68
N ASN D 213 -39.39 43.80 5.44
CA ASN D 213 -38.92 44.90 6.27
C ASN D 213 -38.59 46.10 5.39
N ILE D 214 -39.06 47.28 5.78
CA ILE D 214 -38.75 48.47 4.98
C ILE D 214 -37.95 49.51 5.75
N VAL D 215 -36.87 49.97 5.12
CA VAL D 215 -36.02 50.99 5.72
C VAL D 215 -35.92 52.24 4.82
N PRO D 216 -36.69 53.29 5.15
CA PRO D 216 -36.58 54.58 4.46
C PRO D 216 -35.26 55.24 4.84
N GLY D 217 -34.70 56.05 3.96
CA GLY D 217 -33.43 56.71 4.24
C GLY D 217 -32.74 57.09 2.96
N PHE D 218 -31.46 57.47 3.06
CA PHE D 218 -30.71 57.91 1.90
C PHE D 218 -29.91 56.78 1.28
N GLY D 219 -29.45 56.99 0.05
CA GLY D 219 -28.80 55.94 -0.72
C GLY D 219 -27.42 55.55 -0.23
N PRO D 220 -26.54 56.54 -0.08
CA PRO D 220 -25.16 56.29 0.35
C PRO D 220 -25.08 55.74 1.78
N THR D 221 -26.20 55.77 2.49
CA THR D 221 -26.25 55.21 3.85
C THR D 221 -26.99 53.88 3.86
N ALA D 222 -28.32 53.93 3.91
CA ALA D 222 -29.16 52.74 3.98
C ALA D 222 -28.96 51.82 2.77
N GLY D 223 -28.93 52.40 1.58
CA GLY D 223 -28.77 51.62 0.36
C GLY D 223 -27.44 50.91 0.33
N ALA D 224 -26.38 51.66 0.65
CA ALA D 224 -25.04 51.08 0.64
C ALA D 224 -24.91 49.98 1.70
N ALA D 225 -25.60 50.16 2.82
CA ALA D 225 -25.57 49.18 3.90
C ALA D 225 -26.15 47.84 3.44
N ILE D 226 -27.24 47.91 2.68
CA ILE D 226 -27.86 46.72 2.13
C ILE D 226 -26.93 46.03 1.13
N ALA D 227 -26.37 46.81 0.21
CA ALA D 227 -25.52 46.26 -0.83
C ALA D 227 -24.26 45.61 -0.28
N SER D 228 -23.79 46.12 0.84
CA SER D 228 -22.53 45.65 1.40
C SER D 228 -22.71 44.65 2.53
N HIS D 229 -23.95 44.38 2.90
CA HIS D 229 -24.20 43.56 4.09
C HIS D 229 -23.70 42.12 3.94
N GLU D 230 -23.14 41.60 5.02
CA GLU D 230 -22.53 40.27 4.97
C GLU D 230 -23.53 39.14 5.07
N ASP D 231 -24.76 39.46 5.45
CA ASP D 231 -25.77 38.43 5.59
C ASP D 231 -26.97 38.64 4.65
N VAL D 232 -26.80 39.51 3.65
CA VAL D 232 -27.78 39.64 2.59
C VAL D 232 -27.39 38.74 1.44
N ASP D 233 -28.30 37.86 1.03
CA ASP D 233 -27.99 36.84 0.02
C ASP D 233 -28.09 37.36 -1.41
N LYS D 234 -28.94 38.36 -1.63
CA LYS D 234 -29.27 38.77 -2.98
C LYS D 234 -29.74 40.20 -2.92
N VAL D 235 -29.28 40.99 -3.88
CA VAL D 235 -29.73 42.36 -3.99
C VAL D 235 -30.32 42.65 -5.38
N ALA D 236 -31.44 43.36 -5.41
CA ALA D 236 -32.03 43.83 -6.66
C ALA D 236 -32.14 45.33 -6.56
N PHE D 237 -31.66 46.01 -7.59
CA PHE D 237 -31.61 47.45 -7.58
C PHE D 237 -32.18 47.98 -8.87
N THR D 238 -33.06 48.96 -8.76
CA THR D 238 -33.54 49.71 -9.90
C THR D 238 -33.15 51.17 -9.69
N GLY D 239 -32.49 51.75 -10.68
CA GLY D 239 -31.99 53.10 -10.57
C GLY D 239 -31.07 53.44 -11.70
N SER D 240 -30.17 54.39 -11.47
CA SER D 240 -29.27 54.85 -12.53
C SER D 240 -28.17 53.85 -12.80
N THR D 241 -27.69 53.84 -14.04
CA THR D 241 -26.56 53.00 -14.42
C THR D 241 -25.35 53.25 -13.53
N GLU D 242 -25.11 54.52 -13.23
CA GLU D 242 -24.00 54.90 -12.37
C GLU D 242 -24.03 54.22 -11.00
N ILE D 243 -25.19 54.23 -10.34
CA ILE D 243 -25.33 53.58 -9.03
C ILE D 243 -25.33 52.05 -9.16
N GLY D 244 -25.88 51.55 -10.27
CA GLY D 244 -25.86 50.13 -10.57
C GLY D 244 -24.46 49.54 -10.41
N ARG D 245 -23.46 50.26 -10.91
CA ARG D 245 -22.08 49.82 -10.81
C ARG D 245 -21.62 49.80 -9.35
N VAL D 246 -22.00 50.82 -8.58
CA VAL D 246 -21.69 50.83 -7.16
C VAL D 246 -22.23 49.58 -6.49
N ILE D 247 -23.46 49.22 -6.83
CA ILE D 247 -24.12 48.04 -6.27
C ILE D 247 -23.35 46.75 -6.57
N GLN D 248 -23.01 46.54 -7.84
CA GLN D 248 -22.30 45.31 -8.21
C GLN D 248 -20.90 45.25 -7.60
N VAL D 249 -20.24 46.40 -7.51
CA VAL D 249 -18.93 46.44 -6.88
C VAL D 249 -19.07 46.08 -5.40
N ALA D 250 -20.09 46.64 -4.75
CA ALA D 250 -20.35 46.35 -3.33
C ALA D 250 -20.59 44.86 -3.10
N ALA D 251 -21.32 44.24 -4.01
CA ALA D 251 -21.61 42.81 -3.89
C ALA D 251 -20.33 41.97 -4.01
N GLY D 252 -19.48 42.35 -4.97
CA GLY D 252 -18.19 41.70 -5.13
C GLY D 252 -17.26 41.94 -3.95
N SER D 253 -17.35 43.11 -3.32
CA SER D 253 -16.43 43.47 -2.23
C SER D 253 -16.86 42.85 -0.92
N SER D 254 -18.13 42.47 -0.82
CA SER D 254 -18.66 41.94 0.43
C SER D 254 -18.74 40.41 0.40
N ASN D 255 -19.94 39.87 0.19
CA ASN D 255 -20.15 38.43 0.32
C ASN D 255 -20.53 37.71 -0.96
N LEU D 256 -20.30 38.33 -2.11
CA LEU D 256 -20.68 37.71 -3.38
C LEU D 256 -22.18 37.42 -3.46
N LYS D 257 -22.97 38.27 -2.83
CA LYS D 257 -24.42 38.19 -2.95
C LYS D 257 -24.82 38.26 -4.43
N ARG D 258 -25.92 37.60 -4.78
CA ARG D 258 -26.37 37.64 -6.17
C ARG D 258 -26.99 39.00 -6.48
N VAL D 259 -26.81 39.44 -7.72
CA VAL D 259 -27.21 40.79 -8.14
C VAL D 259 -28.09 40.78 -9.40
N THR D 260 -29.17 41.56 -9.37
CA THR D 260 -29.89 41.91 -10.60
C THR D 260 -30.06 43.43 -10.63
N LEU D 261 -30.05 43.98 -11.83
CA LEU D 261 -30.09 45.43 -12.00
C LEU D 261 -31.06 45.86 -13.10
N GLU D 262 -31.90 46.83 -12.77
CA GLU D 262 -32.78 47.47 -13.74
C GLU D 262 -32.34 48.92 -13.78
N LEU D 263 -31.70 49.31 -14.88
CA LEU D 263 -31.07 50.62 -14.96
C LEU D 263 -31.74 51.55 -15.99
N GLY D 264 -31.01 52.54 -16.48
CA GLY D 264 -31.59 53.52 -17.37
C GLY D 264 -31.54 53.10 -18.82
N GLY D 265 -31.97 53.99 -19.70
CA GLY D 265 -31.92 53.74 -21.13
C GLY D 265 -31.94 55.01 -21.96
N LYS D 266 -31.85 54.83 -23.26
CA LYS D 266 -32.05 55.91 -24.22
C LYS D 266 -32.73 55.25 -25.41
N SER D 267 -33.91 54.74 -25.13
CA SER D 267 -34.62 53.83 -26.05
C SER D 267 -35.04 54.47 -27.37
N PRO D 268 -34.70 53.82 -28.49
CA PRO D 268 -35.05 54.27 -29.84
C PRO D 268 -36.46 53.87 -30.23
N ASN D 269 -37.24 54.82 -30.71
CA ASN D 269 -38.58 54.59 -31.22
C ASN D 269 -38.58 54.90 -32.72
N ILE D 270 -38.61 53.85 -33.53
CA ILE D 270 -38.38 53.94 -34.98
C ILE D 270 -39.67 53.97 -35.81
N ILE D 271 -39.90 55.10 -36.47
CA ILE D 271 -41.11 55.28 -37.31
C ILE D 271 -40.79 55.12 -38.79
N MET D 272 -41.20 54.01 -39.39
CA MET D 272 -41.00 53.80 -40.83
C MET D 272 -42.03 54.59 -41.65
N SER D 273 -41.73 54.77 -42.94
CA SER D 273 -42.54 55.64 -43.79
C SER D 273 -43.95 55.11 -44.02
N ASP D 274 -44.13 53.81 -43.80
CA ASP D 274 -45.44 53.19 -43.97
C ASP D 274 -46.25 53.08 -42.68
N ALA D 275 -45.77 53.69 -41.61
CA ALA D 275 -46.48 53.66 -40.33
C ALA D 275 -47.82 54.38 -40.44
N ASP D 276 -48.75 54.05 -39.54
CA ASP D 276 -49.94 54.84 -39.42
C ASP D 276 -49.61 56.15 -38.73
N MET D 277 -49.65 57.24 -39.49
CA MET D 277 -49.19 58.56 -39.03
C MET D 277 -49.79 58.99 -37.70
N ASP D 278 -51.11 59.00 -37.61
CA ASP D 278 -51.77 59.48 -36.40
C ASP D 278 -51.41 58.63 -35.17
N TRP D 279 -51.45 57.32 -35.35
CA TRP D 279 -51.14 56.39 -34.29
C TRP D 279 -49.70 56.57 -33.84
N ALA D 280 -48.79 56.65 -34.79
CA ALA D 280 -47.37 56.77 -34.48
C ALA D 280 -47.10 58.05 -33.72
N VAL D 281 -47.75 59.14 -34.13
CA VAL D 281 -47.55 60.43 -33.49
C VAL D 281 -48.02 60.42 -32.04
N GLU D 282 -49.21 59.88 -31.81
CA GLU D 282 -49.75 59.85 -30.46
C GLU D 282 -48.92 58.91 -29.59
N GLN D 283 -48.53 57.77 -30.14
CA GLN D 283 -47.72 56.81 -29.39
C GLN D 283 -46.33 57.35 -29.09
N ALA D 284 -45.74 58.08 -30.04
CA ALA D 284 -44.41 58.64 -29.84
C ALA D 284 -44.47 59.69 -28.75
N HIS D 285 -45.57 60.44 -28.71
CA HIS D 285 -45.78 61.45 -27.68
C HIS D 285 -45.85 60.78 -26.30
N PHE D 286 -46.75 59.81 -26.18
CA PHE D 286 -46.88 58.98 -24.99
C PHE D 286 -45.55 58.34 -24.62
N ALA D 287 -44.85 57.78 -25.62
CA ALA D 287 -43.60 57.06 -25.38
C ALA D 287 -42.55 57.91 -24.65
N LEU D 288 -42.55 59.20 -24.95
CA LEU D 288 -41.61 60.09 -24.32
C LEU D 288 -42.16 60.81 -23.09
N PHE D 289 -43.36 61.37 -23.21
CA PHE D 289 -43.88 62.26 -22.17
C PHE D 289 -44.51 61.59 -20.96
N PHE D 290 -44.77 60.28 -21.04
CA PHE D 290 -45.47 59.62 -19.96
C PHE D 290 -44.74 59.77 -18.61
N ASN D 291 -45.51 59.98 -17.54
CA ASN D 291 -44.97 60.12 -16.19
C ASN D 291 -43.93 61.22 -16.11
N GLN D 292 -44.22 62.35 -16.76
CA GLN D 292 -43.35 63.51 -16.77
C GLN D 292 -42.00 63.18 -17.41
N GLY D 293 -42.00 62.20 -18.31
CA GLY D 293 -40.78 61.77 -18.96
C GLY D 293 -39.90 60.93 -18.04
N GLN D 294 -40.42 60.59 -16.86
CA GLN D 294 -39.62 59.86 -15.88
C GLN D 294 -39.77 58.34 -15.96
N CYS D 295 -39.46 57.78 -17.14
CA CYS D 295 -39.47 56.34 -17.36
C CYS D 295 -38.10 55.95 -17.88
N CYS D 296 -37.56 54.86 -17.33
CA CYS D 296 -36.27 54.35 -17.75
C CYS D 296 -36.32 53.94 -19.22
N CYS D 297 -37.49 53.55 -19.69
CA CYS D 297 -37.65 53.05 -21.05
C CYS D 297 -38.33 54.08 -21.95
N ALA D 298 -38.31 55.35 -21.54
CA ALA D 298 -38.86 56.43 -22.37
C ALA D 298 -38.30 56.41 -23.80
N GLY D 299 -39.17 56.66 -24.77
CA GLY D 299 -38.78 56.72 -26.15
C GLY D 299 -38.05 58.03 -26.44
N SER D 300 -36.79 58.11 -26.01
CA SER D 300 -36.09 59.40 -25.99
C SER D 300 -35.24 59.64 -27.25
N ARG D 301 -35.30 58.72 -28.18
CA ARG D 301 -34.70 58.92 -29.50
C ARG D 301 -35.74 58.51 -30.51
N THR D 302 -36.49 59.48 -31.02
CA THR D 302 -37.54 59.23 -32.00
C THR D 302 -36.97 59.31 -33.41
N PHE D 303 -36.69 58.15 -34.02
CA PHE D 303 -36.16 58.09 -35.39
C PHE D 303 -37.31 58.09 -36.39
N VAL D 304 -37.33 59.05 -37.30
CA VAL D 304 -38.40 59.17 -38.27
C VAL D 304 -37.85 59.15 -39.70
N GLN D 305 -38.39 58.26 -40.53
CA GLN D 305 -37.93 58.14 -41.91
C GLN D 305 -38.17 59.46 -42.63
N GLU D 306 -37.21 59.85 -43.46
CA GLU D 306 -37.18 61.19 -44.04
C GLU D 306 -38.47 61.60 -44.78
N ASP D 307 -39.06 60.65 -45.50
CA ASP D 307 -40.25 60.94 -46.31
C ASP D 307 -41.45 61.44 -45.49
N ILE D 308 -41.46 61.17 -44.19
CA ILE D 308 -42.59 61.58 -43.37
C ILE D 308 -42.16 62.51 -42.25
N TYR D 309 -40.85 62.77 -42.18
CA TYR D 309 -40.26 63.57 -41.13
C TYR D 309 -40.97 64.90 -40.86
N ASP D 310 -41.12 65.72 -41.91
CA ASP D 310 -41.69 67.05 -41.74
C ASP D 310 -43.08 67.01 -41.11
N GLU D 311 -43.95 66.15 -41.66
CA GLU D 311 -45.32 66.05 -41.17
C GLU D 311 -45.33 65.52 -39.74
N PHE D 312 -44.54 64.47 -39.50
CA PHE D 312 -44.47 63.87 -38.17
C PHE D 312 -44.04 64.92 -37.14
N VAL D 313 -43.02 65.71 -37.48
CA VAL D 313 -42.53 66.75 -36.59
C VAL D 313 -43.61 67.79 -36.31
N GLU D 314 -44.26 68.28 -37.37
CA GLU D 314 -45.36 69.23 -37.22
C GLU D 314 -46.40 68.72 -36.20
N ARG D 315 -46.89 67.51 -36.43
CA ARG D 315 -47.95 66.95 -35.60
C ARG D 315 -47.46 66.75 -34.17
N SER D 316 -46.20 66.35 -34.05
CA SER D 316 -45.62 66.13 -32.73
C SER D 316 -45.55 67.43 -31.95
N VAL D 317 -45.09 68.47 -32.62
CA VAL D 317 -44.98 69.77 -31.97
C VAL D 317 -46.34 70.24 -31.51
N ALA D 318 -47.35 70.06 -32.35
CA ALA D 318 -48.69 70.49 -32.02
C ALA D 318 -49.19 69.73 -30.80
N ARG D 319 -48.98 68.42 -30.78
CA ARG D 319 -49.43 67.58 -29.68
C ARG D 319 -48.73 67.96 -28.38
N ALA D 320 -47.44 68.26 -28.46
CA ALA D 320 -46.68 68.68 -27.29
C ALA D 320 -47.19 70.04 -26.78
N LYS D 321 -47.48 70.95 -27.70
CA LYS D 321 -47.96 72.28 -27.33
C LYS D 321 -49.30 72.22 -26.62
N SER D 322 -50.12 71.23 -26.96
CA SER D 322 -51.46 71.12 -26.41
C SER D 322 -51.49 70.32 -25.12
N ARG D 323 -50.35 69.74 -24.74
CA ARG D 323 -50.27 68.94 -23.53
C ARG D 323 -50.49 69.78 -22.27
N VAL D 324 -51.43 69.35 -21.43
CA VAL D 324 -51.84 70.13 -20.27
C VAL D 324 -50.99 69.87 -19.02
N VAL D 325 -50.20 70.89 -18.64
CA VAL D 325 -49.36 70.83 -17.47
C VAL D 325 -50.05 71.54 -16.31
N GLY D 326 -49.99 70.97 -15.11
CA GLY D 326 -50.62 71.58 -13.95
C GLY D 326 -50.85 70.69 -12.74
N ASN D 327 -51.77 71.11 -11.89
CA ASN D 327 -52.08 70.41 -10.65
C ASN D 327 -52.50 68.96 -10.89
N PRO D 328 -51.67 68.00 -10.43
CA PRO D 328 -51.89 66.57 -10.66
C PRO D 328 -53.24 66.09 -10.15
N PHE D 329 -53.85 66.82 -9.21
CA PHE D 329 -55.16 66.44 -8.72
C PHE D 329 -56.30 66.91 -9.63
N ASP D 330 -56.01 67.79 -10.57
CA ASP D 330 -57.01 68.25 -11.52
C ASP D 330 -57.16 67.23 -12.65
N SER D 331 -58.40 66.81 -12.89
CA SER D 331 -58.67 65.77 -13.87
C SER D 331 -58.21 66.11 -15.28
N LYS D 332 -58.02 67.39 -15.57
CA LYS D 332 -57.60 67.80 -16.90
C LYS D 332 -56.09 67.77 -17.11
N THR D 333 -55.34 67.62 -16.02
CA THR D 333 -53.88 67.65 -16.06
C THR D 333 -53.29 66.38 -16.70
N GLU D 334 -52.46 66.56 -17.71
CA GLU D 334 -51.78 65.43 -18.37
C GLU D 334 -50.40 65.24 -17.76
N GLN D 335 -49.82 66.34 -17.30
CA GLN D 335 -48.44 66.33 -16.83
C GLN D 335 -48.25 67.11 -15.55
N GLY D 336 -47.77 66.42 -14.51
CA GLY D 336 -47.49 67.06 -13.24
C GLY D 336 -46.08 67.63 -13.20
N PRO D 337 -45.58 67.92 -11.98
CA PRO D 337 -44.22 68.43 -11.81
C PRO D 337 -43.21 67.30 -11.90
N GLN D 338 -41.94 67.62 -12.11
CA GLN D 338 -40.86 66.66 -11.90
C GLN D 338 -40.75 66.35 -10.42
N VAL D 339 -40.08 65.25 -10.08
CA VAL D 339 -40.12 64.70 -8.74
C VAL D 339 -39.47 65.59 -7.65
N ASP D 340 -38.41 66.30 -8.02
CA ASP D 340 -37.74 67.15 -7.04
C ASP D 340 -36.88 68.21 -7.71
N GLU D 341 -36.23 69.04 -6.90
CA GLU D 341 -35.44 70.14 -7.41
C GLU D 341 -34.19 69.68 -8.19
N THR D 342 -33.55 68.62 -7.73
CA THR D 342 -32.37 68.08 -8.41
C THR D 342 -32.69 67.66 -9.84
N GLN D 343 -33.79 66.95 -10.00
CA GLN D 343 -34.24 66.54 -11.33
C GLN D 343 -34.63 67.75 -12.16
N PHE D 344 -35.36 68.66 -11.52
CA PHE D 344 -35.79 69.93 -12.12
C PHE D 344 -34.61 70.62 -12.79
N LYS D 345 -33.53 70.78 -12.05
CA LYS D 345 -32.36 71.48 -12.56
C LYS D 345 -31.60 70.66 -13.60
N LYS D 346 -31.47 69.36 -13.35
CA LYS D 346 -30.81 68.48 -14.32
C LYS D 346 -31.48 68.59 -15.69
N ILE D 347 -32.80 68.56 -15.71
CA ILE D 347 -33.54 68.66 -16.94
C ILE D 347 -33.31 70.00 -17.64
N LEU D 348 -33.46 71.09 -16.90
CA LEU D 348 -33.20 72.42 -17.46
C LEU D 348 -31.79 72.49 -18.02
N GLY D 349 -30.84 71.87 -17.32
CA GLY D 349 -29.46 71.81 -17.76
C GLY D 349 -29.31 71.11 -19.10
N TYR D 350 -30.05 70.01 -19.27
CA TYR D 350 -30.03 69.27 -20.53
C TYR D 350 -30.64 70.05 -21.66
N ILE D 351 -31.77 70.70 -21.38
CA ILE D 351 -32.41 71.55 -22.38
C ILE D 351 -31.42 72.58 -22.89
N ASN D 352 -30.69 73.20 -21.96
CA ASN D 352 -29.69 74.19 -22.32
C ASN D 352 -28.60 73.60 -23.20
N THR D 353 -28.15 72.40 -22.83
CA THR D 353 -27.16 71.69 -23.62
C THR D 353 -27.66 71.45 -25.04
N GLY D 354 -28.95 71.15 -25.16
CA GLY D 354 -29.57 70.94 -26.46
C GLY D 354 -29.54 72.18 -27.31
N LYS D 355 -29.91 73.31 -26.70
CA LYS D 355 -29.84 74.58 -27.39
C LYS D 355 -28.40 74.83 -27.84
N GLN D 356 -27.49 74.66 -26.89
CA GLN D 356 -26.08 74.95 -27.10
C GLN D 356 -25.49 74.16 -28.25
N GLU D 357 -25.91 72.91 -28.39
CA GLU D 357 -25.30 72.00 -29.34
C GLU D 357 -25.91 72.09 -30.74
N GLY D 358 -26.92 72.93 -30.90
CA GLY D 358 -27.47 73.16 -32.21
C GLY D 358 -28.68 72.34 -32.61
N ALA D 359 -29.35 71.73 -31.64
CA ALA D 359 -30.62 71.08 -31.92
C ALA D 359 -31.69 72.16 -32.09
N LYS D 360 -32.66 71.93 -32.96
CA LYS D 360 -33.73 72.90 -33.15
C LYS D 360 -34.78 72.80 -32.06
N LEU D 361 -34.82 73.79 -31.17
CA LEU D 361 -35.88 73.87 -30.19
C LEU D 361 -37.17 74.25 -30.91
N LEU D 362 -38.14 73.33 -30.93
CA LEU D 362 -39.38 73.54 -31.66
C LEU D 362 -40.53 73.98 -30.77
N CYS D 363 -40.43 73.72 -29.46
CA CYS D 363 -41.42 74.22 -28.51
C CYS D 363 -40.98 73.92 -27.09
N GLY D 364 -41.63 74.59 -26.13
CA GLY D 364 -41.25 74.50 -24.73
C GLY D 364 -39.84 75.02 -24.49
N GLY D 365 -39.12 74.36 -23.58
CA GLY D 365 -37.73 74.69 -23.36
C GLY D 365 -37.49 75.42 -22.05
N GLY D 366 -38.54 75.60 -21.27
CA GLY D 366 -38.41 76.33 -20.03
C GLY D 366 -39.34 75.89 -18.91
N ILE D 367 -39.25 76.59 -17.79
CA ILE D 367 -40.08 76.37 -16.62
C ILE D 367 -41.55 76.68 -16.95
N ALA D 368 -42.46 75.90 -16.37
CA ALA D 368 -43.87 75.95 -16.74
C ALA D 368 -44.77 76.61 -15.69
N ALA D 369 -44.23 76.85 -14.51
CA ALA D 369 -44.97 77.52 -13.45
C ALA D 369 -43.96 78.04 -12.46
N ASP D 370 -44.39 78.85 -11.49
CA ASP D 370 -43.44 79.42 -10.54
C ASP D 370 -43.52 78.83 -9.13
N ARG D 371 -44.37 77.83 -8.95
CA ARG D 371 -44.33 77.00 -7.76
C ARG D 371 -44.25 75.55 -8.20
N GLY D 372 -43.50 74.75 -7.46
CA GLY D 372 -43.33 73.35 -7.81
C GLY D 372 -42.30 73.19 -8.91
N TYR D 373 -42.13 71.97 -9.39
CA TYR D 373 -41.07 71.71 -10.35
C TYR D 373 -41.62 71.36 -11.72
N PHE D 374 -42.44 72.26 -12.26
CA PHE D 374 -43.08 72.04 -13.56
C PHE D 374 -42.19 72.51 -14.72
N ILE D 375 -42.13 71.69 -15.77
CA ILE D 375 -41.36 72.02 -16.95
C ILE D 375 -42.20 71.90 -18.22
N GLN D 376 -42.03 72.84 -19.14
CA GLN D 376 -42.78 72.82 -20.38
C GLN D 376 -42.42 71.58 -21.19
N PRO D 377 -43.43 70.91 -21.76
CA PRO D 377 -43.15 69.87 -22.76
C PRO D 377 -42.25 70.46 -23.83
N THR D 378 -41.14 69.79 -24.10
CA THR D 378 -40.10 70.35 -24.95
C THR D 378 -39.78 69.40 -26.09
N VAL D 379 -39.64 69.94 -27.29
CA VAL D 379 -39.30 69.13 -28.45
C VAL D 379 -38.10 69.67 -29.21
N PHE D 380 -37.09 68.84 -29.42
CA PHE D 380 -35.96 69.19 -30.27
C PHE D 380 -36.07 68.41 -31.56
N GLY D 381 -35.89 69.11 -32.68
CA GLY D 381 -35.85 68.48 -33.99
C GLY D 381 -34.45 68.48 -34.53
N ASP D 382 -34.22 67.75 -35.63
CA ASP D 382 -32.91 67.69 -36.28
C ASP D 382 -31.81 67.31 -35.32
N VAL D 383 -32.13 66.42 -34.40
CA VAL D 383 -31.18 65.94 -33.42
C VAL D 383 -30.16 65.02 -34.11
N GLN D 384 -28.89 65.15 -33.73
CA GLN D 384 -27.85 64.29 -34.30
C GLN D 384 -27.33 63.32 -33.24
N ASP D 385 -26.85 62.17 -33.69
CA ASP D 385 -26.43 61.10 -32.78
C ASP D 385 -25.37 61.54 -31.79
N GLY D 386 -24.50 62.45 -32.22
CA GLY D 386 -23.39 62.87 -31.39
C GLY D 386 -23.78 63.88 -30.33
N MET D 387 -24.98 64.44 -30.45
CA MET D 387 -25.41 65.40 -29.45
C MET D 387 -25.62 64.76 -28.08
N THR D 388 -25.34 65.53 -27.05
CA THR D 388 -25.53 65.10 -25.66
C THR D 388 -26.96 64.65 -25.38
N ILE D 389 -27.93 65.44 -25.79
CA ILE D 389 -29.33 65.06 -25.55
C ILE D 389 -29.75 63.82 -26.35
N ALA D 390 -28.91 63.39 -27.29
CA ALA D 390 -29.18 62.17 -28.03
C ALA D 390 -28.51 60.95 -27.40
N LYS D 391 -27.62 61.20 -26.43
CA LYS D 391 -26.82 60.12 -25.85
C LYS D 391 -27.16 59.84 -24.39
N GLU D 392 -27.47 60.90 -23.64
CA GLU D 392 -27.68 60.76 -22.21
C GLU D 392 -29.15 60.77 -21.81
N GLU D 393 -29.48 59.99 -20.78
CA GLU D 393 -30.84 59.92 -20.26
C GLU D 393 -31.26 61.21 -19.57
N ILE D 394 -32.26 61.88 -20.13
CA ILE D 394 -32.69 63.18 -19.62
C ILE D 394 -33.69 63.01 -18.47
N PHE D 395 -34.59 62.06 -18.62
CA PHE D 395 -35.58 61.76 -17.59
C PHE D 395 -36.55 62.90 -17.34
N GLY D 396 -36.84 63.66 -18.40
CA GLY D 396 -37.80 64.75 -18.31
C GLY D 396 -38.62 64.86 -19.57
N PRO D 397 -39.50 65.87 -19.63
CA PRO D 397 -40.38 66.08 -20.79
C PRO D 397 -39.63 66.69 -21.98
N VAL D 398 -38.64 65.97 -22.49
CA VAL D 398 -37.78 66.50 -23.54
C VAL D 398 -37.64 65.45 -24.62
N MET D 399 -38.24 65.72 -25.78
CA MET D 399 -38.29 64.78 -26.90
C MET D 399 -37.22 65.09 -27.94
N GLN D 400 -36.55 64.04 -28.41
CA GLN D 400 -35.56 64.17 -29.47
C GLN D 400 -36.08 63.52 -30.74
N ILE D 401 -36.13 64.27 -31.81
CA ILE D 401 -36.56 63.70 -33.09
C ILE D 401 -35.41 63.68 -34.11
N LEU D 402 -35.08 62.48 -34.59
CA LEU D 402 -33.98 62.32 -35.52
C LEU D 402 -34.53 61.79 -36.84
N LYS D 403 -33.80 62.03 -37.91
CA LYS D 403 -34.24 61.68 -39.25
C LYS D 403 -33.30 60.64 -39.83
N PHE D 404 -33.84 59.67 -40.55
CA PHE D 404 -33.03 58.63 -41.17
C PHE D 404 -33.62 58.24 -42.51
N LYS D 405 -32.83 57.55 -43.32
CA LYS D 405 -33.25 57.14 -44.64
C LYS D 405 -33.57 55.65 -44.74
N THR D 406 -32.59 54.80 -44.42
CA THR D 406 -32.74 53.37 -44.68
C THR D 406 -32.87 52.55 -43.42
N ILE D 407 -33.42 51.34 -43.58
CA ILE D 407 -33.62 50.46 -42.45
C ILE D 407 -32.29 49.96 -41.90
N GLU D 408 -31.31 49.74 -42.78
CA GLU D 408 -29.99 49.34 -42.34
C GLU D 408 -29.37 50.44 -41.50
N GLU D 409 -29.56 51.68 -41.94
CA GLU D 409 -29.03 52.83 -41.25
C GLU D 409 -29.57 52.94 -39.83
N VAL D 410 -30.89 52.85 -39.70
CA VAL D 410 -31.53 53.11 -38.43
C VAL D 410 -31.19 52.02 -37.42
N VAL D 411 -31.03 50.79 -37.90
CA VAL D 411 -30.63 49.70 -37.02
C VAL D 411 -29.29 50.00 -36.37
N GLY D 412 -28.31 50.37 -37.19
CA GLY D 412 -26.98 50.69 -36.71
C GLY D 412 -26.96 51.85 -35.73
N ARG D 413 -27.77 52.87 -36.00
CA ARG D 413 -27.85 54.04 -35.15
C ARG D 413 -28.59 53.76 -33.84
N ALA D 414 -29.72 53.07 -33.93
CA ALA D 414 -30.48 52.69 -32.75
C ALA D 414 -29.59 51.86 -31.82
N ASN D 415 -28.86 50.92 -32.39
CA ASN D 415 -28.01 50.02 -31.59
C ASN D 415 -26.71 50.65 -31.13
N ASN D 416 -26.36 51.80 -31.70
CA ASN D 416 -25.14 52.48 -31.31
C ASN D 416 -25.33 53.25 -30.00
N SER D 417 -25.37 52.51 -28.90
CA SER D 417 -25.61 53.04 -27.58
C SER D 417 -25.18 52.02 -26.54
N THR D 418 -24.84 52.48 -25.35
CA THR D 418 -24.48 51.56 -24.29
C THR D 418 -25.73 51.17 -23.49
N TYR D 419 -26.85 51.78 -23.84
CA TYR D 419 -28.15 51.41 -23.28
C TYR D 419 -28.83 50.42 -24.22
N GLY D 420 -29.83 49.73 -23.71
CA GLY D 420 -30.54 48.70 -24.48
C GLY D 420 -31.74 48.17 -23.68
N LEU D 421 -32.43 49.07 -23.00
CA LEU D 421 -33.58 48.70 -22.19
C LEU D 421 -34.76 48.33 -23.09
N ALA D 422 -35.08 49.20 -24.04
CA ALA D 422 -36.24 49.00 -24.90
C ALA D 422 -36.04 49.64 -26.26
N ALA D 423 -36.98 49.35 -27.16
CA ALA D 423 -37.03 49.95 -28.49
C ALA D 423 -38.43 49.71 -29.03
N ALA D 424 -38.83 50.48 -30.03
CA ALA D 424 -40.11 50.28 -30.70
C ALA D 424 -39.98 50.46 -32.20
N VAL D 425 -40.89 49.83 -32.92
CA VAL D 425 -40.92 49.89 -34.38
C VAL D 425 -42.35 50.12 -34.84
N PHE D 426 -42.55 51.15 -35.65
CA PHE D 426 -43.85 51.40 -36.23
C PHE D 426 -43.81 51.19 -37.74
N THR D 427 -44.56 50.21 -38.20
CA THR D 427 -44.61 49.84 -39.61
C THR D 427 -45.79 48.92 -39.84
N LYS D 428 -46.32 48.92 -41.05
CA LYS D 428 -47.39 48.00 -41.42
C LYS D 428 -46.83 46.74 -42.06
N ASP D 429 -45.54 46.76 -42.37
CA ASP D 429 -44.92 45.71 -43.15
C ASP D 429 -44.41 44.56 -42.30
N LEU D 430 -44.93 43.36 -42.58
CA LEU D 430 -44.51 42.14 -41.87
C LEU D 430 -42.99 41.95 -41.80
N ASP D 431 -42.35 41.91 -42.96
CA ASP D 431 -40.90 41.72 -43.03
C ASP D 431 -40.08 42.76 -42.26
N LYS D 432 -40.42 44.03 -42.43
CA LYS D 432 -39.74 45.10 -41.70
C LYS D 432 -39.86 44.88 -40.19
N ALA D 433 -41.07 44.58 -39.73
CA ALA D 433 -41.30 44.36 -38.31
C ALA D 433 -40.43 43.21 -37.79
N ASN D 434 -40.35 42.12 -38.54
CA ASN D 434 -39.56 40.99 -38.09
C ASN D 434 -38.07 41.24 -38.16
N TYR D 435 -37.62 41.93 -39.21
CA TYR D 435 -36.22 42.29 -39.36
C TYR D 435 -35.77 43.16 -38.20
N LEU D 436 -36.55 44.21 -37.92
CA LEU D 436 -36.18 45.14 -36.86
C LEU D 436 -36.23 44.51 -35.47
N SER D 437 -37.28 43.76 -35.16
CA SER D 437 -37.41 43.20 -33.82
C SER D 437 -36.28 42.23 -33.51
N GLN D 438 -35.81 41.52 -34.54
CA GLN D 438 -34.66 40.64 -34.36
C GLN D 438 -33.36 41.43 -34.18
N ALA D 439 -33.19 42.47 -34.97
CA ALA D 439 -31.91 43.20 -35.03
C ALA D 439 -31.65 44.20 -33.89
N LEU D 440 -32.71 44.74 -33.29
CA LEU D 440 -32.54 45.72 -32.24
C LEU D 440 -32.02 45.08 -30.97
N GLN D 441 -30.99 45.69 -30.39
CA GLN D 441 -30.42 45.15 -29.17
C GLN D 441 -31.11 45.75 -27.95
N ALA D 442 -32.31 45.26 -27.64
CA ALA D 442 -33.03 45.77 -26.47
C ALA D 442 -33.80 44.68 -25.75
N GLY D 443 -34.00 44.87 -24.45
CA GLY D 443 -34.73 43.91 -23.65
C GLY D 443 -36.17 43.74 -24.13
N THR D 444 -36.77 44.84 -24.58
CA THR D 444 -38.13 44.76 -25.08
C THR D 444 -38.23 45.52 -26.37
N VAL D 445 -38.79 44.89 -27.39
CA VAL D 445 -39.10 45.58 -28.63
C VAL D 445 -40.61 45.60 -28.79
N TRP D 446 -41.18 46.81 -28.84
CA TRP D 446 -42.60 46.98 -29.09
C TRP D 446 -42.82 47.24 -30.57
N VAL D 447 -43.86 46.64 -31.14
CA VAL D 447 -44.19 46.85 -32.54
C VAL D 447 -45.57 47.49 -32.66
N ASN D 448 -45.60 48.69 -33.22
CA ASN D 448 -46.84 49.47 -33.34
C ASN D 448 -47.52 49.75 -31.98
N CYS D 449 -46.72 49.83 -30.94
CA CYS D 449 -47.21 50.25 -29.64
C CYS D 449 -45.99 50.68 -28.82
N TYR D 450 -46.22 51.16 -27.61
CA TYR D 450 -45.12 51.51 -26.75
C TYR D 450 -45.56 51.36 -25.32
N ASP D 451 -44.61 51.04 -24.43
CA ASP D 451 -44.90 50.98 -23.01
C ASP D 451 -46.02 50.03 -22.73
N VAL D 452 -46.02 48.90 -23.44
CA VAL D 452 -46.99 47.85 -23.16
C VAL D 452 -46.38 46.85 -22.18
N PHE D 453 -46.85 46.89 -20.94
CA PHE D 453 -46.35 46.00 -19.91
C PHE D 453 -47.42 45.03 -19.51
N GLY D 454 -47.01 43.79 -19.30
CA GLY D 454 -47.89 42.77 -18.78
C GLY D 454 -47.13 42.04 -17.70
N ALA D 455 -47.80 41.75 -16.60
CA ALA D 455 -47.20 40.98 -15.52
C ALA D 455 -46.63 39.66 -16.05
N GLN D 456 -47.11 39.21 -17.20
CA GLN D 456 -46.68 37.92 -17.69
C GLN D 456 -45.48 37.98 -18.64
N SER D 457 -45.11 39.18 -19.10
CA SER D 457 -43.99 39.34 -20.03
C SER D 457 -42.77 40.00 -19.40
N PRO D 458 -41.59 39.35 -19.52
CA PRO D 458 -40.38 39.83 -18.84
C PRO D 458 -39.94 41.19 -19.33
N PHE D 459 -39.21 41.91 -18.48
CA PHE D 459 -38.74 43.26 -18.80
C PHE D 459 -37.37 43.45 -18.14
N GLY D 460 -36.43 44.01 -18.90
CA GLY D 460 -35.08 44.19 -18.39
C GLY D 460 -34.12 44.63 -19.47
N GLY D 461 -32.90 45.00 -19.09
CA GLY D 461 -31.99 45.61 -20.04
C GLY D 461 -30.97 44.72 -20.73
N TYR D 462 -30.62 45.10 -21.95
CA TYR D 462 -29.39 44.61 -22.58
C TYR D 462 -28.27 45.56 -22.15
N LYS D 463 -27.02 45.16 -22.33
CA LYS D 463 -25.90 46.06 -22.12
C LYS D 463 -25.92 46.71 -20.74
N MET D 464 -25.78 48.04 -20.71
CA MET D 464 -25.66 48.73 -19.44
C MET D 464 -27.00 49.24 -18.93
N SER D 465 -28.08 48.81 -19.58
CA SER D 465 -29.42 49.09 -19.07
C SER D 465 -29.80 48.16 -17.94
N GLY D 466 -28.92 47.21 -17.65
CA GLY D 466 -29.15 46.28 -16.55
C GLY D 466 -28.82 44.84 -16.86
N SER D 467 -29.17 43.97 -15.92
CA SER D 467 -29.03 42.53 -16.12
C SER D 467 -30.10 41.83 -15.30
N GLY D 468 -30.59 40.71 -15.83
CA GLY D 468 -31.69 39.99 -15.22
C GLY D 468 -33.01 40.54 -15.77
N ARG D 469 -34.10 39.85 -15.45
CA ARG D 469 -35.40 40.25 -15.95
C ARG D 469 -36.39 40.31 -14.80
N GLU D 470 -37.35 41.21 -14.91
CA GLU D 470 -38.46 41.26 -13.97
C GLU D 470 -39.76 40.95 -14.71
N LEU D 471 -40.78 40.55 -13.96
CA LEU D 471 -42.07 40.15 -14.52
C LEU D 471 -41.96 38.79 -15.20
N GLY D 472 -43.12 38.21 -15.50
CA GLY D 472 -43.20 36.88 -16.07
C GLY D 472 -42.60 35.78 -15.22
N GLU D 473 -42.48 34.60 -15.80
CA GLU D 473 -41.82 33.48 -15.13
C GLU D 473 -40.34 33.81 -14.91
N TYR D 474 -39.73 34.53 -15.84
CA TYR D 474 -38.32 34.91 -15.74
C TYR D 474 -38.01 35.65 -14.45
N GLY D 475 -38.95 36.46 -13.99
CA GLY D 475 -38.80 37.21 -12.75
C GLY D 475 -38.59 36.35 -11.52
N LEU D 476 -38.86 35.06 -11.61
CA LEU D 476 -38.68 34.16 -10.48
C LEU D 476 -37.23 33.67 -10.35
N GLN D 477 -36.51 33.65 -11.47
CA GLN D 477 -35.19 33.03 -11.52
C GLN D 477 -34.20 33.59 -10.48
N ALA D 478 -34.09 34.90 -10.44
CA ALA D 478 -33.13 35.55 -9.55
C ALA D 478 -33.50 35.37 -8.08
N TYR D 479 -34.70 34.87 -7.82
CA TYR D 479 -35.13 34.68 -6.45
C TYR D 479 -35.11 33.22 -6.04
N THR D 480 -34.45 32.42 -6.87
CA THR D 480 -34.37 30.99 -6.64
C THR D 480 -32.92 30.54 -6.56
N GLU D 481 -32.62 29.72 -5.57
CA GLU D 481 -31.32 29.05 -5.49
C GLU D 481 -31.54 27.57 -5.79
N VAL D 482 -30.73 27.03 -6.69
CA VAL D 482 -30.94 25.67 -7.14
C VAL D 482 -30.08 24.66 -6.39
N LYS D 483 -30.73 23.64 -5.83
CA LYS D 483 -30.02 22.55 -5.16
C LYS D 483 -30.22 21.25 -5.92
N THR D 484 -29.13 20.58 -6.25
CA THR D 484 -29.20 19.25 -6.79
C THR D 484 -29.10 18.21 -5.68
N VAL D 485 -30.01 17.25 -5.69
CA VAL D 485 -29.93 16.11 -4.77
C VAL D 485 -29.77 14.88 -5.64
N THR D 486 -28.73 14.10 -5.34
CA THR D 486 -28.40 12.93 -6.14
C THR D 486 -28.22 11.70 -5.25
N VAL D 487 -29.15 10.76 -5.39
CA VAL D 487 -29.26 9.63 -4.46
C VAL D 487 -28.89 8.33 -5.16
N LYS D 488 -28.02 7.55 -4.52
CA LYS D 488 -27.71 6.21 -4.99
C LYS D 488 -28.97 5.35 -4.88
N VAL D 489 -29.31 4.63 -5.94
CA VAL D 489 -30.41 3.69 -5.85
C VAL D 489 -29.93 2.30 -6.27
N PRO D 490 -30.66 1.26 -5.84
CA PRO D 490 -30.27 -0.13 -6.10
C PRO D 490 -30.07 -0.39 -7.60
N GLN D 491 -31.03 0.04 -8.41
CA GLN D 491 -30.93 -0.18 -9.85
C GLN D 491 -31.80 0.80 -10.63
N LYS D 492 -31.15 1.68 -11.39
CA LYS D 492 -31.86 2.69 -12.18
C LYS D 492 -32.55 2.09 -13.39
N ASN D 493 -33.84 2.39 -13.53
CA ASN D 493 -34.59 2.01 -14.72
C ASN D 493 -35.29 3.21 -15.33
N SER D 494 -35.40 3.22 -16.64
CA SER D 494 -36.22 4.23 -17.29
C SER D 494 -37.68 4.02 -16.83
N ALA E 1 27.07 -24.61 56.33
CA ALA E 1 27.38 -25.93 56.91
C ALA E 1 28.86 -26.05 57.25
N VAL E 2 29.30 -25.26 58.22
CA VAL E 2 30.73 -25.06 58.45
C VAL E 2 31.23 -25.69 59.75
N PRO E 3 32.26 -26.55 59.64
CA PRO E 3 32.86 -27.21 60.81
C PRO E 3 33.46 -26.19 61.77
N ALA E 4 33.35 -26.44 63.07
CA ALA E 4 33.94 -25.54 64.05
C ALA E 4 35.46 -25.50 63.88
N PRO E 5 36.02 -24.30 63.89
CA PRO E 5 37.46 -24.12 63.68
C PRO E 5 38.27 -24.29 64.95
N ASN E 6 39.49 -24.77 64.80
CA ASN E 6 40.52 -24.64 65.83
C ASN E 6 41.04 -23.21 65.76
N GLN E 7 40.76 -22.41 66.78
CA GLN E 7 41.09 -20.99 66.71
C GLN E 7 42.57 -20.71 66.97
N GLN E 8 43.32 -21.78 67.26
CA GLN E 8 44.77 -21.69 67.38
C GLN E 8 45.39 -22.93 66.77
N PRO E 9 45.33 -23.03 65.44
CA PRO E 9 45.88 -24.19 64.74
C PRO E 9 47.39 -24.29 64.98
N GLU E 10 47.89 -25.49 65.11
CA GLU E 10 49.32 -25.68 65.25
C GLU E 10 50.03 -25.43 63.91
N VAL E 11 51.23 -24.88 63.96
CA VAL E 11 52.00 -24.67 62.74
C VAL E 11 53.03 -25.78 62.55
N PHE E 12 53.01 -26.41 61.37
CA PHE E 12 53.88 -27.55 61.12
C PHE E 12 54.99 -27.23 60.13
N CYS E 13 54.81 -26.17 59.36
CA CYS E 13 55.78 -25.84 58.30
C CYS E 13 56.11 -24.37 58.32
N ASN E 14 57.39 -24.06 58.46
CA ASN E 14 57.85 -22.67 58.57
C ASN E 14 59.25 -22.50 58.00
N GLN E 15 59.64 -23.42 57.13
CA GLN E 15 60.96 -23.37 56.53
C GLN E 15 60.90 -23.20 55.02
N ILE E 16 62.07 -23.18 54.40
CA ILE E 16 62.21 -23.14 52.95
C ILE E 16 62.04 -24.54 52.35
N PHE E 17 61.21 -24.64 51.32
CA PHE E 17 60.88 -25.93 50.73
C PHE E 17 61.61 -26.17 49.40
N ILE E 18 62.60 -27.06 49.44
CA ILE E 18 63.39 -27.37 48.26
C ILE E 18 63.61 -28.88 48.14
N ASN E 19 63.38 -29.41 46.96
CA ASN E 19 63.49 -30.85 46.72
C ASN E 19 62.67 -31.69 47.70
N ASN E 20 61.47 -31.20 48.01
CA ASN E 20 60.58 -31.90 48.92
C ASN E 20 61.17 -32.08 50.31
N GLU E 21 62.12 -31.20 50.66
CA GLU E 21 62.67 -31.19 52.00
C GLU E 21 62.59 -29.80 52.60
N TRP E 22 62.63 -29.73 53.93
CA TRP E 22 62.58 -28.44 54.62
C TRP E 22 63.97 -27.98 55.02
N HIS E 23 64.25 -26.69 54.81
CA HIS E 23 65.58 -26.13 55.05
C HIS E 23 65.48 -24.80 55.75
N ASP E 24 66.47 -24.53 56.61
CA ASP E 24 66.63 -23.18 57.14
C ASP E 24 67.28 -22.33 56.06
N ALA E 25 67.13 -21.02 56.15
CA ALA E 25 67.86 -20.14 55.26
C ALA E 25 69.35 -20.41 55.47
N VAL E 26 70.13 -20.19 54.42
CA VAL E 26 71.58 -20.32 54.54
C VAL E 26 72.07 -19.45 55.70
N SER E 27 71.47 -18.28 55.84
CA SER E 27 71.85 -17.30 56.85
C SER E 27 71.31 -17.65 58.23
N ARG E 28 70.38 -18.61 58.27
CA ARG E 28 69.74 -19.01 59.52
C ARG E 28 68.81 -17.94 60.06
N LYS E 29 68.74 -16.81 59.38
CA LYS E 29 67.80 -15.77 59.78
C LYS E 29 66.35 -16.24 59.67
N THR E 30 65.50 -15.64 60.50
CA THR E 30 64.08 -15.92 60.47
C THR E 30 63.34 -14.59 60.61
N PHE E 31 62.05 -14.60 60.33
CA PHE E 31 61.22 -13.42 60.51
C PHE E 31 59.89 -13.83 61.12
N PRO E 32 59.30 -12.95 61.93
CA PRO E 32 58.01 -13.24 62.56
C PRO E 32 56.86 -13.02 61.57
N THR E 33 55.84 -13.86 61.66
CA THR E 33 54.60 -13.55 60.98
C THR E 33 53.53 -13.30 62.03
N VAL E 34 52.74 -12.26 61.83
CA VAL E 34 51.82 -11.78 62.87
C VAL E 34 50.39 -12.17 62.61
N ASN E 35 49.64 -12.37 63.68
CA ASN E 35 48.19 -12.49 63.66
C ASN E 35 47.58 -11.09 63.67
N PRO E 36 47.03 -10.64 62.53
CA PRO E 36 46.52 -9.27 62.39
C PRO E 36 45.35 -8.98 63.33
N SER E 37 44.73 -10.02 63.88
CA SER E 37 43.59 -9.81 64.77
C SER E 37 44.06 -9.42 66.16
N THR E 38 45.25 -9.87 66.55
CA THR E 38 45.78 -9.60 67.89
C THR E 38 47.04 -8.75 67.88
N GLY E 39 47.79 -8.81 66.80
CA GLY E 39 49.07 -8.12 66.74
C GLY E 39 50.17 -8.97 67.33
N GLU E 40 49.80 -10.17 67.77
CA GLU E 40 50.77 -11.10 68.36
C GLU E 40 51.50 -11.89 67.29
N VAL E 41 52.76 -12.21 67.55
CA VAL E 41 53.55 -13.08 66.68
C VAL E 41 53.04 -14.52 66.72
N ILE E 42 52.67 -15.06 65.56
CA ILE E 42 52.20 -16.43 65.48
C ILE E 42 53.40 -17.34 65.60
N CYS E 43 54.40 -17.11 64.76
CA CYS E 43 55.62 -17.88 64.82
C CYS E 43 56.69 -17.29 63.92
N GLN E 44 57.87 -17.91 63.97
CA GLN E 44 59.02 -17.46 63.23
C GLN E 44 59.06 -18.24 61.92
N VAL E 45 59.60 -17.64 60.87
CA VAL E 45 59.67 -18.29 59.55
C VAL E 45 61.02 -18.06 58.90
N ALA E 46 61.54 -19.07 58.20
CA ALA E 46 62.83 -18.96 57.56
C ALA E 46 62.87 -17.78 56.58
N GLU E 47 63.89 -16.97 56.66
CA GLU E 47 63.97 -15.79 55.81
C GLU E 47 64.88 -16.02 54.62
N GLY E 48 64.30 -16.48 53.52
CA GLY E 48 65.06 -16.80 52.34
C GLY E 48 65.63 -15.55 51.69
N ASP E 49 66.79 -15.70 51.06
CA ASP E 49 67.43 -14.61 50.35
C ASP E 49 67.99 -15.18 49.06
N LYS E 50 68.84 -14.40 48.40
CA LYS E 50 69.41 -14.78 47.10
C LYS E 50 70.00 -16.20 47.08
N GLU E 51 70.77 -16.55 48.11
CA GLU E 51 71.45 -17.84 48.13
C GLU E 51 70.46 -19.00 48.20
N ASP E 52 69.34 -18.76 48.89
CA ASP E 52 68.30 -19.76 49.01
C ASP E 52 67.54 -19.89 47.69
N VAL E 53 67.23 -18.76 47.08
CA VAL E 53 66.59 -18.74 45.77
C VAL E 53 67.48 -19.51 44.78
N ASP E 54 68.79 -19.28 44.84
CA ASP E 54 69.73 -19.94 43.95
C ASP E 54 69.67 -21.47 44.07
N LYS E 55 69.57 -21.96 45.29
CA LYS E 55 69.44 -23.39 45.51
C LYS E 55 68.12 -23.89 44.93
N ALA E 56 67.05 -23.13 45.15
CA ALA E 56 65.72 -23.51 44.66
C ALA E 56 65.71 -23.59 43.14
N VAL E 57 66.31 -22.60 42.50
CA VAL E 57 66.35 -22.58 41.05
C VAL E 57 67.13 -23.79 40.52
N LYS E 58 68.22 -24.14 41.17
CA LYS E 58 69.03 -25.26 40.70
C LYS E 58 68.27 -26.58 40.82
N ALA E 59 67.53 -26.72 41.92
CA ALA E 59 66.69 -27.89 42.14
C ALA E 59 65.62 -28.01 41.05
N ALA E 60 64.99 -26.88 40.73
CA ALA E 60 64.00 -26.82 39.67
C ALA E 60 64.61 -27.15 38.30
N ARG E 61 65.72 -26.51 37.97
CA ARG E 61 66.40 -26.79 36.72
C ARG E 61 66.69 -28.29 36.58
N ALA E 62 67.18 -28.90 37.66
CA ALA E 62 67.48 -30.33 37.65
C ALA E 62 66.23 -31.15 37.44
N ALA E 63 65.15 -30.80 38.14
CA ALA E 63 63.88 -31.50 37.99
C ALA E 63 63.31 -31.36 36.58
N PHE E 64 63.76 -30.33 35.86
CA PHE E 64 63.25 -30.07 34.51
C PHE E 64 64.15 -30.65 33.41
N GLN E 65 65.21 -31.35 33.80
CA GLN E 65 66.11 -31.96 32.82
C GLN E 65 65.43 -32.99 31.95
N LEU E 66 65.73 -32.93 30.66
CA LEU E 66 65.24 -33.92 29.72
C LEU E 66 65.50 -35.31 30.30
N GLY E 67 64.47 -36.17 30.28
CA GLY E 67 64.62 -37.52 30.77
C GLY E 67 64.33 -37.68 32.26
N SER E 68 64.10 -36.57 32.96
CA SER E 68 63.74 -36.61 34.36
C SER E 68 62.35 -37.21 34.52
N PRO E 69 62.02 -37.66 35.73
CA PRO E 69 60.70 -38.21 36.00
C PRO E 69 59.59 -37.22 35.62
N TRP E 70 59.79 -35.94 35.91
CA TRP E 70 58.77 -34.93 35.66
C TRP E 70 58.61 -34.67 34.17
N ARG E 71 59.71 -34.73 33.42
CA ARG E 71 59.64 -34.51 31.97
C ARG E 71 59.06 -35.72 31.22
N ARG E 72 59.31 -36.92 31.73
CA ARG E 72 58.90 -38.15 31.04
C ARG E 72 57.49 -38.55 31.42
N MET E 73 57.03 -38.09 32.57
CA MET E 73 55.71 -38.42 33.08
C MET E 73 54.62 -38.11 32.06
N ASP E 74 53.65 -39.01 31.91
CA ASP E 74 52.50 -38.77 31.03
C ASP E 74 51.74 -37.50 31.45
N ALA E 75 51.31 -36.72 30.46
CA ALA E 75 50.57 -35.51 30.75
C ALA E 75 49.36 -35.81 31.61
N SER E 76 48.67 -36.91 31.31
CA SER E 76 47.48 -37.31 32.05
C SER E 76 47.82 -37.62 33.50
N HIS E 77 49.05 -38.07 33.74
CA HIS E 77 49.47 -38.36 35.11
C HIS E 77 49.71 -37.08 35.91
N ARG E 78 50.22 -36.05 35.24
CA ARG E 78 50.28 -34.70 35.83
C ARG E 78 48.90 -34.32 36.34
N GLY E 79 47.87 -34.67 35.58
CA GLY E 79 46.50 -34.41 35.96
C GLY E 79 46.10 -35.20 37.18
N ARG E 80 46.43 -36.49 37.19
CA ARG E 80 46.18 -37.30 38.38
C ARG E 80 46.79 -36.65 39.61
N LEU E 81 48.03 -36.19 39.48
CA LEU E 81 48.74 -35.59 40.61
C LEU E 81 48.06 -34.32 41.11
N LEU E 82 47.61 -33.50 40.18
CA LEU E 82 46.90 -32.28 40.58
C LEU E 82 45.61 -32.62 41.33
N ASN E 83 44.92 -33.67 40.87
CA ASN E 83 43.69 -34.11 41.54
C ASN E 83 43.96 -34.68 42.93
N ARG E 84 45.08 -35.39 43.06
CA ARG E 84 45.49 -35.88 44.35
C ARG E 84 45.76 -34.71 45.31
N LEU E 85 46.50 -33.72 44.83
CA LEU E 85 46.77 -32.53 45.64
C LEU E 85 45.46 -31.89 46.11
N ALA E 86 44.52 -31.71 45.19
CA ALA E 86 43.22 -31.17 45.54
C ALA E 86 42.54 -32.02 46.63
N ASP E 87 42.57 -33.34 46.47
CA ASP E 87 42.02 -34.25 47.48
C ASP E 87 42.66 -34.05 48.86
N LEU E 88 43.99 -33.97 48.89
CA LEU E 88 44.68 -33.74 50.14
C LEU E 88 44.31 -32.41 50.79
N ILE E 89 44.22 -31.36 49.97
CA ILE E 89 43.77 -30.06 50.46
C ILE E 89 42.36 -30.15 51.01
N GLU E 90 41.47 -30.87 50.33
CA GLU E 90 40.12 -31.02 50.83
C GLU E 90 40.12 -31.76 52.17
N ARG E 91 40.95 -32.80 52.26
CA ARG E 91 41.08 -33.55 53.51
C ARG E 91 41.44 -32.63 54.67
N ASP E 92 42.32 -31.66 54.41
CA ASP E 92 42.80 -30.77 55.46
C ASP E 92 42.17 -29.39 55.37
N ARG E 93 40.96 -29.34 54.80
CA ARG E 93 40.26 -28.09 54.54
C ARG E 93 39.99 -27.28 55.81
N THR E 94 39.47 -27.93 56.85
CA THR E 94 39.14 -27.25 58.09
C THR E 94 40.38 -26.61 58.72
N TYR E 95 41.46 -27.39 58.78
CA TYR E 95 42.74 -26.90 59.25
C TYR E 95 43.24 -25.71 58.46
N LEU E 96 43.25 -25.83 57.12
CA LEU E 96 43.80 -24.79 56.25
C LEU E 96 43.02 -23.50 56.31
N ALA E 97 41.70 -23.60 56.38
CA ALA E 97 40.85 -22.42 56.49
C ALA E 97 41.13 -21.67 57.80
N ALA E 98 41.36 -22.41 58.88
CA ALA E 98 41.65 -21.79 60.16
C ALA E 98 43.01 -21.12 60.11
N LEU E 99 44.00 -21.84 59.61
CA LEU E 99 45.34 -21.29 59.51
C LEU E 99 45.35 -20.03 58.63
N GLU E 100 44.57 -20.07 57.54
CA GLU E 100 44.45 -18.93 56.64
C GLU E 100 43.92 -17.71 57.38
N THR E 101 42.85 -17.92 58.14
CA THR E 101 42.24 -16.87 58.95
C THR E 101 43.21 -16.34 60.01
N LEU E 102 43.97 -17.25 60.61
CA LEU E 102 44.90 -16.88 61.66
C LEU E 102 45.96 -15.92 61.14
N ASP E 103 46.52 -16.22 59.97
CA ASP E 103 47.65 -15.46 59.46
C ASP E 103 47.23 -14.24 58.62
N ASN E 104 46.08 -14.35 57.96
CA ASN E 104 45.60 -13.30 57.05
C ASN E 104 44.58 -12.36 57.68
N GLY E 105 43.64 -12.91 58.45
CA GLY E 105 42.65 -12.10 59.14
C GLY E 105 41.23 -12.22 58.63
N LYS E 106 41.06 -12.78 57.45
CA LYS E 106 39.74 -12.92 56.87
C LYS E 106 38.84 -13.85 57.72
N PRO E 107 37.53 -13.60 57.73
CA PRO E 107 36.62 -14.44 58.52
C PRO E 107 36.74 -15.91 58.14
N TYR E 108 36.81 -16.76 59.16
CA TYR E 108 36.98 -18.20 58.96
C TYR E 108 35.89 -18.84 58.10
N VAL E 109 34.69 -18.30 58.19
CA VAL E 109 33.58 -18.83 57.41
C VAL E 109 33.86 -18.62 55.92
N ILE E 110 34.43 -17.47 55.59
CA ILE E 110 34.80 -17.18 54.22
C ILE E 110 35.97 -18.04 53.76
N SER E 111 37.02 -18.13 54.59
CA SER E 111 38.17 -18.97 54.27
C SER E 111 37.71 -20.36 53.91
N TYR E 112 36.77 -20.87 54.69
CA TYR E 112 36.32 -22.24 54.52
C TYR E 112 35.42 -22.42 53.31
N LEU E 113 34.38 -21.59 53.22
CA LEU E 113 33.39 -21.74 52.14
C LEU E 113 33.81 -21.12 50.82
N VAL E 114 34.65 -20.09 50.87
CA VAL E 114 35.04 -19.39 49.65
C VAL E 114 36.45 -19.73 49.17
N ASP E 115 37.46 -19.35 49.96
CA ASP E 115 38.86 -19.50 49.54
C ASP E 115 39.22 -20.95 49.24
N LEU E 116 38.89 -21.85 50.15
CA LEU E 116 39.26 -23.23 49.97
C LEU E 116 38.47 -23.91 48.87
N ASP E 117 37.21 -23.55 48.71
CA ASP E 117 36.40 -24.10 47.63
C ASP E 117 36.98 -23.66 46.27
N MET E 118 37.29 -22.38 46.17
CA MET E 118 37.90 -21.85 44.98
C MET E 118 39.25 -22.48 44.69
N VAL E 119 40.03 -22.76 45.75
CA VAL E 119 41.31 -23.43 45.59
C VAL E 119 41.10 -24.80 44.95
N LEU E 120 40.12 -25.53 45.49
CA LEU E 120 39.83 -26.88 45.02
C LEU E 120 39.36 -26.87 43.57
N LYS E 121 38.53 -25.90 43.23
CA LYS E 121 37.99 -25.82 41.88
C LYS E 121 39.07 -25.45 40.86
N CYS E 122 39.98 -24.59 41.26
CA CYS E 122 41.07 -24.18 40.40
C CYS E 122 41.98 -25.36 40.06
N LEU E 123 42.43 -26.08 41.09
CA LEU E 123 43.32 -27.23 40.87
C LEU E 123 42.62 -28.34 40.09
N ARG E 124 41.36 -28.57 40.39
CA ARG E 124 40.66 -29.65 39.71
C ARG E 124 40.41 -29.27 38.26
N TYR E 125 40.14 -27.98 38.03
CA TYR E 125 39.99 -27.48 36.67
C TYR E 125 41.24 -27.72 35.87
N TYR E 126 42.38 -27.28 36.40
CA TYR E 126 43.63 -27.38 35.67
C TYR E 126 44.12 -28.82 35.53
N ALA E 127 43.78 -29.67 36.49
CA ALA E 127 44.07 -31.09 36.36
C ALA E 127 43.54 -31.57 35.03
N GLY E 128 42.32 -31.13 34.70
CA GLY E 128 41.68 -31.50 33.45
C GLY E 128 42.40 -31.05 32.19
N TRP E 129 43.14 -29.96 32.27
CA TRP E 129 43.84 -29.40 31.12
C TRP E 129 45.13 -30.13 30.76
N ALA E 130 45.69 -30.84 31.73
CA ALA E 130 47.06 -31.35 31.62
C ALA E 130 47.37 -32.07 30.31
N ASP E 131 46.42 -32.86 29.82
CA ASP E 131 46.63 -33.61 28.58
C ASP E 131 45.70 -33.16 27.45
N LYS E 132 45.31 -31.88 27.45
CA LYS E 132 44.35 -31.39 26.45
C LYS E 132 44.77 -30.11 25.72
N TYR E 133 45.95 -29.61 26.01
CA TYR E 133 46.42 -28.38 25.38
C TYR E 133 47.25 -28.66 24.12
N HIS E 134 46.57 -29.02 23.03
CA HIS E 134 47.22 -29.48 21.81
C HIS E 134 48.05 -28.43 21.04
N GLY E 135 49.10 -28.92 20.37
CA GLY E 135 49.77 -28.11 19.39
C GLY E 135 49.02 -28.29 18.09
N LYS E 136 49.61 -27.87 16.98
CA LYS E 136 48.90 -27.93 15.72
C LYS E 136 49.68 -28.68 14.65
N THR E 137 48.95 -29.30 13.72
CA THR E 137 49.56 -29.71 12.47
C THR E 137 49.12 -28.69 11.45
N ILE E 138 50.05 -28.26 10.60
CA ILE E 138 49.90 -27.01 9.85
C ILE E 138 50.14 -27.25 8.36
N PRO E 139 49.18 -26.84 7.52
CA PRO E 139 49.24 -27.03 6.06
C PRO E 139 50.11 -25.98 5.39
N ILE E 140 51.42 -26.07 5.63
CA ILE E 140 52.39 -25.11 5.13
C ILE E 140 52.65 -25.30 3.64
N ASP E 141 53.03 -24.23 2.94
CA ASP E 141 53.34 -24.32 1.52
C ASP E 141 54.49 -25.29 1.30
N GLY E 142 54.49 -25.98 0.17
CA GLY E 142 55.64 -26.78 -0.19
C GLY E 142 55.59 -28.23 0.29
N ASP E 143 56.58 -29.01 -0.08
CA ASP E 143 56.63 -30.41 0.33
C ASP E 143 57.18 -30.58 1.74
N PHE E 144 56.39 -30.18 2.72
CA PHE E 144 56.80 -30.30 4.11
C PHE E 144 55.65 -30.73 5.00
N PHE E 145 56.02 -31.32 6.12
CA PHE E 145 55.09 -31.60 7.21
C PHE E 145 55.51 -30.69 8.34
N SER E 146 54.61 -29.81 8.76
CA SER E 146 54.96 -28.81 9.76
C SER E 146 54.00 -28.92 10.92
N TYR E 147 54.53 -28.86 12.13
CA TYR E 147 53.67 -28.91 13.30
C TYR E 147 54.32 -28.21 14.46
N THR E 148 53.55 -27.98 15.52
CA THR E 148 54.10 -27.30 16.68
C THR E 148 53.99 -28.21 17.88
N ARG E 149 55.01 -28.13 18.73
CA ARG E 149 54.93 -28.71 20.06
C ARG E 149 54.66 -27.58 21.05
N HIS E 150 53.73 -27.82 21.96
CA HIS E 150 53.53 -26.92 23.08
C HIS E 150 54.35 -27.44 24.25
N GLU E 151 55.53 -26.89 24.44
CA GLU E 151 56.43 -27.35 25.49
C GLU E 151 56.30 -26.49 26.74
N PRO E 152 56.74 -27.02 27.88
CA PRO E 152 56.72 -26.16 29.07
C PRO E 152 57.74 -25.04 28.88
N VAL E 153 57.41 -23.86 29.36
CA VAL E 153 58.32 -22.73 29.25
C VAL E 153 59.59 -22.97 30.10
N GLY E 154 59.45 -23.76 31.17
CA GLY E 154 60.58 -24.20 31.97
C GLY E 154 60.52 -23.87 33.47
N VAL E 155 61.58 -23.25 33.96
CA VAL E 155 61.64 -22.84 35.35
C VAL E 155 60.86 -21.53 35.57
N CYS E 156 59.80 -21.62 36.36
CA CYS E 156 58.90 -20.48 36.55
C CYS E 156 58.98 -19.89 37.94
N GLY E 157 59.41 -18.64 38.03
CA GLY E 157 59.36 -17.89 39.26
C GLY E 157 57.95 -17.37 39.45
N GLN E 158 57.37 -17.61 40.63
CA GLN E 158 56.02 -17.16 40.91
C GLN E 158 55.98 -16.40 42.24
N ILE E 159 55.51 -15.16 42.18
CA ILE E 159 55.52 -14.29 43.34
C ILE E 159 54.10 -13.88 43.63
N ILE E 160 53.62 -14.24 44.82
CA ILE E 160 52.23 -13.97 45.17
C ILE E 160 52.10 -13.09 46.40
N PRO E 161 50.99 -12.35 46.49
CA PRO E 161 50.71 -11.41 47.58
C PRO E 161 49.99 -12.07 48.73
N TRP E 162 49.50 -11.27 49.67
CA TRP E 162 48.98 -11.78 50.94
C TRP E 162 47.45 -11.78 51.07
N ASN E 163 46.75 -11.22 50.09
CA ASN E 163 45.31 -11.00 50.25
C ASN E 163 44.48 -12.27 50.07
N PHE E 164 44.99 -13.19 49.26
CA PHE E 164 44.35 -14.49 49.07
C PHE E 164 45.45 -15.54 49.00
N PRO E 165 46.10 -15.80 50.14
CA PRO E 165 47.31 -16.63 50.13
C PRO E 165 47.13 -17.98 49.43
N LEU E 166 46.18 -18.78 49.89
CA LEU E 166 45.98 -20.11 49.32
C LEU E 166 45.50 -20.01 47.89
N LEU E 167 44.53 -19.15 47.63
CA LEU E 167 43.96 -19.04 46.29
C LEU E 167 45.00 -18.64 45.25
N MET E 168 45.86 -17.66 45.59
CA MET E 168 46.88 -17.18 44.67
C MET E 168 47.88 -18.28 44.35
N GLN E 169 48.23 -19.05 45.38
CA GLN E 169 49.10 -20.20 45.16
C GLN E 169 48.48 -21.18 44.16
N ALA E 170 47.18 -21.43 44.31
CA ALA E 170 46.47 -22.33 43.39
C ALA E 170 46.42 -21.79 41.96
N TRP E 171 46.08 -20.50 41.82
CA TRP E 171 46.04 -19.85 40.50
C TRP E 171 47.38 -19.91 39.77
N LYS E 172 48.46 -19.98 40.54
CA LYS E 172 49.77 -20.07 39.95
C LYS E 172 50.21 -21.53 39.68
N LEU E 173 50.00 -22.41 40.65
CA LEU E 173 50.48 -23.79 40.54
C LEU E 173 49.71 -24.60 39.52
N GLY E 174 48.40 -24.38 39.45
CA GLY E 174 47.54 -25.13 38.55
C GLY E 174 47.99 -25.13 37.11
N PRO E 175 48.07 -23.95 36.49
CA PRO E 175 48.41 -23.88 35.06
C PRO E 175 49.86 -24.28 34.83
N ALA E 176 50.73 -23.92 35.77
CA ALA E 176 52.15 -24.21 35.62
C ALA E 176 52.41 -25.72 35.65
N LEU E 177 51.82 -26.41 36.61
CA LEU E 177 52.04 -27.84 36.75
C LEU E 177 51.29 -28.62 35.69
N ALA E 178 50.06 -28.19 35.38
CA ALA E 178 49.28 -28.84 34.35
C ALA E 178 50.06 -28.89 33.01
N THR E 179 50.86 -27.86 32.74
CA THR E 179 51.63 -27.82 31.51
C THR E 179 53.06 -28.34 31.63
N GLY E 180 53.41 -28.91 32.78
CA GLY E 180 54.68 -29.59 32.94
C GLY E 180 55.89 -28.71 33.29
N ASN E 181 55.63 -27.51 33.77
CA ASN E 181 56.72 -26.63 34.23
C ASN E 181 57.19 -26.99 35.64
N VAL E 182 58.24 -26.33 36.09
CA VAL E 182 58.68 -26.43 37.48
C VAL E 182 58.64 -25.02 38.03
N VAL E 183 58.43 -24.88 39.35
CA VAL E 183 58.33 -23.55 39.93
C VAL E 183 59.20 -23.26 41.15
N VAL E 184 59.62 -22.00 41.25
CA VAL E 184 60.19 -21.44 42.44
C VAL E 184 59.24 -20.32 42.85
N MET E 185 58.57 -20.49 43.98
CA MET E 185 57.53 -19.59 44.41
C MET E 185 57.97 -18.79 45.62
N LYS E 186 57.71 -17.49 45.59
CA LYS E 186 57.94 -16.61 46.72
C LYS E 186 56.59 -16.18 47.27
N VAL E 187 56.31 -16.55 48.52
CA VAL E 187 55.05 -16.19 49.14
C VAL E 187 55.25 -14.94 49.99
N ALA E 188 54.14 -14.30 50.36
CA ALA E 188 54.19 -13.03 51.08
C ALA E 188 54.57 -13.20 52.54
N GLU E 189 55.42 -12.30 53.02
CA GLU E 189 55.91 -12.38 54.40
C GLU E 189 54.77 -12.26 55.41
N GLN E 190 53.71 -11.55 55.03
CA GLN E 190 52.55 -11.42 55.88
C GLN E 190 51.80 -12.74 56.05
N THR E 191 51.86 -13.59 55.02
CA THR E 191 51.03 -14.79 54.98
C THR E 191 51.76 -15.97 54.36
N PRO E 192 52.83 -16.47 55.00
CA PRO E 192 53.58 -17.57 54.41
C PRO E 192 53.02 -18.95 54.77
N LEU E 193 52.30 -19.03 55.89
CA LEU E 193 52.09 -20.32 56.54
C LEU E 193 51.30 -21.32 55.70
N THR E 194 50.11 -20.96 55.24
CA THR E 194 49.28 -21.90 54.51
C THR E 194 49.97 -22.46 53.25
N ALA E 195 50.72 -21.61 52.54
CA ALA E 195 51.39 -22.04 51.31
C ALA E 195 52.45 -23.07 51.64
N LEU E 196 53.14 -22.87 52.76
CA LEU E 196 54.15 -23.82 53.21
C LEU E 196 53.53 -25.17 53.57
N TYR E 197 52.36 -25.16 54.20
CA TYR E 197 51.71 -26.42 54.53
C TYR E 197 51.32 -27.16 53.26
N VAL E 198 50.85 -26.41 52.26
CA VAL E 198 50.45 -27.02 51.00
C VAL E 198 51.64 -27.71 50.35
N ALA E 199 52.83 -27.17 50.57
CA ALA E 199 54.06 -27.80 50.06
C ALA E 199 54.20 -29.20 50.60
N ASN E 200 53.83 -29.36 51.86
CA ASN E 200 53.84 -30.67 52.49
C ASN E 200 52.90 -31.61 51.75
N LEU E 201 51.76 -31.07 51.33
CA LEU E 201 50.76 -31.84 50.60
C LEU E 201 51.24 -32.16 49.19
N ILE E 202 51.96 -31.22 48.60
CA ILE E 202 52.56 -31.42 47.27
C ILE E 202 53.52 -32.62 47.31
N LYS E 203 54.34 -32.67 48.36
CA LYS E 203 55.19 -33.84 48.59
C LYS E 203 54.33 -35.09 48.76
N GLU E 204 53.33 -35.01 49.63
CA GLU E 204 52.49 -36.17 49.95
C GLU E 204 51.77 -36.71 48.71
N ALA E 205 51.44 -35.80 47.79
CA ALA E 205 50.67 -36.17 46.62
C ALA E 205 51.53 -36.98 45.65
N GLY E 206 52.86 -36.82 45.74
CA GLY E 206 53.75 -37.56 44.87
C GLY E 206 54.46 -36.77 43.77
N PHE E 207 54.44 -35.45 43.83
CA PHE E 207 55.20 -34.65 42.88
C PHE E 207 56.70 -34.87 43.07
N PRO E 208 57.41 -35.15 41.97
CA PRO E 208 58.87 -35.32 42.07
C PRO E 208 59.55 -34.13 42.73
N PRO E 209 60.65 -34.39 43.44
CA PRO E 209 61.39 -33.35 44.17
C PRO E 209 61.89 -32.30 43.20
N GLY E 210 61.84 -31.03 43.57
CA GLY E 210 62.30 -29.96 42.71
C GLY E 210 61.24 -29.36 41.79
N VAL E 211 60.11 -30.06 41.64
CA VAL E 211 59.05 -29.58 40.76
C VAL E 211 58.38 -28.32 41.33
N VAL E 212 58.08 -28.34 42.62
CA VAL E 212 57.63 -27.13 43.31
C VAL E 212 58.58 -26.79 44.46
N ASN E 213 59.12 -25.58 44.45
CA ASN E 213 59.97 -25.10 45.53
C ASN E 213 59.44 -23.78 46.09
N ILE E 214 59.38 -23.67 47.41
CA ILE E 214 58.88 -22.43 48.01
C ILE E 214 59.92 -21.73 48.87
N VAL E 215 60.08 -20.44 48.64
CA VAL E 215 61.04 -19.63 49.40
C VAL E 215 60.35 -18.46 50.07
N PRO E 216 60.05 -18.59 51.38
CA PRO E 216 59.50 -17.47 52.15
C PRO E 216 60.58 -16.43 52.33
N GLY E 217 60.20 -15.17 52.50
CA GLY E 217 61.18 -14.11 52.68
C GLY E 217 60.63 -12.78 52.28
N PHE E 218 61.51 -11.79 52.14
CA PHE E 218 61.09 -10.43 51.81
C PHE E 218 61.22 -10.17 50.31
N GLY E 219 60.54 -9.13 49.85
CA GLY E 219 60.44 -8.86 48.42
C GLY E 219 61.72 -8.36 47.79
N PRO E 220 62.34 -7.34 48.39
CA PRO E 220 63.55 -6.76 47.81
C PRO E 220 64.72 -7.74 47.84
N THR E 221 64.54 -8.85 48.54
CA THR E 221 65.58 -9.88 48.60
C THR E 221 65.20 -11.09 47.75
N ALA E 222 64.40 -11.98 48.32
CA ALA E 222 63.99 -13.21 47.65
C ALA E 222 63.27 -12.94 46.32
N GLY E 223 62.29 -12.04 46.35
CA GLY E 223 61.54 -11.68 45.17
C GLY E 223 62.42 -11.15 44.05
N ALA E 224 63.27 -10.19 44.39
CA ALA E 224 64.17 -9.59 43.40
C ALA E 224 65.13 -10.63 42.83
N ALA E 225 65.54 -11.58 43.67
CA ALA E 225 66.45 -12.63 43.25
C ALA E 225 65.81 -13.48 42.16
N ILE E 226 64.53 -13.78 42.34
CA ILE E 226 63.79 -14.55 41.36
C ILE E 226 63.65 -13.76 40.05
N ALA E 227 63.24 -12.51 40.17
CA ALA E 227 63.03 -11.69 38.99
C ALA E 227 64.30 -11.48 38.16
N SER E 228 65.44 -11.51 38.82
CA SER E 228 66.69 -11.17 38.17
C SER E 228 67.50 -12.40 37.83
N HIS E 229 67.00 -13.57 38.20
CA HIS E 229 67.80 -14.80 38.07
C HIS E 229 68.08 -15.15 36.63
N GLU E 230 69.31 -15.59 36.37
CA GLU E 230 69.76 -15.86 35.01
C GLU E 230 69.27 -17.19 34.46
N ASP E 231 68.77 -18.05 35.34
CA ASP E 231 68.26 -19.34 34.90
C ASP E 231 66.77 -19.52 35.14
N VAL E 232 66.07 -18.43 35.42
CA VAL E 232 64.62 -18.48 35.51
C VAL E 232 64.04 -18.11 34.14
N ASP E 233 63.21 -18.99 33.58
CA ASP E 233 62.67 -18.79 32.24
C ASP E 233 61.47 -17.83 32.17
N LYS E 234 60.72 -17.77 33.26
CA LYS E 234 59.44 -17.08 33.23
C LYS E 234 59.11 -16.65 34.64
N VAL E 235 58.57 -15.45 34.76
CA VAL E 235 58.13 -14.96 36.06
C VAL E 235 56.70 -14.47 36.00
N ALA E 236 55.91 -14.85 36.99
CA ALA E 236 54.55 -14.36 37.14
C ALA E 236 54.45 -13.68 38.49
N PHE E 237 53.94 -12.45 38.48
CA PHE E 237 53.89 -11.66 39.68
C PHE E 237 52.50 -11.09 39.86
N THR E 238 51.98 -11.22 41.07
CA THR E 238 50.75 -10.55 41.45
C THR E 238 51.09 -9.65 42.61
N GLY E 239 50.65 -8.40 42.52
CA GLY E 239 51.00 -7.38 43.49
C GLY E 239 50.71 -5.98 42.98
N SER E 240 51.43 -5.00 43.51
CA SER E 240 51.16 -3.61 43.18
C SER E 240 51.71 -3.25 41.81
N THR E 241 51.08 -2.29 41.16
CA THR E 241 51.55 -1.79 39.87
C THR E 241 52.99 -1.31 39.98
N GLU E 242 53.31 -0.64 41.08
CA GLU E 242 54.66 -0.14 41.33
C GLU E 242 55.71 -1.26 41.28
N ILE E 243 55.46 -2.36 41.98
CA ILE E 243 56.41 -3.47 41.98
C ILE E 243 56.41 -4.21 40.64
N GLY E 244 55.24 -4.23 40.00
CA GLY E 244 55.14 -4.83 38.69
C GLY E 244 56.17 -4.28 37.71
N ARG E 245 56.40 -2.98 37.77
CA ARG E 245 57.38 -2.33 36.91
C ARG E 245 58.80 -2.78 37.28
N VAL E 246 59.07 -2.92 38.58
CA VAL E 246 60.37 -3.44 39.01
C VAL E 246 60.62 -4.82 38.41
N ILE E 247 59.57 -5.65 38.43
CA ILE E 247 59.66 -7.00 37.90
C ILE E 247 60.00 -7.01 36.42
N GLN E 248 59.27 -6.24 35.61
CA GLN E 248 59.51 -6.22 34.17
C GLN E 248 60.88 -5.62 33.84
N VAL E 249 61.31 -4.64 34.63
CA VAL E 249 62.63 -4.07 34.41
C VAL E 249 63.70 -5.09 34.70
N ALA E 250 63.52 -5.83 35.80
CA ALA E 250 64.46 -6.90 36.18
C ALA E 250 64.57 -7.98 35.10
N ALA E 251 63.44 -8.33 34.50
CA ALA E 251 63.41 -9.34 33.45
C ALA E 251 64.18 -8.86 32.22
N GLY E 252 64.00 -7.60 31.86
CA GLY E 252 64.74 -6.99 30.76
C GLY E 252 66.21 -6.82 31.06
N SER E 253 66.56 -6.59 32.32
CA SER E 253 67.95 -6.35 32.71
C SER E 253 68.71 -7.65 32.85
N SER E 254 68.00 -8.75 33.04
CA SER E 254 68.65 -10.04 33.23
C SER E 254 68.64 -10.88 31.95
N ASN E 255 67.79 -11.90 31.89
CA ASN E 255 67.85 -12.84 30.79
C ASN E 255 66.66 -12.82 29.82
N LEU E 256 65.89 -11.74 29.82
CA LEU E 256 64.72 -11.65 28.96
C LEU E 256 63.70 -12.76 29.26
N LYS E 257 63.64 -13.18 30.52
CA LYS E 257 62.61 -14.14 30.94
C LYS E 257 61.22 -13.60 30.58
N ARG E 258 60.28 -14.50 30.31
CA ARG E 258 58.92 -14.08 29.99
C ARG E 258 58.21 -13.60 31.24
N VAL E 259 57.35 -12.60 31.08
CA VAL E 259 56.69 -11.97 32.20
C VAL E 259 55.18 -11.91 32.02
N THR E 260 54.45 -12.21 33.11
CA THR E 260 53.03 -11.87 33.22
C THR E 260 52.80 -11.17 34.55
N LEU E 261 51.86 -10.22 34.56
CA LEU E 261 51.61 -9.42 35.75
C LEU E 261 50.13 -9.31 36.05
N GLU E 262 49.78 -9.54 37.31
CA GLU E 262 48.45 -9.25 37.80
C GLU E 262 48.63 -8.14 38.82
N LEU E 263 48.17 -6.94 38.49
CA LEU E 263 48.39 -5.77 39.34
C LEU E 263 47.11 -5.22 40.01
N GLY E 264 47.17 -3.98 40.46
CA GLY E 264 46.03 -3.37 41.12
C GLY E 264 44.99 -2.81 40.17
N GLY E 265 43.99 -2.14 40.76
CA GLY E 265 42.97 -1.49 39.97
C GLY E 265 42.24 -0.41 40.75
N LYS E 266 41.28 0.22 40.09
CA LYS E 266 40.36 1.16 40.71
C LYS E 266 39.04 0.97 39.98
N SER E 267 38.53 -0.25 40.07
CA SER E 267 37.46 -0.71 39.19
C SER E 267 36.15 0.02 39.40
N PRO E 268 35.52 0.47 38.30
CA PRO E 268 34.24 1.17 38.31
C PRO E 268 33.08 0.20 38.35
N ASN E 269 32.16 0.45 39.28
CA ASN E 269 30.91 -0.29 39.36
C ASN E 269 29.75 0.67 39.04
N ILE E 270 29.13 0.49 37.87
CA ILE E 270 28.19 1.45 37.31
C ILE E 270 26.74 1.01 37.50
N ILE E 271 26.01 1.76 38.31
CA ILE E 271 24.59 1.52 38.56
C ILE E 271 23.67 2.43 37.73
N MET E 272 23.03 1.89 36.70
CA MET E 272 22.07 2.67 35.91
C MET E 272 20.73 2.83 36.65
N SER E 273 19.94 3.80 36.22
CA SER E 273 18.68 4.15 36.92
C SER E 273 17.66 3.03 36.91
N ASP E 274 17.78 2.10 35.97
CA ASP E 274 16.84 0.99 35.84
C ASP E 274 17.32 -0.29 36.54
N ALA E 275 18.40 -0.19 37.29
CA ALA E 275 18.92 -1.35 37.99
C ALA E 275 17.95 -1.80 39.07
N ASP E 276 18.06 -3.06 39.49
CA ASP E 276 17.31 -3.51 40.65
C ASP E 276 17.98 -2.93 41.90
N MET E 277 17.33 -1.95 42.51
CA MET E 277 17.90 -1.23 43.65
C MET E 277 18.50 -2.10 44.75
N ASP E 278 17.72 -3.05 45.28
CA ASP E 278 18.18 -3.86 46.41
C ASP E 278 19.40 -4.69 46.05
N TRP E 279 19.35 -5.28 44.87
CA TRP E 279 20.41 -6.15 44.38
C TRP E 279 21.68 -5.34 44.16
N ALA E 280 21.53 -4.19 43.51
CA ALA E 280 22.66 -3.33 43.22
C ALA E 280 23.32 -2.83 44.50
N VAL E 281 22.51 -2.46 45.48
CA VAL E 281 23.02 -2.00 46.76
C VAL E 281 23.83 -3.09 47.49
N GLU E 282 23.27 -4.30 47.58
CA GLU E 282 23.97 -5.39 48.23
C GLU E 282 25.25 -5.79 47.47
N GLN E 283 25.15 -5.88 46.15
CA GLN E 283 26.32 -6.22 45.33
C GLN E 283 27.42 -5.16 45.38
N ALA E 284 27.02 -3.89 45.41
CA ALA E 284 28.00 -2.80 45.48
C ALA E 284 28.73 -2.86 46.82
N HIS E 285 27.98 -3.19 47.87
CA HIS E 285 28.56 -3.34 49.18
C HIS E 285 29.60 -4.45 49.14
N PHE E 286 29.18 -5.61 48.68
CA PHE E 286 30.06 -6.76 48.50
C PHE E 286 31.27 -6.42 47.62
N ALA E 287 31.00 -5.76 46.50
CA ALA E 287 32.04 -5.43 45.52
C ALA E 287 33.19 -4.67 46.15
N LEU E 288 32.87 -3.79 47.11
CA LEU E 288 33.90 -3.01 47.75
C LEU E 288 34.43 -3.61 49.03
N PHE E 289 33.54 -4.08 49.89
CA PHE E 289 33.93 -4.47 51.24
C PHE E 289 34.50 -5.87 51.37
N PHE E 290 34.34 -6.71 50.36
CA PHE E 290 34.78 -8.10 50.46
C PHE E 290 36.27 -8.23 50.83
N ASN E 291 36.58 -9.18 51.70
CA ASN E 291 37.94 -9.43 52.12
C ASN E 291 38.60 -8.19 52.70
N GLN E 292 37.84 -7.46 53.50
CA GLN E 292 38.35 -6.26 54.16
C GLN E 292 38.73 -5.19 53.15
N GLY E 293 38.11 -5.25 51.96
CA GLY E 293 38.42 -4.32 50.89
C GLY E 293 39.73 -4.65 50.19
N GLN E 294 40.32 -5.79 50.54
CA GLN E 294 41.64 -6.14 50.01
C GLN E 294 41.58 -7.02 48.75
N CYS E 295 40.91 -6.50 47.72
CA CYS E 295 40.84 -7.16 46.42
C CYS E 295 41.30 -6.19 45.36
N CYS E 296 42.13 -6.69 44.45
CA CYS E 296 42.69 -5.88 43.40
C CYS E 296 41.58 -5.33 42.50
N CYS E 297 40.46 -6.05 42.44
CA CYS E 297 39.37 -5.73 41.55
C CYS E 297 38.18 -5.17 42.32
N ALA E 298 38.43 -4.72 43.55
CA ALA E 298 37.38 -4.12 44.35
C ALA E 298 36.66 -3.02 43.58
N GLY E 299 35.33 -2.96 43.74
CA GLY E 299 34.54 -1.90 43.12
C GLY E 299 34.67 -0.58 43.84
N SER E 300 35.81 0.08 43.65
CA SER E 300 36.20 1.23 44.47
C SER E 300 35.78 2.59 43.87
N ARG E 301 35.11 2.54 42.72
CA ARG E 301 34.44 3.71 42.20
C ARG E 301 33.01 3.34 41.85
N THR E 302 32.08 3.62 42.76
CA THR E 302 30.68 3.29 42.56
C THR E 302 29.96 4.45 41.88
N PHE E 303 29.77 4.33 40.57
CA PHE E 303 29.05 5.35 39.81
C PHE E 303 27.54 5.08 39.86
N VAL E 304 26.77 6.06 40.33
CA VAL E 304 25.33 5.91 40.46
C VAL E 304 24.60 7.01 39.69
N GLN E 305 23.67 6.62 38.84
CA GLN E 305 22.92 7.58 38.03
C GLN E 305 22.12 8.51 38.95
N GLU E 306 22.09 9.79 38.61
CA GLU E 306 21.57 10.82 39.52
C GLU E 306 20.16 10.55 40.03
N ASP E 307 19.29 10.01 39.19
CA ASP E 307 17.90 9.79 39.59
C ASP E 307 17.73 8.84 40.78
N ILE E 308 18.72 7.99 41.04
CA ILE E 308 18.60 7.02 42.14
C ILE E 308 19.68 7.23 43.18
N TYR E 309 20.54 8.21 42.94
CA TYR E 309 21.69 8.47 43.80
C TYR E 309 21.34 8.56 45.29
N ASP E 310 20.41 9.43 45.63
CA ASP E 310 20.08 9.69 47.03
C ASP E 310 19.66 8.43 47.76
N GLU E 311 18.74 7.68 47.16
CA GLU E 311 18.25 6.43 47.76
C GLU E 311 19.37 5.40 47.85
N PHE E 312 20.12 5.25 46.76
CA PHE E 312 21.22 4.29 46.74
C PHE E 312 22.22 4.60 47.86
N VAL E 313 22.59 5.87 48.00
CA VAL E 313 23.51 6.29 49.05
C VAL E 313 22.97 5.96 50.45
N GLU E 314 21.71 6.32 50.70
CA GLU E 314 21.04 6.01 51.97
C GLU E 314 21.17 4.53 52.32
N ARG E 315 20.75 3.68 51.39
CA ARG E 315 20.75 2.24 51.61
C ARG E 315 22.16 1.72 51.83
N SER E 316 23.11 2.27 51.07
CA SER E 316 24.51 1.87 51.14
C SER E 316 25.06 2.20 52.52
N VAL E 317 24.83 3.43 52.95
CA VAL E 317 25.27 3.85 54.28
C VAL E 317 24.72 2.96 55.39
N ALA E 318 23.44 2.62 55.29
CA ALA E 318 22.83 1.74 56.29
C ALA E 318 23.49 0.37 56.28
N ARG E 319 23.67 -0.20 55.08
CA ARG E 319 24.30 -1.50 54.94
C ARG E 319 25.72 -1.51 55.51
N ALA E 320 26.46 -0.42 55.29
CA ALA E 320 27.82 -0.30 55.79
C ALA E 320 27.80 -0.20 57.31
N LYS E 321 26.85 0.56 57.84
CA LYS E 321 26.77 0.77 59.27
C LYS E 321 26.45 -0.53 60.01
N SER E 322 25.70 -1.41 59.36
CA SER E 322 25.29 -2.67 59.96
C SER E 322 26.32 -3.78 59.80
N ARG E 323 27.36 -3.53 59.01
CA ARG E 323 28.39 -4.55 58.77
C ARG E 323 29.18 -4.89 60.04
N VAL E 324 29.24 -6.18 60.36
CA VAL E 324 29.81 -6.65 61.61
C VAL E 324 31.32 -6.85 61.55
N VAL E 325 32.05 -5.99 62.26
CA VAL E 325 33.49 -6.08 62.34
C VAL E 325 33.89 -6.76 63.64
N GLY E 326 34.86 -7.67 63.57
CA GLY E 326 35.30 -8.34 64.77
C GLY E 326 36.17 -9.57 64.57
N ASN E 327 36.20 -10.44 65.59
CA ASN E 327 37.02 -11.64 65.57
C ASN E 327 36.65 -12.54 64.40
N PRO E 328 37.60 -12.78 63.49
CA PRO E 328 37.37 -13.54 62.26
C PRO E 328 36.93 -14.98 62.54
N PHE E 329 37.18 -15.48 63.74
CA PHE E 329 36.72 -16.82 64.09
C PHE E 329 35.26 -16.85 64.58
N ASP E 330 34.69 -15.70 64.89
CA ASP E 330 33.29 -15.63 65.28
C ASP E 330 32.40 -15.69 64.04
N SER E 331 31.44 -16.61 64.06
CA SER E 331 30.60 -16.85 62.88
C SER E 331 29.78 -15.63 62.46
N LYS E 332 29.63 -14.66 63.36
CA LYS E 332 28.83 -13.47 63.06
C LYS E 332 29.65 -12.37 62.39
N THR E 333 30.97 -12.52 62.42
CA THR E 333 31.88 -11.51 61.87
C THR E 333 31.86 -11.47 60.33
N GLU E 334 31.58 -10.29 59.78
CA GLU E 334 31.59 -10.09 58.34
C GLU E 334 32.96 -9.57 57.89
N GLN E 335 33.64 -8.85 58.78
CA GLN E 335 34.87 -8.18 58.42
C GLN E 335 35.91 -8.30 59.51
N GLY E 336 37.06 -8.86 59.16
CA GLY E 336 38.18 -9.00 60.07
C GLY E 336 39.05 -7.75 60.05
N PRO E 337 40.28 -7.88 60.59
CA PRO E 337 41.26 -6.79 60.56
C PRO E 337 41.92 -6.71 59.18
N GLN E 338 42.57 -5.59 58.89
CA GLN E 338 43.47 -5.46 57.75
C GLN E 338 44.69 -6.33 58.03
N VAL E 339 45.45 -6.61 56.98
CA VAL E 339 46.49 -7.63 57.03
C VAL E 339 47.66 -7.30 57.94
N ASP E 340 48.02 -6.03 58.04
CA ASP E 340 49.14 -5.62 58.87
C ASP E 340 49.11 -4.14 59.20
N GLU E 341 50.12 -3.67 59.91
CA GLU E 341 50.15 -2.30 60.38
C GLU E 341 50.37 -1.31 59.24
N THR E 342 51.22 -1.68 58.29
CA THR E 342 51.49 -0.81 57.15
C THR E 342 50.21 -0.49 56.41
N GLN E 343 49.41 -1.53 56.15
CA GLN E 343 48.15 -1.36 55.43
C GLN E 343 47.17 -0.56 56.27
N PHE E 344 47.09 -0.92 57.55
CA PHE E 344 46.31 -0.21 58.54
C PHE E 344 46.50 1.30 58.43
N LYS E 345 47.75 1.73 58.49
CA LYS E 345 48.06 3.14 58.44
C LYS E 345 47.79 3.76 57.08
N LYS E 346 48.15 3.04 56.01
CA LYS E 346 47.91 3.52 54.66
C LYS E 346 46.45 3.86 54.48
N ILE E 347 45.58 2.97 54.93
CA ILE E 347 44.14 3.16 54.80
C ILE E 347 43.66 4.36 55.58
N LEU E 348 44.07 4.47 56.84
CA LEU E 348 43.72 5.62 57.65
C LEU E 348 44.19 6.91 56.97
N GLY E 349 45.39 6.85 56.40
CA GLY E 349 45.92 7.99 55.66
C GLY E 349 45.03 8.38 54.51
N TYR E 350 44.53 7.39 53.78
CA TYR E 350 43.64 7.67 52.66
C TYR E 350 42.32 8.26 53.14
N ILE E 351 41.78 7.70 54.20
CA ILE E 351 40.55 8.24 54.79
C ILE E 351 40.71 9.70 55.12
N ASN E 352 41.85 10.05 55.70
CA ASN E 352 42.14 11.44 56.02
C ASN E 352 42.20 12.31 54.76
N THR E 353 42.86 11.80 53.73
CA THR E 353 42.95 12.49 52.45
C THR E 353 41.54 12.77 51.91
N GLY E 354 40.64 11.80 52.09
CA GLY E 354 39.27 11.93 51.62
C GLY E 354 38.55 13.06 52.32
N LYS E 355 38.68 13.10 53.64
CA LYS E 355 38.13 14.18 54.42
C LYS E 355 38.71 15.51 53.95
N GLN E 356 40.04 15.57 53.88
CA GLN E 356 40.76 16.77 53.50
C GLN E 356 40.31 17.32 52.15
N GLU E 357 40.03 16.44 51.20
CA GLU E 357 39.76 16.86 49.83
C GLU E 357 38.30 17.22 49.59
N GLY E 358 37.46 17.06 50.61
CA GLY E 358 36.09 17.54 50.51
C GLY E 358 35.07 16.50 50.10
N ALA E 359 35.42 15.21 50.17
CA ALA E 359 34.43 14.17 50.01
C ALA E 359 33.55 14.11 51.27
N LYS E 360 32.29 13.75 51.12
CA LYS E 360 31.39 13.65 52.27
C LYS E 360 31.54 12.32 53.01
N LEU E 361 32.13 12.38 54.21
CA LEU E 361 32.20 11.21 55.05
C LEU E 361 30.81 10.89 55.57
N LEU E 362 30.25 9.76 55.15
CA LEU E 362 28.87 9.43 55.50
C LEU E 362 28.78 8.43 56.66
N CYS E 363 29.87 7.72 56.92
CA CYS E 363 29.94 6.79 58.05
C CYS E 363 31.33 6.18 58.17
N GLY E 364 31.60 5.60 59.34
CA GLY E 364 32.92 5.07 59.65
C GLY E 364 33.97 6.16 59.67
N GLY E 365 35.17 5.83 59.21
CA GLY E 365 36.21 6.84 59.05
C GLY E 365 37.30 6.73 60.09
N GLY E 366 37.20 5.72 60.95
CA GLY E 366 38.18 5.55 62.00
C GLY E 366 38.46 4.10 62.39
N ILE E 367 39.38 3.96 63.34
CA ILE E 367 39.76 2.67 63.90
C ILE E 367 38.56 2.02 64.59
N ALA E 368 38.44 0.69 64.48
CA ALA E 368 37.24 -0.01 64.92
C ALA E 368 37.42 -0.82 66.20
N ALA E 369 38.68 -0.99 66.63
CA ALA E 369 38.99 -1.68 67.89
C ALA E 369 40.39 -1.26 68.31
N ASP E 370 40.79 -1.62 69.52
CA ASP E 370 42.08 -1.14 70.03
C ASP E 370 43.14 -2.23 70.11
N ARG E 371 42.78 -3.43 69.65
CA ARG E 371 43.76 -4.47 69.38
C ARG E 371 43.59 -4.95 67.94
N GLY E 372 44.69 -5.26 67.27
CA GLY E 372 44.61 -5.70 65.89
C GLY E 372 44.44 -4.51 64.97
N TYR E 373 44.24 -4.79 63.68
CA TYR E 373 44.20 -3.72 62.69
C TYR E 373 42.81 -3.57 62.08
N PHE E 374 41.82 -3.32 62.94
CA PHE E 374 40.43 -3.21 62.51
C PHE E 374 40.04 -1.79 62.16
N ILE E 375 39.34 -1.64 61.05
CA ILE E 375 38.93 -0.33 60.56
C ILE E 375 37.43 -0.31 60.31
N GLN E 376 36.79 0.79 60.68
CA GLN E 376 35.36 0.92 60.46
C GLN E 376 35.04 0.94 58.97
N PRO E 377 34.02 0.19 58.57
CA PRO E 377 33.49 0.34 57.20
C PRO E 377 33.20 1.81 56.92
N THR E 378 33.78 2.33 55.85
CA THR E 378 33.75 3.76 55.60
C THR E 378 33.15 4.07 54.25
N VAL E 379 32.28 5.08 54.21
CA VAL E 379 31.64 5.48 52.95
C VAL E 379 31.80 6.96 52.69
N PHE E 380 32.30 7.30 51.51
CA PHE E 380 32.37 8.67 51.06
C PHE E 380 31.34 8.89 49.97
N GLY E 381 30.56 9.97 50.08
CA GLY E 381 29.64 10.37 49.04
C GLY E 381 30.15 11.60 48.29
N ASP E 382 29.50 11.92 47.19
CA ASP E 382 29.84 13.10 46.39
C ASP E 382 31.31 13.14 46.02
N VAL E 383 31.86 11.96 45.74
CA VAL E 383 33.26 11.84 45.35
C VAL E 383 33.44 12.36 43.93
N GLN E 384 34.53 13.09 43.70
CA GLN E 384 34.82 13.66 42.38
C GLN E 384 36.03 12.95 41.78
N ASP E 385 36.07 12.86 40.46
CA ASP E 385 37.10 12.11 39.74
C ASP E 385 38.51 12.54 40.10
N GLY E 386 38.67 13.82 40.38
CA GLY E 386 39.99 14.36 40.61
C GLY E 386 40.50 14.09 42.02
N MET E 387 39.62 13.62 42.89
CA MET E 387 40.02 13.34 44.26
C MET E 387 40.97 12.15 44.32
N THR E 388 41.89 12.21 45.28
CA THR E 388 42.85 11.15 45.52
C THR E 388 42.20 9.79 45.78
N ILE E 389 41.18 9.76 46.62
CA ILE E 389 40.49 8.51 46.91
C ILE E 389 39.69 7.99 45.72
N ALA E 390 39.54 8.80 44.70
CA ALA E 390 38.88 8.38 43.46
C ALA E 390 39.89 7.84 42.44
N LYS E 391 41.18 8.10 42.68
CA LYS E 391 42.22 7.76 41.70
C LYS E 391 43.12 6.63 42.15
N GLU E 392 43.41 6.58 43.44
CA GLU E 392 44.39 5.62 43.95
C GLU E 392 43.76 4.43 44.68
N GLU E 393 44.40 3.27 44.53
CA GLU E 393 43.92 2.05 45.14
C GLU E 393 44.10 2.12 46.65
N ILE E 394 42.99 2.07 47.39
CA ILE E 394 43.03 2.21 48.84
C ILE E 394 43.25 0.86 49.51
N PHE E 395 42.64 -0.19 48.96
CA PHE E 395 42.82 -1.54 49.47
C PHE E 395 42.30 -1.73 50.90
N GLY E 396 41.25 -1.01 51.25
CA GLY E 396 40.64 -1.10 52.56
C GLY E 396 39.14 -0.91 52.47
N PRO E 397 38.46 -0.94 53.62
CA PRO E 397 37.00 -0.82 53.68
C PRO E 397 36.53 0.63 53.49
N VAL E 398 36.82 1.20 52.33
CA VAL E 398 36.52 2.58 52.07
C VAL E 398 35.84 2.69 50.72
N MET E 399 34.56 3.02 50.73
CA MET E 399 33.74 3.07 49.52
C MET E 399 33.62 4.48 48.95
N GLN E 400 33.80 4.61 47.64
CA GLN E 400 33.61 5.89 46.98
C GLN E 400 32.33 5.85 46.13
N ILE E 401 31.42 6.79 46.40
CA ILE E 401 30.22 6.89 45.58
C ILE E 401 30.20 8.17 44.75
N LEU E 402 30.12 8.01 43.44
CA LEU E 402 30.10 9.13 42.51
C LEU E 402 28.76 9.18 41.78
N LYS E 403 28.38 10.37 41.34
CA LYS E 403 27.09 10.57 40.70
C LYS E 403 27.33 10.90 39.25
N PHE E 404 26.48 10.39 38.35
CA PHE E 404 26.59 10.73 36.93
C PHE E 404 25.19 10.86 36.31
N LYS E 405 25.15 11.42 35.11
CA LYS E 405 23.89 11.61 34.41
C LYS E 405 23.72 10.66 33.23
N THR E 406 24.62 10.74 32.26
CA THR E 406 24.44 10.00 31.01
C THR E 406 25.37 8.79 30.88
N ILE E 407 24.97 7.88 30.00
CA ILE E 407 25.75 6.68 29.73
C ILE E 407 27.05 7.05 29.01
N GLU E 408 27.01 8.05 28.14
CA GLU E 408 28.23 8.48 27.45
C GLU E 408 29.21 9.04 28.48
N GLU E 409 28.65 9.78 29.43
CA GLU E 409 29.46 10.39 30.48
C GLU E 409 30.16 9.33 31.35
N VAL E 410 29.41 8.35 31.81
CA VAL E 410 29.97 7.39 32.73
C VAL E 410 31.03 6.49 32.06
N VAL E 411 30.85 6.18 30.78
CA VAL E 411 31.84 5.43 30.03
C VAL E 411 33.18 6.16 30.04
N GLY E 412 33.14 7.45 29.75
CA GLY E 412 34.35 8.25 29.68
C GLY E 412 35.04 8.39 31.03
N ARG E 413 34.25 8.46 32.07
CA ARG E 413 34.79 8.62 33.40
C ARG E 413 35.33 7.32 33.93
N ALA E 414 34.60 6.24 33.70
CA ALA E 414 35.05 4.92 34.13
C ALA E 414 36.38 4.59 33.46
N ASN E 415 36.49 4.88 32.18
CA ASN E 415 37.69 4.55 31.41
C ASN E 415 38.83 5.52 31.65
N ASN E 416 38.54 6.67 32.24
CA ASN E 416 39.59 7.65 32.48
C ASN E 416 40.43 7.27 33.70
N SER E 417 41.30 6.29 33.50
CA SER E 417 42.11 5.75 34.59
C SER E 417 43.23 4.96 33.96
N THR E 418 44.33 4.81 34.67
CA THR E 418 45.43 3.99 34.16
C THR E 418 45.27 2.53 34.60
N TYR E 419 44.26 2.27 35.44
CA TYR E 419 43.89 0.90 35.79
C TYR E 419 42.83 0.39 34.82
N GLY E 420 42.58 -0.91 34.84
CA GLY E 420 41.63 -1.53 33.92
C GLY E 420 41.48 -3.01 34.21
N LEU E 421 41.47 -3.34 35.50
CA LEU E 421 41.38 -4.73 35.93
C LEU E 421 39.96 -5.27 35.73
N ALA E 422 38.98 -4.55 36.27
CA ALA E 422 37.60 -4.99 36.15
C ALA E 422 36.64 -3.81 36.11
N ALA E 423 35.37 -4.12 35.83
CA ALA E 423 34.27 -3.15 35.85
C ALA E 423 32.96 -3.92 35.98
N ALA E 424 31.90 -3.22 36.35
CA ALA E 424 30.58 -3.85 36.46
C ALA E 424 29.50 -2.88 36.01
N VAL E 425 28.41 -3.45 35.53
CA VAL E 425 27.29 -2.68 35.04
C VAL E 425 26.02 -3.28 35.59
N PHE E 426 25.20 -2.46 36.21
CA PHE E 426 23.89 -2.90 36.70
C PHE E 426 22.78 -2.19 35.93
N THR E 427 22.02 -2.97 35.17
CA THR E 427 20.93 -2.47 34.35
C THR E 427 20.03 -3.63 33.94
N LYS E 428 18.77 -3.35 33.66
CA LYS E 428 17.84 -4.35 33.17
C LYS E 428 17.81 -4.32 31.63
N ASP E 429 18.40 -3.28 31.07
CA ASP E 429 18.28 -3.04 29.66
C ASP E 429 19.32 -3.79 28.82
N LEU E 430 18.84 -4.59 27.87
CA LEU E 430 19.72 -5.33 26.95
C LEU E 430 20.76 -4.44 26.24
N ASP E 431 20.29 -3.40 25.56
CA ASP E 431 21.18 -2.52 24.81
C ASP E 431 22.21 -1.81 25.67
N LYS E 432 21.80 -1.33 26.84
CA LYS E 432 22.72 -0.64 27.74
C LYS E 432 23.81 -1.62 28.18
N ALA E 433 23.41 -2.81 28.59
CA ALA E 433 24.36 -3.84 29.01
C ALA E 433 25.40 -4.11 27.91
N ASN E 434 24.94 -4.25 26.68
CA ASN E 434 25.87 -4.57 25.57
C ASN E 434 26.76 -3.41 25.20
N TYR E 435 26.20 -2.21 25.19
CA TYR E 435 26.97 -0.99 24.94
C TYR E 435 28.09 -0.83 25.98
N LEU E 436 27.74 -0.93 27.25
CA LEU E 436 28.72 -0.74 28.31
C LEU E 436 29.80 -1.83 28.33
N SER E 437 29.40 -3.08 28.20
CA SER E 437 30.36 -4.18 28.29
C SER E 437 31.36 -4.10 27.16
N GLN E 438 30.93 -3.61 26.00
CA GLN E 438 31.86 -3.41 24.87
C GLN E 438 32.78 -2.23 25.11
N ALA E 439 32.24 -1.15 25.66
CA ALA E 439 32.98 0.11 25.73
C ALA E 439 33.95 0.23 26.90
N LEU E 440 33.68 -0.47 28.00
CA LEU E 440 34.52 -0.38 29.19
C LEU E 440 35.87 -1.04 28.92
N GLN E 441 36.95 -0.34 29.27
CA GLN E 441 38.29 -0.88 29.06
C GLN E 441 38.77 -1.65 30.28
N ALA E 442 38.33 -2.89 30.43
CA ALA E 442 38.66 -3.67 31.61
C ALA E 442 38.76 -5.15 31.28
N GLY E 443 39.61 -5.87 32.00
CA GLY E 443 39.80 -7.29 31.74
C GLY E 443 38.56 -8.12 31.98
N THR E 444 37.75 -7.71 32.95
CA THR E 444 36.50 -8.38 33.23
C THR E 444 35.39 -7.36 33.42
N VAL E 445 34.28 -7.55 32.70
CA VAL E 445 33.10 -6.75 32.89
C VAL E 445 31.99 -7.67 33.41
N TRP E 446 31.56 -7.42 34.64
CA TRP E 446 30.44 -8.11 35.22
C TRP E 446 29.14 -7.35 34.92
N VAL E 447 28.07 -8.08 34.64
CA VAL E 447 26.76 -7.47 34.38
C VAL E 447 25.78 -8.01 35.39
N ASN E 448 25.22 -7.10 36.18
CA ASN E 448 24.30 -7.44 37.27
C ASN E 448 24.87 -8.44 38.27
N CYS E 449 26.18 -8.37 38.49
CA CYS E 449 26.83 -9.17 39.49
C CYS E 449 28.20 -8.57 39.69
N TYR E 450 28.95 -9.08 40.67
CA TYR E 450 30.30 -8.62 40.88
C TYR E 450 31.14 -9.73 41.47
N ASP E 451 32.43 -9.73 41.15
CA ASP E 451 33.37 -10.67 41.76
C ASP E 451 32.94 -12.11 41.47
N VAL E 452 32.46 -12.34 40.25
CA VAL E 452 32.11 -13.69 39.83
C VAL E 452 33.30 -14.31 39.13
N PHE E 453 33.93 -15.26 39.82
CA PHE E 453 35.09 -15.93 39.29
C PHE E 453 34.78 -17.38 39.01
N GLY E 454 35.27 -17.85 37.87
CA GLY E 454 35.18 -19.26 37.54
C GLY E 454 36.53 -19.71 37.02
N ALA E 455 36.96 -20.90 37.44
CA ALA E 455 38.23 -21.44 37.00
C ALA E 455 38.28 -21.45 35.48
N GLN E 456 37.11 -21.46 34.85
CA GLN E 456 37.07 -21.58 33.39
C GLN E 456 37.11 -20.25 32.62
N SER E 457 36.88 -19.13 33.30
CA SER E 457 36.92 -17.81 32.68
C SER E 457 38.17 -16.98 33.04
N PRO E 458 38.86 -16.45 32.03
CA PRO E 458 40.13 -15.75 32.24
C PRO E 458 39.96 -14.46 33.03
N PHE E 459 41.03 -14.04 33.70
CA PHE E 459 41.02 -12.85 34.53
C PHE E 459 42.38 -12.17 34.42
N GLY E 460 42.38 -10.85 34.25
CA GLY E 460 43.61 -10.10 34.11
C GLY E 460 43.35 -8.66 33.71
N GLY E 461 44.39 -7.83 33.72
CA GLY E 461 44.22 -6.41 33.53
C GLY E 461 44.44 -5.85 32.13
N TYR E 462 43.70 -4.79 31.82
CA TYR E 462 44.03 -3.89 30.73
C TYR E 462 44.99 -2.86 31.30
N LYS E 463 45.67 -2.12 30.43
CA LYS E 463 46.51 -1.01 30.85
C LYS E 463 47.55 -1.37 31.92
N MET E 464 47.57 -0.62 33.01
CA MET E 464 48.57 -0.84 34.06
C MET E 464 48.05 -1.73 35.17
N SER E 465 46.90 -2.34 34.96
CA SER E 465 46.40 -3.35 35.90
C SER E 465 47.05 -4.70 35.65
N GLY E 466 47.89 -4.79 34.62
CA GLY E 466 48.64 -6.00 34.37
C GLY E 466 48.76 -6.37 32.91
N SER E 467 49.30 -7.54 32.65
CA SER E 467 49.34 -8.10 31.31
C SER E 467 49.29 -9.62 31.41
N GLY E 468 48.63 -10.24 30.44
CA GLY E 468 48.42 -11.68 30.48
C GLY E 468 47.16 -12.00 31.25
N ARG E 469 46.74 -13.26 31.18
CA ARG E 469 45.52 -13.69 31.83
C ARG E 469 45.76 -14.91 32.70
N GLU E 470 45.00 -15.00 33.79
CA GLU E 470 44.99 -16.20 34.59
C GLU E 470 43.62 -16.87 34.53
N LEU E 471 43.57 -18.14 34.89
CA LEU E 471 42.34 -18.94 34.80
C LEU E 471 41.98 -19.25 33.34
N GLY E 472 41.06 -20.20 33.17
CA GLY E 472 40.62 -20.63 31.85
C GLY E 472 41.73 -21.26 31.02
N GLU E 473 41.42 -21.51 29.76
CA GLU E 473 42.41 -21.99 28.81
C GLU E 473 43.52 -20.95 28.64
N TYR E 474 43.16 -19.67 28.70
CA TYR E 474 44.12 -18.59 28.51
C TYR E 474 45.28 -18.65 29.48
N GLY E 475 44.99 -19.11 30.69
CA GLY E 475 45.98 -19.21 31.72
C GLY E 475 47.10 -20.17 31.40
N LEU E 476 46.93 -21.00 30.38
CA LEU E 476 47.98 -21.93 29.99
C LEU E 476 49.01 -21.29 29.08
N GLN E 477 48.62 -20.23 28.38
CA GLN E 477 49.46 -19.65 27.32
C GLN E 477 50.85 -19.23 27.81
N ALA E 478 50.90 -18.46 28.89
CA ALA E 478 52.15 -17.96 29.43
C ALA E 478 53.02 -19.06 30.01
N TYR E 479 52.47 -20.27 30.14
CA TYR E 479 53.26 -21.38 30.64
C TYR E 479 53.70 -22.34 29.56
N THR E 480 53.57 -21.88 28.31
CA THR E 480 53.88 -22.70 27.15
C THR E 480 54.91 -22.01 26.26
N GLU E 481 55.91 -22.76 25.82
CA GLU E 481 56.83 -22.29 24.81
C GLU E 481 56.55 -23.08 23.55
N VAL E 482 56.39 -22.36 22.43
CA VAL E 482 55.98 -23.00 21.18
C VAL E 482 57.18 -23.32 20.29
N LYS E 483 57.29 -24.58 19.90
CA LYS E 483 58.31 -25.01 18.97
C LYS E 483 57.67 -25.45 17.66
N THR E 484 58.17 -24.90 16.56
CA THR E 484 57.77 -25.39 15.25
C THR E 484 58.75 -26.46 14.79
N VAL E 485 58.20 -27.57 14.29
CA VAL E 485 59.03 -28.59 13.62
C VAL E 485 58.55 -28.70 12.19
N THR E 486 59.48 -28.55 11.26
CA THR E 486 59.15 -28.54 9.84
C THR E 486 60.04 -29.54 9.08
N VAL E 487 59.41 -30.59 8.56
CA VAL E 487 60.12 -31.73 8.00
C VAL E 487 59.92 -31.83 6.49
N LYS E 488 61.02 -31.97 5.76
CA LYS E 488 60.94 -32.24 4.33
C LYS E 488 60.29 -33.60 4.11
N VAL E 489 59.30 -33.65 3.23
CA VAL E 489 58.69 -34.92 2.87
C VAL E 489 58.77 -35.14 1.36
N PRO E 490 58.68 -36.40 0.93
CA PRO E 490 58.80 -36.75 -0.51
C PRO E 490 57.78 -36.03 -1.38
N GLN E 491 56.53 -35.98 -0.95
CA GLN E 491 55.51 -35.27 -1.71
C GLN E 491 54.30 -34.92 -0.86
N LYS E 492 54.06 -33.63 -0.67
CA LYS E 492 52.96 -33.16 0.14
C LYS E 492 51.62 -33.33 -0.58
N ASN E 493 50.67 -33.93 0.12
CA ASN E 493 49.31 -34.04 -0.36
C ASN E 493 48.33 -33.56 0.69
N SER E 494 47.24 -32.96 0.25
CA SER E 494 46.16 -32.62 1.14
C SER E 494 45.56 -33.93 1.67
N ALA F 1 62.06 -16.95 -13.89
CA ALA F 1 61.23 -16.14 -14.77
C ALA F 1 61.16 -14.69 -14.28
N VAL F 2 62.29 -13.99 -14.32
CA VAL F 2 62.42 -12.70 -13.63
C VAL F 2 62.53 -11.48 -14.54
N PRO F 3 61.64 -10.49 -14.36
CA PRO F 3 61.64 -9.27 -15.17
C PRO F 3 62.94 -8.49 -14.99
N ALA F 4 63.44 -7.89 -16.06
CA ALA F 4 64.66 -7.13 -15.95
C ALA F 4 64.43 -5.94 -15.03
N PRO F 5 65.39 -5.69 -14.14
CA PRO F 5 65.26 -4.63 -13.13
C PRO F 5 65.70 -3.27 -13.64
N ASN F 6 65.08 -2.23 -13.10
CA ASN F 6 65.61 -0.88 -13.21
C ASN F 6 66.71 -0.77 -12.17
N GLN F 7 67.96 -0.68 -12.60
CA GLN F 7 69.07 -0.71 -11.66
C GLN F 7 69.27 0.61 -10.90
N GLN F 8 68.48 1.61 -11.26
CA GLN F 8 68.45 2.87 -10.53
C GLN F 8 67.01 3.34 -10.39
N PRO F 9 66.23 2.64 -9.60
CA PRO F 9 64.82 2.99 -9.43
C PRO F 9 64.70 4.38 -8.84
N GLU F 10 63.70 5.14 -9.28
CA GLU F 10 63.44 6.45 -8.70
C GLU F 10 62.87 6.31 -7.28
N VAL F 11 63.22 7.23 -6.40
CA VAL F 11 62.65 7.24 -5.05
C VAL F 11 61.53 8.26 -4.97
N PHE F 12 60.36 7.81 -4.53
CA PHE F 12 59.17 8.64 -4.46
C PHE F 12 58.77 9.00 -3.03
N CYS F 13 59.26 8.24 -2.06
CA CYS F 13 58.85 8.45 -0.67
C CYS F 13 60.06 8.43 0.25
N ASN F 14 60.25 9.53 0.96
CA ASN F 14 61.40 9.67 1.85
C ASN F 14 61.08 10.56 3.05
N GLN F 15 59.80 10.61 3.40
CA GLN F 15 59.37 11.42 4.52
C GLN F 15 58.71 10.58 5.61
N ILE F 16 58.24 11.26 6.64
CA ILE F 16 57.52 10.61 7.73
C ILE F 16 56.05 10.46 7.31
N PHE F 17 55.50 9.28 7.55
CA PHE F 17 54.14 8.98 7.12
C PHE F 17 53.15 8.98 8.27
N ILE F 18 52.28 9.99 8.32
CA ILE F 18 51.31 10.14 9.40
C ILE F 18 49.97 10.58 8.85
N ASN F 19 48.91 9.91 9.27
CA ASN F 19 47.57 10.18 8.76
C ASN F 19 47.51 10.17 7.23
N ASN F 20 48.22 9.23 6.62
CA ASN F 20 48.21 9.07 5.19
C ASN F 20 48.75 10.30 4.47
N GLU F 21 49.59 11.07 5.15
CA GLU F 21 50.24 12.21 4.53
C GLU F 21 51.74 12.14 4.80
N TRP F 22 52.50 12.83 3.96
CA TRP F 22 53.94 12.86 4.12
C TRP F 22 54.39 14.14 4.83
N HIS F 23 55.33 14.00 5.75
CA HIS F 23 55.76 15.13 6.58
C HIS F 23 57.27 15.13 6.73
N ASP F 24 57.86 16.32 6.81
CA ASP F 24 59.25 16.45 7.23
C ASP F 24 59.28 16.27 8.73
N ALA F 25 60.44 15.91 9.26
CA ALA F 25 60.62 15.90 10.70
C ALA F 25 60.34 17.32 11.19
N VAL F 26 59.86 17.43 12.41
CA VAL F 26 59.66 18.73 13.03
C VAL F 26 60.96 19.55 12.97
N SER F 27 62.09 18.87 13.14
CA SER F 27 63.40 19.49 13.14
C SER F 27 63.90 19.76 11.73
N ARG F 28 63.20 19.21 10.75
CA ARG F 28 63.59 19.34 9.35
C ARG F 28 64.89 18.60 9.04
N LYS F 29 65.45 17.93 10.03
CA LYS F 29 66.68 17.18 9.81
C LYS F 29 66.43 16.03 8.84
N THR F 30 67.46 15.63 8.12
CA THR F 30 67.39 14.46 7.26
C THR F 30 68.67 13.66 7.43
N PHE F 31 68.63 12.39 7.01
CA PHE F 31 69.80 11.54 7.02
C PHE F 31 69.95 10.82 5.68
N PRO F 32 71.19 10.58 5.25
CA PRO F 32 71.43 9.84 4.01
C PRO F 32 71.26 8.34 4.20
N THR F 33 70.69 7.69 3.19
CA THR F 33 70.71 6.23 3.15
C THR F 33 71.60 5.82 2.00
N VAL F 34 72.46 4.83 2.25
CA VAL F 34 73.51 4.47 1.31
C VAL F 34 73.20 3.20 0.51
N ASN F 35 73.69 3.16 -0.72
CA ASN F 35 73.74 1.94 -1.52
C ASN F 35 74.99 1.15 -1.12
N PRO F 36 74.79 0.02 -0.44
CA PRO F 36 75.92 -0.75 0.09
C PRO F 36 76.81 -1.34 -1.01
N SER F 37 76.30 -1.39 -2.23
CA SER F 37 77.08 -1.92 -3.34
C SER F 37 78.11 -0.91 -3.84
N THR F 38 77.80 0.38 -3.70
CA THR F 38 78.69 1.42 -4.21
C THR F 38 79.28 2.29 -3.11
N GLY F 39 78.59 2.39 -1.98
CA GLY F 39 78.98 3.30 -0.95
C GLY F 39 78.48 4.71 -1.21
N GLU F 40 77.75 4.89 -2.30
CA GLU F 40 77.17 6.19 -2.65
C GLU F 40 75.84 6.45 -1.93
N VAL F 41 75.59 7.71 -1.60
CA VAL F 41 74.31 8.12 -1.05
C VAL F 41 73.19 7.98 -2.09
N ILE F 42 72.17 7.18 -1.78
CA ILE F 42 71.00 7.06 -2.65
C ILE F 42 70.16 8.32 -2.56
N CYS F 43 69.81 8.71 -1.34
CA CYS F 43 69.04 9.93 -1.13
C CYS F 43 68.94 10.28 0.34
N GLN F 44 68.28 11.40 0.61
CA GLN F 44 68.14 11.91 1.95
C GLN F 44 66.76 11.49 2.47
N VAL F 45 66.64 11.24 3.78
CA VAL F 45 65.38 10.79 4.37
C VAL F 45 65.08 11.57 5.64
N ALA F 46 63.82 11.89 5.87
CA ALA F 46 63.41 12.62 7.07
C ALA F 46 63.86 11.88 8.32
N GLU F 47 64.52 12.60 9.24
CA GLU F 47 65.01 12.00 10.46
C GLU F 47 64.05 12.24 11.61
N GLY F 48 63.13 11.30 11.83
CA GLY F 48 62.15 11.42 12.90
C GLY F 48 62.77 11.28 14.27
N ASP F 49 62.18 11.97 15.23
CA ASP F 49 62.63 11.94 16.62
C ASP F 49 61.40 11.90 17.51
N LYS F 50 61.60 12.15 18.80
CA LYS F 50 60.54 12.03 19.78
C LYS F 50 59.30 12.80 19.37
N GLU F 51 59.47 14.04 18.93
CA GLU F 51 58.31 14.88 18.63
C GLU F 51 57.50 14.30 17.47
N ASP F 52 58.19 13.67 16.53
CA ASP F 52 57.53 13.07 15.38
C ASP F 52 56.81 11.81 15.79
N VAL F 53 57.47 11.00 16.62
CA VAL F 53 56.84 9.83 17.20
C VAL F 53 55.55 10.23 17.93
N ASP F 54 55.63 11.30 18.71
CA ASP F 54 54.49 11.79 19.48
C ASP F 54 53.30 12.10 18.60
N LYS F 55 53.56 12.75 17.46
CA LYS F 55 52.51 13.05 16.49
C LYS F 55 51.92 11.76 15.93
N ALA F 56 52.79 10.80 15.63
CA ALA F 56 52.37 9.53 15.06
C ALA F 56 51.52 8.77 16.04
N VAL F 57 51.92 8.77 17.31
CA VAL F 57 51.14 8.09 18.33
C VAL F 57 49.75 8.71 18.45
N LYS F 58 49.68 10.04 18.43
CA LYS F 58 48.39 10.70 18.61
C LYS F 58 47.46 10.39 17.45
N ALA F 59 48.01 10.34 16.24
CA ALA F 59 47.22 10.01 15.06
C ALA F 59 46.68 8.58 15.19
N ALA F 60 47.51 7.66 15.66
CA ALA F 60 47.09 6.25 15.85
C ALA F 60 46.02 6.15 16.92
N ARG F 61 46.25 6.77 18.07
CA ARG F 61 45.25 6.81 19.14
C ARG F 61 43.89 7.30 18.61
N ALA F 62 43.91 8.35 17.80
CA ALA F 62 42.69 8.92 17.24
C ALA F 62 42.01 7.92 16.31
N ALA F 63 42.80 7.27 15.47
CA ALA F 63 42.25 6.29 14.55
C ALA F 63 41.70 5.07 15.29
N PHE F 64 42.13 4.89 16.53
CA PHE F 64 41.68 3.75 17.32
C PHE F 64 40.51 4.07 18.26
N GLN F 65 40.02 5.31 18.22
CA GLN F 65 38.89 5.71 19.04
C GLN F 65 37.64 4.92 18.73
N LEU F 66 36.93 4.53 19.78
CA LEU F 66 35.66 3.85 19.66
C LEU F 66 34.78 4.65 18.73
N GLY F 67 34.17 3.97 17.75
CA GLY F 67 33.29 4.64 16.81
C GLY F 67 33.98 5.12 15.55
N SER F 68 35.32 4.99 15.51
CA SER F 68 36.07 5.44 14.34
C SER F 68 35.83 4.49 13.19
N PRO F 69 36.14 4.93 11.95
CA PRO F 69 35.98 4.04 10.79
C PRO F 69 36.72 2.73 10.99
N TRP F 70 37.93 2.78 11.55
CA TRP F 70 38.75 1.58 11.69
C TRP F 70 38.18 0.64 12.74
N ARG F 71 37.61 1.19 13.80
CA ARG F 71 37.02 0.37 14.86
C ARG F 71 35.68 -0.24 14.45
N ARG F 72 34.90 0.49 13.65
CA ARG F 72 33.56 0.05 13.27
C ARG F 72 33.57 -0.88 12.06
N MET F 73 34.62 -0.75 11.25
CA MET F 73 34.79 -1.57 10.04
C MET F 73 34.60 -3.07 10.31
N ASP F 74 33.90 -3.76 9.42
CA ASP F 74 33.73 -5.21 9.54
C ASP F 74 35.09 -5.90 9.50
N ALA F 75 35.26 -6.93 10.34
CA ALA F 75 36.53 -7.66 10.39
C ALA F 75 36.88 -8.18 8.99
N SER F 76 35.86 -8.65 8.28
CA SER F 76 36.07 -9.21 6.96
C SER F 76 36.56 -8.14 5.99
N HIS F 77 36.17 -6.89 6.23
CA HIS F 77 36.63 -5.79 5.37
C HIS F 77 38.11 -5.46 5.62
N ARG F 78 38.54 -5.55 6.88
CA ARG F 78 39.95 -5.52 7.20
C ARG F 78 40.70 -6.51 6.32
N GLY F 79 40.13 -7.71 6.16
CA GLY F 79 40.69 -8.72 5.28
C GLY F 79 40.76 -8.25 3.85
N ARG F 80 39.65 -7.73 3.33
CA ARG F 80 39.64 -7.19 1.96
C ARG F 80 40.77 -6.19 1.79
N LEU F 81 40.94 -5.30 2.77
CA LEU F 81 41.97 -4.26 2.69
C LEU F 81 43.37 -4.85 2.64
N LEU F 82 43.62 -5.85 3.46
CA LEU F 82 44.92 -6.52 3.42
C LEU F 82 45.19 -7.16 2.06
N ASN F 83 44.16 -7.76 1.46
CA ASN F 83 44.29 -8.35 0.12
C ASN F 83 44.52 -7.31 -0.96
N ARG F 84 43.87 -6.16 -0.83
CA ARG F 84 44.11 -5.04 -1.73
C ARG F 84 45.57 -4.61 -1.65
N LEU F 85 46.06 -4.41 -0.42
CA LEU F 85 47.45 -4.04 -0.24
C LEU F 85 48.39 -5.04 -0.92
N ALA F 86 48.14 -6.32 -0.71
CA ALA F 86 48.95 -7.35 -1.35
C ALA F 86 48.90 -7.19 -2.86
N ASP F 87 47.71 -6.97 -3.40
CA ASP F 87 47.55 -6.78 -4.83
C ASP F 87 48.39 -5.60 -5.34
N LEU F 88 48.32 -4.48 -4.63
CA LEU F 88 49.10 -3.29 -4.99
C LEU F 88 50.60 -3.57 -4.95
N ILE F 89 51.03 -4.29 -3.93
CA ILE F 89 52.43 -4.67 -3.81
C ILE F 89 52.85 -5.57 -4.97
N GLU F 90 52.00 -6.52 -5.33
CA GLU F 90 52.29 -7.36 -6.49
C GLU F 90 52.37 -6.54 -7.76
N ARG F 91 51.44 -5.60 -7.94
CA ARG F 91 51.48 -4.70 -9.08
C ARG F 91 52.83 -4.03 -9.22
N ASP F 92 53.40 -3.61 -8.08
CA ASP F 92 54.66 -2.86 -8.10
C ASP F 92 55.83 -3.71 -7.69
N ARG F 93 55.70 -5.01 -7.90
CA ARG F 93 56.69 -6.00 -7.45
C ARG F 93 58.08 -5.77 -8.04
N THR F 94 58.16 -5.53 -9.34
CA THR F 94 59.45 -5.33 -10.02
C THR F 94 60.18 -4.12 -9.46
N TYR F 95 59.44 -3.03 -9.31
CA TYR F 95 59.98 -1.82 -8.72
C TYR F 95 60.47 -2.03 -7.29
N LEU F 96 59.63 -2.64 -6.46
CA LEU F 96 59.96 -2.85 -5.05
C LEU F 96 61.20 -3.74 -4.88
N ALA F 97 61.28 -4.80 -5.68
CA ALA F 97 62.43 -5.70 -5.60
C ALA F 97 63.72 -4.97 -5.95
N ALA F 98 63.65 -4.08 -6.94
CA ALA F 98 64.83 -3.33 -7.34
C ALA F 98 65.22 -2.35 -6.24
N LEU F 99 64.23 -1.62 -5.73
CA LEU F 99 64.48 -0.66 -4.67
C LEU F 99 65.06 -1.37 -3.44
N GLU F 100 64.52 -2.55 -3.12
CA GLU F 100 65.01 -3.35 -2.00
C GLU F 100 66.48 -3.67 -2.16
N THR F 101 66.85 -4.20 -3.32
CA THR F 101 68.24 -4.49 -3.66
C THR F 101 69.12 -3.24 -3.59
N LEU F 102 68.61 -2.13 -4.12
CA LEU F 102 69.37 -0.89 -4.13
C LEU F 102 69.77 -0.45 -2.72
N ASP F 103 68.83 -0.52 -1.79
CA ASP F 103 69.06 0.01 -0.46
C ASP F 103 69.68 -1.03 0.49
N ASN F 104 69.35 -2.30 0.28
CA ASN F 104 69.81 -3.37 1.17
C ASN F 104 71.05 -4.09 0.69
N GLY F 105 71.10 -4.41 -0.59
CA GLY F 105 72.27 -5.05 -1.16
C GLY F 105 72.06 -6.48 -1.62
N LYS F 106 70.96 -7.09 -1.20
CA LYS F 106 70.69 -8.48 -1.57
C LYS F 106 70.44 -8.59 -3.09
N PRO F 107 70.77 -9.76 -3.67
CA PRO F 107 70.60 -9.95 -5.12
C PRO F 107 69.17 -9.72 -5.56
N TYR F 108 69.00 -8.96 -6.65
CA TYR F 108 67.69 -8.61 -7.17
C TYR F 108 66.84 -9.82 -7.50
N VAL F 109 67.47 -10.90 -7.94
CA VAL F 109 66.74 -12.12 -8.25
C VAL F 109 66.07 -12.68 -7.00
N ILE F 110 66.78 -12.58 -5.87
CA ILE F 110 66.24 -13.03 -4.58
C ILE F 110 65.15 -12.10 -4.06
N SER F 111 65.38 -10.78 -4.12
CA SER F 111 64.40 -9.79 -3.74
C SER F 111 63.08 -10.07 -4.44
N TYR F 112 63.19 -10.36 -5.73
CA TYR F 112 62.00 -10.55 -6.56
C TYR F 112 61.31 -11.88 -6.30
N LEU F 113 62.06 -12.96 -6.33
CA LEU F 113 61.47 -14.29 -6.23
C LEU F 113 61.21 -14.73 -4.80
N VAL F 114 62.01 -14.22 -3.86
CA VAL F 114 61.89 -14.65 -2.47
C VAL F 114 61.19 -13.63 -1.59
N ASP F 115 61.86 -12.51 -1.33
CA ASP F 115 61.33 -11.48 -0.43
C ASP F 115 59.92 -11.04 -0.78
N LEU F 116 59.72 -10.66 -2.03
CA LEU F 116 58.42 -10.15 -2.42
C LEU F 116 57.33 -11.21 -2.40
N ASP F 117 57.67 -12.42 -2.81
CA ASP F 117 56.73 -13.53 -2.78
C ASP F 117 56.31 -13.77 -1.32
N MET F 118 57.28 -13.79 -0.42
CA MET F 118 57.01 -14.04 0.98
C MET F 118 56.18 -12.93 1.58
N VAL F 119 56.44 -11.69 1.15
CA VAL F 119 55.64 -10.55 1.57
C VAL F 119 54.18 -10.78 1.18
N LEU F 120 53.97 -11.17 -0.08
CA LEU F 120 52.61 -11.37 -0.59
C LEU F 120 51.88 -12.50 0.15
N LYS F 121 52.60 -13.58 0.43
CA LYS F 121 51.98 -14.72 1.09
C LYS F 121 51.63 -14.36 2.53
N CYS F 122 52.48 -13.58 3.19
CA CYS F 122 52.25 -13.20 4.56
C CYS F 122 50.97 -12.35 4.66
N LEU F 123 50.89 -11.30 3.84
CA LEU F 123 49.72 -10.43 3.86
C LEU F 123 48.46 -11.16 3.46
N ARG F 124 48.54 -12.01 2.44
CA ARG F 124 47.37 -12.75 2.01
C ARG F 124 46.94 -13.76 3.07
N TYR F 125 47.91 -14.36 3.73
CA TYR F 125 47.60 -15.28 4.82
C TYR F 125 46.82 -14.55 5.90
N TYR F 126 47.36 -13.43 6.36
CA TYR F 126 46.75 -12.73 7.50
C TYR F 126 45.42 -12.08 7.13
N ALA F 127 45.26 -11.69 5.87
CA ALA F 127 43.97 -11.21 5.40
C ALA F 127 42.90 -12.23 5.78
N GLY F 128 43.23 -13.50 5.59
CA GLY F 128 42.29 -14.57 5.90
C GLY F 128 41.94 -14.73 7.36
N TRP F 129 42.83 -14.32 8.26
CA TRP F 129 42.58 -14.41 9.71
C TRP F 129 41.64 -13.33 10.25
N ALA F 130 41.49 -12.23 9.51
CA ALA F 130 40.86 -11.03 10.06
C ALA F 130 39.53 -11.29 10.76
N ASP F 131 38.72 -12.16 10.19
CA ASP F 131 37.40 -12.44 10.76
C ASP F 131 37.27 -13.87 11.27
N LYS F 132 38.38 -14.46 11.70
CA LYS F 132 38.35 -15.88 12.11
C LYS F 132 38.98 -16.15 13.48
N TYR F 133 39.42 -15.11 14.17
CA TYR F 133 40.06 -15.31 15.48
C TYR F 133 39.05 -15.19 16.62
N HIS F 134 38.30 -16.26 16.86
CA HIS F 134 37.16 -16.20 17.77
C HIS F 134 37.52 -16.07 19.24
N GLY F 135 36.62 -15.45 20.01
CA GLY F 135 36.67 -15.51 21.45
C GLY F 135 35.91 -16.77 21.84
N LYS F 136 35.59 -16.90 23.11
CA LYS F 136 34.96 -18.13 23.59
C LYS F 136 33.69 -17.87 24.37
N THR F 137 32.74 -18.81 24.29
CA THR F 137 31.66 -18.83 25.25
C THR F 137 32.04 -19.91 26.24
N ILE F 138 31.82 -19.63 27.52
CA ILE F 138 32.46 -20.40 28.57
C ILE F 138 31.47 -20.90 29.60
N PRO F 139 31.47 -22.22 29.87
CA PRO F 139 30.51 -22.87 30.77
C PRO F 139 30.90 -22.70 32.22
N ILE F 140 30.80 -21.47 32.71
CA ILE F 140 31.22 -21.10 34.05
C ILE F 140 30.23 -21.62 35.10
N ASP F 141 30.71 -21.84 36.31
CA ASP F 141 29.83 -22.24 37.42
C ASP F 141 28.79 -21.18 37.68
N GLY F 142 27.61 -21.59 38.14
CA GLY F 142 26.60 -20.63 38.56
C GLY F 142 25.68 -20.14 37.46
N ASP F 143 24.69 -19.34 37.84
CA ASP F 143 23.74 -18.81 36.86
C ASP F 143 24.30 -17.62 36.11
N PHE F 144 25.28 -17.88 35.24
CA PHE F 144 25.87 -16.82 34.44
C PHE F 144 26.10 -17.25 33.00
N PHE F 145 26.12 -16.25 32.12
CA PHE F 145 26.60 -16.42 30.77
C PHE F 145 27.94 -15.68 30.74
N SER F 146 29.01 -16.40 30.44
CA SER F 146 30.34 -15.83 30.43
C SER F 146 30.99 -16.06 29.07
N TYR F 147 31.61 -15.02 28.52
CA TYR F 147 32.31 -15.13 27.25
C TYR F 147 33.48 -14.17 27.17
N THR F 148 34.31 -14.33 26.17
CA THR F 148 35.43 -13.42 25.99
C THR F 148 35.34 -12.73 24.65
N ARG F 149 35.74 -11.47 24.64
CA ARG F 149 35.96 -10.74 23.41
C ARG F 149 37.46 -10.71 23.16
N HIS F 150 37.85 -10.99 21.92
CA HIS F 150 39.23 -10.79 21.53
C HIS F 150 39.34 -9.41 20.89
N GLU F 151 39.79 -8.43 21.67
CA GLU F 151 39.84 -7.05 21.22
C GLU F 151 41.25 -6.71 20.75
N PRO F 152 41.38 -5.66 19.96
CA PRO F 152 42.75 -5.28 19.56
C PRO F 152 43.45 -4.78 20.80
N VAL F 153 44.75 -5.05 20.91
CA VAL F 153 45.54 -4.55 22.02
C VAL F 153 45.66 -3.01 21.97
N GLY F 154 45.59 -2.44 20.76
CA GLY F 154 45.52 -1.00 20.57
C GLY F 154 46.61 -0.40 19.71
N VAL F 155 47.27 0.62 20.24
CA VAL F 155 48.37 1.29 19.56
C VAL F 155 49.65 0.47 19.70
N CYS F 156 50.18 0.03 18.56
CA CYS F 156 51.30 -0.88 18.53
C CYS F 156 52.53 -0.24 17.92
N GLY F 157 53.58 -0.11 18.70
CA GLY F 157 54.86 0.30 18.17
C GLY F 157 55.56 -0.91 17.59
N GLN F 158 56.06 -0.76 16.38
CA GLN F 158 56.73 -1.84 15.68
C GLN F 158 58.06 -1.36 15.14
N ILE F 159 59.12 -2.03 15.55
CA ILE F 159 60.49 -1.62 15.24
C ILE F 159 61.15 -2.76 14.50
N ILE F 160 61.56 -2.50 13.25
CA ILE F 160 62.11 -3.56 12.41
C ILE F 160 63.52 -3.24 11.94
N PRO F 161 64.32 -4.28 11.69
CA PRO F 161 65.71 -4.16 11.29
C PRO F 161 65.84 -4.04 9.77
N TRP F 162 67.07 -4.15 9.28
CA TRP F 162 67.40 -3.87 7.89
C TRP F 162 67.62 -5.10 6.99
N ASN F 163 67.69 -6.29 7.58
CA ASN F 163 68.10 -7.46 6.81
C ASN F 163 67.03 -8.01 5.87
N PHE F 164 65.76 -7.82 6.24
CA PHE F 164 64.67 -8.14 5.36
C PHE F 164 63.63 -7.03 5.45
N PRO F 165 63.94 -5.85 4.87
CA PRO F 165 63.10 -4.67 5.11
C PRO F 165 61.64 -4.89 4.78
N LEU F 166 61.33 -5.29 3.54
CA LEU F 166 59.93 -5.47 3.16
C LEU F 166 59.26 -6.62 3.93
N LEU F 167 59.97 -7.73 4.06
CA LEU F 167 59.39 -8.90 4.72
C LEU F 167 59.07 -8.63 6.18
N MET F 168 59.98 -7.98 6.90
CA MET F 168 59.75 -7.66 8.33
C MET F 168 58.56 -6.74 8.50
N GLN F 169 58.39 -5.79 7.58
CA GLN F 169 57.25 -4.90 7.61
C GLN F 169 55.97 -5.72 7.47
N ALA F 170 55.99 -6.68 6.56
CA ALA F 170 54.83 -7.55 6.34
C ALA F 170 54.51 -8.43 7.56
N TRP F 171 55.54 -9.06 8.13
CA TRP F 171 55.35 -9.89 9.31
C TRP F 171 54.74 -9.11 10.46
N LYS F 172 54.96 -7.79 10.47
CA LYS F 172 54.44 -6.95 11.55
C LYS F 172 53.05 -6.41 11.23
N LEU F 173 52.87 -5.88 10.04
CA LEU F 173 51.60 -5.26 9.67
C LEU F 173 50.47 -6.27 9.54
N GLY F 174 50.78 -7.46 9.02
CA GLY F 174 49.77 -8.47 8.78
C GLY F 174 48.92 -8.82 10.00
N PRO F 175 49.56 -9.34 11.04
CA PRO F 175 48.82 -9.76 12.24
C PRO F 175 48.19 -8.56 12.97
N ALA F 176 48.88 -7.43 12.96
CA ALA F 176 48.40 -6.24 13.65
C ALA F 176 47.12 -5.71 13.00
N LEU F 177 47.14 -5.59 11.68
CA LEU F 177 46.01 -5.04 10.96
C LEU F 177 44.87 -6.05 10.90
N ALA F 178 45.21 -7.32 10.71
CA ALA F 178 44.19 -8.36 10.69
C ALA F 178 43.36 -8.36 11.95
N THR F 179 43.96 -7.99 13.07
CA THR F 179 43.24 -7.98 14.34
C THR F 179 42.72 -6.60 14.76
N GLY F 180 42.85 -5.63 13.87
CA GLY F 180 42.21 -4.34 14.06
C GLY F 180 42.98 -3.34 14.93
N ASN F 181 44.29 -3.56 15.06
CA ASN F 181 45.14 -2.61 15.78
C ASN F 181 45.54 -1.43 14.90
N VAL F 182 46.24 -0.47 15.49
CA VAL F 182 46.85 0.62 14.72
C VAL F 182 48.33 0.58 15.04
N VAL F 183 49.18 1.05 14.13
CA VAL F 183 50.61 0.95 14.36
C VAL F 183 51.40 2.23 14.14
N VAL F 184 52.46 2.36 14.91
CA VAL F 184 53.51 3.33 14.67
C VAL F 184 54.76 2.51 14.46
N MET F 185 55.30 2.57 13.24
CA MET F 185 56.40 1.71 12.85
C MET F 185 57.70 2.49 12.67
N LYS F 186 58.78 1.98 13.27
CA LYS F 186 60.10 2.54 13.05
C LYS F 186 60.90 1.59 12.16
N VAL F 187 61.30 2.08 11.00
CA VAL F 187 62.08 1.25 10.08
C VAL F 187 63.57 1.60 10.21
N ALA F 188 64.42 0.70 9.72
CA ALA F 188 65.87 0.83 9.89
C ALA F 188 66.47 1.92 9.01
N GLU F 189 67.38 2.68 9.61
CA GLU F 189 67.99 3.81 8.92
C GLU F 189 68.77 3.35 7.70
N GLN F 190 69.26 2.11 7.74
CA GLN F 190 69.96 1.53 6.61
C GLN F 190 69.03 1.25 5.43
N THR F 191 67.76 0.98 5.71
CA THR F 191 66.82 0.50 4.69
C THR F 191 65.40 1.04 4.88
N PRO F 192 65.24 2.37 4.77
CA PRO F 192 63.91 2.93 5.01
C PRO F 192 63.04 2.96 3.77
N LEU F 193 63.65 2.93 2.59
CA LEU F 193 62.94 3.32 1.37
C LEU F 193 61.75 2.43 0.96
N THR F 194 61.96 1.13 0.87
CA THR F 194 60.84 0.25 0.48
C THR F 194 59.64 0.33 1.43
N ALA F 195 59.88 0.45 2.73
CA ALA F 195 58.77 0.51 3.70
C ALA F 195 57.96 1.78 3.53
N LEU F 196 58.66 2.86 3.21
CA LEU F 196 58.00 4.13 2.96
C LEU F 196 57.13 4.08 1.69
N TYR F 197 57.62 3.39 0.65
CA TYR F 197 56.82 3.27 -0.54
C TYR F 197 55.56 2.46 -0.28
N VAL F 198 55.69 1.41 0.52
CA VAL F 198 54.55 0.58 0.88
C VAL F 198 53.48 1.39 1.62
N ALA F 199 53.90 2.38 2.39
CA ALA F 199 52.95 3.28 3.06
C ALA F 199 52.07 3.97 2.04
N ASN F 200 52.67 4.35 0.92
CA ASN F 200 51.91 4.93 -0.18
C ASN F 200 50.84 3.96 -0.65
N LEU F 201 51.19 2.69 -0.74
CA LEU F 201 50.24 1.66 -1.15
C LEU F 201 49.17 1.44 -0.09
N ILE F 202 49.57 1.57 1.18
CA ILE F 202 48.63 1.44 2.29
C ILE F 202 47.54 2.50 2.15
N LYS F 203 47.96 3.71 1.84
CA LYS F 203 47.00 4.78 1.56
C LYS F 203 46.15 4.43 0.37
N GLU F 204 46.79 3.99 -0.72
CA GLU F 204 46.09 3.69 -1.96
C GLU F 204 45.07 2.57 -1.76
N ALA F 205 45.40 1.62 -0.90
CA ALA F 205 44.52 0.48 -0.67
C ALA F 205 43.23 0.90 0.04
N GLY F 206 43.27 2.01 0.78
CA GLY F 206 42.08 2.50 1.44
C GLY F 206 42.06 2.43 2.95
N PHE F 207 43.19 2.13 3.57
CA PHE F 207 43.27 2.12 5.03
C PHE F 207 43.00 3.52 5.59
N PRO F 208 42.12 3.62 6.58
CA PRO F 208 41.86 4.92 7.20
C PRO F 208 43.12 5.58 7.72
N PRO F 209 43.17 6.91 7.66
CA PRO F 209 44.35 7.68 8.10
C PRO F 209 44.63 7.38 9.56
N GLY F 210 45.91 7.23 9.91
CA GLY F 210 46.30 6.99 11.28
C GLY F 210 46.41 5.54 11.66
N VAL F 211 45.91 4.65 10.79
CA VAL F 211 45.93 3.23 11.06
C VAL F 211 47.36 2.70 10.98
N VAL F 212 48.08 3.09 9.95
CA VAL F 212 49.51 2.80 9.87
C VAL F 212 50.31 4.10 9.76
N ASN F 213 51.26 4.28 10.66
CA ASN F 213 52.13 5.45 10.62
C ASN F 213 53.59 5.01 10.62
N ILE F 214 54.40 5.57 9.74
CA ILE F 214 55.81 5.19 9.71
C ILE F 214 56.73 6.37 10.03
N VAL F 215 57.68 6.13 10.92
CA VAL F 215 58.65 7.14 11.31
C VAL F 215 60.06 6.62 11.09
N PRO F 216 60.70 7.08 10.00
CA PRO F 216 62.12 6.76 9.74
C PRO F 216 62.99 7.56 10.71
N GLY F 217 64.14 7.03 11.09
CA GLY F 217 65.04 7.75 11.96
C GLY F 217 66.01 6.80 12.63
N PHE F 218 66.66 7.27 13.68
CA PHE F 218 67.64 6.45 14.38
C PHE F 218 67.04 5.77 15.62
N GLY F 219 67.72 4.74 16.10
CA GLY F 219 67.19 3.90 17.16
C GLY F 219 67.11 4.57 18.51
N PRO F 220 68.23 5.18 18.93
CA PRO F 220 68.26 5.76 20.28
C PRO F 220 67.35 6.97 20.38
N THR F 221 66.79 7.40 19.26
CA THR F 221 65.87 8.53 19.26
C THR F 221 64.44 8.05 19.00
N ALA F 222 64.12 7.80 17.73
CA ALA F 222 62.76 7.40 17.36
C ALA F 222 62.36 6.07 17.99
N GLY F 223 63.26 5.09 17.93
CA GLY F 223 62.98 3.78 18.50
C GLY F 223 62.73 3.86 19.99
N ALA F 224 63.61 4.56 20.70
CA ALA F 224 63.48 4.71 22.15
C ALA F 224 62.19 5.43 22.53
N ALA F 225 61.78 6.38 21.70
CA ALA F 225 60.58 7.16 21.93
C ALA F 225 59.34 6.28 21.89
N ILE F 226 59.31 5.38 20.92
CA ILE F 226 58.25 4.39 20.82
C ILE F 226 58.23 3.46 22.03
N ALA F 227 59.37 2.90 22.38
CA ALA F 227 59.46 1.95 23.49
C ALA F 227 59.05 2.57 24.83
N SER F 228 59.24 3.87 24.95
CA SER F 228 59.05 4.53 26.24
C SER F 228 57.75 5.30 26.29
N HIS F 229 57.02 5.31 25.18
CA HIS F 229 55.86 6.17 25.07
C HIS F 229 54.74 5.75 26.03
N GLU F 230 54.07 6.74 26.62
CA GLU F 230 53.08 6.49 27.65
C GLU F 230 51.73 6.07 27.08
N ASP F 231 51.55 6.26 25.78
CA ASP F 231 50.29 5.91 25.15
C ASP F 231 50.43 4.83 24.08
N VAL F 232 51.56 4.15 24.07
CA VAL F 232 51.74 2.98 23.24
C VAL F 232 51.39 1.75 24.07
N ASP F 233 50.46 0.95 23.57
CA ASP F 233 49.95 -0.22 24.29
C ASP F 233 50.83 -1.47 24.18
N LYS F 234 51.53 -1.59 23.07
CA LYS F 234 52.25 -2.81 22.78
C LYS F 234 53.42 -2.49 21.84
N VAL F 235 54.56 -3.11 22.10
CA VAL F 235 55.69 -2.92 21.22
C VAL F 235 56.24 -4.27 20.78
N ALA F 236 56.58 -4.35 19.49
CA ALA F 236 57.21 -5.53 18.94
C ALA F 236 58.51 -5.07 18.31
N PHE F 237 59.59 -5.75 18.65
CA PHE F 237 60.91 -5.37 18.20
C PHE F 237 61.61 -6.58 17.63
N THR F 238 62.22 -6.39 16.46
CA THR F 238 63.11 -7.38 15.90
C THR F 238 64.47 -6.71 15.75
N GLY F 239 65.51 -7.37 16.27
CA GLY F 239 66.85 -6.81 16.26
C GLY F 239 67.78 -7.61 17.15
N SER F 240 68.81 -6.94 17.66
CA SER F 240 69.81 -7.62 18.46
C SER F 240 69.31 -7.89 19.87
N THR F 241 69.82 -8.96 20.47
CA THR F 241 69.48 -9.31 21.83
C THR F 241 69.79 -8.15 22.77
N GLU F 242 70.93 -7.50 22.55
CA GLU F 242 71.32 -6.34 23.35
C GLU F 242 70.25 -5.23 23.37
N ILE F 243 69.74 -4.86 22.21
CA ILE F 243 68.70 -3.84 22.13
C ILE F 243 67.38 -4.35 22.65
N GLY F 244 67.12 -5.64 22.46
CA GLY F 244 65.94 -6.27 23.01
C GLY F 244 65.77 -5.98 24.49
N ARG F 245 66.85 -6.07 25.24
CA ARG F 245 66.82 -5.79 26.67
C ARG F 245 66.47 -4.32 26.95
N VAL F 246 67.02 -3.40 26.16
CA VAL F 246 66.67 -2.00 26.28
C VAL F 246 65.16 -1.82 26.11
N ILE F 247 64.60 -2.51 25.13
CA ILE F 247 63.17 -2.41 24.84
C ILE F 247 62.31 -2.87 26.01
N GLN F 248 62.60 -4.06 26.55
CA GLN F 248 61.82 -4.57 27.68
C GLN F 248 62.00 -3.71 28.94
N VAL F 249 63.19 -3.18 29.15
CA VAL F 249 63.41 -2.29 30.28
C VAL F 249 62.60 -1.01 30.13
N ALA F 250 62.60 -0.47 28.90
CA ALA F 250 61.82 0.73 28.61
C ALA F 250 60.33 0.52 28.85
N ALA F 251 59.84 -0.66 28.50
CA ALA F 251 58.43 -0.98 28.68
C ALA F 251 58.07 -1.04 30.17
N GLY F 252 58.95 -1.66 30.95
CA GLY F 252 58.78 -1.71 32.39
C GLY F 252 58.90 -0.35 33.05
N SER F 253 59.76 0.51 32.52
CA SER F 253 60.01 1.83 33.08
C SER F 253 58.90 2.81 32.74
N SER F 254 58.19 2.56 31.65
CA SER F 254 57.14 3.47 31.22
C SER F 254 55.74 3.00 31.65
N ASN F 255 54.95 2.45 30.73
CA ASN F 255 53.55 2.15 31.03
C ASN F 255 53.18 0.67 31.03
N LEU F 256 54.18 -0.21 31.17
CA LEU F 256 53.92 -1.65 31.20
C LEU F 256 53.28 -2.11 29.91
N LYS F 257 53.63 -1.47 28.81
CA LYS F 257 53.14 -1.91 27.50
C LYS F 257 53.57 -3.36 27.27
N ARG F 258 52.77 -4.10 26.51
CA ARG F 258 53.10 -5.48 26.23
C ARG F 258 54.25 -5.54 25.22
N VAL F 259 55.09 -6.56 25.38
CA VAL F 259 56.31 -6.69 24.60
C VAL F 259 56.43 -8.06 23.94
N THR F 260 56.81 -8.07 22.67
CA THR F 260 57.33 -9.28 22.02
C THR F 260 58.65 -8.97 21.33
N LEU F 261 59.55 -9.95 21.30
CA LEU F 261 60.90 -9.74 20.79
C LEU F 261 61.32 -10.86 19.86
N GLU F 262 61.85 -10.49 18.71
CA GLU F 262 62.50 -11.42 17.79
C GLU F 262 63.96 -11.02 17.73
N LEU F 263 64.83 -11.80 18.34
CA LEU F 263 66.23 -11.40 18.49
C LEU F 263 67.20 -12.27 17.66
N GLY F 264 68.47 -12.29 18.05
CA GLY F 264 69.45 -13.04 17.28
C GLY F 264 69.53 -14.51 17.64
N GLY F 265 70.51 -15.19 17.07
CA GLY F 265 70.74 -16.58 17.37
C GLY F 265 72.16 -17.03 17.04
N LYS F 266 72.44 -18.28 17.31
CA LYS F 266 73.66 -18.94 16.86
C LYS F 266 73.26 -20.39 16.55
N SER F 267 72.39 -20.54 15.57
CA SER F 267 71.62 -21.77 15.40
C SER F 267 72.47 -22.93 14.94
N PRO F 268 72.30 -24.09 15.60
CA PRO F 268 73.05 -25.31 15.28
C PRO F 268 72.38 -26.08 14.15
N ASN F 269 73.19 -26.44 13.14
CA ASN F 269 72.77 -27.26 12.03
C ASN F 269 73.52 -28.61 12.12
N ILE F 270 72.80 -29.67 12.50
CA ILE F 270 73.40 -30.94 12.88
C ILE F 270 73.34 -31.99 11.77
N ILE F 271 74.49 -32.37 11.24
CA ILE F 271 74.56 -33.36 10.15
C ILE F 271 74.98 -34.75 10.69
N MET F 272 74.03 -35.69 10.74
CA MET F 272 74.36 -37.05 11.18
C MET F 272 75.04 -37.84 10.05
N SER F 273 75.74 -38.91 10.43
CA SER F 273 76.55 -39.67 9.47
C SER F 273 75.72 -40.30 8.35
N ASP F 274 74.42 -40.49 8.60
CA ASP F 274 73.55 -41.12 7.61
C ASP F 274 72.79 -40.11 6.74
N ALA F 275 73.15 -38.83 6.86
CA ALA F 275 72.49 -37.79 6.08
C ALA F 275 72.80 -37.96 4.60
N ASP F 276 71.97 -37.40 3.74
CA ASP F 276 72.30 -37.37 2.32
C ASP F 276 73.37 -36.30 2.10
N MET F 277 74.58 -36.75 1.80
CA MET F 277 75.75 -35.86 1.73
C MET F 277 75.54 -34.62 0.86
N ASP F 278 75.14 -34.81 -0.38
CA ASP F 278 75.03 -33.69 -1.32
C ASP F 278 74.01 -32.69 -0.84
N TRP F 279 72.87 -33.22 -0.37
CA TRP F 279 71.77 -32.38 0.07
C TRP F 279 72.19 -31.58 1.31
N ALA F 280 72.82 -32.27 2.26
CA ALA F 280 73.25 -31.63 3.49
C ALA F 280 74.28 -30.53 3.22
N VAL F 281 75.16 -30.77 2.27
CA VAL F 281 76.20 -29.81 1.96
C VAL F 281 75.63 -28.54 1.34
N GLU F 282 74.70 -28.71 0.41
CA GLU F 282 74.08 -27.57 -0.25
C GLU F 282 73.21 -26.81 0.75
N GLN F 283 72.46 -27.54 1.58
CA GLN F 283 71.57 -26.91 2.55
C GLN F 283 72.36 -26.19 3.64
N ALA F 284 73.48 -26.79 4.06
CA ALA F 284 74.33 -26.15 5.06
C ALA F 284 74.91 -24.86 4.53
N HIS F 285 75.27 -24.87 3.25
CA HIS F 285 75.78 -23.68 2.58
C HIS F 285 74.72 -22.57 2.56
N PHE F 286 73.55 -22.90 2.05
CA PHE F 286 72.40 -22.02 2.09
C PHE F 286 72.09 -21.53 3.50
N ALA F 287 72.05 -22.47 4.46
CA ALA F 287 71.68 -22.14 5.84
C ALA F 287 72.55 -21.02 6.40
N LEU F 288 73.81 -21.01 6.01
CA LEU F 288 74.71 -19.99 6.52
C LEU F 288 74.81 -18.77 5.64
N PHE F 289 75.00 -19.00 4.34
CA PHE F 289 75.35 -17.91 3.44
C PHE F 289 74.19 -17.05 2.94
N PHE F 290 72.96 -17.55 3.08
CA PHE F 290 71.81 -16.83 2.55
C PHE F 290 71.73 -15.38 3.05
N ASN F 291 71.38 -14.47 2.14
CA ASN F 291 71.24 -13.06 2.45
C ASN F 291 72.52 -12.49 3.05
N GLN F 292 73.65 -12.88 2.47
CA GLN F 292 74.95 -12.38 2.90
C GLN F 292 75.21 -12.77 4.35
N GLY F 293 74.61 -13.88 4.77
CA GLY F 293 74.77 -14.35 6.13
C GLY F 293 73.99 -13.52 7.13
N GLN F 294 73.15 -12.61 6.63
CA GLN F 294 72.43 -11.69 7.50
C GLN F 294 71.02 -12.18 7.85
N CYS F 295 70.97 -13.36 8.49
CA CYS F 295 69.73 -13.95 9.00
C CYS F 295 69.91 -14.25 10.47
N CYS F 296 68.90 -13.93 11.26
CA CYS F 296 68.95 -14.17 12.69
C CYS F 296 69.06 -15.65 12.98
N CYS F 297 68.52 -16.47 12.06
CA CYS F 297 68.46 -17.90 12.27
C CYS F 297 69.49 -18.63 11.38
N ALA F 298 70.49 -17.90 10.91
CA ALA F 298 71.57 -18.50 10.12
C ALA F 298 72.15 -19.73 10.81
N GLY F 299 72.42 -20.79 10.05
CA GLY F 299 73.02 -21.99 10.61
C GLY F 299 74.51 -21.78 10.86
N SER F 300 74.83 -21.08 11.93
CA SER F 300 76.19 -20.58 12.16
C SER F 300 77.05 -21.51 13.01
N ARG F 301 76.45 -22.61 13.45
CA ARG F 301 77.23 -23.71 14.03
C ARG F 301 76.90 -25.01 13.30
N THR F 302 77.73 -25.38 12.34
CA THR F 302 77.50 -26.59 11.56
C THR F 302 78.18 -27.79 12.21
N PHE F 303 77.40 -28.60 12.92
CA PHE F 303 77.92 -29.79 13.59
C PHE F 303 77.90 -30.97 12.63
N VAL F 304 79.05 -31.59 12.43
CA VAL F 304 79.14 -32.70 11.50
C VAL F 304 79.75 -33.92 12.18
N GLN F 305 79.06 -35.05 12.10
CA GLN F 305 79.52 -36.29 12.73
C GLN F 305 80.88 -36.67 12.16
N GLU F 306 81.78 -37.13 13.02
CA GLU F 306 83.18 -37.36 12.63
C GLU F 306 83.39 -38.22 11.39
N ASP F 307 82.61 -39.27 11.24
CA ASP F 307 82.78 -40.20 10.12
C ASP F 307 82.65 -39.54 8.74
N ILE F 308 81.97 -38.40 8.67
CA ILE F 308 81.76 -37.76 7.38
C ILE F 308 82.38 -36.37 7.32
N TYR F 309 82.98 -35.96 8.43
CA TYR F 309 83.53 -34.63 8.60
C TYR F 309 84.45 -34.18 7.46
N ASP F 310 85.48 -34.98 7.18
CA ASP F 310 86.47 -34.61 6.16
C ASP F 310 85.85 -34.36 4.79
N GLU F 311 84.98 -35.27 4.35
CA GLU F 311 84.32 -35.12 3.06
C GLU F 311 83.40 -33.91 3.05
N PHE F 312 82.60 -33.79 4.10
CA PHE F 312 81.66 -32.68 4.23
C PHE F 312 82.41 -31.34 4.15
N VAL F 313 83.53 -31.24 4.88
CA VAL F 313 84.32 -30.02 4.88
C VAL F 313 84.86 -29.72 3.48
N GLU F 314 85.44 -30.73 2.84
CA GLU F 314 85.95 -30.57 1.48
C GLU F 314 84.90 -29.96 0.57
N ARG F 315 83.73 -30.59 0.54
CA ARG F 315 82.66 -30.19 -0.37
C ARG F 315 82.16 -28.81 -0.03
N SER F 316 82.09 -28.51 1.27
CA SER F 316 81.65 -27.20 1.75
C SER F 316 82.59 -26.12 1.30
N VAL F 317 83.88 -26.35 1.49
CA VAL F 317 84.90 -25.39 1.06
C VAL F 317 84.81 -25.13 -0.43
N ALA F 318 84.64 -26.20 -1.21
CA ALA F 318 84.51 -26.05 -2.66
C ALA F 318 83.29 -25.19 -3.00
N ARG F 319 82.16 -25.49 -2.38
CA ARG F 319 80.91 -24.76 -2.65
C ARG F 319 81.08 -23.26 -2.28
N ALA F 320 81.76 -23.01 -1.17
CA ALA F 320 81.98 -21.65 -0.74
C ALA F 320 82.89 -20.91 -1.71
N LYS F 321 83.93 -21.60 -2.17
CA LYS F 321 84.87 -21.02 -3.12
C LYS F 321 84.21 -20.65 -4.45
N SER F 322 83.20 -21.42 -4.84
CA SER F 322 82.53 -21.20 -6.12
C SER F 322 81.38 -20.19 -6.03
N ARG F 323 81.06 -19.75 -4.81
CA ARG F 323 79.97 -18.79 -4.61
C ARG F 323 80.28 -17.44 -5.26
N VAL F 324 79.35 -16.94 -6.07
CA VAL F 324 79.58 -15.74 -6.87
C VAL F 324 79.21 -14.46 -6.12
N VAL F 325 80.23 -13.68 -5.79
CA VAL F 325 80.03 -12.40 -5.12
C VAL F 325 80.10 -11.27 -6.14
N GLY F 326 79.21 -10.29 -6.05
CA GLY F 326 79.25 -9.18 -6.96
C GLY F 326 78.02 -8.29 -7.01
N ASN F 327 77.84 -7.59 -8.13
CA ASN F 327 76.74 -6.66 -8.30
C ASN F 327 75.41 -7.37 -8.16
N PRO F 328 74.61 -6.99 -7.14
CA PRO F 328 73.33 -7.63 -6.82
C PRO F 328 72.34 -7.55 -7.98
N PHE F 329 72.55 -6.63 -8.90
CA PHE F 329 71.66 -6.54 -10.08
C PHE F 329 72.03 -7.51 -11.20
N ASP F 330 73.23 -8.11 -11.12
CA ASP F 330 73.65 -9.10 -12.09
C ASP F 330 73.04 -10.46 -11.76
N SER F 331 72.40 -11.07 -12.74
CA SER F 331 71.66 -12.30 -12.51
C SER F 331 72.55 -13.43 -12.01
N LYS F 332 73.85 -13.31 -12.24
CA LYS F 332 74.78 -14.38 -11.86
C LYS F 332 75.25 -14.27 -10.41
N THR F 333 74.98 -13.13 -9.79
CA THR F 333 75.44 -12.86 -8.42
C THR F 333 74.66 -13.67 -7.39
N GLU F 334 75.37 -14.43 -6.58
CA GLU F 334 74.76 -15.17 -5.47
C GLU F 334 74.80 -14.35 -4.18
N GLN F 335 75.81 -13.50 -4.06
CA GLN F 335 76.05 -12.76 -2.83
C GLN F 335 76.41 -11.30 -3.08
N GLY F 336 75.62 -10.40 -2.53
CA GLY F 336 75.89 -8.99 -2.61
C GLY F 336 76.78 -8.50 -1.49
N PRO F 337 76.83 -7.17 -1.29
CA PRO F 337 77.60 -6.58 -0.18
C PRO F 337 76.88 -6.75 1.16
N GLN F 338 77.61 -6.60 2.25
CA GLN F 338 76.97 -6.43 3.56
C GLN F 338 76.24 -5.10 3.60
N VAL F 339 75.33 -4.95 4.56
CA VAL F 339 74.41 -3.82 4.55
C VAL F 339 75.07 -2.44 4.70
N ASP F 340 76.15 -2.36 5.47
CA ASP F 340 76.81 -1.09 5.73
C ASP F 340 78.23 -1.26 6.25
N GLU F 341 78.89 -0.15 6.52
CA GLU F 341 80.28 -0.16 6.95
C GLU F 341 80.47 -0.73 8.34
N THR F 342 79.53 -0.44 9.25
CA THR F 342 79.60 -0.96 10.61
C THR F 342 79.61 -2.48 10.62
N GLN F 343 78.71 -3.06 9.82
CA GLN F 343 78.61 -4.50 9.71
C GLN F 343 79.84 -5.06 9.05
N PHE F 344 80.24 -4.40 7.97
CA PHE F 344 81.45 -4.73 7.24
C PHE F 344 82.63 -4.94 8.18
N LYS F 345 82.87 -3.95 9.03
CA LYS F 345 83.99 -4.00 9.95
C LYS F 345 83.79 -5.02 11.06
N LYS F 346 82.59 -5.09 11.60
CA LYS F 346 82.27 -6.09 12.62
C LYS F 346 82.61 -7.49 12.13
N ILE F 347 82.26 -7.78 10.88
CA ILE F 347 82.49 -9.11 10.33
C ILE F 347 83.98 -9.38 10.15
N LEU F 348 84.69 -8.41 9.60
CA LEU F 348 86.13 -8.51 9.45
C LEU F 348 86.79 -8.73 10.81
N GLY F 349 86.32 -8.00 11.81
CA GLY F 349 86.78 -8.19 13.17
C GLY F 349 86.58 -9.63 13.68
N TYR F 350 85.42 -10.20 13.40
CA TYR F 350 85.15 -11.57 13.80
C TYR F 350 86.04 -12.57 13.09
N ILE F 351 86.23 -12.37 11.80
CA ILE F 351 87.12 -13.23 11.03
C ILE F 351 88.51 -13.24 11.67
N ASN F 352 88.99 -12.04 12.04
CA ASN F 352 90.28 -11.93 12.68
C ASN F 352 90.32 -12.66 14.00
N THR F 353 89.24 -12.55 14.76
CA THR F 353 89.10 -13.25 16.03
C THR F 353 89.20 -14.77 15.82
N GLY F 354 88.58 -15.24 14.75
CA GLY F 354 88.64 -16.64 14.40
C GLY F 354 90.05 -17.11 14.15
N LYS F 355 90.78 -16.36 13.31
CA LYS F 355 92.18 -16.65 13.02
C LYS F 355 92.95 -16.68 14.33
N GLN F 356 92.79 -15.63 15.12
CA GLN F 356 93.51 -15.46 16.38
C GLN F 356 93.29 -16.61 17.36
N GLU F 357 92.10 -17.16 17.36
CA GLU F 357 91.74 -18.17 18.36
C GLU F 357 92.06 -19.60 17.91
N GLY F 358 92.60 -19.75 16.71
CA GLY F 358 93.08 -21.05 16.28
C GLY F 358 92.10 -21.90 15.50
N ALA F 359 91.05 -21.29 14.98
CA ALA F 359 90.18 -21.97 14.04
C ALA F 359 90.91 -22.07 12.70
N LYS F 360 90.69 -23.15 11.96
CA LYS F 360 91.32 -23.31 10.66
C LYS F 360 90.58 -22.51 9.60
N LEU F 361 91.18 -21.43 9.11
CA LEU F 361 90.65 -20.72 7.96
C LEU F 361 90.84 -21.59 6.72
N LEU F 362 89.74 -22.03 6.12
CA LEU F 362 89.81 -22.94 4.97
C LEU F 362 89.62 -22.23 3.65
N CYS F 363 89.05 -21.03 3.68
CA CYS F 363 88.90 -20.23 2.46
C CYS F 363 88.34 -18.85 2.81
N GLY F 364 88.44 -17.93 1.86
CA GLY F 364 87.98 -16.56 2.06
C GLY F 364 88.77 -15.90 3.17
N GLY F 365 88.10 -15.08 3.97
CA GLY F 365 88.71 -14.49 5.14
C GLY F 365 89.05 -13.02 4.94
N GLY F 366 88.69 -12.45 3.80
CA GLY F 366 89.01 -11.07 3.52
C GLY F 366 88.00 -10.32 2.67
N ILE F 367 88.31 -9.05 2.43
CA ILE F 367 87.50 -8.19 1.58
C ILE F 367 87.46 -8.72 0.15
N ALA F 368 86.30 -8.59 -0.50
CA ALA F 368 86.06 -9.22 -1.80
C ALA F 368 86.06 -8.26 -2.98
N ALA F 369 86.03 -6.96 -2.68
CA ALA F 369 86.09 -5.94 -3.73
C ALA F 369 86.50 -4.64 -3.08
N ASP F 370 86.81 -3.62 -3.86
CA ASP F 370 87.33 -2.37 -3.28
C ASP F 370 86.34 -1.22 -3.32
N ARG F 371 85.12 -1.48 -3.78
CA ARG F 371 84.01 -0.56 -3.61
C ARG F 371 82.87 -1.34 -2.99
N GLY F 372 82.11 -0.67 -2.13
CA GLY F 372 81.01 -1.32 -1.44
C GLY F 372 81.52 -2.18 -0.31
N TYR F 373 80.64 -2.95 0.31
CA TYR F 373 81.01 -3.71 1.51
C TYR F 373 80.96 -5.23 1.26
N PHE F 374 81.72 -5.68 0.28
CA PHE F 374 81.74 -7.08 -0.11
C PHE F 374 82.78 -7.89 0.67
N ILE F 375 82.38 -9.06 1.13
CA ILE F 375 83.27 -9.92 1.89
C ILE F 375 83.31 -11.32 1.29
N GLN F 376 84.50 -11.92 1.29
CA GLN F 376 84.66 -13.24 0.72
C GLN F 376 83.91 -14.25 1.55
N PRO F 377 83.17 -15.15 0.89
CA PRO F 377 82.61 -16.29 1.63
C PRO F 377 83.75 -16.97 2.39
N THR F 378 83.54 -17.16 3.69
CA THR F 378 84.61 -17.60 4.58
C THR F 378 84.22 -18.85 5.35
N VAL F 379 85.12 -19.82 5.42
CA VAL F 379 84.85 -21.04 6.15
C VAL F 379 85.93 -21.35 7.17
N PHE F 380 85.51 -21.55 8.42
CA PHE F 380 86.41 -22.02 9.48
C PHE F 380 86.13 -23.49 9.81
N GLY F 381 87.17 -24.30 9.90
CA GLY F 381 87.03 -25.70 10.27
C GLY F 381 87.59 -25.93 11.66
N ASP F 382 87.32 -27.11 12.22
CA ASP F 382 87.84 -27.49 13.53
C ASP F 382 87.50 -26.44 14.59
N VAL F 383 86.33 -25.85 14.46
CA VAL F 383 85.86 -24.86 15.40
C VAL F 383 85.53 -25.53 16.73
N GLN F 384 85.88 -24.89 17.83
CA GLN F 384 85.58 -25.42 19.16
C GLN F 384 84.53 -24.54 19.84
N ASP F 385 83.75 -25.15 20.72
CA ASP F 385 82.63 -24.49 21.38
C ASP F 385 83.00 -23.22 22.13
N GLY F 386 84.20 -23.21 22.72
CA GLY F 386 84.63 -22.06 23.50
C GLY F 386 85.11 -20.89 22.68
N MET F 387 85.27 -21.09 21.36
CA MET F 387 85.75 -20.02 20.52
C MET F 387 84.69 -18.93 20.39
N THR F 388 85.14 -17.69 20.28
CA THR F 388 84.25 -16.57 20.08
C THR F 388 83.37 -16.73 18.86
N ILE F 389 83.94 -17.14 17.73
CA ILE F 389 83.14 -17.28 16.50
C ILE F 389 82.14 -18.43 16.62
N ALA F 390 82.26 -19.23 17.66
CA ALA F 390 81.32 -20.31 17.91
C ALA F 390 80.21 -19.88 18.87
N LYS F 391 80.40 -18.77 19.56
CA LYS F 391 79.46 -18.32 20.55
C LYS F 391 78.65 -17.11 20.12
N GLU F 392 79.28 -16.18 19.40
CA GLU F 392 78.65 -14.89 19.09
C GLU F 392 78.10 -14.82 17.67
N GLU F 393 77.00 -14.10 17.50
CA GLU F 393 76.39 -13.94 16.19
C GLU F 393 77.25 -13.03 15.30
N ILE F 394 77.74 -13.59 14.20
CA ILE F 394 78.62 -12.85 13.30
C ILE F 394 77.82 -12.04 12.27
N PHE F 395 76.73 -12.63 11.78
CA PHE F 395 75.85 -11.93 10.85
C PHE F 395 76.51 -11.62 9.50
N GLY F 396 77.41 -12.50 9.08
CA GLY F 396 78.12 -12.31 7.81
C GLY F 396 78.40 -13.66 7.18
N PRO F 397 79.08 -13.65 6.03
CA PRO F 397 79.37 -14.87 5.28
C PRO F 397 80.51 -15.64 5.92
N VAL F 398 80.31 -16.10 7.14
CA VAL F 398 81.38 -16.77 7.87
C VAL F 398 80.83 -18.05 8.50
N MET F 399 81.26 -19.19 7.97
CA MET F 399 80.75 -20.50 8.37
C MET F 399 81.66 -21.16 9.42
N GLN F 400 81.04 -21.73 10.45
CA GLN F 400 81.75 -22.49 11.47
C GLN F 400 81.40 -23.97 11.35
N ILE F 401 82.41 -24.82 11.18
CA ILE F 401 82.18 -26.25 11.10
C ILE F 401 82.80 -26.93 12.31
N LEU F 402 81.97 -27.64 13.06
CA LEU F 402 82.43 -28.35 14.24
C LEU F 402 82.24 -29.85 14.06
N LYS F 403 83.01 -30.64 14.79
CA LYS F 403 82.98 -32.09 14.65
C LYS F 403 82.45 -32.69 15.94
N PHE F 404 81.63 -33.73 15.82
CA PHE F 404 81.14 -34.42 17.01
C PHE F 404 81.04 -35.93 16.76
N LYS F 405 80.85 -36.68 17.84
CA LYS F 405 80.80 -38.13 17.74
C LYS F 405 79.40 -38.68 17.97
N THR F 406 78.84 -38.44 19.15
CA THR F 406 77.57 -39.06 19.51
C THR F 406 76.40 -38.09 19.51
N ILE F 407 75.21 -38.67 19.42
CA ILE F 407 73.99 -37.88 19.39
C ILE F 407 73.75 -37.20 20.73
N GLU F 408 74.09 -37.88 21.82
CA GLU F 408 73.95 -37.29 23.15
C GLU F 408 74.88 -36.09 23.26
N GLU F 409 76.08 -36.24 22.73
CA GLU F 409 77.08 -35.18 22.77
C GLU F 409 76.56 -33.94 22.03
N VAL F 410 76.10 -34.12 20.80
CA VAL F 410 75.73 -32.99 19.98
C VAL F 410 74.50 -32.24 20.51
N VAL F 411 73.60 -32.97 21.14
CA VAL F 411 72.45 -32.33 21.78
C VAL F 411 72.91 -31.36 22.85
N GLY F 412 73.79 -31.83 23.73
CA GLY F 412 74.28 -31.01 24.82
C GLY F 412 75.02 -29.78 24.33
N ARG F 413 75.74 -29.93 23.23
CA ARG F 413 76.55 -28.84 22.71
C ARG F 413 75.68 -27.84 21.97
N ALA F 414 74.76 -28.34 21.17
CA ALA F 414 73.85 -27.48 20.43
C ALA F 414 73.03 -26.63 21.40
N ASN F 415 72.55 -27.25 22.47
CA ASN F 415 71.77 -26.55 23.49
C ASN F 415 72.59 -25.67 24.43
N ASN F 416 73.90 -25.84 24.45
CA ASN F 416 74.74 -25.04 25.33
C ASN F 416 74.99 -23.66 24.75
N SER F 417 73.96 -22.82 24.82
CA SER F 417 73.97 -21.49 24.23
C SER F 417 72.85 -20.69 24.88
N THR F 418 72.97 -19.37 24.89
CA THR F 418 71.91 -18.53 25.41
C THR F 418 70.97 -18.12 24.28
N TYR F 419 71.31 -18.53 23.07
CA TYR F 419 70.41 -18.38 21.92
C TYR F 419 69.61 -19.65 21.73
N GLY F 420 68.54 -19.57 20.95
CA GLY F 420 67.61 -20.68 20.79
C GLY F 420 66.56 -20.38 19.73
N LEU F 421 66.98 -19.71 18.67
CA LEU F 421 66.05 -19.25 17.65
C LEU F 421 65.65 -20.43 16.76
N ALA F 422 66.64 -21.15 16.26
CA ALA F 422 66.39 -22.26 15.37
C ALA F 422 67.44 -23.35 15.50
N ALA F 423 67.19 -24.46 14.83
CA ALA F 423 68.14 -25.57 14.73
C ALA F 423 67.71 -26.47 13.58
N ALA F 424 68.62 -27.28 13.08
CA ALA F 424 68.28 -28.22 12.02
C ALA F 424 68.95 -29.58 12.23
N VAL F 425 68.31 -30.62 11.70
CA VAL F 425 68.82 -31.97 11.83
C VAL F 425 68.78 -32.64 10.45
N PHE F 426 69.91 -33.16 10.01
CA PHE F 426 69.94 -33.95 8.77
C PHE F 426 70.23 -35.41 9.06
N THR F 427 69.25 -36.26 8.77
CA THR F 427 69.37 -37.69 9.02
C THR F 427 68.29 -38.41 8.23
N LYS F 428 68.52 -39.68 7.92
CA LYS F 428 67.50 -40.46 7.25
C LYS F 428 66.71 -41.27 8.27
N ASP F 429 67.20 -41.29 9.51
CA ASP F 429 66.65 -42.16 10.53
C ASP F 429 65.46 -41.54 11.26
N LEU F 430 64.34 -42.25 11.26
CA LEU F 430 63.14 -41.81 11.95
C LEU F 430 63.38 -41.48 13.43
N ASP F 431 63.90 -42.43 14.18
CA ASP F 431 64.13 -42.24 15.62
C ASP F 431 65.09 -41.06 15.92
N LYS F 432 66.18 -40.96 15.18
CA LYS F 432 67.13 -39.86 15.38
C LYS F 432 66.42 -38.53 15.18
N ALA F 433 65.68 -38.43 14.08
CA ALA F 433 64.94 -37.21 13.76
C ALA F 433 63.98 -36.81 14.88
N ASN F 434 63.23 -37.77 15.41
CA ASN F 434 62.32 -37.49 16.52
C ASN F 434 63.00 -37.17 17.84
N TYR F 435 64.07 -37.89 18.16
CA TYR F 435 64.84 -37.62 19.38
C TYR F 435 65.40 -36.20 19.34
N LEU F 436 66.06 -35.85 18.24
CA LEU F 436 66.68 -34.53 18.13
C LEU F 436 65.67 -33.38 18.14
N SER F 437 64.59 -33.52 17.38
CA SER F 437 63.63 -32.44 17.27
C SER F 437 62.98 -32.16 18.62
N GLN F 438 62.76 -33.20 19.41
CA GLN F 438 62.24 -33.03 20.77
C GLN F 438 63.26 -32.37 21.72
N ALA F 439 64.53 -32.77 21.60
CA ALA F 439 65.56 -32.39 22.57
C ALA F 439 66.19 -31.02 22.35
N LEU F 440 66.23 -30.56 21.11
CA LEU F 440 66.81 -29.27 20.79
C LEU F 440 65.96 -28.12 21.37
N GLN F 441 66.60 -27.22 22.07
CA GLN F 441 65.91 -26.07 22.63
C GLN F 441 65.90 -24.90 21.64
N ALA F 442 64.99 -24.94 20.68
CA ALA F 442 64.93 -23.90 19.66
C ALA F 442 63.49 -23.67 19.23
N GLY F 443 63.20 -22.46 18.76
CA GLY F 443 61.86 -22.11 18.33
C GLY F 443 61.41 -22.88 17.12
N THR F 444 62.36 -23.17 16.22
CA THR F 444 62.08 -23.94 15.02
C THR F 444 63.16 -24.98 14.84
N VAL F 445 62.75 -26.24 14.69
CA VAL F 445 63.66 -27.31 14.32
C VAL F 445 63.30 -27.78 12.91
N TRP F 446 64.21 -27.57 11.96
CA TRP F 446 64.06 -28.08 10.61
C TRP F 446 64.68 -29.46 10.52
N VAL F 447 64.01 -30.35 9.81
CA VAL F 447 64.53 -31.70 9.58
C VAL F 447 64.75 -31.89 8.09
N ASN F 448 66.00 -32.17 7.72
CA ASN F 448 66.42 -32.34 6.32
C ASN F 448 66.06 -31.16 5.41
N CYS F 449 66.07 -29.97 5.99
CA CYS F 449 65.87 -28.75 5.25
C CYS F 449 66.32 -27.63 6.15
N TYR F 450 66.32 -26.41 5.64
CA TYR F 450 66.69 -25.26 6.46
C TYR F 450 66.00 -24.03 5.92
N ASP F 451 65.70 -23.08 6.80
CA ASP F 451 65.11 -21.81 6.40
C ASP F 451 63.81 -22.03 5.64
N VAL F 452 63.03 -22.99 6.10
CA VAL F 452 61.72 -23.21 5.54
C VAL F 452 60.69 -22.42 6.32
N PHE F 453 60.21 -21.35 5.72
CA PHE F 453 59.21 -20.50 6.35
C PHE F 453 57.88 -20.60 5.63
N GLY F 454 56.82 -20.61 6.41
CA GLY F 454 55.49 -20.59 5.87
C GLY F 454 54.69 -19.64 6.70
N ALA F 455 53.86 -18.82 6.04
CA ALA F 455 53.04 -17.86 6.75
C ALA F 455 52.17 -18.56 7.78
N GLN F 456 51.97 -19.86 7.60
CA GLN F 456 51.09 -20.57 8.52
C GLN F 456 51.79 -21.19 9.74
N SER F 457 53.12 -21.23 9.74
CA SER F 457 53.89 -21.84 10.84
C SER F 457 54.62 -20.81 11.68
N PRO F 458 54.43 -20.85 13.00
CA PRO F 458 54.99 -19.82 13.89
C PRO F 458 56.52 -19.82 13.89
N PHE F 459 57.11 -18.68 14.26
CA PHE F 459 58.56 -18.51 14.26
C PHE F 459 58.95 -17.58 15.39
N GLY F 460 59.98 -17.94 16.16
CA GLY F 460 60.40 -17.15 17.30
C GLY F 460 61.38 -17.87 18.19
N GLY F 461 61.96 -17.15 19.15
CA GLY F 461 63.08 -17.69 19.92
C GLY F 461 62.73 -18.34 21.25
N TYR F 462 63.54 -19.33 21.61
CA TYR F 462 63.68 -19.79 22.98
C TYR F 462 64.72 -18.90 23.63
N LYS F 463 64.79 -18.92 24.97
CA LYS F 463 65.85 -18.23 25.69
C LYS F 463 66.02 -16.75 25.30
N MET F 464 67.24 -16.36 24.97
CA MET F 464 67.51 -14.96 24.69
C MET F 464 67.40 -14.64 23.20
N SER F 465 66.89 -15.59 22.42
CA SER F 465 66.60 -15.33 21.02
C SER F 465 65.27 -14.60 20.86
N GLY F 466 64.58 -14.38 21.96
CA GLY F 466 63.36 -13.59 21.93
C GLY F 466 62.26 -14.19 22.75
N SER F 467 61.06 -13.62 22.61
CA SER F 467 59.87 -14.15 23.25
C SER F 467 58.67 -13.82 22.40
N GLY F 468 57.68 -14.70 22.39
CA GLY F 468 56.54 -14.56 21.53
C GLY F 468 56.82 -15.18 20.18
N ARG F 469 55.78 -15.32 19.38
CA ARG F 469 55.91 -15.93 18.06
C ARG F 469 55.32 -15.06 16.98
N GLU F 470 55.89 -15.15 15.79
CA GLU F 470 55.32 -14.47 14.63
C GLU F 470 54.91 -15.50 13.62
N LEU F 471 54.05 -15.11 12.67
CA LEU F 471 53.46 -16.02 11.70
C LEU F 471 52.45 -16.99 12.34
N GLY F 472 51.64 -17.62 11.49
CA GLY F 472 50.63 -18.56 11.95
C GLY F 472 49.54 -17.93 12.80
N GLU F 473 48.70 -18.78 13.37
CA GLU F 473 47.69 -18.30 14.27
C GLU F 473 48.34 -17.66 15.50
N TYR F 474 49.46 -18.21 15.92
CA TYR F 474 50.16 -17.73 17.10
C TYR F 474 50.53 -16.26 17.00
N GLY F 475 50.79 -15.81 15.78
CA GLY F 475 51.17 -14.43 15.55
C GLY F 475 50.08 -13.44 15.93
N LEU F 476 48.85 -13.92 16.13
CA LEU F 476 47.74 -13.03 16.44
C LEU F 476 47.64 -12.77 17.93
N GLN F 477 48.18 -13.69 18.73
CA GLN F 477 48.04 -13.63 20.19
C GLN F 477 48.52 -12.32 20.82
N ALA F 478 49.73 -11.89 20.47
CA ALA F 478 50.30 -10.67 21.04
C ALA F 478 49.57 -9.39 20.57
N TYR F 479 48.72 -9.52 19.56
CA TYR F 479 47.96 -8.38 19.05
C TYR F 479 46.52 -8.37 19.55
N THR F 480 46.25 -9.19 20.56
CA THR F 480 44.91 -9.33 21.10
C THR F 480 44.90 -9.08 22.59
N GLU F 481 43.93 -8.30 23.05
CA GLU F 481 43.68 -8.12 24.47
C GLU F 481 42.37 -8.82 24.79
N VAL F 482 42.40 -9.68 25.81
CA VAL F 482 41.24 -10.49 26.13
C VAL F 482 40.35 -9.86 27.19
N LYS F 483 39.07 -9.72 26.88
CA LYS F 483 38.08 -9.24 27.84
C LYS F 483 37.09 -10.34 28.16
N THR F 484 36.88 -10.59 29.44
CA THR F 484 35.83 -11.49 29.88
C THR F 484 34.58 -10.66 30.18
N VAL F 485 33.44 -11.10 29.65
CA VAL F 485 32.16 -10.53 30.01
C VAL F 485 31.34 -11.62 30.69
N THR F 486 30.87 -11.35 31.89
CA THR F 486 30.14 -12.33 32.69
C THR F 486 28.83 -11.76 33.18
N VAL F 487 27.74 -12.29 32.63
CA VAL F 487 26.38 -11.76 32.81
C VAL F 487 25.53 -12.66 33.70
N LYS F 488 24.87 -12.08 34.69
CA LYS F 488 23.91 -12.82 35.48
C LYS F 488 22.71 -13.17 34.59
N VAL F 489 22.30 -14.43 34.64
CA VAL F 489 21.11 -14.86 33.92
C VAL F 489 20.11 -15.47 34.90
N PRO F 490 18.82 -15.49 34.52
CA PRO F 490 17.74 -16.03 35.37
C PRO F 490 18.02 -17.49 35.79
N GLN F 491 18.38 -18.35 34.85
CA GLN F 491 18.69 -19.73 35.16
C GLN F 491 19.58 -20.38 34.11
N LYS F 492 20.79 -20.74 34.52
CA LYS F 492 21.76 -21.37 33.63
C LYS F 492 21.38 -22.83 33.33
N ASN F 493 21.34 -23.17 32.05
CA ASN F 493 21.17 -24.55 31.62
C ASN F 493 22.22 -24.93 30.63
N SER F 494 22.60 -26.21 30.65
CA SER F 494 23.48 -26.74 29.63
C SER F 494 22.73 -26.69 28.29
N ALA G 1 51.46 -57.02 38.60
CA ALA G 1 51.06 -56.84 40.00
C ALA G 1 49.55 -57.01 40.16
N VAL G 2 49.06 -58.23 39.93
CA VAL G 2 47.62 -58.46 39.78
C VAL G 2 47.00 -59.25 40.93
N PRO G 3 45.94 -58.68 41.54
CA PRO G 3 45.25 -59.33 42.65
C PRO G 3 44.61 -60.64 42.19
N ALA G 4 44.59 -61.65 43.06
CA ALA G 4 43.97 -62.91 42.71
C ALA G 4 42.48 -62.71 42.48
N PRO G 5 41.95 -63.30 41.40
CA PRO G 5 40.54 -63.14 41.04
C PRO G 5 39.63 -64.11 41.77
N ASN G 6 38.40 -63.68 42.01
CA ASN G 6 37.32 -64.59 42.34
C ASN G 6 36.85 -65.20 41.03
N GLN G 7 37.07 -66.50 40.84
CA GLN G 7 36.80 -67.13 39.54
C GLN G 7 35.33 -67.42 39.32
N GLN G 8 34.52 -67.11 40.33
CA GLN G 8 33.08 -67.19 40.22
C GLN G 8 32.44 -66.02 40.94
N PRO G 9 32.61 -64.81 40.37
CA PRO G 9 32.07 -63.60 41.00
C PRO G 9 30.54 -63.67 41.08
N GLU G 10 29.98 -63.17 42.18
CA GLU G 10 28.53 -63.14 42.31
C GLU G 10 27.96 -62.08 41.38
N VAL G 11 26.76 -62.32 40.87
CA VAL G 11 26.11 -61.33 40.02
C VAL G 11 25.06 -60.58 40.81
N PHE G 12 25.14 -59.26 40.78
CA PHE G 12 24.24 -58.43 41.59
C PHE G 12 23.23 -57.67 40.75
N CYS G 13 23.50 -57.54 39.46
CA CYS G 13 22.64 -56.73 38.61
C CYS G 13 22.36 -57.46 37.31
N ASN G 14 21.09 -57.68 37.02
CA ASN G 14 20.68 -58.42 35.82
C ASN G 14 19.33 -57.96 35.31
N GLN G 15 18.98 -56.72 35.65
CA GLN G 15 17.70 -56.16 35.21
C GLN G 15 17.87 -54.94 34.33
N ILE G 16 16.75 -54.33 33.97
CA ILE G 16 16.75 -53.10 33.19
C ILE G 16 16.89 -51.90 34.12
N PHE G 17 17.79 -50.98 33.77
CA PHE G 17 18.13 -49.86 34.64
C PHE G 17 17.51 -48.57 34.14
N ILE G 18 16.48 -48.09 34.84
CA ILE G 18 15.78 -46.86 34.46
C ILE G 18 15.49 -46.01 35.69
N ASN G 19 15.81 -44.72 35.60
CA ASN G 19 15.65 -43.81 36.74
C ASN G 19 16.36 -44.31 38.00
N ASN G 20 17.54 -44.88 37.82
CA ASN G 20 18.35 -45.37 38.94
C ASN G 20 17.65 -46.46 39.72
N GLU G 21 16.73 -47.16 39.06
CA GLU G 21 16.05 -48.30 39.68
C GLU G 21 16.11 -49.49 38.76
N TRP G 22 15.99 -50.68 39.35
CA TRP G 22 16.03 -51.92 38.58
C TRP G 22 14.63 -52.42 38.27
N HIS G 23 14.44 -52.86 37.03
CA HIS G 23 13.12 -53.29 36.56
C HIS G 23 13.19 -54.56 35.75
N ASP G 24 12.17 -55.40 35.86
CA ASP G 24 12.00 -56.52 34.95
C ASP G 24 11.48 -55.96 33.63
N ALA G 25 11.70 -56.69 32.54
CA ALA G 25 11.07 -56.33 31.28
C ALA G 25 9.56 -56.31 31.51
N VAL G 26 8.86 -55.46 30.77
CA VAL G 26 7.41 -55.42 30.84
C VAL G 26 6.85 -56.81 30.60
N SER G 27 7.48 -57.54 29.69
CA SER G 27 7.06 -58.89 29.32
C SER G 27 7.50 -59.95 30.34
N ARG G 28 8.36 -59.55 31.28
CA ARG G 28 8.90 -60.47 32.28
C ARG G 28 9.82 -61.52 31.68
N LYS G 29 10.00 -61.49 30.36
CA LYS G 29 10.93 -62.41 29.72
C LYS G 29 12.37 -62.17 30.20
N THR G 30 13.18 -63.22 30.16
CA THR G 30 14.59 -63.10 30.48
C THR G 30 15.36 -63.91 29.43
N PHE G 31 16.67 -63.71 29.38
CA PHE G 31 17.52 -64.48 28.51
C PHE G 31 18.80 -64.89 29.26
N PRO G 32 19.33 -66.06 28.94
CA PRO G 32 20.56 -66.52 29.59
C PRO G 32 21.79 -65.82 28.98
N THR G 33 22.77 -65.53 29.82
CA THR G 33 24.09 -65.16 29.31
C THR G 33 25.08 -66.23 29.70
N VAL G 34 25.93 -66.62 28.75
CA VAL G 34 26.77 -67.80 28.89
C VAL G 34 28.22 -67.46 29.21
N ASN G 35 28.88 -68.36 29.93
CA ASN G 35 30.31 -68.31 30.15
C ASN G 35 30.95 -69.04 28.98
N PRO G 36 31.61 -68.30 28.07
CA PRO G 36 32.17 -68.88 26.84
C PRO G 36 33.29 -69.89 27.13
N SER G 37 33.84 -69.87 28.34
CA SER G 37 34.90 -70.82 28.70
C SER G 37 34.33 -72.20 29.00
N THR G 38 33.10 -72.26 29.49
CA THR G 38 32.49 -73.53 29.89
C THR G 38 31.28 -73.88 29.05
N GLY G 39 30.62 -72.86 28.50
CA GLY G 39 29.37 -73.06 27.78
C GLY G 39 28.18 -73.12 28.73
N GLU G 40 28.46 -72.97 30.02
CA GLU G 40 27.42 -72.97 31.05
C GLU G 40 26.74 -71.61 31.17
N VAL G 41 25.44 -71.64 31.48
CA VAL G 41 24.71 -70.41 31.76
C VAL G 41 25.17 -69.76 33.07
N ILE G 42 25.61 -68.51 32.98
CA ILE G 42 26.01 -67.77 34.17
C ILE G 42 24.78 -67.35 34.96
N CYS G 43 23.85 -66.70 34.26
CA CYS G 43 22.60 -66.31 34.89
C CYS G 43 21.63 -65.78 33.85
N GLN G 44 20.44 -65.46 34.35
CA GLN G 44 19.35 -64.98 33.51
C GLN G 44 19.35 -63.45 33.55
N VAL G 45 18.95 -62.81 32.45
CA VAL G 45 18.96 -61.35 32.35
C VAL G 45 17.66 -60.82 31.75
N ALA G 46 17.17 -59.70 32.26
CA ALA G 46 15.93 -59.12 31.75
C ALA G 46 16.03 -58.84 30.26
N GLU G 47 15.05 -59.32 29.51
CA GLU G 47 15.07 -59.14 28.06
C GLU G 47 14.24 -57.94 27.65
N GLY G 48 14.89 -56.78 27.55
CA GLY G 48 14.19 -55.56 27.17
C GLY G 48 13.75 -55.55 25.73
N ASP G 49 12.64 -54.88 25.48
CA ASP G 49 12.08 -54.76 24.14
C ASP G 49 11.59 -53.33 23.97
N LYS G 50 10.82 -53.10 22.91
CA LYS G 50 10.35 -51.76 22.56
C LYS G 50 9.72 -51.03 23.74
N GLU G 51 8.84 -51.71 24.47
CA GLU G 51 8.12 -51.06 25.57
C GLU G 51 9.06 -50.61 26.67
N ASP G 52 10.12 -51.39 26.88
CA ASP G 52 11.11 -51.05 27.89
C ASP G 52 11.97 -49.87 27.43
N VAL G 53 12.38 -49.92 26.16
CA VAL G 53 13.10 -48.81 25.55
C VAL G 53 12.28 -47.52 25.67
N ASP G 54 10.99 -47.62 25.40
CA ASP G 54 10.08 -46.47 25.47
C ASP G 54 10.08 -45.85 26.86
N LYS G 55 10.06 -46.69 27.90
CA LYS G 55 10.12 -46.19 29.26
C LYS G 55 11.45 -45.50 29.52
N ALA G 56 12.53 -46.10 29.02
CA ALA G 56 13.86 -45.55 29.22
C ALA G 56 14.00 -44.18 28.53
N VAL G 57 13.48 -44.08 27.32
CA VAL G 57 13.55 -42.84 26.57
C VAL G 57 12.77 -41.73 27.30
N LYS G 58 11.60 -42.07 27.84
CA LYS G 58 10.80 -41.08 28.55
C LYS G 58 11.51 -40.60 29.81
N ALA G 59 12.16 -41.52 30.52
CA ALA G 59 12.92 -41.17 31.70
C ALA G 59 14.05 -40.20 31.36
N ALA G 60 14.76 -40.49 30.26
CA ALA G 60 15.85 -39.65 29.76
C ALA G 60 15.35 -38.26 29.36
N ARG G 61 14.29 -38.24 28.55
CA ARG G 61 13.68 -36.99 28.13
C ARG G 61 13.36 -36.12 29.35
N ALA G 62 12.76 -36.73 30.37
CA ALA G 62 12.40 -36.03 31.59
C ALA G 62 13.65 -35.47 32.31
N ALA G 63 14.66 -36.32 32.44
CA ALA G 63 15.90 -35.88 33.06
C ALA G 63 16.58 -34.76 32.27
N PHE G 64 16.25 -34.63 30.98
CA PHE G 64 16.86 -33.62 30.11
C PHE G 64 16.01 -32.33 30.01
N GLN G 65 14.89 -32.28 30.74
CA GLN G 65 14.05 -31.08 30.72
C GLN G 65 14.76 -29.83 31.26
N LEU G 66 14.58 -28.72 30.54
CA LEU G 66 15.10 -27.44 30.99
C LEU G 66 14.72 -27.22 32.46
N GLY G 67 15.70 -26.83 33.27
CA GLY G 67 15.46 -26.62 34.69
C GLY G 67 15.67 -27.84 35.57
N SER G 68 15.90 -29.00 34.95
CA SER G 68 16.15 -30.22 35.71
C SER G 68 17.50 -30.15 36.41
N PRO G 69 17.69 -30.98 37.44
CA PRO G 69 18.99 -31.02 38.13
C PRO G 69 20.15 -31.25 37.15
N TRP G 70 19.98 -32.15 36.19
CA TRP G 70 21.05 -32.45 35.24
C TRP G 70 21.34 -31.27 34.31
N ARG G 71 20.31 -30.56 33.90
CA ARG G 71 20.50 -29.42 33.01
C ARG G 71 21.08 -28.19 33.71
N ARG G 72 20.76 -28.02 35.00
CA ARG G 72 21.16 -26.83 35.74
C ARG G 72 22.53 -27.02 36.38
N MET G 73 22.91 -28.28 36.53
CA MET G 73 24.17 -28.64 37.19
C MET G 73 25.38 -27.94 36.53
N ASP G 74 26.29 -27.41 37.33
CA ASP G 74 27.52 -26.81 36.78
C ASP G 74 28.27 -27.84 35.93
N ALA G 75 28.79 -27.40 34.78
CA ALA G 75 29.54 -28.29 33.91
C ALA G 75 30.68 -28.95 34.70
N SER G 76 31.35 -28.17 35.55
CA SER G 76 32.46 -28.68 36.36
C SER G 76 32.02 -29.78 37.31
N HIS G 77 30.76 -29.73 37.71
CA HIS G 77 30.23 -30.74 38.62
C HIS G 77 30.01 -32.05 37.86
N ARG G 78 29.58 -31.92 36.61
CA ARG G 78 29.50 -33.08 35.73
C ARG G 78 30.84 -33.79 35.76
N GLY G 79 31.92 -33.00 35.71
CA GLY G 79 33.26 -33.54 35.79
C GLY G 79 33.53 -34.25 37.11
N ARG G 80 33.18 -33.59 38.22
CA ARG G 80 33.31 -34.23 39.52
C ARG G 80 32.62 -35.60 39.50
N LEU G 81 31.42 -35.64 38.94
CA LEU G 81 30.64 -36.88 38.94
C LEU G 81 31.30 -38.00 38.13
N LEU G 82 31.87 -37.64 36.98
CA LEU G 82 32.60 -38.60 36.17
C LEU G 82 33.83 -39.15 36.94
N ASN G 83 34.52 -38.27 37.67
CA ASN G 83 35.67 -38.68 38.46
C ASN G 83 35.26 -39.58 39.61
N ARG G 84 34.10 -39.29 40.20
CA ARG G 84 33.56 -40.16 41.24
C ARG G 84 33.28 -41.56 40.69
N LEU G 85 32.60 -41.59 39.55
CA LEU G 85 32.33 -42.88 38.89
C LEU G 85 33.62 -43.66 38.66
N ALA G 86 34.64 -42.98 38.16
CA ALA G 86 35.91 -43.62 37.92
C ALA G 86 36.47 -44.19 39.22
N ASP G 87 36.38 -43.40 40.30
CA ASP G 87 36.86 -43.84 41.59
C ASP G 87 36.14 -45.10 42.04
N LEU G 88 34.82 -45.13 41.89
CA LEU G 88 34.04 -46.30 42.30
C LEU G 88 34.40 -47.52 41.47
N ILE G 89 34.60 -47.33 40.16
CA ILE G 89 35.06 -48.40 39.29
C ILE G 89 36.44 -48.93 39.73
N GLU G 90 37.36 -48.02 40.02
CA GLU G 90 38.65 -48.46 40.55
C GLU G 90 38.49 -49.24 41.86
N ARG G 91 37.63 -48.76 42.75
CA ARG G 91 37.36 -49.48 43.99
C ARG G 91 36.96 -50.93 43.74
N ASP G 92 36.12 -51.14 42.74
CA ASP G 92 35.59 -52.47 42.43
C ASP G 92 36.29 -53.07 41.21
N ARG G 93 37.55 -52.68 41.00
CA ARG G 93 38.31 -53.09 39.84
C ARG G 93 38.50 -54.62 39.77
N THR G 94 38.91 -55.22 40.87
CA THR G 94 39.17 -56.65 40.92
C THR G 94 37.92 -57.45 40.57
N TYR G 95 36.81 -57.06 41.18
CA TYR G 95 35.52 -57.68 40.91
C TYR G 95 35.12 -57.52 39.44
N LEU G 96 35.24 -56.32 38.91
CA LEU G 96 34.79 -56.03 37.55
C LEU G 96 35.62 -56.78 36.52
N ALA G 97 36.92 -56.84 36.74
CA ALA G 97 37.80 -57.57 35.83
C ALA G 97 37.46 -59.06 35.80
N ALA G 98 37.10 -59.61 36.95
CA ALA G 98 36.73 -61.03 37.01
C ALA G 98 35.41 -61.26 36.29
N LEU G 99 34.44 -60.40 36.58
CA LEU G 99 33.13 -60.51 35.97
C LEU G 99 33.23 -60.37 34.44
N GLU G 100 34.08 -59.44 34.00
CA GLU G 100 34.33 -59.22 32.58
C GLU G 100 34.84 -60.51 31.92
N THR G 101 35.86 -61.10 32.52
CA THR G 101 36.42 -62.37 32.05
C THR G 101 35.37 -63.47 32.06
N LEU G 102 34.57 -63.53 33.12
CA LEU G 102 33.57 -64.57 33.23
C LEU G 102 32.58 -64.55 32.07
N ASP G 103 32.12 -63.35 31.71
CA ASP G 103 31.06 -63.23 30.71
C ASP G 103 31.60 -63.12 29.28
N ASN G 104 32.79 -62.54 29.13
CA ASN G 104 33.38 -62.29 27.82
C ASN G 104 34.38 -63.35 27.37
N GLY G 105 35.23 -63.79 28.29
CA GLY G 105 36.19 -64.85 28.00
C GLY G 105 37.64 -64.42 27.92
N LYS G 106 37.88 -63.12 27.84
CA LYS G 106 39.25 -62.61 27.77
C LYS G 106 40.01 -62.94 29.07
N PRO G 107 41.33 -63.12 28.97
CA PRO G 107 42.16 -63.43 30.15
C PRO G 107 42.01 -62.38 31.24
N TYR G 108 41.84 -62.85 32.47
CA TYR G 108 41.61 -61.97 33.62
C TYR G 108 42.74 -60.97 33.83
N VAL G 109 43.97 -61.37 33.53
CA VAL G 109 45.10 -60.48 33.66
C VAL G 109 44.95 -59.28 32.72
N ILE G 110 44.43 -59.52 31.54
CA ILE G 110 44.18 -58.45 30.57
C ILE G 110 43.01 -57.58 31.01
N SER G 111 41.90 -58.21 31.40
CA SER G 111 40.75 -57.47 31.91
C SER G 111 41.18 -56.49 32.98
N TYR G 112 42.05 -56.95 33.88
CA TYR G 112 42.47 -56.15 35.02
C TYR G 112 43.45 -55.04 34.66
N LEU G 113 44.51 -55.40 33.95
CA LEU G 113 45.58 -54.45 33.64
C LEU G 113 45.27 -53.57 32.43
N VAL G 114 44.48 -54.08 31.50
CA VAL G 114 44.23 -53.35 30.26
C VAL G 114 42.84 -52.72 30.23
N ASP G 115 41.79 -53.55 30.14
CA ASP G 115 40.43 -53.05 30.01
C ASP G 115 40.05 -52.05 31.10
N LEU G 116 40.29 -52.43 32.34
CA LEU G 116 39.88 -51.58 33.46
C LEU G 116 40.70 -50.32 33.59
N ASP G 117 42.00 -50.42 33.30
CA ASP G 117 42.85 -49.25 33.27
C ASP G 117 42.34 -48.27 32.22
N MET G 118 42.05 -48.80 31.02
CA MET G 118 41.61 -47.97 29.90
C MET G 118 40.26 -47.33 30.18
N VAL G 119 39.40 -48.07 30.88
CA VAL G 119 38.11 -47.55 31.33
C VAL G 119 38.33 -46.33 32.23
N LEU G 120 39.23 -46.48 33.19
CA LEU G 120 39.52 -45.42 34.15
C LEU G 120 40.11 -44.19 33.48
N LYS G 121 41.00 -44.43 32.52
CA LYS G 121 41.64 -43.33 31.83
C LYS G 121 40.66 -42.57 30.95
N CYS G 122 39.75 -43.30 30.32
CA CYS G 122 38.73 -42.70 29.48
C CYS G 122 37.81 -41.78 30.29
N LEU G 123 37.23 -42.31 31.35
CA LEU G 123 36.36 -41.52 32.20
C LEU G 123 37.06 -40.33 32.85
N ARG G 124 38.30 -40.52 33.28
CA ARG G 124 39.01 -39.44 33.92
C ARG G 124 39.38 -38.38 32.90
N TYR G 125 39.67 -38.81 31.69
CA TYR G 125 39.98 -37.89 30.60
C TYR G 125 38.77 -37.01 30.32
N TYR G 126 37.61 -37.63 30.13
CA TYR G 126 36.43 -36.87 29.76
C TYR G 126 35.90 -36.02 30.92
N ALA G 127 36.12 -36.47 32.15
CA ALA G 127 35.79 -35.65 33.30
C ALA G 127 36.41 -34.27 33.12
N GLY G 128 37.65 -34.24 32.62
CA GLY G 128 38.37 -33.01 32.41
C GLY G 128 37.76 -32.11 31.34
N TRP G 129 37.07 -32.70 30.36
CA TRP G 129 36.48 -31.93 29.25
C TRP G 129 35.19 -31.21 29.63
N ALA G 130 34.56 -31.66 30.71
CA ALA G 130 33.18 -31.26 30.99
C ALA G 130 32.94 -29.75 30.97
N ASP G 131 33.91 -28.98 31.44
CA ASP G 131 33.75 -27.52 31.47
C ASP G 131 34.79 -26.80 30.59
N LYS G 132 35.25 -27.46 29.54
CA LYS G 132 36.27 -26.88 28.68
C LYS G 132 35.96 -26.86 27.19
N TYR G 133 34.77 -27.30 26.81
CA TYR G 133 34.41 -27.31 25.39
C TYR G 133 33.67 -26.03 24.98
N HIS G 134 34.42 -24.96 24.75
CA HIS G 134 33.85 -23.63 24.53
C HIS G 134 33.11 -23.45 23.21
N GLY G 135 32.10 -22.59 23.24
CA GLY G 135 31.50 -22.06 22.02
C GLY G 135 32.35 -20.89 21.57
N LYS G 136 31.87 -20.13 20.61
CA LYS G 136 32.67 -19.05 20.09
C LYS G 136 31.95 -17.71 20.17
N THR G 137 32.72 -16.63 20.33
CA THR G 137 32.23 -15.29 20.01
C THR G 137 32.77 -14.93 18.64
N ILE G 138 31.91 -14.40 17.78
CA ILE G 138 32.20 -14.34 16.35
C ILE G 138 32.06 -12.92 15.81
N PRO G 139 33.10 -12.42 15.13
CA PRO G 139 33.14 -11.06 14.58
C PRO G 139 32.35 -10.98 13.27
N ILE G 140 31.04 -11.08 13.38
CA ILE G 140 30.15 -11.06 12.23
C ILE G 140 30.01 -9.64 11.65
N ASP G 141 29.71 -9.54 10.36
CA ASP G 141 29.48 -8.25 9.69
C ASP G 141 28.30 -7.54 10.32
N GLY G 142 28.35 -6.22 10.37
CA GLY G 142 27.21 -5.45 10.85
C GLY G 142 27.20 -5.19 12.34
N ASP G 143 26.19 -4.45 12.79
CA ASP G 143 26.07 -4.07 14.19
C ASP G 143 25.41 -5.19 14.98
N PHE G 144 26.14 -6.29 15.13
CA PHE G 144 25.63 -7.40 15.90
C PHE G 144 26.69 -8.02 16.80
N PHE G 145 26.22 -8.64 17.86
CA PHE G 145 27.03 -9.51 18.69
C PHE G 145 26.57 -10.91 18.41
N SER G 146 27.46 -11.74 17.88
CA SER G 146 27.09 -13.10 17.50
C SER G 146 27.97 -14.10 18.24
N TYR G 147 27.35 -15.14 18.77
CA TYR G 147 28.11 -16.20 19.44
C TYR G 147 27.38 -17.54 19.31
N THR G 148 28.08 -18.63 19.67
CA THR G 148 27.48 -19.94 19.64
C THR G 148 27.45 -20.56 21.03
N ARG G 149 26.37 -21.28 21.31
CA ARG G 149 26.31 -22.13 22.49
C ARG G 149 26.55 -23.54 22.01
N HIS G 150 27.36 -24.28 22.76
CA HIS G 150 27.54 -25.70 22.50
C HIS G 150 26.63 -26.43 23.47
N GLU G 151 25.44 -26.79 22.99
CA GLU G 151 24.45 -27.43 23.84
C GLU G 151 24.52 -28.95 23.71
N PRO G 152 23.97 -29.67 24.69
CA PRO G 152 23.93 -31.12 24.54
C PRO G 152 22.98 -31.45 23.39
N VAL G 153 23.32 -32.47 22.61
CA VAL G 153 22.45 -32.89 21.52
C VAL G 153 21.13 -33.46 22.07
N GLY G 154 21.15 -33.98 23.30
CA GLY G 154 19.94 -34.42 23.98
C GLY G 154 19.92 -35.87 24.40
N VAL G 155 18.86 -36.58 24.02
CA VAL G 155 18.69 -38.00 24.36
C VAL G 155 19.48 -38.85 23.39
N CYS G 156 20.48 -39.55 23.92
CA CYS G 156 21.42 -40.30 23.09
C CYS G 156 21.26 -41.80 23.25
N GLY G 157 20.87 -42.48 22.17
CA GLY G 157 20.87 -43.92 22.15
C GLY G 157 22.27 -44.41 21.89
N GLN G 158 22.74 -45.33 22.72
CA GLN G 158 24.08 -45.89 22.56
C GLN G 158 24.04 -47.41 22.55
N ILE G 159 24.52 -47.98 21.44
CA ILE G 159 24.48 -49.43 21.24
C ILE G 159 25.90 -49.96 21.13
N ILE G 160 26.29 -50.82 22.07
CA ILE G 160 27.65 -51.33 22.13
C ILE G 160 27.73 -52.84 21.99
N PRO G 161 28.85 -53.34 21.45
CA PRO G 161 29.06 -54.75 21.18
C PRO G 161 29.65 -55.47 22.40
N TRP G 162 30.13 -56.69 22.17
CA TRP G 162 30.52 -57.60 23.26
C TRP G 162 32.03 -57.78 23.44
N ASN G 163 32.82 -57.29 22.49
CA ASN G 163 34.25 -57.58 22.51
C ASN G 163 35.05 -56.82 23.59
N PHE G 164 34.59 -55.63 23.97
CA PHE G 164 35.19 -54.84 25.04
C PHE G 164 34.06 -54.23 25.86
N PRO G 165 33.31 -55.06 26.59
CA PRO G 165 32.07 -54.57 27.20
C PRO G 165 32.27 -53.32 28.05
N LEU G 166 33.15 -53.36 29.05
CA LEU G 166 33.33 -52.21 29.93
C LEU G 166 33.92 -51.00 29.21
N LEU G 167 34.93 -51.26 28.37
CA LEU G 167 35.60 -50.18 27.67
C LEU G 167 34.65 -49.45 26.73
N MET G 168 33.83 -50.18 25.98
CA MET G 168 32.90 -49.57 25.04
C MET G 168 31.88 -48.71 25.78
N GLN G 169 31.41 -49.20 26.93
CA GLN G 169 30.52 -48.41 27.76
C GLN G 169 31.19 -47.09 28.14
N ALA G 170 32.45 -47.15 28.54
CA ALA G 170 33.19 -45.95 28.92
C ALA G 170 33.39 -44.97 27.75
N TRP G 171 33.80 -45.49 26.59
CA TRP G 171 33.95 -44.66 25.39
C TRP G 171 32.67 -43.94 25.01
N LYS G 172 31.54 -44.52 25.36
CA LYS G 172 30.27 -43.90 25.06
C LYS G 172 29.81 -42.94 26.16
N LEU G 173 29.86 -43.39 27.42
CA LEU G 173 29.36 -42.59 28.52
C LEU G 173 30.17 -41.33 28.78
N GLY G 174 31.49 -41.44 28.62
CA GLY G 174 32.39 -40.34 28.91
C GLY G 174 32.08 -39.04 28.21
N PRO G 175 32.12 -39.05 26.86
CA PRO G 175 31.86 -37.85 26.07
C PRO G 175 30.40 -37.38 26.19
N ALA G 176 29.48 -38.33 26.32
CA ALA G 176 28.06 -38.01 26.40
C ALA G 176 27.73 -37.28 27.69
N LEU G 177 28.25 -37.79 28.80
CA LEU G 177 27.98 -37.20 30.11
C LEU G 177 28.77 -35.93 30.33
N ALA G 178 30.02 -35.94 29.88
CA ALA G 178 30.84 -34.73 29.96
C ALA G 178 30.14 -33.53 29.31
N THR G 179 29.43 -33.77 28.21
CA THR G 179 28.76 -32.67 27.51
C THR G 179 27.29 -32.48 27.92
N GLY G 180 26.83 -33.19 28.96
CA GLY G 180 25.53 -32.92 29.56
C GLY G 180 24.33 -33.59 28.92
N ASN G 181 24.58 -34.62 28.12
CA ASN G 181 23.51 -35.38 27.48
C ASN G 181 22.94 -36.41 28.44
N VAL G 182 21.88 -37.07 28.01
CA VAL G 182 21.34 -38.21 28.73
C VAL G 182 21.40 -39.39 27.79
N VAL G 183 21.49 -40.61 28.32
CA VAL G 183 21.61 -41.77 27.44
C VAL G 183 20.66 -42.94 27.71
N VAL G 184 20.32 -43.63 26.62
CA VAL G 184 19.65 -44.92 26.70
C VAL G 184 20.59 -45.89 26.00
N MET G 185 21.12 -46.82 26.78
CA MET G 185 22.19 -47.67 26.29
C MET G 185 21.71 -49.11 26.13
N LYS G 186 22.03 -49.71 24.99
CA LYS G 186 21.75 -51.12 24.76
C LYS G 186 23.07 -51.86 24.75
N VAL G 187 23.24 -52.76 25.72
CA VAL G 187 24.46 -53.56 25.79
C VAL G 187 24.25 -54.91 25.13
N ALA G 188 25.34 -55.60 24.83
CA ALA G 188 25.30 -56.84 24.06
C ALA G 188 24.78 -57.99 24.90
N GLU G 189 23.92 -58.80 24.30
CA GLU G 189 23.32 -59.93 25.00
C GLU G 189 24.38 -60.93 25.47
N GLN G 190 25.49 -60.98 24.74
CA GLN G 190 26.59 -61.87 25.12
C GLN G 190 27.28 -61.39 26.40
N THR G 191 27.27 -60.08 26.64
CA THR G 191 28.06 -59.50 27.73
C THR G 191 27.35 -58.35 28.42
N PRO G 192 26.22 -58.62 29.06
CA PRO G 192 25.46 -57.52 29.66
C PRO G 192 25.93 -57.18 31.08
N LEU G 193 26.54 -58.14 31.77
CA LEU G 193 26.67 -58.09 33.21
C LEU G 193 27.49 -56.92 33.75
N THR G 194 28.70 -56.73 33.25
CA THR G 194 29.56 -55.67 33.79
C THR G 194 28.96 -54.28 33.61
N ALA G 195 28.31 -54.04 32.47
CA ALA G 195 27.72 -52.74 32.21
C ALA G 195 26.60 -52.46 33.21
N LEU G 196 25.82 -53.51 33.50
CA LEU G 196 24.73 -53.39 34.48
C LEU G 196 25.27 -53.08 35.87
N TYR G 197 26.39 -53.68 36.25
CA TYR G 197 26.96 -53.38 37.55
C TYR G 197 27.43 -51.94 37.61
N VAL G 198 28.00 -51.45 36.52
CA VAL G 198 28.47 -50.07 36.45
C VAL G 198 27.31 -49.11 36.67
N ALA G 199 26.11 -49.49 36.22
CA ALA G 199 24.93 -48.65 36.39
C ALA G 199 24.67 -48.45 37.87
N ASN G 200 24.94 -49.49 38.65
CA ASN G 200 24.85 -49.40 40.09
C ASN G 200 25.80 -48.34 40.62
N LEU G 201 26.99 -48.29 40.04
CA LEU G 201 28.00 -47.31 40.44
C LEU G 201 27.62 -45.91 39.97
N ILE G 202 27.01 -45.82 38.79
CA ILE G 202 26.49 -44.55 38.29
C ILE G 202 25.49 -43.94 39.28
N LYS G 203 24.62 -44.79 39.82
CA LYS G 203 23.69 -44.38 40.86
C LYS G 203 24.46 -43.96 42.10
N GLU G 204 25.38 -44.82 42.54
CA GLU G 204 26.16 -44.54 43.75
C GLU G 204 26.94 -43.25 43.64
N ALA G 205 27.40 -42.93 42.43
CA ALA G 205 28.23 -41.74 42.22
C ALA G 205 27.41 -40.46 42.41
N GLY G 206 26.10 -40.54 42.17
CA GLY G 206 25.24 -39.38 42.35
C GLY G 206 24.63 -38.79 41.09
N PHE G 207 24.71 -39.50 39.98
CA PHE G 207 24.06 -39.02 38.76
C PHE G 207 22.55 -39.00 38.95
N PRO G 208 21.91 -37.88 38.60
CA PRO G 208 20.46 -37.80 38.70
C PRO G 208 19.76 -38.93 37.93
N PRO G 209 18.61 -39.38 38.44
CA PRO G 209 17.85 -40.47 37.83
C PRO G 209 17.47 -40.10 36.40
N GLY G 210 17.55 -41.05 35.48
CA GLY G 210 17.18 -40.81 34.11
C GLY G 210 18.33 -40.38 33.22
N VAL G 211 19.43 -39.95 33.83
CA VAL G 211 20.58 -39.48 33.05
C VAL G 211 21.23 -40.62 32.29
N VAL G 212 21.45 -41.75 32.95
CA VAL G 212 21.90 -42.96 32.27
C VAL G 212 20.88 -44.10 32.46
N ASN G 213 20.42 -44.68 31.36
CA ASN G 213 19.48 -45.79 31.40
C ASN G 213 20.02 -46.95 30.58
N ILE G 214 20.01 -48.15 31.14
CA ILE G 214 20.49 -49.30 30.38
C ILE G 214 19.41 -50.37 30.15
N VAL G 215 19.29 -50.79 28.90
CA VAL G 215 18.33 -51.80 28.50
C VAL G 215 19.03 -52.99 27.84
N PRO G 216 19.23 -54.07 28.61
CA PRO G 216 19.74 -55.33 28.06
C PRO G 216 18.68 -55.96 27.16
N GLY G 217 19.10 -56.74 26.17
CA GLY G 217 18.16 -57.38 25.28
C GLY G 217 18.80 -57.69 23.96
N PHE G 218 17.97 -58.04 22.97
CA PHE G 218 18.47 -58.41 21.66
C PHE G 218 18.47 -57.24 20.70
N GLY G 219 19.23 -57.37 19.61
CA GLY G 219 19.44 -56.28 18.68
C GLY G 219 18.21 -55.89 17.86
N PRO G 220 17.59 -56.88 17.21
CA PRO G 220 16.45 -56.61 16.33
C PRO G 220 15.23 -56.11 17.10
N THR G 221 15.30 -56.18 18.43
CA THR G 221 14.23 -55.68 19.27
C THR G 221 14.61 -54.36 19.96
N ALA G 222 15.36 -54.46 21.05
CA ALA G 222 15.77 -53.29 21.82
C ALA G 222 16.60 -52.31 21.01
N GLY G 223 17.57 -52.83 20.27
CA GLY G 223 18.45 -52.00 19.46
C GLY G 223 17.69 -51.26 18.38
N ALA G 224 16.86 -51.98 17.63
CA ALA G 224 16.05 -51.37 16.58
C ALA G 224 15.09 -50.32 17.14
N ALA G 225 14.57 -50.56 18.34
CA ALA G 225 13.67 -49.63 19.02
C ALA G 225 14.36 -48.28 19.28
N ILE G 226 15.61 -48.36 19.73
CA ILE G 226 16.40 -47.16 19.97
C ILE G 226 16.67 -46.42 18.65
N ALA G 227 17.10 -47.16 17.63
CA ALA G 227 17.45 -46.55 16.35
C ALA G 227 16.26 -45.89 15.66
N SER G 228 15.06 -46.40 15.95
CA SER G 228 13.87 -45.93 15.24
C SER G 228 13.05 -44.99 16.10
N HIS G 229 13.46 -44.81 17.34
CA HIS G 229 12.64 -44.02 18.27
C HIS G 229 12.46 -42.55 17.83
N GLU G 230 11.24 -42.06 17.99
CA GLU G 230 10.88 -40.71 17.54
C GLU G 230 11.38 -39.61 18.47
N ASP G 231 11.79 -39.96 19.68
CA ASP G 231 12.26 -38.96 20.63
C ASP G 231 13.72 -39.18 21.03
N VAL G 232 14.43 -40.01 20.27
CA VAL G 232 15.87 -40.12 20.45
C VAL G 232 16.57 -39.16 19.48
N ASP G 233 17.39 -38.27 20.03
CA ASP G 233 18.03 -37.21 19.23
C ASP G 233 19.27 -37.68 18.46
N LYS G 234 19.95 -38.67 18.99
CA LYS G 234 21.24 -39.06 18.46
C LYS G 234 21.49 -40.51 18.81
N VAL G 235 22.05 -41.25 17.88
CA VAL G 235 22.42 -42.64 18.11
C VAL G 235 23.88 -42.88 17.76
N ALA G 236 24.56 -43.62 18.63
CA ALA G 236 25.92 -44.05 18.35
C ALA G 236 25.94 -45.57 18.45
N PHE G 237 26.50 -46.19 17.42
CA PHE G 237 26.51 -47.63 17.32
C PHE G 237 27.90 -48.13 17.01
N THR G 238 28.32 -49.13 17.77
CA THR G 238 29.54 -49.85 17.46
C THR G 238 29.16 -51.30 17.20
N GLY G 239 29.64 -51.85 16.08
CA GLY G 239 29.29 -53.20 15.69
C GLY G 239 29.65 -53.44 14.23
N SER G 240 28.91 -54.33 13.57
CA SER G 240 29.25 -54.75 12.23
C SER G 240 28.83 -53.71 11.21
N THR G 241 29.57 -53.63 10.11
CA THR G 241 29.20 -52.76 9.01
C THR G 241 27.77 -53.02 8.53
N GLU G 242 27.41 -54.30 8.45
CA GLU G 242 26.07 -54.69 8.04
C GLU G 242 24.97 -54.05 8.90
N ILE G 243 25.12 -54.12 10.21
CA ILE G 243 24.12 -53.52 11.12
C ILE G 243 24.20 -51.99 11.12
N GLY G 244 25.40 -51.47 10.91
CA GLY G 244 25.60 -50.03 10.79
C GLY G 244 24.64 -49.43 9.78
N ARG G 245 24.50 -50.12 8.64
CA ARG G 245 23.59 -49.66 7.60
C ARG G 245 22.13 -49.65 8.08
N VAL G 246 21.73 -50.72 8.78
CA VAL G 246 20.41 -50.77 9.37
C VAL G 246 20.16 -49.55 10.26
N ILE G 247 21.16 -49.20 11.07
CA ILE G 247 21.05 -48.06 11.98
C ILE G 247 20.84 -46.74 11.24
N GLN G 248 21.68 -46.48 10.23
CA GLN G 248 21.55 -45.22 9.49
C GLN G 248 20.23 -45.15 8.72
N VAL G 249 19.79 -46.29 8.18
CA VAL G 249 18.50 -46.34 7.49
C VAL G 249 17.37 -46.05 8.48
N ALA G 250 17.45 -46.65 9.66
CA ALA G 250 16.45 -46.41 10.69
C ALA G 250 16.35 -44.94 11.08
N ALA G 251 17.51 -44.29 11.19
CA ALA G 251 17.58 -42.88 11.54
C ALA G 251 16.93 -42.01 10.46
N GLY G 252 17.20 -42.34 9.20
CA GLY G 252 16.57 -41.64 8.10
C GLY G 252 15.07 -41.89 8.00
N SER G 253 14.64 -43.11 8.34
CA SER G 253 13.23 -43.48 8.27
C SER G 253 12.41 -42.94 9.42
N SER G 254 13.08 -42.60 10.52
CA SER G 254 12.36 -42.12 11.69
C SER G 254 12.40 -40.59 11.82
N ASN G 255 13.26 -40.08 12.72
CA ASN G 255 13.25 -38.65 13.01
C ASN G 255 14.50 -37.86 12.62
N LEU G 256 15.31 -38.43 11.72
CA LEU G 256 16.55 -37.77 11.30
C LEU G 256 17.49 -37.52 12.48
N LYS G 257 17.46 -38.42 13.46
CA LYS G 257 18.39 -38.35 14.58
C LYS G 257 19.82 -38.39 14.05
N ARG G 258 20.73 -37.76 14.77
CA ARG G 258 22.13 -37.74 14.32
C ARG G 258 22.77 -39.10 14.59
N VAL G 259 23.69 -39.50 13.69
CA VAL G 259 24.27 -40.85 13.72
C VAL G 259 25.80 -40.82 13.68
N THR G 260 26.43 -41.60 14.56
CA THR G 260 27.84 -41.94 14.40
C THR G 260 28.02 -43.46 14.46
N LEU G 261 28.98 -43.96 13.72
CA LEU G 261 29.18 -45.40 13.60
C LEU G 261 30.64 -45.80 13.74
N GLU G 262 30.87 -46.80 14.56
CA GLU G 262 32.18 -47.43 14.68
C GLU G 262 32.01 -48.87 14.24
N LEU G 263 32.52 -49.19 13.06
CA LEU G 263 32.24 -50.50 12.45
C LEU G 263 33.49 -51.39 12.35
N GLY G 264 33.45 -52.35 11.44
CA GLY G 264 34.53 -53.31 11.33
C GLY G 264 35.67 -52.83 10.45
N GLY G 265 36.64 -53.71 10.22
CA GLY G 265 37.77 -53.39 9.38
C GLY G 265 38.49 -54.62 8.90
N LYS G 266 39.53 -54.40 8.11
CA LYS G 266 40.41 -55.44 7.64
C LYS G 266 41.77 -54.77 7.52
N SER G 267 42.24 -54.31 8.67
CA SER G 267 43.35 -53.36 8.73
C SER G 267 44.68 -53.95 8.27
N PRO G 268 45.40 -53.23 7.40
CA PRO G 268 46.69 -53.66 6.86
C PRO G 268 47.81 -53.28 7.81
N ASN G 269 48.68 -54.24 8.10
CA ASN G 269 49.87 -54.02 8.90
C ASN G 269 51.09 -54.26 8.01
N ILE G 270 51.78 -53.19 7.63
CA ILE G 270 52.80 -53.21 6.58
C ILE G 270 54.23 -53.22 7.12
N ILE G 271 54.93 -54.34 6.91
CA ILE G 271 56.31 -54.50 7.38
C ILE G 271 57.31 -54.28 6.25
N MET G 272 58.01 -53.15 6.25
CA MET G 272 59.05 -52.90 5.26
C MET G 272 60.33 -53.69 5.58
N SER G 273 61.19 -53.85 4.57
CA SER G 273 62.38 -54.69 4.71
C SER G 273 63.37 -54.16 5.75
N ASP G 274 63.27 -52.88 6.09
CA ASP G 274 64.19 -52.28 7.06
C ASP G 274 63.64 -52.26 8.48
N ALA G 275 62.51 -52.91 8.71
CA ALA G 275 61.88 -52.93 10.02
C ALA G 275 62.76 -53.69 11.01
N ASP G 276 62.57 -53.40 12.29
CA ASP G 276 63.19 -54.22 13.31
C ASP G 276 62.44 -55.56 13.35
N MET G 277 63.10 -56.61 12.87
CA MET G 277 62.47 -57.92 12.72
C MET G 277 61.73 -58.41 13.98
N ASP G 278 62.43 -58.47 15.11
CA ASP G 278 61.84 -59.02 16.32
C ASP G 278 60.64 -58.22 16.79
N TRP G 279 60.77 -56.90 16.74
CA TRP G 279 59.72 -56.01 17.19
C TRP G 279 58.51 -56.16 16.29
N ALA G 280 58.75 -56.16 14.98
CA ALA G 280 57.67 -56.27 14.02
C ALA G 280 56.93 -57.60 14.17
N VAL G 281 57.67 -58.68 14.43
CA VAL G 281 57.06 -59.99 14.57
C VAL G 281 56.17 -60.07 15.80
N GLU G 282 56.65 -59.56 16.92
CA GLU G 282 55.86 -59.57 18.16
C GLU G 282 54.65 -58.66 18.04
N GLN G 283 54.83 -57.49 17.43
CA GLN G 283 53.75 -56.54 17.28
C GLN G 283 52.70 -57.04 16.31
N ALA G 284 53.14 -57.67 15.21
CA ALA G 284 52.22 -58.25 14.24
C ALA G 284 51.39 -59.35 14.90
N HIS G 285 52.02 -60.15 15.75
CA HIS G 285 51.32 -61.19 16.50
C HIS G 285 50.24 -60.58 17.40
N PHE G 286 50.66 -59.61 18.22
CA PHE G 286 49.75 -58.83 19.07
C PHE G 286 48.64 -58.16 18.25
N ALA G 287 49.02 -57.54 17.13
CA ALA G 287 48.08 -56.80 16.29
C ALA G 287 46.91 -57.66 15.83
N LEU G 288 47.18 -58.94 15.60
CA LEU G 288 46.14 -59.85 15.15
C LEU G 288 45.48 -60.62 16.27
N PHE G 289 46.29 -61.20 17.16
CA PHE G 289 45.76 -62.16 18.13
C PHE G 289 45.13 -61.55 19.37
N PHE G 290 45.35 -60.26 19.61
CA PHE G 290 44.86 -59.65 20.84
C PHE G 290 43.35 -59.82 21.03
N ASN G 291 42.93 -60.09 22.26
CA ASN G 291 41.51 -60.27 22.59
C ASN G 291 40.85 -61.35 21.74
N GLN G 292 41.56 -62.46 21.56
CA GLN G 292 41.07 -63.59 20.79
C GLN G 292 40.80 -63.18 19.33
N GLY G 293 41.52 -62.18 18.85
CA GLY G 293 41.32 -61.68 17.50
C GLY G 293 40.04 -60.85 17.35
N GLN G 294 39.38 -60.58 18.47
CA GLN G 294 38.10 -59.88 18.44
C GLN G 294 38.23 -58.35 18.59
N CYS G 295 39.00 -57.76 17.67
CA CYS G 295 39.17 -56.31 17.61
C CYS G 295 38.81 -55.84 16.23
N CYS G 296 38.02 -54.78 16.17
CA CYS G 296 37.59 -54.22 14.89
C CYS G 296 38.80 -53.76 14.08
N CYS G 297 39.86 -53.39 14.78
CA CYS G 297 41.05 -52.85 14.13
C CYS G 297 42.20 -53.86 14.08
N ALA G 298 41.89 -55.12 14.31
CA ALA G 298 42.89 -56.19 14.21
C ALA G 298 43.71 -56.08 12.93
N GLY G 299 45.02 -56.30 13.04
CA GLY G 299 45.89 -56.32 11.88
C GLY G 299 45.73 -57.60 11.07
N SER G 300 44.64 -57.71 10.33
CA SER G 300 44.24 -58.97 9.70
C SER G 300 44.78 -59.13 8.28
N ARG G 301 45.54 -58.16 7.82
CA ARG G 301 46.27 -58.29 6.57
C ARG G 301 47.71 -57.88 6.81
N THR G 302 48.57 -58.85 7.07
CA THR G 302 49.98 -58.58 7.38
C THR G 302 50.79 -58.60 6.08
N PHE G 303 51.09 -57.40 5.57
CA PHE G 303 51.90 -57.27 4.34
C PHE G 303 53.39 -57.26 4.70
N VAL G 304 54.14 -58.20 4.14
CA VAL G 304 55.57 -58.29 4.43
C VAL G 304 56.39 -58.22 3.15
N GLN G 305 57.38 -57.32 3.14
CA GLN G 305 58.22 -57.13 1.96
C GLN G 305 58.99 -58.42 1.66
N GLU G 306 59.09 -58.76 0.39
CA GLU G 306 59.57 -60.08 -0.01
C GLU G 306 60.91 -60.48 0.59
N ASP G 307 61.84 -59.52 0.69
CA ASP G 307 63.19 -59.81 1.17
C ASP G 307 63.24 -60.38 2.59
N ILE G 308 62.19 -60.16 3.37
CA ILE G 308 62.19 -60.63 4.76
C ILE G 308 61.04 -61.58 5.03
N TYR G 309 60.25 -61.84 3.99
CA TYR G 309 59.03 -62.65 4.10
C TYR G 309 59.25 -64.00 4.75
N ASP G 310 60.20 -64.77 4.24
CA ASP G 310 60.43 -66.13 4.73
C ASP G 310 60.74 -66.14 6.22
N GLU G 311 61.69 -65.29 6.63
CA GLU G 311 62.08 -65.24 8.04
C GLU G 311 60.92 -64.78 8.91
N PHE G 312 60.23 -63.72 8.46
CA PHE G 312 59.09 -63.18 9.20
C PHE G 312 58.03 -64.25 9.40
N VAL G 313 57.71 -64.98 8.34
CA VAL G 313 56.72 -66.05 8.43
C VAL G 313 57.15 -67.12 9.43
N GLU G 314 58.40 -67.56 9.33
CA GLU G 314 58.95 -68.55 10.26
C GLU G 314 58.74 -68.14 11.70
N ARG G 315 59.21 -66.95 12.04
CA ARG G 315 59.11 -66.43 13.41
C ARG G 315 57.66 -66.27 13.85
N SER G 316 56.82 -65.81 12.94
CA SER G 316 55.40 -65.64 13.22
C SER G 316 54.73 -66.98 13.55
N VAL G 317 55.00 -67.98 12.73
CA VAL G 317 54.45 -69.31 12.95
C VAL G 317 54.88 -69.84 14.31
N ALA G 318 56.16 -69.64 14.64
CA ALA G 318 56.67 -70.11 15.92
C ALA G 318 55.95 -69.41 17.07
N ARG G 319 55.81 -68.10 16.95
CA ARG G 319 55.17 -67.30 18.01
C ARG G 319 53.72 -67.75 18.20
N ALA G 320 53.05 -68.02 17.08
CA ALA G 320 51.66 -68.45 17.13
C ALA G 320 51.54 -69.83 17.77
N LYS G 321 52.48 -70.72 17.44
CA LYS G 321 52.49 -72.07 17.98
C LYS G 321 52.70 -72.07 19.49
N SER G 322 53.44 -71.09 19.99
CA SER G 322 53.78 -71.02 21.41
C SER G 322 52.73 -70.27 22.23
N ARG G 323 51.76 -69.68 21.54
CA ARG G 323 50.71 -68.92 22.23
C ARG G 323 49.82 -69.81 23.10
N VAL G 324 49.67 -69.44 24.36
CA VAL G 324 48.99 -70.29 25.35
C VAL G 324 47.48 -70.07 25.39
N VAL G 325 46.74 -71.07 24.94
CA VAL G 325 45.29 -71.04 24.95
C VAL G 325 44.77 -71.80 26.16
N GLY G 326 43.79 -71.24 26.86
CA GLY G 326 43.23 -71.92 28.00
C GLY G 326 42.32 -71.11 28.91
N ASN G 327 42.17 -71.58 30.15
CA ASN G 327 41.31 -70.94 31.14
C ASN G 327 41.74 -69.49 31.38
N PRO G 328 40.85 -68.55 31.07
CA PRO G 328 41.15 -67.11 31.15
C PRO G 328 41.52 -66.69 32.56
N PHE G 329 41.15 -67.47 33.57
CA PHE G 329 41.52 -67.13 34.95
C PHE G 329 42.91 -67.62 35.33
N ASP G 330 43.52 -68.45 34.48
CA ASP G 330 44.89 -68.89 34.72
C ASP G 330 45.88 -67.85 34.24
N SER G 331 46.80 -67.45 35.11
CA SER G 331 47.72 -66.35 34.81
C SER G 331 48.61 -66.63 33.59
N LYS G 332 48.75 -67.89 33.23
CA LYS G 332 49.59 -68.25 32.10
C LYS G 332 48.87 -68.16 30.76
N THR G 333 47.54 -68.07 30.80
CA THR G 333 46.72 -68.02 29.57
C THR G 333 46.88 -66.72 28.77
N GLU G 334 47.26 -66.83 27.50
CA GLU G 334 47.36 -65.66 26.63
C GLU G 334 46.04 -65.47 25.88
N GLN G 335 45.35 -66.57 25.62
CA GLN G 335 44.15 -66.53 24.79
C GLN G 335 43.02 -67.37 25.38
N GLY G 336 41.87 -66.72 25.60
CA GLY G 336 40.69 -67.40 26.08
C GLY G 336 39.84 -67.92 24.92
N PRO G 337 38.59 -68.27 25.21
CA PRO G 337 37.64 -68.73 24.18
C PRO G 337 37.10 -67.55 23.38
N GLN G 338 36.55 -67.83 22.20
CA GLN G 338 35.74 -66.85 21.48
C GLN G 338 34.47 -66.58 22.29
N VAL G 339 33.78 -65.50 21.96
CA VAL G 339 32.70 -65.01 22.80
C VAL G 339 31.47 -65.93 22.89
N ASP G 340 31.15 -66.62 21.80
CA ASP G 340 29.98 -67.49 21.76
C ASP G 340 30.04 -68.49 20.61
N GLU G 341 29.01 -69.33 20.53
CA GLU G 341 28.98 -70.39 19.54
C GLU G 341 28.89 -69.86 18.11
N THR G 342 28.10 -68.81 17.90
CA THR G 342 27.95 -68.23 16.57
C THR G 342 29.30 -67.79 16.03
N GLN G 343 30.07 -67.11 16.87
CA GLN G 343 31.39 -66.62 16.46
C GLN G 343 32.33 -67.79 16.24
N PHE G 344 32.28 -68.73 17.18
CA PHE G 344 33.01 -70.00 17.10
C PHE G 344 32.88 -70.60 15.70
N LYS G 345 31.64 -70.79 15.27
CA LYS G 345 31.38 -71.44 13.99
C LYS G 345 31.77 -70.57 12.80
N LYS G 346 31.44 -69.28 12.87
CA LYS G 346 31.85 -68.35 11.84
C LYS G 346 33.35 -68.43 11.57
N ILE G 347 34.14 -68.46 12.65
CA ILE G 347 35.58 -68.50 12.52
C ILE G 347 36.04 -69.80 11.87
N LEU G 348 35.52 -70.93 12.35
CA LEU G 348 35.88 -72.22 11.77
C LEU G 348 35.52 -72.23 10.28
N GLY G 349 34.38 -71.62 9.97
CA GLY G 349 33.92 -71.50 8.59
C GLY G 349 34.91 -70.73 7.72
N TYR G 350 35.46 -69.67 8.28
CA TYR G 350 36.43 -68.87 7.56
C TYR G 350 37.74 -69.63 7.36
N ILE G 351 38.18 -70.31 8.41
CA ILE G 351 39.37 -71.15 8.31
C ILE G 351 39.22 -72.13 7.16
N ASN G 352 38.05 -72.75 7.06
CA ASN G 352 37.78 -73.72 6.00
C ASN G 352 37.83 -73.07 4.63
N THR G 353 37.28 -71.87 4.54
CA THR G 353 37.32 -71.10 3.30
C THR G 353 38.76 -70.81 2.89
N GLY G 354 39.61 -70.55 3.89
CA GLY G 354 41.02 -70.30 3.65
C GLY G 354 41.69 -71.50 3.04
N LYS G 355 41.45 -72.65 3.64
CA LYS G 355 42.01 -73.90 3.14
C LYS G 355 41.51 -74.10 1.72
N GLN G 356 40.22 -73.92 1.54
CA GLN G 356 39.56 -74.18 0.27
C GLN G 356 40.10 -73.32 -0.87
N GLU G 357 40.46 -72.08 -0.55
CA GLU G 357 40.87 -71.14 -1.57
C GLU G 357 42.36 -71.18 -1.88
N GLY G 358 43.10 -72.03 -1.18
CA GLY G 358 44.49 -72.24 -1.52
C GLY G 358 45.51 -71.43 -0.74
N ALA G 359 45.09 -70.88 0.38
CA ALA G 359 46.05 -70.25 1.27
C ALA G 359 46.83 -71.35 1.99
N LYS G 360 48.10 -71.11 2.29
CA LYS G 360 48.90 -72.10 3.03
C LYS G 360 48.62 -72.06 4.52
N LEU G 361 47.88 -73.05 5.01
CA LEU G 361 47.75 -73.22 6.46
C LEU G 361 49.11 -73.60 7.05
N LEU G 362 49.67 -72.72 7.87
CA LEU G 362 51.00 -72.93 8.45
C LEU G 362 50.96 -73.46 9.87
N CYS G 363 49.83 -73.27 10.55
CA CYS G 363 49.65 -73.79 11.91
C CYS G 363 48.21 -73.56 12.39
N GLY G 364 47.85 -74.25 13.46
CA GLY G 364 46.49 -74.19 14.00
C GLY G 364 45.48 -74.72 12.99
N GLY G 365 44.32 -74.08 12.95
CA GLY G 365 43.33 -74.36 11.93
C GLY G 365 42.15 -75.13 12.47
N GLY G 366 42.15 -75.37 13.78
CA GLY G 366 41.09 -76.17 14.36
C GLY G 366 40.72 -75.81 15.78
N ILE G 367 39.73 -76.52 16.31
CA ILE G 367 39.26 -76.38 17.68
C ILE G 367 40.39 -76.70 18.68
N ALA G 368 40.44 -75.95 19.77
CA ALA G 368 41.57 -76.05 20.69
C ALA G 368 41.26 -76.74 22.03
N ALA G 369 39.98 -77.00 22.27
CA ALA G 369 39.56 -77.73 23.46
C ALA G 369 38.16 -78.26 23.20
N ASP G 370 37.65 -79.13 24.07
CA ASP G 370 36.34 -79.73 23.82
C ASP G 370 35.23 -79.21 24.72
N ARG G 371 35.57 -78.23 25.56
CA ARG G 371 34.56 -77.44 26.27
C ARG G 371 34.84 -75.98 26.00
N GLY G 372 33.78 -75.18 25.85
CA GLY G 372 33.94 -73.76 25.58
C GLY G 372 34.24 -73.54 24.10
N TYR G 373 34.52 -72.30 23.74
CA TYR G 373 34.68 -71.97 22.33
C TYR G 373 36.12 -71.59 21.99
N PHE G 374 37.04 -72.50 22.26
CA PHE G 374 38.46 -72.23 22.06
C PHE G 374 38.91 -72.64 20.66
N ILE G 375 39.71 -71.77 20.04
CA ILE G 375 40.21 -72.02 18.71
C ILE G 375 41.73 -71.89 18.67
N GLN G 376 42.39 -72.79 17.94
CA GLN G 376 43.84 -72.74 17.82
C GLN G 376 44.26 -71.47 17.10
N PRO G 377 45.29 -70.79 17.62
CA PRO G 377 45.92 -69.70 16.87
C PRO G 377 46.27 -70.22 15.48
N THR G 378 45.81 -69.52 14.45
CA THR G 378 45.92 -70.02 13.10
C THR G 378 46.63 -69.03 12.20
N VAL G 379 47.53 -69.52 11.37
CA VAL G 379 48.26 -68.65 10.45
C VAL G 379 48.19 -69.15 9.02
N PHE G 380 47.79 -68.27 8.11
CA PHE G 380 47.81 -68.54 6.68
C PHE G 380 48.91 -67.74 6.01
N GLY G 381 49.70 -68.39 5.18
CA GLY G 381 50.75 -67.73 4.42
C GLY G 381 50.38 -67.64 2.96
N ASP G 382 51.14 -66.87 2.19
CA ASP G 382 50.92 -66.74 0.76
C ASP G 382 49.48 -66.37 0.44
N VAL G 383 48.89 -65.53 1.30
CA VAL G 383 47.53 -65.08 1.10
C VAL G 383 47.47 -64.09 -0.08
N GLN G 384 46.42 -64.21 -0.90
CA GLN G 384 46.26 -63.32 -2.04
C GLN G 384 45.07 -62.39 -1.80
N ASP G 385 45.14 -61.18 -2.38
CA ASP G 385 44.14 -60.15 -2.13
C ASP G 385 42.73 -60.59 -2.46
N GLY G 386 42.59 -61.45 -3.45
CA GLY G 386 41.26 -61.86 -3.88
C GLY G 386 40.65 -62.93 -3.00
N MET G 387 41.44 -63.50 -2.11
CA MET G 387 40.91 -64.54 -1.24
C MET G 387 39.91 -63.96 -0.25
N THR G 388 38.92 -64.77 0.10
CA THR G 388 37.91 -64.40 1.07
C THR G 388 38.51 -63.99 2.43
N ILE G 389 39.45 -64.78 2.94
CA ILE G 389 40.04 -64.46 4.25
C ILE G 389 40.90 -63.20 4.19
N ALA G 390 41.15 -62.69 2.98
CA ALA G 390 41.92 -61.47 2.80
C ALA G 390 40.99 -60.26 2.67
N LYS G 391 39.70 -60.50 2.48
CA LYS G 391 38.74 -59.44 2.23
C LYS G 391 37.75 -59.23 3.37
N GLU G 392 37.36 -60.32 4.02
CA GLU G 392 36.30 -60.25 5.03
C GLU G 392 36.83 -60.31 6.45
N GLU G 393 36.13 -59.62 7.35
CA GLU G 393 36.54 -59.57 8.75
C GLU G 393 36.24 -60.88 9.45
N ILE G 394 37.29 -61.57 9.92
CA ILE G 394 37.16 -62.90 10.49
C ILE G 394 36.81 -62.81 11.97
N PHE G 395 37.43 -61.86 12.66
CA PHE G 395 37.17 -61.63 14.08
C PHE G 395 37.55 -62.79 14.98
N GLY G 396 38.60 -63.51 14.59
CA GLY G 396 39.09 -64.64 15.36
C GLY G 396 40.60 -64.72 15.27
N PRO G 397 41.20 -65.74 15.89
CA PRO G 397 42.66 -65.94 15.92
C PRO G 397 43.18 -66.48 14.60
N VAL G 398 43.03 -65.71 13.52
CA VAL G 398 43.39 -66.19 12.20
C VAL G 398 44.17 -65.11 11.48
N MET G 399 45.46 -65.34 11.30
CA MET G 399 46.37 -64.36 10.72
C MET G 399 46.57 -64.58 9.23
N GLN G 400 46.51 -63.50 8.46
CA GLN G 400 46.81 -63.56 7.03
C GLN G 400 48.14 -62.87 6.75
N ILE G 401 49.06 -63.58 6.09
CA ILE G 401 50.34 -62.98 5.73
C ILE G 401 50.50 -62.88 4.21
N LEU G 402 50.70 -61.66 3.73
CA LEU G 402 50.81 -61.44 2.31
C LEU G 402 52.18 -60.88 1.99
N LYS G 403 52.64 -61.09 0.77
CA LYS G 403 53.97 -60.69 0.37
C LYS G 403 53.85 -59.58 -0.64
N PHE G 404 54.76 -58.61 -0.60
CA PHE G 404 54.77 -57.53 -1.58
C PHE G 404 56.20 -57.09 -1.89
N LYS G 405 56.36 -56.33 -2.96
CA LYS G 405 57.68 -55.91 -3.38
C LYS G 405 57.93 -54.43 -3.12
N THR G 406 57.11 -53.56 -3.71
CA THR G 406 57.37 -52.12 -3.67
C THR G 406 56.39 -51.35 -2.79
N ILE G 407 56.82 -50.17 -2.37
CA ILE G 407 56.01 -49.33 -1.51
C ILE G 407 54.78 -48.80 -2.26
N GLU G 408 54.93 -48.51 -3.54
CA GLU G 408 53.79 -48.11 -4.35
C GLU G 408 52.76 -49.23 -4.42
N GLU G 409 53.25 -50.45 -4.60
CA GLU G 409 52.40 -51.62 -4.66
C GLU G 409 51.58 -51.80 -3.38
N VAL G 410 52.24 -51.74 -2.24
CA VAL G 410 51.59 -52.07 -0.99
C VAL G 410 50.55 -51.01 -0.61
N VAL G 411 50.83 -49.75 -0.95
CA VAL G 411 49.86 -48.69 -0.73
C VAL G 411 48.54 -48.97 -1.45
N GLY G 412 48.63 -49.29 -2.74
CA GLY G 412 47.46 -49.60 -3.52
C GLY G 412 46.70 -50.82 -3.04
N ARG G 413 47.41 -51.83 -2.56
CA ARG G 413 46.76 -53.03 -2.07
C ARG G 413 46.14 -52.81 -0.71
N ALA G 414 46.86 -52.16 0.18
CA ALA G 414 46.34 -51.85 1.51
C ALA G 414 45.06 -51.03 1.39
N ASN G 415 45.07 -50.02 0.52
CA ASN G 415 43.90 -49.16 0.32
C ASN G 415 42.79 -49.79 -0.50
N ASN G 416 43.08 -50.89 -1.19
CA ASN G 416 42.06 -51.56 -1.99
C ASN G 416 41.10 -52.40 -1.12
N SER G 417 40.19 -51.71 -0.44
CA SER G 417 39.29 -52.32 0.53
C SER G 417 38.19 -51.30 0.83
N THR G 418 37.03 -51.78 1.23
CA THR G 418 35.96 -50.88 1.60
C THR G 418 36.05 -50.56 3.09
N TYR G 419 37.00 -51.19 3.78
CA TYR G 419 37.28 -50.88 5.18
C TYR G 419 38.42 -49.88 5.24
N GLY G 420 38.59 -49.25 6.39
CA GLY G 420 39.59 -48.20 6.56
C GLY G 420 39.63 -47.72 8.00
N LEU G 421 39.52 -48.67 8.92
CA LEU G 421 39.52 -48.36 10.35
C LEU G 421 40.93 -48.00 10.82
N ALA G 422 41.89 -48.86 10.51
CA ALA G 422 43.26 -48.62 10.93
C ALA G 422 44.28 -49.21 9.96
N ALA G 423 45.55 -48.90 10.21
CA ALA G 423 46.66 -49.42 9.45
C ALA G 423 47.94 -49.22 10.27
N ALA G 424 48.99 -49.96 9.94
CA ALA G 424 50.26 -49.78 10.61
C ALA G 424 51.42 -49.91 9.64
N VAL G 425 52.53 -49.26 9.99
CA VAL G 425 53.71 -49.25 9.15
C VAL G 425 54.93 -49.51 10.04
N PHE G 426 55.72 -50.50 9.67
CA PHE G 426 56.97 -50.77 10.37
C PHE G 426 58.17 -50.52 9.48
N THR G 427 58.96 -49.51 9.85
CA THR G 427 60.11 -49.10 9.08
C THR G 427 60.98 -48.20 9.96
N LYS G 428 62.27 -48.13 9.66
CA LYS G 428 63.19 -47.25 10.37
C LYS G 428 63.35 -45.96 9.58
N ASP G 429 62.87 -45.96 8.35
CA ASP G 429 63.11 -44.84 7.45
C ASP G 429 62.10 -43.71 7.62
N LEU G 430 62.61 -42.50 7.88
CA LEU G 430 61.78 -41.30 8.03
C LEU G 430 60.84 -41.05 6.84
N ASP G 431 61.39 -40.97 5.65
CA ASP G 431 60.60 -40.73 4.44
C ASP G 431 59.51 -41.78 4.19
N LYS G 432 59.87 -43.06 4.32
CA LYS G 432 58.91 -44.14 4.12
C LYS G 432 57.75 -43.98 5.10
N ALA G 433 58.09 -43.78 6.37
CA ALA G 433 57.06 -43.59 7.39
C ALA G 433 56.10 -42.46 7.04
N ASN G 434 56.64 -41.32 6.61
CA ASN G 434 55.80 -40.18 6.28
C ASN G 434 54.98 -40.41 5.00
N TYR G 435 55.60 -41.02 4.00
CA TYR G 435 54.90 -41.35 2.76
C TYR G 435 53.70 -42.25 3.03
N LEU G 436 53.95 -43.34 3.76
CA LEU G 436 52.89 -44.31 4.06
C LEU G 436 51.77 -43.75 4.95
N SER G 437 52.13 -43.06 6.03
CA SER G 437 51.11 -42.52 6.93
C SER G 437 50.20 -41.52 6.22
N GLN G 438 50.75 -40.77 5.27
CA GLN G 438 49.92 -39.86 4.48
C GLN G 438 49.02 -40.61 3.51
N ALA G 439 49.56 -41.63 2.86
CA ALA G 439 48.88 -42.31 1.74
C ALA G 439 47.83 -43.34 2.16
N LEU G 440 47.98 -43.94 3.33
CA LEU G 440 47.03 -44.97 3.78
C LEU G 440 45.69 -44.35 4.11
N GLN G 441 44.62 -44.93 3.60
CA GLN G 441 43.28 -44.44 3.88
C GLN G 441 42.69 -45.11 5.11
N ALA G 442 43.09 -44.65 6.29
CA ALA G 442 42.62 -45.25 7.54
C ALA G 442 42.47 -44.23 8.67
N GLY G 443 41.54 -44.49 9.58
CA GLY G 443 41.29 -43.58 10.67
C GLY G 443 42.46 -43.43 11.62
N THR G 444 43.23 -44.49 11.78
CA THR G 444 44.45 -44.44 12.57
C THR G 444 45.59 -45.16 11.85
N VAL G 445 46.73 -44.47 11.70
CA VAL G 445 47.93 -45.11 11.19
C VAL G 445 48.96 -45.17 12.32
N TRP G 446 49.29 -46.38 12.75
CA TRP G 446 50.36 -46.58 13.74
C TRP G 446 51.68 -46.77 13.01
N VAL G 447 52.75 -46.20 13.58
CA VAL G 447 54.09 -46.36 13.01
C VAL G 447 54.99 -47.05 14.05
N ASN G 448 55.50 -48.23 13.69
CA ASN G 448 56.32 -49.05 14.58
C ASN G 448 55.64 -49.40 15.90
N CYS G 449 54.33 -49.53 15.86
CA CYS G 449 53.56 -49.98 17.00
C CYS G 449 52.21 -50.38 16.48
N TYR G 450 51.36 -50.93 17.34
CA TYR G 450 50.02 -51.28 16.92
C TYR G 450 49.11 -51.18 18.12
N ASP G 451 47.83 -50.89 17.88
CA ASP G 451 46.83 -50.90 18.95
C ASP G 451 47.25 -49.96 20.07
N VAL G 452 47.80 -48.81 19.71
CA VAL G 452 48.13 -47.80 20.71
C VAL G 452 46.96 -46.83 20.83
N PHE G 453 46.25 -46.93 21.94
CA PHE G 453 45.11 -46.07 22.19
C PHE G 453 45.37 -45.12 23.34
N GLY G 454 44.95 -43.88 23.16
CA GLY G 454 45.01 -42.90 24.22
C GLY G 454 43.70 -42.17 24.27
N ALA G 455 43.20 -41.93 25.47
CA ALA G 455 41.94 -41.23 25.63
C ALA G 455 42.00 -39.89 24.91
N GLN G 456 43.21 -39.40 24.66
CA GLN G 456 43.35 -38.08 24.06
C GLN G 456 43.44 -38.08 22.52
N SER G 457 43.62 -39.25 21.91
CA SER G 457 43.72 -39.35 20.44
C SER G 457 42.50 -40.00 19.80
N PRO G 458 41.91 -39.35 18.79
CA PRO G 458 40.65 -39.81 18.23
C PRO G 458 40.80 -41.16 17.53
N PHE G 459 39.68 -41.87 17.38
CA PHE G 459 39.67 -43.18 16.75
C PHE G 459 38.37 -43.36 15.98
N GLY G 460 38.44 -43.86 14.76
CA GLY G 460 37.25 -44.04 13.96
C GLY G 460 37.56 -44.40 12.51
N GLY G 461 36.54 -44.77 11.76
CA GLY G 461 36.77 -45.33 10.43
C GLY G 461 36.74 -44.36 9.27
N TYR G 462 37.53 -44.67 8.23
CA TYR G 462 37.31 -44.14 6.90
C TYR G 462 36.35 -45.09 6.19
N LYS G 463 35.76 -44.65 5.09
CA LYS G 463 34.93 -45.52 4.26
C LYS G 463 33.83 -46.24 5.03
N MET G 464 33.75 -47.55 4.88
CA MET G 464 32.67 -48.30 5.52
C MET G 464 33.05 -48.86 6.91
N SER G 465 34.20 -48.45 7.41
CA SER G 465 34.59 -48.77 8.77
C SER G 465 33.88 -47.86 9.78
N GLY G 466 33.13 -46.88 9.29
CA GLY G 466 32.35 -46.05 10.17
C GLY G 466 32.36 -44.59 9.78
N SER G 467 31.80 -43.76 10.64
CA SER G 467 31.83 -42.32 10.46
C SER G 467 31.80 -41.66 11.84
N GLY G 468 32.50 -40.54 11.97
CA GLY G 468 32.65 -39.89 13.26
C GLY G 468 33.85 -40.45 13.99
N ARG G 469 34.23 -39.79 15.07
CA ARG G 469 35.39 -40.19 15.84
C ARG G 469 35.04 -40.30 17.31
N GLU G 470 35.70 -41.22 17.99
CA GLU G 470 35.58 -41.34 19.43
C GLU G 470 36.92 -41.05 20.08
N LEU G 471 36.89 -40.72 21.37
CA LEU G 471 38.09 -40.33 22.09
C LEU G 471 38.58 -38.94 21.66
N GLY G 472 39.45 -38.35 22.47
CA GLY G 472 39.96 -37.02 22.19
C GLY G 472 38.90 -35.94 22.27
N GLU G 473 39.30 -34.72 21.88
CA GLU G 473 38.37 -33.63 21.80
C GLU G 473 37.30 -33.93 20.73
N TYR G 474 37.72 -34.61 19.67
CA TYR G 474 36.82 -34.95 18.56
C TYR G 474 35.62 -35.74 19.03
N GLY G 475 35.82 -36.55 20.07
CA GLY G 475 34.75 -37.36 20.61
C GLY G 475 33.59 -36.56 21.16
N LEU G 476 33.81 -35.28 21.39
CA LEU G 476 32.74 -34.43 21.94
C LEU G 476 31.78 -33.91 20.85
N GLN G 477 32.25 -33.85 19.62
CA GLN G 477 31.54 -33.16 18.55
C GLN G 477 30.15 -33.71 18.33
N ALA G 478 30.06 -35.04 18.20
CA ALA G 478 28.78 -35.69 17.93
C ALA G 478 27.82 -35.58 19.10
N TYR G 479 28.31 -35.14 20.25
CA TYR G 479 27.45 -35.00 21.40
C TYR G 479 27.05 -33.55 21.67
N THR G 480 27.34 -32.70 20.69
CA THR G 480 27.06 -31.28 20.81
C THR G 480 26.14 -30.81 19.69
N GLU G 481 25.14 -30.00 20.06
CA GLU G 481 24.31 -29.32 19.09
C GLU G 481 24.66 -27.84 19.16
N VAL G 482 24.93 -27.24 18.01
CA VAL G 482 25.40 -25.86 17.96
C VAL G 482 24.27 -24.86 17.73
N LYS G 483 24.15 -23.91 18.65
CA LYS G 483 23.19 -22.82 18.49
C LYS G 483 23.91 -21.51 18.27
N THR G 484 23.54 -20.79 17.22
CA THR G 484 24.01 -19.43 17.02
C THR G 484 23.02 -18.46 17.63
N VAL G 485 23.54 -17.49 18.39
CA VAL G 485 22.74 -16.39 18.92
C VAL G 485 23.30 -15.08 18.37
N THR G 486 22.43 -14.32 17.70
CA THR G 486 22.87 -13.12 17.03
C THR G 486 22.01 -11.95 17.48
N VAL G 487 22.65 -11.00 18.16
CA VAL G 487 21.97 -9.90 18.83
C VAL G 487 22.30 -8.57 18.18
N LYS G 488 21.26 -7.80 17.86
CA LYS G 488 21.43 -6.42 17.42
C LYS G 488 22.04 -5.60 18.55
N VAL G 489 23.09 -4.84 18.23
CA VAL G 489 23.67 -3.92 19.21
C VAL G 489 23.70 -2.52 18.66
N PRO G 490 23.75 -1.52 19.55
CA PRO G 490 23.72 -0.11 19.14
C PRO G 490 24.82 0.22 18.13
N GLN G 491 26.06 -0.21 18.41
CA GLN G 491 27.15 0.05 17.49
C GLN G 491 28.31 -0.92 17.70
N LYS G 492 28.57 -1.74 16.69
CA LYS G 492 29.62 -2.74 16.77
C LYS G 492 30.99 -2.11 16.63
N ASN G 493 31.86 -2.43 17.59
CA ASN G 493 33.26 -2.02 17.52
C ASN G 493 34.19 -3.22 17.68
N SER G 494 35.32 -3.19 17.00
CA SER G 494 36.34 -4.18 17.24
C SER G 494 36.84 -4.02 18.68
N ALA H 1 22.54 1.75 -5.11
CA ALA H 1 23.47 2.07 -6.18
C ALA H 1 23.57 0.93 -7.17
N VAL H 2 22.48 0.66 -7.89
CA VAL H 2 22.36 -0.57 -8.67
C VAL H 2 22.37 -0.35 -10.16
N PRO H 3 23.28 -1.04 -10.87
CA PRO H 3 23.38 -0.94 -12.34
C PRO H 3 22.11 -1.42 -13.01
N ALA H 4 21.73 -0.78 -14.11
CA ALA H 4 20.55 -1.21 -14.84
C ALA H 4 20.74 -2.62 -15.39
N PRO H 5 19.72 -3.47 -15.23
CA PRO H 5 19.80 -4.86 -15.65
C PRO H 5 19.47 -5.06 -17.12
N ASN H 6 20.08 -6.07 -17.72
CA ASN H 6 19.62 -6.62 -18.97
C ASN H 6 18.45 -7.53 -18.62
N GLN H 7 17.24 -7.15 -19.02
CA GLN H 7 16.05 -7.90 -18.60
C GLN H 7 15.83 -9.18 -19.39
N GLN H 8 16.72 -9.41 -20.35
CA GLN H 8 16.73 -10.67 -21.08
C GLN H 8 18.18 -11.08 -21.34
N PRO H 9 18.88 -11.48 -20.27
CA PRO H 9 20.28 -11.88 -20.38
C PRO H 9 20.40 -13.10 -21.29
N GLU H 10 21.46 -13.15 -22.08
CA GLU H 10 21.68 -14.31 -22.93
C GLU H 10 22.17 -15.48 -22.06
N VAL H 11 21.82 -16.70 -22.45
CA VAL H 11 22.26 -17.88 -21.73
C VAL H 11 23.42 -18.53 -22.47
N PHE H 12 24.51 -18.75 -21.75
CA PHE H 12 25.73 -19.29 -22.36
C PHE H 12 26.02 -20.72 -21.94
N CYS H 13 25.41 -21.17 -20.85
CA CYS H 13 25.70 -22.50 -20.32
C CYS H 13 24.42 -23.23 -19.96
N ASN H 14 24.22 -24.38 -20.55
CA ASN H 14 23.01 -25.16 -20.32
C ASN H 14 23.27 -26.66 -20.46
N GLN H 15 24.52 -27.05 -20.27
CA GLN H 15 24.88 -28.47 -20.36
C GLN H 15 25.42 -29.02 -19.04
N ILE H 16 25.85 -30.27 -19.09
CA ILE H 16 26.44 -30.93 -17.94
C ILE H 16 27.93 -30.61 -17.89
N PHE H 17 28.42 -30.23 -16.72
CA PHE H 17 29.79 -29.77 -16.56
C PHE H 17 30.68 -30.81 -15.92
N ILE H 18 31.57 -31.41 -16.71
CA ILE H 18 32.47 -32.46 -16.24
C ILE H 18 33.87 -32.27 -16.80
N ASN H 19 34.87 -32.31 -15.91
CA ASN H 19 36.25 -32.08 -16.29
C ASN H 19 36.45 -30.77 -17.03
N ASN H 20 35.74 -29.74 -16.56
CA ASN H 20 35.85 -28.41 -17.15
C ASN H 20 35.44 -28.38 -18.62
N GLU H 21 34.56 -29.30 -19.01
CA GLU H 21 34.02 -29.32 -20.37
C GLU H 21 32.51 -29.47 -20.30
N TRP H 22 31.84 -29.02 -21.36
CA TRP H 22 30.39 -29.08 -21.42
C TRP H 22 29.96 -30.31 -22.20
N HIS H 23 28.94 -31.00 -21.70
CA HIS H 23 28.48 -32.24 -22.30
C HIS H 23 26.96 -32.31 -22.34
N ASP H 24 26.43 -32.96 -23.38
CA ASP H 24 25.02 -33.31 -23.40
C ASP H 24 24.85 -34.51 -22.50
N ALA H 25 23.63 -34.72 -22.00
CA ALA H 25 23.32 -35.97 -21.31
C ALA H 25 23.60 -37.12 -22.25
N VAL H 26 23.96 -38.27 -21.68
CA VAL H 26 24.20 -39.46 -22.48
C VAL H 26 22.96 -39.74 -23.32
N SER H 27 21.80 -39.50 -22.71
CA SER H 27 20.51 -39.74 -23.36
C SER H 27 20.13 -38.67 -24.37
N ARG H 28 20.86 -37.54 -24.34
CA ARG H 28 20.58 -36.40 -25.21
C ARG H 28 19.28 -35.68 -24.83
N LYS H 29 18.59 -36.20 -23.81
CA LYS H 29 17.38 -35.53 -23.33
C LYS H 29 17.69 -34.15 -22.76
N THR H 30 16.71 -33.25 -22.84
CA THR H 30 16.82 -31.93 -22.25
C THR H 30 15.51 -31.62 -21.55
N PHE H 31 15.52 -30.61 -20.70
CA PHE H 31 14.31 -30.16 -20.04
C PHE H 31 14.24 -28.64 -20.07
N PRO H 32 13.03 -28.08 -20.12
CA PRO H 32 12.87 -26.63 -20.14
C PRO H 32 12.99 -26.05 -18.75
N THR H 33 13.60 -24.88 -18.64
CA THR H 33 13.52 -24.10 -17.42
C THR H 33 12.70 -22.83 -17.70
N VAL H 34 11.79 -22.51 -16.79
CA VAL H 34 10.80 -21.48 -17.02
C VAL H 34 11.11 -20.17 -16.30
N ASN H 35 10.71 -19.07 -16.92
CA ASN H 35 10.69 -17.76 -16.27
C ASN H 35 9.38 -17.62 -15.48
N PRO H 36 9.46 -17.67 -14.14
CA PRO H 36 8.26 -17.70 -13.29
C PRO H 36 7.44 -16.42 -13.38
N SER H 37 8.04 -15.36 -13.91
CA SER H 37 7.34 -14.10 -14.06
C SER H 37 6.39 -14.12 -15.26
N THR H 38 6.74 -14.90 -16.29
CA THR H 38 5.96 -14.94 -17.52
C THR H 38 5.33 -16.31 -17.78
N GLY H 39 5.95 -17.35 -17.25
CA GLY H 39 5.52 -18.72 -17.54
C GLY H 39 6.10 -19.20 -18.85
N GLU H 40 6.93 -18.37 -19.49
CA GLU H 40 7.55 -18.74 -20.75
C GLU H 40 8.84 -19.54 -20.52
N VAL H 41 9.12 -20.46 -21.42
CA VAL H 41 10.36 -21.21 -21.37
C VAL H 41 11.55 -20.31 -21.70
N ILE H 42 12.52 -20.28 -20.79
CA ILE H 42 13.73 -19.51 -21.03
C ILE H 42 14.61 -20.25 -22.03
N CYS H 43 14.88 -21.51 -21.73
CA CYS H 43 15.67 -22.33 -22.62
C CYS H 43 15.64 -23.77 -22.17
N GLN H 44 16.32 -24.59 -22.96
CA GLN H 44 16.37 -26.02 -22.72
C GLN H 44 17.68 -26.31 -21.97
N VAL H 45 17.68 -27.35 -21.14
CA VAL H 45 18.85 -27.70 -20.34
C VAL H 45 19.10 -29.21 -20.34
N ALA H 46 20.37 -29.61 -20.40
CA ALA H 46 20.72 -31.03 -20.44
C ALA H 46 20.13 -31.75 -19.23
N GLU H 47 19.46 -32.88 -19.48
CA GLU H 47 18.83 -33.61 -18.40
C GLU H 47 19.69 -34.77 -17.93
N GLY H 48 20.55 -34.51 -16.95
CA GLY H 48 21.45 -35.53 -16.43
C GLY H 48 20.69 -36.62 -15.69
N ASP H 49 21.22 -37.84 -15.80
CA ASP H 49 20.67 -39.00 -15.11
C ASP H 49 21.83 -39.82 -14.54
N LYS H 50 21.53 -41.05 -14.11
CA LYS H 50 22.51 -41.90 -13.46
C LYS H 50 23.82 -42.02 -14.23
N GLU H 51 23.74 -42.24 -15.54
CA GLU H 51 24.94 -42.43 -16.33
C GLU H 51 25.82 -41.19 -16.34
N ASP H 52 25.18 -40.02 -16.30
CA ASP H 52 25.90 -38.75 -16.29
C ASP H 52 26.56 -38.51 -14.94
N VAL H 53 25.80 -38.76 -13.88
CA VAL H 53 26.33 -38.71 -12.52
C VAL H 53 27.54 -39.63 -12.40
N ASP H 54 27.43 -40.84 -12.96
CA ASP H 54 28.54 -41.80 -12.92
C ASP H 54 29.81 -41.24 -13.55
N LYS H 55 29.66 -40.57 -14.70
CA LYS H 55 30.81 -39.96 -15.35
C LYS H 55 31.40 -38.86 -14.48
N ALA H 56 30.52 -38.07 -13.87
CA ALA H 56 30.94 -36.96 -13.02
C ALA H 56 31.71 -37.47 -11.80
N VAL H 57 31.20 -38.55 -11.19
CA VAL H 57 31.84 -39.12 -10.02
C VAL H 57 33.23 -39.67 -10.36
N LYS H 58 33.37 -40.29 -11.53
CA LYS H 58 34.66 -40.82 -11.94
C LYS H 58 35.67 -39.70 -12.17
N ALA H 59 35.21 -38.61 -12.79
CA ALA H 59 36.07 -37.47 -13.02
C ALA H 59 36.56 -36.88 -11.69
N ALA H 60 35.64 -36.77 -10.74
CA ALA H 60 35.96 -36.28 -9.39
C ALA H 60 36.96 -37.20 -8.68
N ARG H 61 36.67 -38.51 -8.68
CA ARG H 61 37.58 -39.49 -8.08
C ARG H 61 38.99 -39.35 -8.66
N ALA H 62 39.07 -39.18 -9.98
CA ALA H 62 40.37 -39.06 -10.64
C ALA H 62 41.07 -37.79 -10.20
N ALA H 63 40.32 -36.70 -10.11
CA ALA H 63 40.90 -35.45 -9.70
C ALA H 63 41.36 -35.51 -8.23
N PHE H 64 40.81 -36.46 -7.47
CA PHE H 64 41.14 -36.59 -6.05
C PHE H 64 42.23 -37.61 -5.78
N GLN H 65 42.77 -38.21 -6.85
CA GLN H 65 43.86 -39.17 -6.70
C GLN H 65 45.11 -38.59 -6.06
N LEU H 66 45.69 -39.34 -5.14
CA LEU H 66 46.94 -38.95 -4.50
C LEU H 66 47.94 -38.58 -5.59
N GLY H 67 48.58 -37.42 -5.45
CA GLY H 67 49.58 -36.98 -6.41
C GLY H 67 49.02 -36.13 -7.54
N SER H 68 47.70 -35.96 -7.55
CA SER H 68 47.03 -35.12 -8.55
C SER H 68 47.33 -33.65 -8.28
N PRO H 69 47.15 -32.80 -9.29
CA PRO H 69 47.38 -31.37 -9.09
C PRO H 69 46.56 -30.83 -7.94
N TRP H 70 45.30 -31.25 -7.82
CA TRP H 70 44.44 -30.76 -6.75
C TRP H 70 44.90 -31.22 -5.36
N ARG H 71 45.39 -32.46 -5.28
CA ARG H 71 45.86 -33.00 -4.00
C ARG H 71 47.21 -32.42 -3.58
N ARG H 72 48.06 -32.11 -4.54
CA ARG H 72 49.41 -31.64 -4.24
C ARG H 72 49.46 -30.14 -4.06
N MET H 73 48.47 -29.45 -4.60
CA MET H 73 48.38 -28.00 -4.51
C MET H 73 48.47 -27.49 -3.06
N ASP H 74 49.24 -26.42 -2.85
CA ASP H 74 49.33 -25.78 -1.53
C ASP H 74 47.93 -25.34 -1.05
N ALA H 75 47.66 -25.56 0.22
CA ALA H 75 46.36 -25.17 0.79
C ALA H 75 46.10 -23.70 0.53
N SER H 76 47.14 -22.88 0.70
CA SER H 76 47.03 -21.44 0.49
C SER H 76 46.67 -21.10 -0.96
N HIS H 77 47.08 -21.95 -1.90
CA HIS H 77 46.75 -21.74 -3.30
C HIS H 77 45.28 -22.07 -3.58
N ARG H 78 44.74 -23.07 -2.89
CA ARG H 78 43.30 -23.28 -2.90
C ARG H 78 42.59 -21.98 -2.54
N GLY H 79 43.14 -21.25 -1.56
CA GLY H 79 42.56 -19.99 -1.14
C GLY H 79 42.66 -18.94 -2.24
N ARG H 80 43.82 -18.83 -2.87
CA ARG H 80 43.97 -17.94 -4.01
C ARG H 80 42.90 -18.24 -5.04
N LEU H 81 42.68 -19.52 -5.32
CA LEU H 81 41.73 -19.92 -6.35
C LEU H 81 40.30 -19.51 -6.00
N LEU H 82 39.92 -19.70 -4.75
CA LEU H 82 38.61 -19.26 -4.29
C LEU H 82 38.44 -17.75 -4.43
N ASN H 83 39.48 -16.99 -4.09
CA ASN H 83 39.45 -15.53 -4.26
C ASN H 83 39.34 -15.10 -5.73
N ARG H 84 40.04 -15.80 -6.60
CA ARG H 84 39.90 -15.58 -8.04
C ARG H 84 38.46 -15.79 -8.50
N LEU H 85 37.89 -16.93 -8.13
CA LEU H 85 36.49 -17.20 -8.45
C LEU H 85 35.59 -16.06 -7.98
N ALA H 86 35.79 -15.62 -6.73
CA ALA H 86 34.98 -14.53 -6.20
C ALA H 86 35.16 -13.27 -7.07
N ASP H 87 36.40 -12.97 -7.44
CA ASP H 87 36.68 -11.85 -8.33
C ASP H 87 35.95 -11.97 -9.67
N LEU H 88 35.97 -13.16 -10.27
CA LEU H 88 35.29 -13.36 -11.55
C LEU H 88 33.77 -13.19 -11.40
N ILE H 89 33.23 -13.72 -10.31
CA ILE H 89 31.81 -13.55 -10.02
C ILE H 89 31.46 -12.07 -9.83
N GLU H 90 32.31 -11.34 -9.14
CA GLU H 90 32.08 -9.90 -9.00
C GLU H 90 32.12 -9.21 -10.37
N ARG H 91 33.09 -9.57 -11.20
CA ARG H 91 33.19 -9.01 -12.55
C ARG H 91 31.87 -9.18 -13.31
N ASP H 92 31.24 -10.34 -13.17
CA ASP H 92 30.02 -10.64 -13.90
C ASP H 92 28.80 -10.53 -12.99
N ARG H 93 28.89 -9.69 -11.97
CA ARG H 93 27.83 -9.52 -10.99
C ARG H 93 26.49 -9.07 -11.59
N THR H 94 26.54 -8.05 -12.44
CA THR H 94 25.32 -7.48 -13.04
C THR H 94 24.62 -8.53 -13.88
N TYR H 95 25.39 -9.23 -14.70
CA TYR H 95 24.85 -10.33 -15.51
C TYR H 95 24.20 -11.41 -14.64
N LEU H 96 24.95 -11.88 -13.64
CA LEU H 96 24.48 -12.98 -12.80
C LEU H 96 23.20 -12.65 -12.01
N ALA H 97 23.15 -11.43 -11.48
CA ALA H 97 21.96 -10.98 -10.75
C ALA H 97 20.73 -10.98 -11.66
N ALA H 98 20.92 -10.55 -12.91
CA ALA H 98 19.81 -10.53 -13.87
C ALA H 98 19.37 -11.94 -14.21
N LEU H 99 20.35 -12.81 -14.50
CA LEU H 99 20.05 -14.19 -14.84
C LEU H 99 19.34 -14.88 -13.67
N GLU H 100 19.78 -14.56 -12.45
CA GLU H 100 19.21 -15.14 -11.24
C GLU H 100 17.74 -14.76 -11.17
N THR H 101 17.45 -13.47 -11.34
CA THR H 101 16.09 -12.96 -11.34
C THR H 101 15.24 -13.59 -12.46
N LEU H 102 15.84 -13.73 -13.64
CA LEU H 102 15.14 -14.31 -14.78
C LEU H 102 14.66 -15.72 -14.49
N ASP H 103 15.50 -16.54 -13.89
CA ASP H 103 15.17 -17.94 -13.71
C ASP H 103 14.43 -18.23 -12.39
N ASN H 104 14.72 -17.44 -11.37
CA ASN H 104 14.16 -17.66 -10.03
C ASN H 104 12.92 -16.82 -9.73
N GLY H 105 12.96 -15.54 -10.12
CA GLY H 105 11.82 -14.66 -9.93
C GLY H 105 12.03 -13.54 -8.92
N LYS H 106 13.06 -13.67 -8.07
CA LYS H 106 13.30 -12.66 -7.05
C LYS H 106 13.67 -11.30 -7.67
N PRO H 107 13.31 -10.22 -6.99
CA PRO H 107 13.60 -8.88 -7.51
C PRO H 107 15.08 -8.69 -7.81
N TYR H 108 15.37 -8.12 -8.97
CA TYR H 108 16.75 -7.92 -9.44
C TYR H 108 17.57 -7.08 -8.47
N VAL H 109 16.91 -6.14 -7.80
CA VAL H 109 17.62 -5.30 -6.85
C VAL H 109 18.15 -6.16 -5.70
N ILE H 110 17.35 -7.13 -5.29
CA ILE H 110 17.76 -8.04 -4.24
C ILE H 110 18.85 -9.01 -4.70
N SER H 111 18.66 -9.61 -5.87
CA SER H 111 19.67 -10.47 -6.48
C SER H 111 21.02 -9.78 -6.48
N TYR H 112 21.02 -8.50 -6.83
CA TYR H 112 22.26 -7.76 -7.02
C TYR H 112 22.88 -7.34 -5.69
N LEU H 113 22.08 -6.74 -4.82
CA LEU H 113 22.60 -6.20 -3.57
C LEU H 113 22.73 -7.25 -2.47
N VAL H 114 21.88 -8.28 -2.52
CA VAL H 114 21.85 -9.27 -1.45
C VAL H 114 22.53 -10.58 -1.85
N ASP H 115 21.88 -11.33 -2.74
CA ASP H 115 22.38 -12.64 -3.14
C ASP H 115 23.85 -12.63 -3.60
N LEU H 116 24.18 -11.72 -4.50
CA LEU H 116 25.51 -11.72 -5.05
C LEU H 116 26.55 -11.24 -4.05
N ASP H 117 26.18 -10.28 -3.21
CA ASP H 117 27.07 -9.83 -2.16
C ASP H 117 27.37 -10.98 -1.21
N MET H 118 26.33 -11.71 -0.83
CA MET H 118 26.47 -12.80 0.10
C MET H 118 27.29 -13.93 -0.51
N VAL H 119 27.13 -14.14 -1.82
CA VAL H 119 27.94 -15.12 -2.53
C VAL H 119 29.41 -14.76 -2.43
N LEU H 120 29.72 -13.50 -2.69
CA LEU H 120 31.10 -13.01 -2.67
C LEU H 120 31.72 -13.13 -1.27
N LYS H 121 30.93 -12.81 -0.25
CA LYS H 121 31.41 -12.84 1.13
C LYS H 121 31.66 -14.26 1.58
N CYS H 122 30.79 -15.17 1.18
CA CYS H 122 30.95 -16.58 1.52
C CYS H 122 32.23 -17.14 0.96
N LEU H 123 32.45 -16.95 -0.35
CA LEU H 123 33.63 -17.48 -1.03
C LEU H 123 34.91 -16.84 -0.49
N ARG H 124 34.88 -15.53 -0.29
CA ARG H 124 36.05 -14.84 0.22
C ARG H 124 36.35 -15.27 1.65
N TYR H 125 35.30 -15.52 2.44
CA TYR H 125 35.49 -15.99 3.80
C TYR H 125 36.19 -17.34 3.78
N TYR H 126 35.65 -18.27 3.00
CA TYR H 126 36.22 -19.61 2.97
C TYR H 126 37.60 -19.69 2.33
N ALA H 127 37.87 -18.78 1.40
CA ALA H 127 39.20 -18.67 0.85
C ALA H 127 40.20 -18.53 2.00
N GLY H 128 39.84 -17.70 2.98
CA GLY H 128 40.68 -17.50 4.15
C GLY H 128 40.92 -18.73 5.00
N TRP H 129 39.99 -19.68 5.00
CA TRP H 129 40.11 -20.89 5.81
C TRP H 129 41.05 -21.94 5.23
N ALA H 130 41.30 -21.86 3.93
CA ALA H 130 41.93 -22.97 3.21
C ALA H 130 43.20 -23.51 3.85
N ASP H 131 44.01 -22.62 4.42
CA ASP H 131 45.26 -23.05 5.04
C ASP H 131 45.29 -22.77 6.54
N LYS H 132 44.11 -22.79 7.18
CA LYS H 132 44.04 -22.45 8.60
C LYS H 132 43.31 -23.46 9.48
N TYR H 133 42.85 -24.56 8.90
CA TYR H 133 42.11 -25.56 9.67
C TYR H 133 43.03 -26.65 10.20
N HIS H 134 43.71 -26.37 11.32
CA HIS H 134 44.78 -27.24 11.81
C HIS H 134 44.30 -28.56 12.40
N GLY H 135 45.13 -29.59 12.28
CA GLY H 135 44.97 -30.79 13.07
C GLY H 135 45.68 -30.58 14.40
N LYS H 136 45.85 -31.62 15.18
CA LYS H 136 46.39 -31.44 16.51
C LYS H 136 47.63 -32.31 16.76
N THR H 137 48.53 -31.82 17.59
CA THR H 137 49.54 -32.67 18.20
C THR H 137 49.06 -32.96 19.60
N ILE H 138 49.15 -34.22 20.00
CA ILE H 138 48.39 -34.73 21.15
C ILE H 138 49.31 -35.42 22.15
N PRO H 139 49.24 -34.99 23.42
CA PRO H 139 50.07 -35.52 24.52
C PRO H 139 49.54 -36.86 25.04
N ILE H 140 49.67 -37.89 24.22
CA ILE H 140 49.13 -39.21 24.52
C ILE H 140 50.01 -39.93 25.54
N ASP H 141 49.43 -40.85 26.32
CA ASP H 141 50.20 -41.63 27.29
C ASP H 141 51.26 -42.44 26.58
N GLY H 142 52.38 -42.69 27.26
CA GLY H 142 53.39 -43.56 26.68
C GLY H 142 54.42 -42.89 25.79
N ASP H 143 55.40 -43.66 25.34
CA ASP H 143 56.47 -43.13 24.51
C ASP H 143 56.03 -43.05 23.06
N PHE H 144 55.12 -42.12 22.78
CA PHE H 144 54.63 -41.95 21.41
C PHE H 144 54.47 -40.49 21.05
N PHE H 145 54.57 -40.22 19.76
CA PHE H 145 54.20 -38.94 19.19
C PHE H 145 52.91 -39.18 18.44
N SER H 146 51.84 -38.50 18.86
CA SER H 146 50.55 -38.70 18.25
C SER H 146 50.00 -37.38 17.72
N TYR H 147 49.49 -37.41 16.49
CA TYR H 147 48.90 -36.23 15.92
C TYR H 147 47.78 -36.59 14.93
N THR H 148 47.00 -35.58 14.54
CA THR H 148 45.94 -35.81 13.59
C THR H 148 46.17 -35.01 12.32
N ARG H 149 45.85 -35.62 11.19
CA ARG H 149 45.73 -34.90 9.94
C ARG H 149 44.25 -34.62 9.70
N HIS H 150 43.96 -33.41 9.26
CA HIS H 150 42.62 -33.10 8.81
C HIS H 150 42.62 -33.23 7.30
N GLU H 151 42.15 -34.37 6.81
CA GLU H 151 42.19 -34.65 5.37
C GLU H 151 40.84 -34.32 4.74
N PRO H 152 40.82 -34.16 3.41
CA PRO H 152 39.52 -33.96 2.77
C PRO H 152 38.73 -35.24 2.89
N VAL H 153 37.41 -35.14 3.09
CA VAL H 153 36.56 -36.32 3.16
C VAL H 153 36.51 -37.04 1.79
N GLY H 154 36.73 -36.30 0.70
CA GLY H 154 36.87 -36.90 -0.62
C GLY H 154 35.88 -36.37 -1.68
N VAL H 155 35.21 -37.30 -2.35
CA VAL H 155 34.20 -36.95 -3.35
C VAL H 155 32.88 -36.60 -2.68
N CYS H 156 32.46 -35.34 -2.84
CA CYS H 156 31.28 -34.83 -2.17
C CYS H 156 30.13 -34.55 -3.12
N GLY H 157 29.03 -35.25 -2.90
CA GLY H 157 27.80 -34.98 -3.64
C GLY H 157 27.08 -33.84 -2.96
N GLN H 158 26.72 -32.83 -3.74
CA GLN H 158 26.06 -31.65 -3.20
C GLN H 158 24.78 -31.37 -3.98
N ILE H 159 23.67 -31.34 -3.25
CA ILE H 159 22.35 -31.17 -3.86
C ILE H 159 21.72 -29.92 -3.30
N ILE H 160 21.44 -28.96 -4.18
CA ILE H 160 20.91 -27.67 -3.73
C ILE H 160 19.54 -27.34 -4.34
N PRO H 161 18.73 -26.56 -3.62
CA PRO H 161 17.38 -26.20 -4.01
C PRO H 161 17.35 -24.93 -4.87
N TRP H 162 16.16 -24.38 -5.10
CA TRP H 162 15.96 -23.32 -6.08
C TRP H 162 15.75 -21.95 -5.48
N ASN H 163 15.60 -21.86 -4.16
CA ASN H 163 15.21 -20.59 -3.56
C ASN H 163 16.33 -19.55 -3.49
N PHE H 164 17.57 -20.03 -3.39
CA PHE H 164 18.74 -19.14 -3.44
C PHE H 164 19.82 -19.80 -4.28
N PRO H 165 19.59 -19.90 -5.59
CA PRO H 165 20.46 -20.73 -6.45
C PRO H 165 21.95 -20.43 -6.28
N LEU H 166 22.35 -19.20 -6.57
CA LEU H 166 23.76 -18.82 -6.48
C LEU H 166 24.31 -18.94 -5.06
N LEU H 167 23.56 -18.44 -4.08
CA LEU H 167 24.00 -18.47 -2.69
C LEU H 167 24.23 -19.90 -2.19
N MET H 168 23.29 -20.80 -2.49
CA MET H 168 23.40 -22.20 -2.04
C MET H 168 24.62 -22.85 -2.65
N GLN H 169 24.88 -22.54 -3.91
CA GLN H 169 26.08 -23.07 -4.56
C GLN H 169 27.34 -22.62 -3.82
N ALA H 170 27.36 -21.36 -3.41
CA ALA H 170 28.49 -20.81 -2.69
C ALA H 170 28.66 -21.44 -1.29
N TRP H 171 27.56 -21.56 -0.56
CA TRP H 171 27.61 -22.18 0.77
C TRP H 171 28.13 -23.62 0.71
N LYS H 172 28.00 -24.24 -0.45
CA LYS H 172 28.45 -25.61 -0.63
C LYS H 172 29.88 -25.68 -1.13
N LEU H 173 30.20 -24.89 -2.15
CA LEU H 173 31.51 -24.96 -2.78
C LEU H 173 32.61 -24.41 -1.87
N GLY H 174 32.30 -23.34 -1.13
CA GLY H 174 33.29 -22.67 -0.29
C GLY H 174 34.02 -23.58 0.67
N PRO H 175 33.27 -24.21 1.59
CA PRO H 175 33.89 -25.09 2.59
C PRO H 175 34.52 -26.34 1.96
N ALA H 176 33.85 -26.89 0.94
CA ALA H 176 34.33 -28.09 0.28
C ALA H 176 35.67 -27.89 -0.43
N LEU H 177 35.77 -26.80 -1.18
CA LEU H 177 36.98 -26.50 -1.93
C LEU H 177 38.09 -26.01 -1.00
N ALA H 178 37.73 -25.16 -0.04
CA ALA H 178 38.71 -24.69 0.92
C ALA H 178 39.44 -25.86 1.60
N THR H 179 38.73 -26.95 1.86
CA THR H 179 39.36 -28.10 2.52
C THR H 179 39.87 -29.16 1.56
N GLY H 180 39.89 -28.87 0.26
CA GLY H 180 40.56 -29.73 -0.69
C GLY H 180 39.75 -30.91 -1.20
N ASN H 181 38.43 -30.85 -1.06
CA ASN H 181 37.57 -31.91 -1.59
C ASN H 181 37.29 -31.71 -3.06
N VAL H 182 36.60 -32.67 -3.66
CA VAL H 182 36.09 -32.52 -5.02
C VAL H 182 34.59 -32.69 -4.92
N VAL H 183 33.83 -32.08 -5.84
CA VAL H 183 32.37 -32.16 -5.77
C VAL H 183 31.66 -32.57 -7.07
N VAL H 184 30.53 -33.24 -6.87
CA VAL H 184 29.56 -33.49 -7.91
C VAL H 184 28.28 -32.84 -7.41
N MET H 185 27.85 -31.79 -8.10
CA MET H 185 26.75 -30.97 -7.63
C MET H 185 25.52 -31.14 -8.51
N LYS H 186 24.37 -31.33 -7.87
CA LYS H 186 23.09 -31.37 -8.54
C LYS H 186 22.33 -30.11 -8.22
N VAL H 187 22.07 -29.28 -9.24
CA VAL H 187 21.31 -28.06 -9.03
C VAL H 187 19.83 -28.27 -9.37
N ALA H 188 19.00 -27.35 -8.91
CA ALA H 188 17.54 -27.50 -9.02
C ALA H 188 17.06 -27.25 -10.45
N GLU H 189 16.15 -28.11 -10.92
CA GLU H 189 15.64 -28.02 -12.29
C GLU H 189 14.94 -26.68 -12.53
N GLN H 190 14.36 -26.10 -11.48
CA GLN H 190 13.75 -24.77 -11.60
C GLN H 190 14.79 -23.67 -11.88
N THR H 191 16.01 -23.87 -11.39
CA THR H 191 17.01 -22.79 -11.39
C THR H 191 18.41 -23.27 -11.67
N PRO H 192 18.64 -23.83 -12.87
CA PRO H 192 19.97 -24.41 -13.13
C PRO H 192 20.96 -23.39 -13.68
N LEU H 193 20.46 -22.32 -14.30
CA LEU H 193 21.28 -21.52 -15.20
C LEU H 193 22.47 -20.80 -14.53
N THR H 194 22.22 -20.05 -13.47
CA THR H 194 23.30 -19.32 -12.83
C THR H 194 24.43 -20.22 -12.32
N ALA H 195 24.08 -21.39 -11.82
CA ALA H 195 25.09 -22.28 -11.27
C ALA H 195 25.98 -22.80 -12.40
N LEU H 196 25.36 -23.04 -13.54
CA LEU H 196 26.09 -23.52 -14.73
C LEU H 196 27.04 -22.44 -15.24
N TYR H 197 26.62 -21.19 -15.20
CA TYR H 197 27.51 -20.12 -15.62
C TYR H 197 28.71 -20.00 -14.69
N VAL H 198 28.46 -20.15 -13.39
CA VAL H 198 29.55 -20.10 -12.41
C VAL H 198 30.58 -21.19 -12.68
N ALA H 199 30.13 -22.34 -13.18
CA ALA H 199 31.05 -23.43 -13.54
C ALA H 199 32.04 -22.95 -14.59
N ASN H 200 31.57 -22.11 -15.50
CA ASN H 200 32.43 -21.52 -16.49
C ASN H 200 33.51 -20.70 -15.80
N LEU H 201 33.10 -19.96 -14.77
CA LEU H 201 34.02 -19.13 -14.01
C LEU H 201 35.01 -19.98 -13.22
N ILE H 202 34.52 -21.11 -12.72
CA ILE H 202 35.36 -22.07 -11.99
C ILE H 202 36.50 -22.52 -12.89
N LYS H 203 36.16 -22.83 -14.14
CA LYS H 203 37.16 -23.17 -15.14
C LYS H 203 38.10 -21.99 -15.37
N GLU H 204 37.53 -20.81 -15.55
CA GLU H 204 38.32 -19.62 -15.86
C GLU H 204 39.27 -19.27 -14.73
N ALA H 205 38.85 -19.54 -13.50
CA ALA H 205 39.66 -19.24 -12.32
C ALA H 205 40.90 -20.13 -12.25
N GLY H 206 40.82 -21.31 -12.85
CA GLY H 206 41.97 -22.20 -12.85
C GLY H 206 41.88 -23.45 -11.98
N PHE H 207 40.67 -23.80 -11.56
CA PHE H 207 40.49 -25.05 -10.84
C PHE H 207 40.76 -26.24 -11.75
N PRO H 208 41.60 -27.18 -11.31
CA PRO H 208 41.85 -28.38 -12.11
C PRO H 208 40.56 -29.09 -12.52
N PRO H 209 40.58 -29.72 -13.70
CA PRO H 209 39.41 -30.43 -14.24
C PRO H 209 38.99 -31.54 -13.29
N GLY H 210 37.68 -31.70 -13.08
CA GLY H 210 37.19 -32.75 -12.21
C GLY H 210 36.97 -32.32 -10.78
N VAL H 211 37.54 -31.17 -10.40
CA VAL H 211 37.41 -30.70 -9.03
C VAL H 211 35.97 -30.30 -8.73
N VAL H 212 35.35 -29.56 -9.65
CA VAL H 212 33.93 -29.26 -9.54
C VAL H 212 33.21 -29.79 -10.79
N ASN H 213 32.18 -30.61 -10.57
CA ASN H 213 31.35 -31.10 -11.66
C ASN H 213 29.90 -30.82 -11.36
N ILE H 214 29.17 -30.30 -12.36
CA ILE H 214 27.74 -30.01 -12.16
C ILE H 214 26.82 -30.79 -13.10
N VAL H 215 25.81 -31.41 -12.52
CA VAL H 215 24.87 -32.23 -13.28
C VAL H 215 23.44 -31.72 -13.05
N PRO H 216 22.93 -30.93 -14.01
CA PRO H 216 21.52 -30.49 -13.99
C PRO H 216 20.62 -31.70 -14.26
N GLY H 217 19.40 -31.67 -13.75
CA GLY H 217 18.49 -32.78 -13.96
C GLY H 217 17.46 -32.84 -12.86
N PHE H 218 16.74 -33.95 -12.80
CA PHE H 218 15.66 -34.09 -11.84
C PHE H 218 16.11 -34.83 -10.58
N GLY H 219 15.34 -34.70 -9.50
CA GLY H 219 15.74 -35.21 -8.21
C GLY H 219 15.73 -36.72 -8.10
N PRO H 220 14.63 -37.37 -8.50
CA PRO H 220 14.50 -38.82 -8.37
C PRO H 220 15.46 -39.55 -9.31
N THR H 221 16.11 -38.81 -10.20
CA THR H 221 17.09 -39.42 -11.10
C THR H 221 18.52 -39.04 -10.70
N ALA H 222 18.93 -37.84 -11.09
CA ALA H 222 20.30 -37.39 -10.83
C ALA H 222 20.58 -37.29 -9.33
N GLY H 223 19.65 -36.71 -8.58
CA GLY H 223 19.82 -36.56 -7.14
C GLY H 223 19.96 -37.90 -6.44
N ALA H 224 19.05 -38.81 -6.74
CA ALA H 224 19.07 -40.14 -6.14
C ALA H 224 20.34 -40.92 -6.52
N ALA H 225 20.85 -40.70 -7.73
CA ALA H 225 22.08 -41.34 -8.18
C ALA H 225 23.28 -40.90 -7.31
N ILE H 226 23.30 -39.62 -6.97
CA ILE H 226 24.37 -39.09 -6.14
C ILE H 226 24.25 -39.68 -4.73
N ALA H 227 23.06 -39.67 -4.17
CA ALA H 227 22.84 -40.14 -2.80
C ALA H 227 23.16 -41.63 -2.63
N SER H 228 23.03 -42.38 -3.72
CA SER H 228 23.15 -43.84 -3.64
C SER H 228 24.49 -44.31 -4.19
N HIS H 229 25.28 -43.39 -4.72
CA HIS H 229 26.50 -43.79 -5.42
C HIS H 229 27.50 -44.45 -4.50
N GLU H 230 28.15 -45.49 -5.02
CA GLU H 230 29.06 -46.32 -4.23
C GLU H 230 30.42 -45.67 -4.04
N ASP H 231 30.72 -44.67 -4.85
CA ASP H 231 32.02 -44.01 -4.74
C ASP H 231 31.93 -42.53 -4.32
N VAL H 232 30.75 -42.13 -3.85
CA VAL H 232 30.61 -40.81 -3.25
C VAL H 232 30.83 -40.91 -1.74
N ASP H 233 31.74 -40.10 -1.22
CA ASP H 233 32.16 -40.22 0.17
C ASP H 233 31.23 -39.48 1.13
N LYS H 234 30.62 -38.41 0.62
CA LYS H 234 29.88 -37.51 1.48
C LYS H 234 28.82 -36.80 0.66
N VAL H 235 27.64 -36.65 1.21
CA VAL H 235 26.57 -35.93 0.56
C VAL H 235 26.03 -34.83 1.47
N ALA H 236 25.82 -33.66 0.89
CA ALA H 236 25.17 -32.55 1.59
C ALA H 236 23.95 -32.17 0.77
N PHE H 237 22.82 -32.08 1.45
CA PHE H 237 21.56 -31.82 0.79
C PHE H 237 20.84 -30.71 1.50
N THR H 238 20.35 -29.75 0.73
CA THR H 238 19.45 -28.73 1.23
C THR H 238 18.14 -28.86 0.48
N GLY H 239 17.04 -28.91 1.23
CA GLY H 239 15.73 -29.11 0.65
C GLY H 239 14.69 -29.45 1.70
N SER H 240 13.66 -30.19 1.31
CA SER H 240 12.54 -30.50 2.21
C SER H 240 12.92 -31.60 3.18
N THR H 241 12.31 -31.56 4.35
CA THR H 241 12.52 -32.59 5.35
C THR H 241 12.20 -33.96 4.79
N GLU H 242 11.13 -34.04 4.01
CA GLU H 242 10.71 -35.29 3.38
C GLU H 242 11.81 -35.93 2.52
N ILE H 243 12.45 -35.12 1.66
CA ILE H 243 13.51 -35.63 0.81
C ILE H 243 14.78 -35.91 1.63
N GLY H 244 14.98 -35.12 2.68
CA GLY H 244 16.09 -35.31 3.59
C GLY H 244 16.17 -36.73 4.09
N ARG H 245 15.01 -37.29 4.43
CA ARG H 245 14.93 -38.67 4.88
C ARG H 245 15.33 -39.65 3.79
N VAL H 246 14.92 -39.39 2.56
CA VAL H 246 15.29 -40.22 1.42
C VAL H 246 16.82 -40.25 1.30
N ILE H 247 17.43 -39.08 1.45
CA ILE H 247 18.88 -38.95 1.33
C ILE H 247 19.61 -39.79 2.38
N GLN H 248 19.22 -39.65 3.65
CA GLN H 248 19.89 -40.41 4.70
C GLN H 248 19.65 -41.92 4.57
N VAL H 249 18.45 -42.29 4.13
CA VAL H 249 18.18 -43.71 3.90
C VAL H 249 19.05 -44.24 2.76
N ALA H 250 19.17 -43.45 1.69
CA ALA H 250 20.03 -43.83 0.56
C ALA H 250 21.49 -44.01 0.97
N ALA H 251 21.96 -43.14 1.86
CA ALA H 251 23.34 -43.22 2.35
C ALA H 251 23.56 -44.49 3.17
N GLY H 252 22.59 -44.83 4.01
CA GLY H 252 22.65 -46.04 4.79
C GLY H 252 22.54 -47.28 3.92
N SER H 253 21.77 -47.20 2.84
CA SER H 253 21.54 -48.35 1.97
C SER H 253 22.70 -48.60 1.03
N SER H 254 23.51 -47.58 0.79
CA SER H 254 24.62 -47.71 -0.14
C SER H 254 25.95 -47.94 0.58
N ASN H 255 26.76 -46.89 0.70
CA ASN H 255 28.12 -47.06 1.18
C ASN H 255 28.43 -46.35 2.50
N LEU H 256 27.40 -46.01 3.26
CA LEU H 256 27.59 -45.30 4.53
C LEU H 256 28.33 -43.97 4.35
N LYS H 257 28.13 -43.34 3.20
CA LYS H 257 28.68 -42.00 2.96
C LYS H 257 28.20 -41.06 4.05
N ARG H 258 29.02 -40.07 4.40
CA ARG H 258 28.64 -39.15 5.47
C ARG H 258 27.59 -38.16 4.95
N VAL H 259 26.69 -37.77 5.86
CA VAL H 259 25.55 -36.96 5.47
C VAL H 259 25.41 -35.68 6.32
N THR H 260 25.13 -34.56 5.66
CA THR H 260 24.61 -33.38 6.36
C THR H 260 23.37 -32.89 5.66
N LEU H 261 22.42 -32.36 6.44
CA LEU H 261 21.14 -31.92 5.89
C LEU H 261 20.77 -30.52 6.37
N GLU H 262 20.34 -29.70 5.42
CA GLU H 262 19.73 -28.41 5.72
C GLU H 262 18.29 -28.49 5.21
N LEU H 263 17.33 -28.55 6.12
CA LEU H 263 15.95 -28.81 5.75
C LEU H 263 15.03 -27.62 6.04
N GLY H 264 13.74 -27.88 6.13
CA GLY H 264 12.78 -26.80 6.31
C GLY H 264 12.59 -26.41 7.75
N GLY H 265 11.63 -25.51 7.98
CA GLY H 265 11.31 -25.09 9.34
C GLY H 265 9.95 -24.45 9.45
N LYS H 266 9.60 -24.05 10.66
CA LYS H 266 8.39 -23.29 10.92
C LYS H 266 8.76 -22.34 12.05
N SER H 267 9.72 -21.47 11.77
CA SER H 267 10.44 -20.73 12.80
C SER H 267 9.55 -19.70 13.49
N PRO H 268 9.57 -19.70 14.84
CA PRO H 268 8.82 -18.77 15.66
C PRO H 268 9.55 -17.44 15.80
N ASN H 269 8.81 -16.36 15.59
CA ASN H 269 9.29 -15.00 15.81
C ASN H 269 8.48 -14.38 16.96
N ILE H 270 9.11 -14.28 18.13
CA ILE H 270 8.44 -13.89 19.37
C ILE H 270 8.58 -12.39 19.72
N ILE H 271 7.47 -11.66 19.68
CA ILE H 271 7.43 -10.24 20.02
C ILE H 271 6.90 -10.01 21.44
N MET H 272 7.79 -9.65 22.37
CA MET H 272 7.36 -9.34 23.73
C MET H 272 6.74 -7.94 23.80
N SER H 273 5.96 -7.68 24.85
CA SER H 273 5.24 -6.43 24.98
C SER H 273 6.13 -5.19 25.04
N ASP H 274 7.39 -5.38 25.43
CA ASP H 274 8.34 -4.25 25.56
C ASP H 274 9.19 -4.04 24.31
N ALA H 275 8.87 -4.73 23.23
CA ALA H 275 9.64 -4.60 21.99
C ALA H 275 9.43 -3.21 21.40
N ASP H 276 10.36 -2.78 20.55
CA ASP H 276 10.15 -1.57 19.79
C ASP H 276 9.15 -1.86 18.69
N MET H 277 7.94 -1.34 18.84
CA MET H 277 6.82 -1.66 17.95
C MET H 277 7.16 -1.54 16.45
N ASP H 278 7.66 -0.38 16.04
CA ASP H 278 7.89 -0.14 14.62
C ASP H 278 8.92 -1.10 14.04
N TRP H 279 9.99 -1.30 14.80
CA TRP H 279 11.08 -2.17 14.40
C TRP H 279 10.59 -3.60 14.28
N ALA H 280 9.87 -4.04 15.30
CA ALA H 280 9.37 -5.42 15.35
C ALA H 280 8.43 -5.69 14.18
N VAL H 281 7.58 -4.71 13.86
CA VAL H 281 6.60 -4.87 12.78
C VAL H 281 7.31 -4.98 11.42
N GLU H 282 8.30 -4.12 11.18
CA GLU H 282 9.01 -4.14 9.92
C GLU H 282 9.83 -5.43 9.79
N GLN H 283 10.48 -5.83 10.88
CA GLN H 283 11.30 -7.02 10.87
C GLN H 283 10.46 -8.28 10.74
N ALA H 284 9.30 -8.30 11.39
CA ALA H 284 8.37 -9.43 11.29
C ALA H 284 7.91 -9.58 9.85
N HIS H 285 7.67 -8.45 9.20
CA HIS H 285 7.25 -8.43 7.80
C HIS H 285 8.34 -9.06 6.94
N PHE H 286 9.54 -8.52 7.07
CA PHE H 286 10.73 -9.02 6.38
C PHE H 286 10.96 -10.50 6.69
N ALA H 287 10.89 -10.84 7.96
CA ALA H 287 11.11 -12.20 8.43
C ALA H 287 10.27 -13.23 7.66
N LEU H 288 9.05 -12.84 7.33
CA LEU H 288 8.17 -13.76 6.64
C LEU H 288 8.20 -13.60 5.12
N PHE H 289 8.10 -12.35 4.66
CA PHE H 289 7.85 -12.10 3.24
C PHE H 289 9.09 -12.16 2.36
N PHE H 290 10.28 -12.14 2.95
CA PHE H 290 11.49 -12.05 2.16
C PHE H 290 11.60 -13.20 1.15
N ASN H 291 12.06 -12.86 -0.05
CA ASN H 291 12.24 -13.84 -1.12
C ASN H 291 10.94 -14.59 -1.42
N GLN H 292 9.85 -13.83 -1.48
CA GLN H 292 8.55 -14.40 -1.79
C GLN H 292 8.12 -15.44 -0.76
N GLY H 293 8.64 -15.30 0.46
CA GLY H 293 8.33 -16.24 1.53
C GLY H 293 9.05 -17.56 1.38
N GLN H 294 9.95 -17.63 0.39
CA GLN H 294 10.66 -18.86 0.08
C GLN H 294 12.01 -19.00 0.82
N CYS H 295 11.95 -18.94 2.16
CA CYS H 295 13.13 -19.15 3.00
C CYS H 295 12.83 -20.25 3.98
N CYS H 296 13.78 -21.18 4.15
CA CYS H 296 13.61 -22.29 5.07
C CYS H 296 13.41 -21.77 6.51
N CYS H 297 13.97 -20.59 6.79
CA CYS H 297 13.97 -20.06 8.13
C CYS H 297 13.00 -18.91 8.26
N ALA H 298 12.08 -18.81 7.32
CA ALA H 298 11.03 -17.79 7.37
C ALA H 298 10.35 -17.73 8.75
N GLY H 299 10.12 -16.52 9.24
CA GLY H 299 9.39 -16.37 10.50
C GLY H 299 7.91 -16.61 10.30
N SER H 300 7.52 -17.88 10.17
CA SER H 300 6.17 -18.25 9.77
C SER H 300 5.21 -18.47 10.95
N ARG H 301 5.72 -18.31 12.17
CA ARG H 301 4.85 -18.26 13.34
C ARG H 301 5.19 -17.01 14.13
N THR H 302 4.45 -15.94 13.89
CA THR H 302 4.67 -14.69 14.61
C THR H 302 3.87 -14.65 15.91
N PHE H 303 4.54 -14.92 17.04
CA PHE H 303 3.90 -14.86 18.36
C PHE H 303 3.96 -13.44 18.91
N VAL H 304 2.80 -12.88 19.22
CA VAL H 304 2.74 -11.51 19.73
C VAL H 304 2.05 -11.47 21.11
N GLN H 305 2.71 -10.85 22.09
CA GLN H 305 2.15 -10.76 23.44
C GLN H 305 0.82 -9.99 23.39
N GLU H 306 -0.16 -10.46 24.15
CA GLU H 306 -1.52 -9.98 24.02
C GLU H 306 -1.65 -8.46 24.12
N ASP H 307 -0.93 -7.85 25.05
CA ASP H 307 -1.03 -6.40 25.28
C ASP H 307 -0.75 -5.55 24.05
N ILE H 308 -0.05 -6.10 23.07
CA ILE H 308 0.29 -5.29 21.90
C ILE H 308 -0.24 -5.91 20.61
N TYR H 309 -0.93 -7.05 20.77
CA TYR H 309 -1.42 -7.82 19.65
C TYR H 309 -2.23 -7.00 18.63
N ASP H 310 -3.26 -6.31 19.12
CA ASP H 310 -4.14 -5.56 18.21
C ASP H 310 -3.37 -4.55 17.36
N GLU H 311 -2.54 -3.74 18.01
CA GLU H 311 -1.77 -2.73 17.28
C GLU H 311 -0.81 -3.36 16.31
N PHE H 312 -0.09 -4.38 16.79
CA PHE H 312 0.87 -5.09 15.95
C PHE H 312 0.20 -5.64 14.70
N VAL H 313 -0.96 -6.29 14.90
CA VAL H 313 -1.70 -6.86 13.77
C VAL H 313 -2.11 -5.77 12.78
N GLU H 314 -2.67 -4.68 13.29
CA GLU H 314 -3.05 -3.54 12.44
C GLU H 314 -1.90 -3.10 11.55
N ARG H 315 -0.75 -2.83 12.18
CA ARG H 315 0.40 -2.30 11.46
C ARG H 315 0.93 -3.33 10.48
N SER H 316 0.86 -4.59 10.85
CA SER H 316 1.34 -5.67 9.99
C SER H 316 0.48 -5.74 8.74
N VAL H 317 -0.83 -5.73 8.94
CA VAL H 317 -1.77 -5.80 7.82
C VAL H 317 -1.55 -4.63 6.87
N ALA H 318 -1.32 -3.46 7.42
CA ALA H 318 -1.09 -2.28 6.59
C ALA H 318 0.18 -2.47 5.76
N ARG H 319 1.23 -2.92 6.42
CA ARG H 319 2.53 -3.12 5.77
C ARG H 319 2.41 -4.16 4.65
N ALA H 320 1.68 -5.24 4.93
CA ALA H 320 1.44 -6.27 3.93
C ALA H 320 0.65 -5.74 2.73
N LYS H 321 -0.35 -4.91 3.03
CA LYS H 321 -1.20 -4.35 1.99
C LYS H 321 -0.41 -3.44 1.05
N SER H 322 0.59 -2.76 1.61
CA SER H 322 1.36 -1.80 0.84
C SER H 322 2.54 -2.45 0.10
N ARG H 323 2.76 -3.74 0.33
CA ARG H 323 3.86 -4.44 -0.30
C ARG H 323 3.68 -4.56 -1.82
N VAL H 324 4.69 -4.13 -2.58
CA VAL H 324 4.58 -4.03 -4.04
C VAL H 324 4.94 -5.34 -4.75
N VAL H 325 3.94 -5.97 -5.34
CA VAL H 325 4.13 -7.19 -6.10
C VAL H 325 4.19 -6.87 -7.59
N GLY H 326 5.12 -7.47 -8.32
CA GLY H 326 5.21 -7.20 -9.74
C GLY H 326 6.46 -7.68 -10.43
N ASN H 327 6.74 -7.09 -11.58
CA ASN H 327 7.90 -7.45 -12.39
C ASN H 327 9.19 -7.28 -11.60
N PRO H 328 9.90 -8.39 -11.36
CA PRO H 328 11.13 -8.42 -10.57
C PRO H 328 12.21 -7.49 -11.12
N PHE H 329 12.15 -7.15 -12.41
CA PHE H 329 13.12 -6.22 -12.98
C PHE H 329 12.79 -4.75 -12.71
N ASP H 330 11.58 -4.48 -12.26
CA ASP H 330 11.19 -3.12 -11.91
C ASP H 330 11.71 -2.76 -10.52
N SER H 331 12.44 -1.65 -10.43
CA SER H 331 13.08 -1.26 -9.19
C SER H 331 12.11 -1.07 -8.02
N LYS H 332 10.83 -0.88 -8.31
CA LYS H 332 9.84 -0.63 -7.27
C LYS H 332 9.27 -1.92 -6.68
N THR H 333 9.52 -3.04 -7.36
CA THR H 333 8.97 -4.33 -6.96
C THR H 333 9.62 -4.90 -5.69
N GLU H 334 8.80 -5.19 -4.69
CA GLU H 334 9.30 -5.78 -3.45
C GLU H 334 9.18 -7.30 -3.53
N GLN H 335 8.21 -7.77 -4.30
CA GLN H 335 7.90 -9.20 -4.35
C GLN H 335 7.64 -9.67 -5.78
N GLY H 336 8.42 -10.66 -6.21
CA GLY H 336 8.22 -11.27 -7.50
C GLY H 336 7.24 -12.43 -7.43
N PRO H 337 7.25 -13.29 -8.46
CA PRO H 337 6.40 -14.48 -8.49
C PRO H 337 6.99 -15.58 -7.63
N GLN H 338 6.19 -16.59 -7.29
CA GLN H 338 6.71 -17.83 -6.74
C GLN H 338 7.50 -18.54 -7.85
N VAL H 339 8.29 -19.54 -7.45
CA VAL H 339 9.27 -20.12 -8.35
C VAL H 339 8.67 -20.90 -9.53
N ASP H 340 7.55 -21.57 -9.28
CA ASP H 340 6.92 -22.39 -10.31
C ASP H 340 5.45 -22.70 -10.00
N GLU H 341 4.82 -23.43 -10.90
CA GLU H 341 3.39 -23.71 -10.77
C GLU H 341 3.06 -24.61 -9.60
N THR H 342 3.89 -25.62 -9.36
CA THR H 342 3.68 -26.53 -8.23
C THR H 342 3.62 -25.75 -6.91
N GLN H 343 4.57 -24.84 -6.72
CA GLN H 343 4.62 -24.04 -5.50
C GLN H 343 3.43 -23.10 -5.46
N PHE H 344 3.18 -22.46 -6.59
CA PHE H 344 2.01 -21.61 -6.77
C PHE H 344 0.75 -22.27 -6.21
N LYS H 345 0.48 -23.49 -6.66
CA LYS H 345 -0.72 -24.21 -6.24
C LYS H 345 -0.66 -24.65 -4.79
N LYS H 346 0.49 -25.17 -4.36
CA LYS H 346 0.69 -25.57 -2.99
C LYS H 346 0.31 -24.45 -2.03
N ILE H 347 0.79 -23.24 -2.34
CA ILE H 347 0.55 -22.08 -1.49
C ILE H 347 -0.94 -21.73 -1.46
N LEU H 348 -1.56 -21.65 -2.64
CA LEU H 348 -2.99 -21.38 -2.72
C LEU H 348 -3.78 -22.41 -1.91
N GLY H 349 -3.36 -23.68 -2.00
CA GLY H 349 -3.97 -24.75 -1.22
C GLY H 349 -3.86 -24.51 0.28
N TYR H 350 -2.71 -24.02 0.72
CA TYR H 350 -2.52 -23.73 2.14
C TYR H 350 -3.39 -22.57 2.58
N ILE H 351 -3.43 -21.53 1.77
CA ILE H 351 -4.30 -20.40 2.04
C ILE H 351 -5.74 -20.86 2.23
N ASN H 352 -6.18 -21.75 1.34
CA ASN H 352 -7.53 -22.31 1.47
C ASN H 352 -7.71 -23.07 2.77
N THR H 353 -6.70 -23.83 3.14
CA THR H 353 -6.73 -24.60 4.39
C THR H 353 -6.88 -23.66 5.57
N GLY H 354 -6.24 -22.50 5.46
CA GLY H 354 -6.26 -21.52 6.53
C GLY H 354 -7.65 -20.96 6.71
N LYS H 355 -8.27 -20.60 5.58
CA LYS H 355 -9.64 -20.13 5.60
C LYS H 355 -10.52 -21.22 6.22
N GLN H 356 -10.36 -22.44 5.71
CA GLN H 356 -11.18 -23.58 6.10
C GLN H 356 -11.12 -23.85 7.61
N GLU H 357 -9.94 -23.65 8.20
CA GLU H 357 -9.73 -24.03 9.58
C GLU H 357 -10.11 -22.94 10.57
N GLY H 358 -10.53 -21.79 10.07
CA GLY H 358 -11.05 -20.74 10.94
C GLY H 358 -10.03 -19.69 11.35
N ALA H 359 -8.93 -19.57 10.62
CA ALA H 359 -8.01 -18.47 10.83
C ALA H 359 -8.62 -17.23 10.21
N LYS H 360 -8.38 -16.07 10.80
CA LYS H 360 -8.89 -14.82 10.25
C LYS H 360 -8.04 -14.30 9.11
N LEU H 361 -8.53 -14.43 7.88
CA LEU H 361 -7.88 -13.81 6.73
C LEU H 361 -8.01 -12.28 6.83
N LEU H 362 -6.87 -11.60 7.03
CA LEU H 362 -6.89 -10.16 7.25
C LEU H 362 -6.54 -9.38 5.99
N CYS H 363 -5.93 -10.04 5.01
CA CYS H 363 -5.64 -9.40 3.74
C CYS H 363 -5.04 -10.40 2.77
N GLY H 364 -4.98 -10.02 1.49
CA GLY H 364 -4.53 -10.91 0.44
C GLY H 364 -5.40 -12.15 0.35
N GLY H 365 -4.77 -13.29 0.07
CA GLY H 365 -5.47 -14.57 0.08
C GLY H 365 -5.73 -15.12 -1.31
N GLY H 366 -5.23 -14.43 -2.33
CA GLY H 366 -5.49 -14.86 -3.69
C GLY H 366 -4.38 -14.53 -4.68
N ILE H 367 -4.61 -14.92 -5.93
CA ILE H 367 -3.68 -14.69 -7.02
C ILE H 367 -3.53 -13.20 -7.28
N ALA H 368 -2.33 -12.76 -7.63
CA ALA H 368 -2.01 -11.33 -7.70
C ALA H 368 -1.88 -10.78 -9.11
N ALA H 369 -1.81 -11.69 -10.08
CA ALA H 369 -1.76 -11.31 -11.49
C ALA H 369 -2.17 -12.51 -12.32
N ASP H 370 -2.38 -12.31 -13.62
CA ASP H 370 -2.89 -13.40 -14.45
C ASP H 370 -1.85 -13.99 -15.39
N ARG H 371 -0.62 -13.50 -15.30
CA ARG H 371 0.52 -14.15 -15.92
C ARG H 371 1.56 -14.37 -14.85
N GLY H 372 2.27 -15.50 -14.93
CA GLY H 372 3.30 -15.81 -13.95
C GLY H 372 2.68 -16.35 -12.67
N TYR H 373 3.49 -16.56 -11.66
CA TYR H 373 2.97 -17.19 -10.44
C TYR H 373 2.98 -16.24 -9.25
N PHE H 374 2.31 -15.10 -9.41
CA PHE H 374 2.25 -14.07 -8.38
C PHE H 374 1.12 -14.29 -7.38
N ILE H 375 1.43 -14.11 -6.10
CA ILE H 375 0.44 -14.31 -5.05
C ILE H 375 0.38 -13.10 -4.15
N GLN H 376 -0.83 -12.72 -3.75
CA GLN H 376 -1.01 -11.58 -2.86
C GLN H 376 -0.38 -11.86 -1.50
N PRO H 377 0.37 -10.86 -0.98
CA PRO H 377 0.83 -10.95 0.41
C PRO H 377 -0.38 -11.23 1.30
N THR H 378 -0.29 -12.26 2.12
CA THR H 378 -1.45 -12.76 2.84
C THR H 378 -1.16 -12.82 4.32
N VAL H 379 -2.12 -12.36 5.13
CA VAL H 379 -1.96 -12.40 6.57
C VAL H 379 -3.14 -13.07 7.26
N PHE H 380 -2.84 -14.06 8.09
CA PHE H 380 -3.84 -14.69 8.96
C PHE H 380 -3.64 -14.24 10.41
N GLY H 381 -4.73 -13.87 11.06
CA GLY H 381 -4.68 -13.49 12.47
C GLY H 381 -5.37 -14.55 13.30
N ASP H 382 -5.20 -14.47 14.63
CA ASP H 382 -5.83 -15.41 15.56
C ASP H 382 -5.55 -16.87 15.19
N VAL H 383 -4.34 -17.11 14.70
CA VAL H 383 -3.90 -18.46 14.35
C VAL H 383 -3.70 -19.30 15.61
N GLN H 384 -4.14 -20.55 15.57
CA GLN H 384 -3.97 -21.46 16.70
C GLN H 384 -2.96 -22.54 16.37
N ASP H 385 -2.27 -23.04 17.40
CA ASP H 385 -1.16 -23.97 17.23
C ASP H 385 -1.55 -25.22 16.47
N GLY H 386 -2.79 -25.65 16.64
CA GLY H 386 -3.26 -26.89 16.03
C GLY H 386 -3.58 -26.73 14.56
N MET H 387 -3.66 -25.50 14.09
CA MET H 387 -4.01 -25.28 12.68
C MET H 387 -2.90 -25.76 11.77
N THR H 388 -3.30 -26.23 10.60
CA THR H 388 -2.38 -26.69 9.58
C THR H 388 -1.37 -25.60 9.20
N ILE H 389 -1.85 -24.38 8.96
CA ILE H 389 -0.94 -23.31 8.55
C ILE H 389 -0.02 -22.88 9.69
N ALA H 390 -0.28 -23.40 10.88
CA ALA H 390 0.59 -23.12 12.02
C ALA H 390 1.65 -24.21 12.20
N LYS H 391 1.47 -25.34 11.51
CA LYS H 391 2.32 -26.50 11.71
C LYS H 391 3.21 -26.81 10.51
N GLU H 392 2.69 -26.58 9.31
CA GLU H 392 3.39 -26.97 8.10
C GLU H 392 4.05 -25.80 7.39
N GLU H 393 5.19 -26.07 6.77
CA GLU H 393 5.92 -25.06 6.03
C GLU H 393 5.19 -24.69 4.74
N ILE H 394 4.77 -23.43 4.66
CA ILE H 394 4.00 -22.97 3.51
C ILE H 394 4.90 -22.54 2.34
N PHE H 395 6.01 -21.88 2.68
CA PHE H 395 6.99 -21.45 1.69
C PHE H 395 6.44 -20.42 0.71
N GLY H 396 5.53 -19.58 1.19
CA GLY H 396 4.96 -18.54 0.36
C GLY H 396 4.67 -17.29 1.18
N PRO H 397 4.08 -16.26 0.55
CA PRO H 397 3.82 -14.99 1.21
C PRO H 397 2.59 -15.10 2.11
N VAL H 398 2.67 -15.94 3.14
CA VAL H 398 1.53 -16.18 4.00
C VAL H 398 1.97 -16.10 5.46
N MET H 399 1.54 -15.04 6.15
CA MET H 399 1.96 -14.77 7.51
C MET H 399 0.96 -15.27 8.54
N GLN H 400 1.46 -15.95 9.56
CA GLN H 400 0.63 -16.40 10.68
C GLN H 400 0.94 -15.57 11.91
N ILE H 401 -0.09 -14.95 12.48
CA ILE H 401 0.08 -14.21 13.72
C ILE H 401 -0.68 -14.85 14.88
N LEU H 402 0.06 -15.24 15.92
CA LEU H 402 -0.52 -15.90 17.08
C LEU H 402 -0.38 -15.00 18.29
N LYS H 403 -1.24 -15.20 19.28
CA LYS H 403 -1.26 -14.36 20.46
C LYS H 403 -0.86 -15.18 21.68
N PHE H 404 -0.08 -14.61 22.58
CA PHE H 404 0.27 -15.32 23.80
C PHE H 404 0.30 -14.37 24.99
N LYS H 405 0.37 -14.93 26.19
CA LYS H 405 0.38 -14.12 27.40
C LYS H 405 1.73 -14.13 28.10
N THR H 406 2.19 -15.32 28.51
CA THR H 406 3.40 -15.37 29.32
C THR H 406 4.62 -15.89 28.56
N ILE H 407 5.80 -15.62 29.13
CA ILE H 407 7.04 -16.03 28.51
C ILE H 407 7.21 -17.56 28.61
N GLU H 408 6.75 -18.13 29.72
CA GLU H 408 6.78 -19.59 29.88
C GLU H 408 5.92 -20.24 28.82
N GLU H 409 4.76 -19.64 28.59
CA GLU H 409 3.82 -20.15 27.60
C GLU H 409 4.44 -20.17 26.21
N VAL H 410 4.99 -19.04 25.80
CA VAL H 410 5.45 -18.91 24.42
C VAL H 410 6.64 -19.81 24.15
N VAL H 411 7.49 -20.03 25.17
CA VAL H 411 8.61 -20.95 25.02
C VAL H 411 8.11 -22.34 24.66
N GLY H 412 7.15 -22.83 25.44
CA GLY H 412 6.60 -24.15 25.22
C GLY H 412 5.93 -24.29 23.87
N ARG H 413 5.26 -23.23 23.45
CA ARG H 413 4.58 -23.25 22.14
C ARG H 413 5.57 -23.19 20.98
N ALA H 414 6.53 -22.28 21.09
CA ALA H 414 7.53 -22.12 20.03
C ALA H 414 8.28 -23.42 19.86
N ASN H 415 8.61 -24.08 20.96
CA ASN H 415 9.38 -25.31 20.91
C ASN H 415 8.53 -26.52 20.55
N ASN H 416 7.22 -26.37 20.60
CA ASN H 416 6.33 -27.49 20.29
C ASN H 416 6.21 -27.66 18.78
N SER H 417 7.26 -28.21 18.18
CA SER H 417 7.35 -28.39 16.74
C SER H 417 8.46 -29.39 16.46
N THR H 418 8.38 -30.06 15.32
CA THR H 418 9.44 -30.98 14.93
C THR H 418 10.49 -30.25 14.08
N TYR H 419 10.23 -28.98 13.80
CA TYR H 419 11.23 -28.12 13.17
C TYR H 419 12.00 -27.37 14.25
N GLY H 420 13.12 -26.78 13.87
CA GLY H 420 13.99 -26.09 14.82
C GLY H 420 15.15 -25.41 14.10
N LEU H 421 14.85 -24.87 12.92
CA LEU H 421 15.86 -24.22 12.12
C LEU H 421 16.28 -22.88 12.74
N ALA H 422 15.30 -22.02 13.01
CA ALA H 422 15.59 -20.71 13.58
C ALA H 422 14.48 -20.22 14.51
N ALA H 423 14.74 -19.08 15.15
CA ALA H 423 13.77 -18.41 16.01
C ALA H 423 14.25 -16.99 16.23
N ALA H 424 13.34 -16.11 16.64
CA ALA H 424 13.72 -14.74 16.97
C ALA H 424 13.00 -14.23 18.21
N VAL H 425 13.63 -13.27 18.87
CA VAL H 425 13.06 -12.68 20.07
C VAL H 425 13.19 -11.16 19.98
N PHE H 426 12.06 -10.46 20.16
CA PHE H 426 12.09 -9.01 20.21
C PHE H 426 11.72 -8.50 21.60
N THR H 427 12.69 -7.87 22.25
CA THR H 427 12.51 -7.37 23.61
C THR H 427 13.64 -6.40 23.92
N LYS H 428 13.39 -5.48 24.84
CA LYS H 428 14.43 -4.55 25.28
C LYS H 428 15.10 -5.10 26.53
N ASP H 429 14.49 -6.11 27.13
CA ASP H 429 14.91 -6.59 28.44
C ASP H 429 16.04 -7.62 28.37
N LEU H 430 17.13 -7.33 29.08
CA LEU H 430 18.29 -8.20 29.11
C LEU H 430 17.94 -9.64 29.52
N ASP H 431 17.31 -9.78 30.68
CA ASP H 431 16.97 -11.11 31.20
C ASP H 431 16.06 -11.90 30.28
N LYS H 432 15.03 -11.25 29.74
CA LYS H 432 14.11 -11.93 28.82
C LYS H 432 14.89 -12.45 27.61
N ALA H 433 15.72 -11.60 27.04
CA ALA H 433 16.52 -11.98 25.87
C ALA H 433 17.40 -13.20 26.16
N ASN H 434 18.02 -13.22 27.34
CA ASN H 434 18.90 -14.35 27.68
C ASN H 434 18.11 -15.61 27.96
N TYR H 435 17.00 -15.46 28.66
CA TYR H 435 16.14 -16.59 28.99
C TYR H 435 15.65 -17.24 27.70
N LEU H 436 15.09 -16.43 26.82
CA LEU H 436 14.55 -16.97 25.56
C LEU H 436 15.60 -17.60 24.66
N SER H 437 16.73 -16.93 24.47
CA SER H 437 17.76 -17.44 23.57
C SER H 437 18.31 -18.79 24.05
N GLN H 438 18.38 -18.97 25.36
CA GLN H 438 18.81 -20.24 25.92
C GLN H 438 17.75 -21.34 25.73
N ALA H 439 16.49 -20.98 25.94
CA ALA H 439 15.41 -21.97 26.02
C ALA H 439 14.87 -22.42 24.66
N LEU H 440 14.96 -21.55 23.64
CA LEU H 440 14.45 -21.91 22.32
C LEU H 440 15.30 -23.01 21.67
N GLN H 441 14.63 -24.04 21.17
CA GLN H 441 15.32 -25.13 20.51
C GLN H 441 15.48 -24.88 19.02
N ALA H 442 16.43 -24.02 18.66
CA ALA H 442 16.65 -23.70 17.25
C ALA H 442 18.13 -23.49 16.94
N GLY H 443 18.50 -23.74 15.70
CA GLY H 443 19.89 -23.60 15.28
C GLY H 443 20.38 -22.17 15.37
N THR H 444 19.50 -21.21 15.13
CA THR H 444 19.84 -19.80 15.23
C THR H 444 18.74 -19.07 15.97
N VAL H 445 19.13 -18.34 17.00
CA VAL H 445 18.21 -17.41 17.67
C VAL H 445 18.65 -15.98 17.40
N TRP H 446 17.82 -15.22 16.68
CA TRP H 446 18.07 -13.81 16.48
C TRP H 446 17.40 -12.99 17.58
N VAL H 447 18.09 -11.96 18.06
CA VAL H 447 17.54 -11.07 19.07
C VAL H 447 17.41 -9.65 18.50
N ASN H 448 16.18 -9.15 18.43
CA ASN H 448 15.89 -7.84 17.87
C ASN H 448 16.37 -7.68 16.43
N CYS H 449 16.41 -8.79 15.72
CA CYS H 449 16.68 -8.76 14.29
C CYS H 449 16.20 -10.08 13.73
N TYR H 450 16.30 -10.24 12.42
CA TYR H 450 15.92 -11.49 11.79
C TYR H 450 16.72 -11.68 10.52
N ASP H 451 16.96 -12.93 10.15
CA ASP H 451 17.64 -13.24 8.89
C ASP H 451 18.98 -12.53 8.80
N VAL H 452 19.69 -12.50 9.92
CA VAL H 452 21.03 -11.94 9.93
C VAL H 452 22.02 -13.08 9.72
N PHE H 453 22.62 -13.10 8.55
CA PHE H 453 23.57 -14.14 8.20
C PHE H 453 24.93 -13.54 8.03
N GLY H 454 25.93 -14.27 8.52
CA GLY H 454 27.31 -13.89 8.31
C GLY H 454 28.08 -15.13 7.95
N ALA H 455 28.97 -14.99 6.97
CA ALA H 455 29.80 -16.09 6.55
C ALA H 455 30.54 -16.67 7.76
N GLN H 456 30.70 -15.89 8.82
CA GLN H 456 31.47 -16.37 9.93
C GLN H 456 30.65 -17.06 11.04
N SER H 457 29.31 -16.96 10.96
CA SER H 457 28.42 -17.60 11.95
C SER H 457 27.65 -18.81 11.42
N PRO H 458 27.73 -19.95 12.14
CA PRO H 458 27.18 -21.20 11.63
C PRO H 458 25.65 -21.15 11.56
N PHE H 459 25.07 -21.99 10.70
CA PHE H 459 23.64 -22.01 10.46
C PHE H 459 23.21 -23.43 10.15
N GLY H 460 22.12 -23.88 10.78
CA GLY H 460 21.64 -25.23 10.59
C GLY H 460 20.55 -25.60 11.59
N GLY H 461 19.95 -26.77 11.40
CA GLY H 461 18.76 -27.12 12.16
C GLY H 461 18.93 -27.96 13.40
N TYR H 462 18.04 -27.73 14.37
CA TYR H 462 17.79 -28.68 15.43
C TYR H 462 16.73 -29.62 14.90
N LYS H 463 16.52 -30.75 15.59
CA LYS H 463 15.44 -31.66 15.27
C LYS H 463 15.40 -32.05 13.79
N MET H 464 14.22 -31.91 13.18
CA MET H 464 14.05 -32.37 11.80
C MET H 464 14.26 -31.24 10.79
N SER H 465 14.80 -30.13 11.27
CA SER H 465 15.19 -29.04 10.38
C SER H 465 16.56 -29.34 9.76
N GLY H 466 17.18 -30.45 10.17
CA GLY H 466 18.44 -30.87 9.58
C GLY H 466 19.46 -31.35 10.60
N SER H 467 20.67 -31.57 10.11
CA SER H 467 21.79 -31.92 10.98
C SER H 467 23.08 -31.41 10.36
N GLY H 468 24.02 -30.99 11.20
CA GLY H 468 25.23 -30.35 10.74
C GLY H 468 25.03 -28.86 10.59
N ARG H 469 26.13 -28.15 10.38
CA ARG H 469 26.09 -26.71 10.26
C ARG H 469 26.82 -26.24 9.01
N GLU H 470 26.35 -25.14 8.46
CA GLU H 470 27.04 -24.50 7.35
C GLU H 470 27.47 -23.11 7.77
N LEU H 471 28.45 -22.56 7.05
CA LEU H 471 29.04 -21.28 7.38
C LEU H 471 29.93 -21.40 8.62
N GLY H 472 30.75 -20.37 8.86
CA GLY H 472 31.70 -20.35 9.95
C GLY H 472 32.76 -21.44 9.89
N GLU H 473 33.51 -21.58 10.98
CA GLU H 473 34.49 -22.65 11.08
C GLU H 473 33.76 -23.99 11.08
N TYR H 474 32.58 -24.02 11.69
CA TYR H 474 31.79 -25.25 11.80
C TYR H 474 31.50 -25.89 10.45
N GLY H 475 31.37 -25.06 9.43
CA GLY H 475 31.08 -25.54 8.09
C GLY H 475 32.18 -26.40 7.50
N LEU H 476 33.35 -26.41 8.15
CA LEU H 476 34.47 -27.16 7.62
C LEU H 476 34.43 -28.61 8.09
N GLN H 477 33.77 -28.83 9.23
CA GLN H 477 33.84 -30.12 9.91
C GLN H 477 33.37 -31.27 9.05
N ALA H 478 32.21 -31.12 8.43
CA ALA H 478 31.64 -32.19 7.60
C ALA H 478 32.44 -32.46 6.34
N TYR H 479 33.37 -31.55 6.01
CA TYR H 479 34.21 -31.75 4.82
C TYR H 479 35.61 -32.27 5.18
N THR H 480 35.76 -32.71 6.42
CA THR H 480 37.06 -33.16 6.91
C THR H 480 36.96 -34.60 7.41
N GLU H 481 37.91 -35.42 7.01
CA GLU H 481 38.06 -36.75 7.60
C GLU H 481 39.31 -36.73 8.48
N VAL H 482 39.17 -37.21 9.70
CA VAL H 482 40.27 -37.13 10.66
C VAL H 482 41.09 -38.40 10.70
N LYS H 483 42.41 -38.26 10.50
CA LYS H 483 43.34 -39.38 10.64
C LYS H 483 44.26 -39.18 11.83
N THR H 484 44.34 -40.18 12.70
CA THR H 484 45.31 -40.16 13.77
C THR H 484 46.57 -40.88 13.32
N VAL H 485 47.72 -40.26 13.54
CA VAL H 485 49.01 -40.92 13.32
C VAL H 485 49.72 -41.00 14.67
N THR H 486 50.06 -42.22 15.06
CA THR H 486 50.70 -42.45 16.35
C THR H 486 52.01 -43.21 16.15
N VAL H 487 53.11 -42.55 16.50
CA VAL H 487 54.47 -43.03 16.21
C VAL H 487 55.21 -43.36 17.49
N LYS H 488 55.80 -44.56 17.54
CA LYS H 488 56.67 -44.94 18.64
C LYS H 488 57.91 -44.06 18.60
N VAL H 489 58.25 -43.47 19.74
CA VAL H 489 59.50 -42.70 19.82
C VAL H 489 60.38 -43.26 20.92
N PRO H 490 61.69 -42.99 20.86
CA PRO H 490 62.65 -43.51 21.85
C PRO H 490 62.31 -43.14 23.29
N GLN H 491 61.96 -41.89 23.53
CA GLN H 491 61.57 -41.48 24.88
C GLN H 491 60.76 -40.21 24.84
N LYS H 492 59.52 -40.30 25.29
CA LYS H 492 58.61 -39.18 25.30
C LYS H 492 58.94 -38.21 26.43
N ASN H 493 59.09 -36.94 26.07
CA ASN H 493 59.23 -35.88 27.06
C ASN H 493 58.22 -34.76 26.85
N SER H 494 57.76 -34.17 27.94
CA SER H 494 56.96 -32.96 27.84
C SER H 494 57.82 -31.87 27.18
#